data_3Q9C
#
_entry.id   3Q9C
#
_cell.length_a   117.461
_cell.length_b   120.154
_cell.length_c   118.448
_cell.angle_alpha   98.470
_cell.angle_beta   94.410
_cell.angle_gamma   115.890
#
_symmetry.space_group_name_H-M   'P 1'
#
loop_
_entity.id
_entity.type
_entity.pdbx_description
1 polymer 'Acetylpolyamine amidohydrolase'
2 non-polymer N-{4-[(3-aminopropyl)amino]butyl}acetamide
3 non-polymer 'POTASSIUM ION'
4 non-polymer 'ZINC ION'
5 non-polymer 'SODIUM ION'
6 water water
#
_entity_poly.entity_id   1
_entity_poly.type   'polypeptide(L)'
_entity_poly.pdbx_seq_one_letter_code
;MRVIFSEDHKLRNAKTELYGGELVPPFEAPFRAEWILAAVKEAGFDDVVAPARHGLETVLKVHDAGYLNFLETAWDRWKA
AGYKGEAIATSFPVRRTSPRIPTDIEGQIGYYCNAAETAISPGTWEAALSSMASAIDGADLIAAGHKAAFSLCRPPGHAA
GIDMFGGYCFINNAAVAAQRLLDKGAKKIAILDVDFHHGNGTQDIFYERGDVFFASLHGDPAEAFPHFLGYAEETGKGAG
AGTTANYPMGRGTPYSVWGEALTDSLKRIAAFGAEAIVVSLGVDTFEQDPISFFKLTSPDYITMGRTIAASGVPLLVVME
GGYGVPEIGLNVANVLKGVAG
;
_entity_poly.pdbx_strand_id   A,B,C,D,E,F,G,H,I,J,K,L
#
loop_
_chem_comp.id
_chem_comp.type
_chem_comp.name
_chem_comp.formula
K non-polymer 'POTASSIUM ION' 'K 1'
NA non-polymer 'SODIUM ION' 'Na 1'
Q9C non-polymer N-{4-[(3-aminopropyl)amino]butyl}acetamide 'C9 H21 N3 O'
ZN non-polymer 'ZINC ION' 'Zn 2'
#
# COMPACT_ATOMS: atom_id res chain seq x y z
N MET A 1 24.95 33.54 5.89
CA MET A 1 25.71 32.84 4.83
C MET A 1 26.34 33.86 3.90
N ARG A 2 27.45 33.49 3.28
CA ARG A 2 28.14 34.40 2.38
C ARG A 2 27.39 34.53 1.06
N VAL A 3 27.40 35.72 0.49
CA VAL A 3 26.73 35.99 -0.78
C VAL A 3 27.79 36.31 -1.82
N ILE A 4 27.83 35.55 -2.92
CA ILE A 4 28.81 35.81 -3.98
C ILE A 4 28.06 36.59 -5.05
N PHE A 5 28.62 37.73 -5.45
CA PHE A 5 27.98 38.60 -6.45
C PHE A 5 28.98 39.41 -7.28
N SER A 6 28.74 39.47 -8.58
CA SER A 6 29.59 40.22 -9.50
C SER A 6 28.85 41.39 -10.11
N GLU A 7 29.45 42.56 -10.00
CA GLU A 7 28.86 43.77 -10.55
C GLU A 7 28.86 43.70 -12.08
N ASP A 8 29.67 42.80 -12.64
CA ASP A 8 29.74 42.67 -14.10
C ASP A 8 28.55 41.97 -14.73
N HIS A 9 27.58 41.60 -13.91
CA HIS A 9 26.37 40.96 -14.42
C HIS A 9 25.68 42.02 -15.29
N LYS A 10 25.87 43.29 -14.92
CA LYS A 10 25.24 44.37 -15.68
C LYS A 10 25.75 44.50 -17.11
N LEU A 11 26.81 43.77 -17.43
CA LEU A 11 27.37 43.78 -18.77
C LEU A 11 26.37 43.11 -19.71
N ARG A 12 25.44 42.36 -19.13
CA ARG A 12 24.38 41.70 -19.86
C ARG A 12 23.18 42.63 -19.78
N ASN A 13 22.92 43.37 -20.85
CA ASN A 13 21.81 44.29 -20.84
C ASN A 13 21.25 44.46 -22.25
N ALA A 14 20.81 43.33 -22.82
CA ALA A 14 20.26 43.32 -24.16
C ALA A 14 19.03 44.20 -24.16
N LYS A 15 18.73 44.83 -25.28
CA LYS A 15 17.56 45.69 -25.32
C LYS A 15 16.34 45.07 -25.96
N THR A 16 16.44 43.83 -26.43
CA THR A 16 15.28 43.21 -27.04
C THR A 16 15.07 41.74 -26.67
N GLU A 17 13.80 41.38 -26.57
CA GLU A 17 13.37 40.03 -26.27
C GLU A 17 12.17 39.80 -27.17
N LEU A 18 12.15 38.68 -27.88
CA LEU A 18 11.03 38.37 -28.76
C LEU A 18 9.94 37.75 -27.90
N TYR A 19 8.82 38.45 -27.79
CA TYR A 19 7.69 37.98 -26.97
C TYR A 19 6.34 38.46 -27.50
N GLY A 20 5.40 37.54 -27.66
CA GLY A 20 4.10 37.91 -28.16
C GLY A 20 4.20 38.53 -29.53
N GLY A 21 5.19 38.08 -30.30
CA GLY A 21 5.37 38.60 -31.64
C GLY A 21 5.96 40.00 -31.70
N GLU A 22 6.52 40.47 -30.60
CA GLU A 22 7.13 41.80 -30.59
C GLU A 22 8.49 41.74 -29.92
N LEU A 23 9.27 42.79 -30.08
CA LEU A 23 10.58 42.89 -29.47
C LEU A 23 10.41 43.92 -28.36
N VAL A 24 10.56 43.48 -27.12
CA VAL A 24 10.38 44.36 -25.99
C VAL A 24 11.55 44.25 -25.02
N PRO A 25 11.63 45.19 -24.05
CA PRO A 25 12.73 45.13 -23.09
C PRO A 25 12.74 43.78 -22.37
N PRO A 26 13.91 43.14 -22.28
CA PRO A 26 14.03 41.84 -21.62
C PRO A 26 13.46 41.78 -20.19
N PHE A 27 12.80 40.66 -19.87
CA PHE A 27 12.22 40.44 -18.55
C PHE A 27 13.35 40.20 -17.55
N GLU A 28 14.45 39.65 -18.06
CA GLU A 28 15.61 39.36 -17.23
C GLU A 28 16.54 40.56 -17.32
N ALA A 29 16.14 41.65 -16.66
CA ALA A 29 16.89 42.90 -16.66
C ALA A 29 17.82 43.04 -15.46
N PRO A 30 18.77 43.97 -15.52
CA PRO A 30 19.72 44.22 -14.44
C PRO A 30 19.11 44.58 -13.09
N PHE A 31 17.97 45.28 -13.10
CA PHE A 31 17.35 45.69 -11.83
C PHE A 31 17.04 44.49 -10.95
N ARG A 32 16.91 43.31 -11.55
CA ARG A 32 16.61 42.13 -10.76
C ARG A 32 17.67 41.85 -9.68
N ALA A 33 18.94 41.85 -10.07
CA ALA A 33 20.03 41.59 -9.15
C ALA A 33 20.13 42.67 -8.07
N GLU A 34 19.84 43.90 -8.46
CA GLU A 34 19.87 45.03 -7.54
C GLU A 34 18.87 44.85 -6.40
N TRP A 35 17.63 44.52 -6.72
CA TRP A 35 16.60 44.34 -5.69
C TRP A 35 16.83 43.12 -4.84
N ILE A 36 17.37 42.07 -5.45
CA ILE A 36 17.64 40.86 -4.72
C ILE A 36 18.76 41.14 -3.74
N LEU A 37 19.85 41.71 -4.25
CA LEU A 37 20.99 42.03 -3.39
C LEU A 37 20.58 42.93 -2.22
N ALA A 38 19.66 43.84 -2.49
CA ALA A 38 19.17 44.78 -1.48
C ALA A 38 18.32 44.08 -0.42
N ALA A 39 17.43 43.19 -0.86
CA ALA A 39 16.54 42.49 0.04
C ALA A 39 17.24 41.50 0.96
N VAL A 40 18.15 40.69 0.39
CA VAL A 40 18.85 39.70 1.18
C VAL A 40 19.74 40.40 2.17
N LYS A 41 20.30 41.53 1.75
CA LYS A 41 21.18 42.29 2.60
C LYS A 41 20.45 42.81 3.84
N GLU A 42 19.31 43.47 3.64
CA GLU A 42 18.56 43.99 4.77
C GLU A 42 17.93 42.87 5.56
N ALA A 43 18.05 41.65 5.05
CA ALA A 43 17.51 40.48 5.72
C ALA A 43 18.58 39.92 6.65
N GLY A 44 19.77 40.51 6.60
CA GLY A 44 20.85 40.04 7.46
C GLY A 44 22.02 39.43 6.72
N PHE A 45 21.81 39.09 5.45
CA PHE A 45 22.86 38.50 4.63
C PHE A 45 23.59 39.61 3.88
N ASP A 46 24.48 40.30 4.59
CA ASP A 46 25.24 41.41 4.03
C ASP A 46 26.72 41.11 3.85
N ASP A 47 27.10 39.85 4.10
CA ASP A 47 28.49 39.43 3.92
C ASP A 47 28.63 39.14 2.43
N VAL A 48 28.67 40.19 1.63
CA VAL A 48 28.78 40.09 0.17
C VAL A 48 30.21 40.23 -0.35
N VAL A 49 30.64 39.28 -1.17
CA VAL A 49 32.00 39.34 -1.73
C VAL A 49 31.95 39.16 -3.24
N ALA A 50 32.90 39.75 -3.94
CA ALA A 50 32.95 39.61 -5.38
C ALA A 50 33.60 38.28 -5.72
N PRO A 51 33.22 37.67 -6.86
CA PRO A 51 33.80 36.38 -7.26
C PRO A 51 35.23 36.53 -7.77
N ALA A 52 36.01 35.47 -7.65
CA ALA A 52 37.39 35.46 -8.11
C ALA A 52 37.36 35.03 -9.57
N ARG A 53 38.42 35.30 -10.31
CA ARG A 53 38.49 34.92 -11.72
C ARG A 53 38.74 33.43 -11.83
N HIS A 54 38.10 32.80 -12.82
CA HIS A 54 38.25 31.37 -13.03
C HIS A 54 38.39 31.01 -14.50
N GLY A 55 39.22 30.00 -14.78
CA GLY A 55 39.42 29.56 -16.14
C GLY A 55 38.21 28.81 -16.65
N LEU A 56 38.34 28.19 -17.83
CA LEU A 56 37.24 27.46 -18.44
C LEU A 56 37.27 25.95 -18.16
N GLU A 57 38.24 25.51 -17.38
CA GLU A 57 38.38 24.10 -17.06
C GLU A 57 37.10 23.48 -16.52
N THR A 58 36.48 24.13 -15.54
CA THR A 58 35.27 23.56 -14.96
C THR A 58 34.09 23.56 -15.93
N VAL A 59 33.87 24.70 -16.59
CA VAL A 59 32.75 24.79 -17.51
C VAL A 59 32.92 23.87 -18.72
N LEU A 60 34.16 23.54 -19.08
CA LEU A 60 34.42 22.66 -20.23
C LEU A 60 34.08 21.20 -19.96
N LYS A 61 33.75 20.89 -18.70
CA LYS A 61 33.38 19.53 -18.32
C LYS A 61 31.88 19.32 -18.44
N VAL A 62 31.11 20.39 -18.58
CA VAL A 62 29.66 20.27 -18.72
C VAL A 62 29.10 20.86 -20.02
N HIS A 63 29.83 21.76 -20.67
CA HIS A 63 29.39 22.36 -21.93
C HIS A 63 30.29 21.99 -23.10
N ASP A 64 29.69 21.85 -24.27
CA ASP A 64 30.41 21.54 -25.49
C ASP A 64 31.40 22.67 -25.80
N ALA A 65 32.64 22.31 -26.11
CA ALA A 65 33.68 23.30 -26.41
C ALA A 65 33.31 24.16 -27.63
N GLY A 66 32.65 23.56 -28.61
CA GLY A 66 32.25 24.30 -29.80
C GLY A 66 31.21 25.36 -29.46
N TYR A 67 30.32 25.00 -28.54
CA TYR A 67 29.27 25.90 -28.07
C TYR A 67 29.92 27.11 -27.39
N LEU A 68 30.79 26.85 -26.42
CA LEU A 68 31.46 27.94 -25.71
C LEU A 68 32.23 28.84 -26.69
N ASN A 69 33.01 28.25 -27.60
CA ASN A 69 33.75 29.04 -28.59
C ASN A 69 32.79 29.91 -29.42
N PHE A 70 31.62 29.37 -29.73
CA PHE A 70 30.61 30.10 -30.51
C PHE A 70 30.12 31.34 -29.76
N LEU A 71 29.77 31.15 -28.47
CA LEU A 71 29.28 32.26 -27.68
C LEU A 71 30.28 33.40 -27.59
N GLU A 72 31.53 33.08 -27.27
CA GLU A 72 32.55 34.10 -27.12
C GLU A 72 32.68 35.09 -28.28
N THR A 73 32.44 34.64 -29.51
CA THR A 73 32.57 35.53 -30.68
C THR A 73 31.25 35.79 -31.43
N ALA A 74 30.14 35.24 -30.93
CA ALA A 74 28.85 35.42 -31.58
C ALA A 74 28.50 36.85 -31.97
N TRP A 75 28.49 37.74 -30.99
CA TRP A 75 28.15 39.12 -31.28
C TRP A 75 29.06 39.75 -32.32
N ASP A 76 30.37 39.53 -32.19
CA ASP A 76 31.30 40.11 -33.14
C ASP A 76 30.98 39.69 -34.57
N ARG A 77 30.77 38.40 -34.78
CA ARG A 77 30.46 37.86 -36.10
C ARG A 77 29.11 38.32 -36.61
N TRP A 78 28.17 38.51 -35.70
CA TRP A 78 26.82 38.94 -36.06
C TRP A 78 26.88 40.39 -36.52
N LYS A 79 27.59 41.22 -35.77
CA LYS A 79 27.70 42.62 -36.14
C LYS A 79 28.47 42.71 -37.46
N ALA A 80 29.55 41.95 -37.57
CA ALA A 80 30.37 41.96 -38.78
C ALA A 80 29.64 41.44 -40.02
N ALA A 81 28.54 40.71 -39.80
CA ALA A 81 27.75 40.16 -40.90
C ALA A 81 26.85 41.23 -41.50
N GLY A 82 26.76 42.37 -40.81
CA GLY A 82 25.96 43.47 -41.31
C GLY A 82 24.56 43.57 -40.72
N TYR A 83 24.27 42.79 -39.69
CA TYR A 83 22.94 42.82 -39.10
C TYR A 83 22.73 44.01 -38.17
N LYS A 84 21.58 44.66 -38.34
CA LYS A 84 21.22 45.84 -37.57
C LYS A 84 20.74 45.59 -36.15
N GLY A 85 19.98 44.51 -35.94
CA GLY A 85 19.49 44.22 -34.60
C GLY A 85 20.42 43.32 -33.82
N GLU A 86 19.96 42.81 -32.68
CA GLU A 86 20.77 41.94 -31.85
C GLU A 86 20.71 40.52 -32.43
N ALA A 87 21.64 39.67 -32.02
CA ALA A 87 21.72 38.29 -32.52
C ALA A 87 20.58 37.40 -32.05
N ILE A 88 19.65 37.12 -32.96
CA ILE A 88 18.51 36.27 -32.64
C ILE A 88 18.39 35.17 -33.69
N ALA A 89 18.24 33.93 -33.24
CA ALA A 89 18.13 32.76 -34.12
C ALA A 89 16.76 32.68 -34.80
N THR A 90 16.76 32.26 -36.06
CA THR A 90 15.52 32.13 -36.83
C THR A 90 15.31 30.73 -37.41
N SER A 91 16.38 30.03 -37.73
CA SER A 91 16.28 28.69 -38.29
C SER A 91 16.80 27.72 -37.24
N PHE A 92 16.04 26.67 -36.96
CA PHE A 92 16.44 25.71 -35.96
C PHE A 92 16.46 24.26 -36.46
N PRO A 93 17.34 23.44 -35.87
CA PRO A 93 17.48 22.02 -36.22
C PRO A 93 16.39 21.20 -35.52
N VAL A 94 15.19 21.21 -36.09
CA VAL A 94 14.09 20.49 -35.50
C VAL A 94 13.93 19.05 -35.98
N ARG A 95 12.70 18.56 -36.02
CA ARG A 95 12.47 17.18 -36.43
C ARG A 95 13.05 16.83 -37.79
N ARG A 96 13.55 15.61 -37.88
CA ARG A 96 14.11 15.07 -39.09
C ARG A 96 15.10 15.97 -39.85
N THR A 97 16.02 16.61 -39.13
CA THR A 97 17.00 17.48 -39.75
C THR A 97 18.41 16.91 -39.64
N SER A 98 19.30 17.38 -40.51
CA SER A 98 20.69 16.94 -40.54
C SER A 98 21.39 17.36 -39.25
N PRO A 99 22.35 16.54 -38.78
CA PRO A 99 23.08 16.85 -37.55
C PRO A 99 24.31 17.72 -37.79
N ARG A 100 24.57 18.06 -39.06
CA ARG A 100 25.73 18.87 -39.39
C ARG A 100 25.66 20.28 -38.82
N ILE A 101 26.82 20.83 -38.49
CA ILE A 101 26.92 22.19 -37.95
C ILE A 101 27.18 23.17 -39.09
N PRO A 102 26.42 24.27 -39.15
CA PRO A 102 26.64 25.25 -40.23
C PRO A 102 27.91 26.06 -39.99
N THR A 103 28.37 26.75 -41.04
CA THR A 103 29.56 27.57 -40.96
C THR A 103 29.21 29.07 -40.75
N ASP A 104 28.19 29.54 -41.45
CA ASP A 104 27.73 30.95 -41.35
C ASP A 104 27.19 31.30 -39.94
N ILE A 105 27.36 32.55 -39.51
CA ILE A 105 26.88 32.98 -38.20
C ILE A 105 25.38 32.78 -38.06
N GLU A 106 24.63 33.04 -39.13
CA GLU A 106 23.19 32.89 -39.09
C GLU A 106 22.79 31.43 -38.86
N GLY A 107 23.58 30.50 -39.39
CA GLY A 107 23.28 29.09 -39.21
C GLY A 107 23.72 28.58 -37.84
N GLN A 108 24.90 29.00 -37.41
CA GLN A 108 25.42 28.58 -36.11
C GLN A 108 24.56 29.07 -34.94
N ILE A 109 24.02 30.28 -35.01
CA ILE A 109 23.21 30.74 -33.91
C ILE A 109 21.98 29.84 -33.74
N GLY A 110 21.39 29.40 -34.85
CA GLY A 110 20.24 28.52 -34.76
C GLY A 110 20.65 27.16 -34.23
N TYR A 111 21.82 26.68 -34.68
CA TYR A 111 22.33 25.39 -34.23
C TYR A 111 22.53 25.37 -32.72
N TYR A 112 23.04 26.47 -32.20
CA TYR A 112 23.31 26.55 -30.78
C TYR A 112 22.20 27.18 -29.93
N CYS A 113 20.99 27.21 -30.47
CA CYS A 113 19.89 27.82 -29.74
C CYS A 113 18.63 26.97 -29.66
N ASN A 114 17.98 27.00 -28.49
CA ASN A 114 16.76 26.25 -28.27
C ASN A 114 15.55 27.17 -28.15
N ALA A 115 15.78 28.48 -28.19
CA ALA A 115 14.68 29.42 -28.06
C ALA A 115 14.99 30.84 -28.55
N ALA A 116 14.22 31.29 -29.54
CA ALA A 116 14.38 32.61 -30.15
C ALA A 116 13.99 33.81 -29.26
N GLU A 117 13.48 33.54 -28.07
CA GLU A 117 13.08 34.61 -27.15
C GLU A 117 14.28 35.16 -26.37
N THR A 118 15.49 34.76 -26.75
CA THR A 118 16.72 35.21 -26.11
C THR A 118 17.73 35.70 -27.15
N ALA A 119 18.12 36.97 -27.05
CA ALA A 119 19.07 37.56 -27.98
C ALA A 119 20.46 37.77 -27.38
N ILE A 120 21.48 37.55 -28.19
CA ILE A 120 22.84 37.76 -27.74
C ILE A 120 23.15 39.23 -28.01
N SER A 121 23.80 39.89 -27.05
CA SER A 121 24.13 41.30 -27.19
C SER A 121 25.55 41.54 -26.68
N PRO A 122 26.11 42.73 -26.95
CA PRO A 122 27.47 43.07 -26.51
C PRO A 122 27.60 42.85 -25.00
N GLY A 123 28.64 42.13 -24.58
CA GLY A 123 28.82 41.91 -23.15
C GLY A 123 28.23 40.62 -22.59
N THR A 124 27.37 39.98 -23.34
CA THR A 124 26.77 38.74 -22.88
C THR A 124 27.81 37.72 -22.47
N TRP A 125 28.81 37.50 -23.31
CA TRP A 125 29.85 36.53 -22.99
C TRP A 125 30.62 36.87 -21.71
N GLU A 126 30.95 38.14 -21.52
CA GLU A 126 31.70 38.56 -20.32
C GLU A 126 30.81 38.53 -19.09
N ALA A 127 29.53 38.86 -19.25
CA ALA A 127 28.61 38.84 -18.11
C ALA A 127 28.39 37.38 -17.71
N ALA A 128 28.28 36.51 -18.72
CA ALA A 128 28.06 35.10 -18.50
C ALA A 128 29.23 34.45 -17.74
N LEU A 129 30.44 34.89 -18.02
CA LEU A 129 31.58 34.32 -17.31
C LEU A 129 31.61 34.83 -15.87
N SER A 130 31.10 36.04 -15.63
CA SER A 130 31.10 36.58 -14.27
C SER A 130 30.10 35.80 -13.42
N SER A 131 28.93 35.52 -14.01
CA SER A 131 27.88 34.77 -13.33
C SER A 131 28.41 33.35 -13.02
N MET A 132 29.14 32.76 -13.97
CA MET A 132 29.71 31.43 -13.80
C MET A 132 30.72 31.43 -12.64
N ALA A 133 31.50 32.51 -12.58
CA ALA A 133 32.51 32.65 -11.53
C ALA A 133 31.86 32.75 -10.14
N SER A 134 30.67 33.33 -10.06
CA SER A 134 29.99 33.46 -8.77
C SER A 134 29.60 32.07 -8.31
N ALA A 135 29.15 31.24 -9.25
CA ALA A 135 28.73 29.87 -8.95
C ALA A 135 29.91 29.01 -8.50
N ILE A 136 31.06 29.21 -9.13
CA ILE A 136 32.26 28.45 -8.79
C ILE A 136 32.76 28.83 -7.40
N ASP A 137 32.66 30.11 -7.06
CA ASP A 137 33.10 30.60 -5.76
C ASP A 137 32.19 30.10 -4.65
N GLY A 138 30.89 30.03 -4.95
CA GLY A 138 29.95 29.53 -3.95
C GLY A 138 30.25 28.06 -3.71
N ALA A 139 30.58 27.33 -4.77
CA ALA A 139 30.87 25.92 -4.63
C ALA A 139 32.09 25.70 -3.75
N ASP A 140 33.12 26.53 -3.95
CA ASP A 140 34.31 26.37 -3.13
C ASP A 140 34.02 26.58 -1.64
N LEU A 141 33.10 27.48 -1.31
CA LEU A 141 32.74 27.71 0.10
C LEU A 141 32.15 26.45 0.71
N ILE A 142 31.26 25.79 -0.04
CA ILE A 142 30.63 24.55 0.41
C ILE A 142 31.69 23.50 0.60
N ALA A 143 32.58 23.40 -0.39
CA ALA A 143 33.66 22.44 -0.35
C ALA A 143 34.57 22.76 0.83
N ALA A 144 34.68 24.04 1.17
CA ALA A 144 35.53 24.47 2.28
C ALA A 144 34.88 24.17 3.62
N GLY A 145 33.61 23.78 3.61
CA GLY A 145 32.95 23.45 4.86
C GLY A 145 31.74 24.29 5.22
N HIS A 146 31.41 25.26 4.36
CA HIS A 146 30.25 26.13 4.59
C HIS A 146 28.95 25.33 4.45
N LYS A 147 28.03 25.54 5.38
CA LYS A 147 26.74 24.86 5.42
C LYS A 147 25.78 25.40 4.36
N ALA A 148 25.94 26.67 4.02
CA ALA A 148 25.08 27.31 3.03
C ALA A 148 25.78 28.51 2.42
N ALA A 149 25.46 28.81 1.18
CA ALA A 149 26.03 29.94 0.47
C ALA A 149 25.08 30.34 -0.65
N PHE A 150 25.10 31.61 -1.02
CA PHE A 150 24.23 32.07 -2.08
C PHE A 150 24.98 32.81 -3.18
N SER A 151 24.86 32.30 -4.39
CA SER A 151 25.49 32.89 -5.56
C SER A 151 24.44 33.68 -6.32
N LEU A 152 24.52 35.00 -6.25
CA LEU A 152 23.55 35.82 -6.96
C LEU A 152 23.99 35.86 -8.43
N CYS A 153 23.76 34.76 -9.14
CA CYS A 153 24.13 34.66 -10.54
C CYS A 153 23.16 35.44 -11.42
N ARG A 154 23.70 35.97 -12.51
CA ARG A 154 22.94 36.72 -13.49
C ARG A 154 23.90 37.07 -14.63
N PRO A 155 23.56 36.70 -15.87
CA PRO A 155 22.33 36.01 -16.25
C PRO A 155 22.25 34.61 -15.63
N PRO A 156 21.03 34.05 -15.55
CA PRO A 156 20.78 32.73 -14.98
C PRO A 156 21.31 31.68 -15.96
N GLY A 157 21.19 30.39 -15.62
CA GLY A 157 21.73 29.39 -16.53
C GLY A 157 20.97 28.10 -16.73
N HIS A 158 20.00 27.80 -15.87
CA HIS A 158 19.32 26.51 -15.99
C HIS A 158 18.72 26.10 -17.35
N ALA A 159 18.49 27.06 -18.26
CA ALA A 159 17.93 26.72 -19.56
C ALA A 159 19.03 26.44 -20.60
N ALA A 160 20.29 26.67 -20.22
CA ALA A 160 21.42 26.43 -21.13
C ALA A 160 21.86 24.97 -21.09
N GLY A 161 21.80 24.30 -22.23
CA GLY A 161 22.18 22.90 -22.26
C GLY A 161 23.63 22.63 -22.63
N ILE A 162 23.93 21.38 -22.96
CA ILE A 162 25.29 21.01 -23.33
C ILE A 162 25.80 21.88 -24.45
N ASP A 163 25.02 22.03 -25.50
CA ASP A 163 25.43 22.85 -26.62
C ASP A 163 24.33 23.78 -27.14
N MET A 164 23.62 24.42 -26.22
CA MET A 164 22.58 25.37 -26.60
C MET A 164 22.19 26.39 -25.53
N PHE A 165 21.86 27.59 -25.99
CA PHE A 165 21.45 28.66 -25.11
C PHE A 165 20.00 29.02 -25.41
N GLY A 166 19.36 29.64 -24.42
CA GLY A 166 17.98 30.03 -24.55
C GLY A 166 17.42 30.30 -23.17
N GLY A 167 16.19 30.77 -23.09
CA GLY A 167 15.57 31.05 -21.81
C GLY A 167 16.37 32.02 -20.97
N TYR A 168 17.02 32.96 -21.65
CA TYR A 168 17.85 33.99 -21.04
C TYR A 168 19.13 33.40 -20.43
N CYS A 169 19.46 32.16 -20.80
CA CYS A 169 20.64 31.52 -20.24
C CYS A 169 21.71 31.16 -21.28
N PHE A 170 22.97 31.21 -20.86
CA PHE A 170 24.07 30.91 -21.78
C PHE A 170 25.04 29.89 -21.20
N ILE A 171 25.40 30.08 -19.93
CA ILE A 171 26.29 29.16 -19.24
C ILE A 171 25.50 28.65 -18.05
N ASN A 172 25.40 27.34 -17.93
CA ASN A 172 24.64 26.75 -16.85
C ASN A 172 25.41 26.81 -15.53
N ASN A 173 25.19 27.88 -14.78
CA ASN A 173 25.85 28.10 -13.50
C ASN A 173 25.68 26.98 -12.48
N ALA A 174 24.46 26.47 -12.37
CA ALA A 174 24.18 25.38 -11.43
C ALA A 174 24.96 24.12 -11.85
N ALA A 175 25.07 23.90 -13.15
CA ALA A 175 25.80 22.76 -13.66
C ALA A 175 27.29 22.90 -13.31
N VAL A 176 27.84 24.10 -13.50
CA VAL A 176 29.25 24.38 -13.17
C VAL A 176 29.46 24.16 -11.67
N ALA A 177 28.61 24.76 -10.85
CA ALA A 177 28.71 24.58 -9.40
C ALA A 177 28.80 23.11 -9.07
N ALA A 178 27.81 22.34 -9.55
CA ALA A 178 27.76 20.90 -9.32
C ALA A 178 29.07 20.22 -9.74
N GLN A 179 29.53 20.50 -10.96
CA GLN A 179 30.76 19.90 -11.44
C GLN A 179 31.92 20.29 -10.53
N ARG A 180 31.95 21.55 -10.13
CA ARG A 180 33.00 22.05 -9.26
C ARG A 180 33.07 21.29 -7.94
N LEU A 181 31.91 20.98 -7.35
CA LEU A 181 31.90 20.24 -6.09
C LEU A 181 32.46 18.83 -6.31
N LEU A 182 32.13 18.22 -7.45
CA LEU A 182 32.65 16.89 -7.75
C LEU A 182 34.17 16.94 -7.84
N ASP A 183 34.66 17.97 -8.52
CA ASP A 183 36.09 18.18 -8.70
C ASP A 183 36.80 18.42 -7.37
N LYS A 184 36.06 18.92 -6.39
CA LYS A 184 36.63 19.19 -5.08
C LYS A 184 36.59 18.01 -4.12
N GLY A 185 36.13 16.85 -4.58
CA GLY A 185 36.09 15.71 -3.68
C GLY A 185 34.78 14.96 -3.58
N ALA A 186 33.68 15.58 -3.99
CA ALA A 186 32.37 14.93 -3.93
C ALA A 186 32.28 13.85 -5.00
N LYS A 187 31.52 12.80 -4.70
CA LYS A 187 31.33 11.69 -5.63
C LYS A 187 29.88 11.72 -6.16
N LYS A 188 28.99 12.30 -5.37
CA LYS A 188 27.58 12.41 -5.73
C LYS A 188 27.04 13.77 -5.34
N ILE A 189 26.46 14.47 -6.31
CA ILE A 189 25.90 15.78 -6.06
C ILE A 189 24.53 15.86 -6.70
N ALA A 190 23.61 16.56 -6.05
CA ALA A 190 22.28 16.70 -6.60
C ALA A 190 21.97 18.16 -6.86
N ILE A 191 21.13 18.39 -7.87
CA ILE A 191 20.69 19.73 -8.22
C ILE A 191 19.17 19.70 -8.09
N LEU A 192 18.63 20.64 -7.32
CA LEU A 192 17.18 20.76 -7.10
C LEU A 192 16.74 22.06 -7.75
N ASP A 193 15.83 21.99 -8.72
CA ASP A 193 15.38 23.17 -9.47
C ASP A 193 13.95 23.62 -9.14
N VAL A 194 13.82 24.66 -8.33
CA VAL A 194 12.50 25.14 -7.95
C VAL A 194 12.00 26.32 -8.76
N ASP A 195 12.80 26.72 -9.75
CA ASP A 195 12.42 27.80 -10.65
C ASP A 195 11.12 27.32 -11.30
N PHE A 196 10.21 28.24 -11.61
CA PHE A 196 8.91 27.85 -12.20
C PHE A 196 9.07 27.02 -13.48
N HIS A 197 10.05 27.40 -14.29
CA HIS A 197 10.31 26.71 -15.55
C HIS A 197 11.18 25.49 -15.34
N HIS A 198 10.99 24.50 -16.20
CA HIS A 198 11.77 23.29 -16.11
C HIS A 198 13.23 23.61 -16.42
N GLY A 199 14.17 22.91 -15.79
CA GLY A 199 15.56 23.19 -16.07
C GLY A 199 16.02 22.34 -17.23
N ASN A 200 15.40 22.53 -18.39
CA ASN A 200 15.78 21.75 -19.56
C ASN A 200 17.28 21.72 -19.79
N GLY A 201 17.94 22.87 -19.64
CA GLY A 201 19.37 22.91 -19.84
C GLY A 201 20.11 21.99 -18.90
N THR A 202 19.80 22.09 -17.60
CA THR A 202 20.45 21.26 -16.60
C THR A 202 20.13 19.79 -16.81
N GLN A 203 18.90 19.50 -17.19
CA GLN A 203 18.54 18.11 -17.42
C GLN A 203 19.40 17.52 -18.53
N ASP A 204 19.61 18.30 -19.59
CA ASP A 204 20.40 17.84 -20.72
C ASP A 204 21.83 17.49 -20.34
N ILE A 205 22.48 18.39 -19.60
CA ILE A 205 23.86 18.19 -19.18
C ILE A 205 24.11 16.92 -18.36
N PHE A 206 23.18 16.57 -17.48
CA PHE A 206 23.36 15.40 -16.64
C PHE A 206 22.49 14.19 -16.98
N TYR A 207 21.77 14.26 -18.09
CA TYR A 207 20.92 13.15 -18.45
C TYR A 207 21.63 11.80 -18.52
N GLU A 208 22.88 11.79 -18.97
CA GLU A 208 23.65 10.55 -19.06
C GLU A 208 24.79 10.49 -18.06
N ARG A 209 24.67 11.30 -17.00
CA ARG A 209 25.69 11.35 -15.94
C ARG A 209 25.14 10.71 -14.67
N GLY A 210 25.77 9.62 -14.24
CA GLY A 210 25.33 8.93 -13.04
C GLY A 210 25.77 9.50 -11.71
N ASP A 211 26.76 10.39 -11.74
CA ASP A 211 27.30 11.03 -10.53
C ASP A 211 26.55 12.29 -10.13
N VAL A 212 25.51 12.61 -10.89
CA VAL A 212 24.70 13.79 -10.59
C VAL A 212 23.22 13.47 -10.74
N PHE A 213 22.44 13.88 -9.74
CA PHE A 213 21.00 13.69 -9.74
C PHE A 213 20.33 15.03 -9.98
N PHE A 214 19.31 15.05 -10.83
CA PHE A 214 18.59 16.28 -11.15
C PHE A 214 17.10 16.18 -10.86
N ALA A 215 16.59 17.06 -10.02
CA ALA A 215 15.18 17.07 -9.71
C ALA A 215 14.67 18.47 -10.00
N SER A 216 13.51 18.55 -10.66
CA SER A 216 12.93 19.84 -11.01
C SER A 216 11.41 19.88 -10.81
N LEU A 217 10.92 20.98 -10.26
CA LEU A 217 9.49 21.22 -10.05
C LEU A 217 9.19 22.35 -11.00
N HIS A 218 8.17 22.22 -11.83
CA HIS A 218 7.93 23.27 -12.80
C HIS A 218 6.53 23.22 -13.39
N GLY A 219 6.14 24.30 -14.06
CA GLY A 219 4.85 24.31 -14.71
C GLY A 219 4.87 23.22 -15.77
N ASP A 220 3.76 22.51 -15.92
CA ASP A 220 3.64 21.42 -16.88
C ASP A 220 4.10 21.88 -18.27
N PRO A 221 5.13 21.21 -18.82
CA PRO A 221 5.65 21.58 -20.14
C PRO A 221 4.59 21.61 -21.22
N ALA A 222 3.55 20.83 -21.06
CA ALA A 222 2.48 20.82 -22.06
C ALA A 222 1.89 22.23 -22.21
N GLU A 223 2.18 23.13 -21.26
CA GLU A 223 1.65 24.47 -21.40
C GLU A 223 2.48 25.57 -20.75
N ALA A 224 3.79 25.40 -20.78
CA ALA A 224 4.72 26.37 -20.22
C ALA A 224 6.13 26.15 -20.75
N PHE A 225 6.82 27.25 -21.04
CA PHE A 225 8.20 27.22 -21.52
C PHE A 225 8.95 26.27 -20.56
N PRO A 226 9.91 25.47 -21.08
CA PRO A 226 10.36 25.32 -22.46
C PRO A 226 9.51 24.46 -23.38
N HIS A 227 8.43 23.89 -22.87
CA HIS A 227 7.52 23.08 -23.68
C HIS A 227 8.00 21.74 -24.21
N PHE A 228 9.29 21.57 -24.46
CA PHE A 228 9.72 20.31 -25.03
C PHE A 228 10.60 19.45 -24.14
N LEU A 229 10.41 19.57 -22.84
CA LEU A 229 11.17 18.78 -21.90
C LEU A 229 10.59 19.09 -20.53
N GLY A 230 10.70 18.14 -19.60
CA GLY A 230 10.17 18.36 -18.26
C GLY A 230 9.06 17.38 -17.91
N TYR A 231 8.80 16.41 -18.79
CA TYR A 231 7.77 15.41 -18.53
C TYR A 231 8.24 14.39 -17.51
N ALA A 232 7.30 13.92 -16.69
CA ALA A 232 7.60 12.94 -15.64
C ALA A 232 8.31 11.69 -16.17
N GLU A 233 7.94 11.25 -17.37
CA GLU A 233 8.54 10.07 -17.98
C GLU A 233 10.05 10.14 -18.20
N GLU A 234 10.61 11.35 -18.25
CA GLU A 234 12.07 11.52 -18.45
C GLU A 234 12.80 11.25 -17.13
N THR A 235 13.49 10.13 -17.05
CA THR A 235 14.20 9.77 -15.81
C THR A 235 15.70 9.53 -15.95
N GLY A 236 16.23 9.81 -17.14
CA GLY A 236 17.65 9.61 -17.34
C GLY A 236 17.87 8.62 -18.46
N LYS A 237 19.10 8.58 -18.97
CA LYS A 237 19.42 7.66 -20.05
C LYS A 237 20.82 7.11 -19.95
N GLY A 238 20.97 5.85 -20.34
CA GLY A 238 22.26 5.20 -20.31
C GLY A 238 22.94 5.20 -18.95
N ALA A 239 24.19 5.66 -18.92
CA ALA A 239 24.96 5.72 -17.69
C ALA A 239 24.26 6.59 -16.63
N GLY A 240 23.26 7.35 -17.03
CA GLY A 240 22.56 8.21 -16.09
C GLY A 240 21.11 7.83 -15.83
N ALA A 241 20.75 6.60 -16.17
CA ALA A 241 19.38 6.14 -15.97
C ALA A 241 18.96 6.26 -14.51
N GLY A 242 17.72 6.68 -14.31
CA GLY A 242 17.19 6.81 -12.96
C GLY A 242 17.72 7.99 -12.16
N THR A 243 18.43 8.93 -12.78
CA THR A 243 18.93 10.08 -12.03
C THR A 243 18.27 11.39 -12.39
N THR A 244 17.08 11.32 -12.99
CA THR A 244 16.33 12.53 -13.33
C THR A 244 14.91 12.39 -12.82
N ALA A 245 14.42 13.41 -12.12
CA ALA A 245 13.06 13.37 -11.59
C ALA A 245 12.32 14.66 -11.85
N ASN A 246 11.33 14.60 -12.73
CA ASN A 246 10.54 15.78 -13.05
C ASN A 246 9.18 15.79 -12.39
N TYR A 247 8.77 16.97 -11.91
CA TYR A 247 7.47 17.13 -11.30
C TYR A 247 6.73 18.26 -11.97
N PRO A 248 6.10 17.98 -13.11
CA PRO A 248 5.34 19.00 -13.83
C PRO A 248 4.02 19.20 -13.09
N MET A 249 3.59 20.45 -12.94
CA MET A 249 2.32 20.75 -12.25
C MET A 249 1.55 21.76 -13.11
N GLY A 250 0.22 21.74 -13.00
CA GLY A 250 -0.62 22.61 -13.79
C GLY A 250 -0.92 23.99 -13.22
N ARG A 251 -1.76 24.75 -13.92
CA ARG A 251 -2.14 26.11 -13.51
C ARG A 251 -2.82 26.14 -12.16
N GLY A 252 -2.55 27.18 -11.37
CA GLY A 252 -3.17 27.33 -10.07
C GLY A 252 -2.66 26.46 -8.93
N THR A 253 -1.56 25.74 -9.18
CA THR A 253 -0.99 24.88 -8.17
C THR A 253 -0.62 25.68 -6.92
N PRO A 254 -1.19 25.31 -5.77
CA PRO A 254 -0.93 25.98 -4.50
C PRO A 254 0.23 25.28 -3.81
N TYR A 255 0.83 25.93 -2.82
CA TYR A 255 1.95 25.32 -2.12
C TYR A 255 1.57 23.95 -1.55
N SER A 256 0.29 23.73 -1.25
CA SER A 256 -0.09 22.44 -0.69
C SER A 256 0.24 21.29 -1.64
N VAL A 257 0.22 21.55 -2.93
CA VAL A 257 0.55 20.51 -3.91
C VAL A 257 2.03 20.62 -4.27
N TRP A 258 2.52 21.85 -4.35
CA TRP A 258 3.92 22.09 -4.67
C TRP A 258 4.80 21.46 -3.60
N GLY A 259 4.50 21.76 -2.34
CA GLY A 259 5.28 21.23 -1.23
C GLY A 259 5.41 19.72 -1.23
N GLU A 260 4.37 19.02 -1.68
CA GLU A 260 4.40 17.56 -1.72
C GLU A 260 5.43 17.14 -2.77
N ALA A 261 5.46 17.84 -3.89
CA ALA A 261 6.43 17.52 -4.93
C ALA A 261 7.82 17.75 -4.36
N LEU A 262 7.97 18.84 -3.60
CA LEU A 262 9.28 19.15 -3.02
C LEU A 262 9.73 18.02 -2.08
N THR A 263 8.83 17.61 -1.18
CA THR A 263 9.13 16.54 -0.24
C THR A 263 9.59 15.27 -0.95
N ASP A 264 8.88 14.90 -2.02
CA ASP A 264 9.24 13.69 -2.77
C ASP A 264 10.60 13.82 -3.47
N SER A 265 10.86 14.99 -4.05
CA SER A 265 12.11 15.19 -4.74
C SER A 265 13.28 15.05 -3.75
N LEU A 266 13.12 15.59 -2.55
CA LEU A 266 14.17 15.51 -1.54
C LEU A 266 14.34 14.06 -1.06
N LYS A 267 13.29 13.26 -1.21
CA LYS A 267 13.37 11.86 -0.79
C LYS A 267 14.21 11.11 -1.82
N ARG A 268 14.01 11.43 -3.09
CA ARG A 268 14.79 10.77 -4.14
C ARG A 268 16.25 11.22 -4.06
N ILE A 269 16.46 12.48 -3.72
CA ILE A 269 17.81 13.01 -3.60
C ILE A 269 18.54 12.35 -2.42
N ALA A 270 17.81 12.09 -1.34
CA ALA A 270 18.40 11.44 -0.19
C ALA A 270 18.78 10.01 -0.57
N ALA A 271 17.89 9.31 -1.28
CA ALA A 271 18.15 7.95 -1.70
C ALA A 271 19.34 7.86 -2.64
N PHE A 272 19.53 8.91 -3.46
CA PHE A 272 20.64 8.95 -4.41
C PHE A 272 21.97 8.98 -3.66
N GLY A 273 21.98 9.70 -2.54
CA GLY A 273 23.18 9.81 -1.74
C GLY A 273 23.95 11.10 -2.00
N ALA A 274 23.24 12.16 -2.35
CA ALA A 274 23.89 13.44 -2.63
C ALA A 274 24.67 13.92 -1.41
N GLU A 275 25.90 14.37 -1.64
CA GLU A 275 26.75 14.86 -0.56
C GLU A 275 26.45 16.35 -0.36
N ALA A 276 25.78 16.94 -1.34
CA ALA A 276 25.42 18.34 -1.28
C ALA A 276 24.34 18.60 -2.32
N ILE A 277 23.64 19.72 -2.20
CA ILE A 277 22.61 20.05 -3.15
C ILE A 277 22.79 21.46 -3.69
N VAL A 278 22.82 21.59 -5.01
CA VAL A 278 22.94 22.89 -5.65
C VAL A 278 21.48 23.22 -5.91
N VAL A 279 21.01 24.35 -5.39
CA VAL A 279 19.61 24.73 -5.57
C VAL A 279 19.46 25.80 -6.63
N SER A 280 18.77 25.47 -7.71
CA SER A 280 18.52 26.45 -8.75
C SER A 280 17.29 27.20 -8.27
N LEU A 281 17.51 28.33 -7.61
CA LEU A 281 16.41 29.10 -7.06
C LEU A 281 15.79 30.10 -8.03
N GLY A 282 14.51 29.91 -8.30
CA GLY A 282 13.77 30.82 -9.15
C GLY A 282 12.55 31.17 -8.35
N VAL A 283 12.32 32.46 -8.11
CA VAL A 283 11.16 32.84 -7.33
C VAL A 283 10.01 33.24 -8.25
N ASP A 284 10.05 32.76 -9.48
CA ASP A 284 8.99 33.07 -10.41
C ASP A 284 7.76 32.21 -10.22
N THR A 285 7.75 31.41 -9.16
CA THR A 285 6.60 30.58 -8.84
C THR A 285 5.62 31.43 -8.03
N PHE A 286 6.01 32.67 -7.74
CA PHE A 286 5.20 33.60 -6.96
C PHE A 286 3.83 33.86 -7.59
N GLU A 287 2.79 33.82 -6.77
CA GLU A 287 1.42 34.04 -7.25
C GLU A 287 1.26 35.33 -8.05
N GLN A 288 2.21 36.25 -7.90
CA GLN A 288 2.12 37.51 -8.61
C GLN A 288 3.12 37.69 -9.75
N ASP A 289 3.78 36.60 -10.16
CA ASP A 289 4.75 36.68 -11.25
C ASP A 289 3.99 36.67 -12.58
N PRO A 290 4.25 37.67 -13.44
CA PRO A 290 3.61 37.83 -14.74
C PRO A 290 3.62 36.64 -15.71
N ILE A 291 4.77 36.04 -15.93
CA ILE A 291 4.89 34.91 -16.86
C ILE A 291 4.83 33.52 -16.22
N SER A 292 4.01 33.36 -15.19
CA SER A 292 3.92 32.08 -14.52
C SER A 292 2.51 31.80 -14.00
N PHE A 293 2.20 30.54 -13.71
CA PHE A 293 0.86 30.23 -13.24
C PHE A 293 0.76 29.40 -11.97
N PHE A 294 1.71 29.58 -11.06
CA PHE A 294 1.71 28.88 -9.79
C PHE A 294 1.22 29.87 -8.77
N LYS A 295 0.69 29.40 -7.65
CA LYS A 295 0.20 30.32 -6.65
C LYS A 295 0.85 30.25 -5.28
N LEU A 296 2.17 30.40 -5.23
CA LEU A 296 2.86 30.38 -3.95
C LEU A 296 2.91 31.81 -3.38
N THR A 297 2.89 31.93 -2.06
CA THR A 297 2.93 33.26 -1.44
C THR A 297 4.30 33.44 -0.80
N SER A 298 4.64 34.70 -0.52
CA SER A 298 5.93 35.02 0.06
C SER A 298 6.34 34.15 1.26
N PRO A 299 5.40 33.88 2.18
CA PRO A 299 5.76 33.06 3.33
C PRO A 299 6.22 31.64 2.94
N ASP A 300 5.63 31.11 1.89
CA ASP A 300 5.97 29.77 1.40
C ASP A 300 7.45 29.66 1.04
N TYR A 301 8.08 30.78 0.70
CA TYR A 301 9.48 30.74 0.35
C TYR A 301 10.34 30.47 1.57
N ILE A 302 9.83 30.81 2.75
CA ILE A 302 10.57 30.54 3.98
C ILE A 302 10.44 29.05 4.24
N THR A 303 9.27 28.49 3.95
CA THR A 303 9.08 27.06 4.15
C THR A 303 9.98 26.28 3.21
N MET A 304 9.98 26.69 1.94
CA MET A 304 10.80 26.05 0.91
C MET A 304 12.28 25.94 1.34
N GLY A 305 12.86 27.07 1.74
CA GLY A 305 14.26 27.08 2.14
C GLY A 305 14.53 26.20 3.34
N ARG A 306 13.66 26.31 4.34
CA ARG A 306 13.78 25.53 5.55
C ARG A 306 13.71 24.03 5.21
N THR A 307 12.75 23.65 4.39
CA THR A 307 12.57 22.24 4.00
C THR A 307 13.79 21.68 3.28
N ILE A 308 14.33 22.42 2.33
CA ILE A 308 15.47 21.92 1.60
C ILE A 308 16.68 21.81 2.54
N ALA A 309 16.81 22.78 3.43
CA ALA A 309 17.90 22.78 4.38
C ALA A 309 17.78 21.59 5.31
N ALA A 310 16.55 21.15 5.55
CA ALA A 310 16.35 20.02 6.45
C ALA A 310 16.89 18.72 5.85
N SER A 311 17.48 18.80 4.65
CA SER A 311 18.04 17.62 4.02
C SER A 311 19.26 17.19 4.83
N GLY A 312 19.87 18.13 5.54
CA GLY A 312 21.02 17.80 6.34
C GLY A 312 22.35 17.84 5.61
N VAL A 313 22.31 18.09 4.30
CA VAL A 313 23.54 18.17 3.51
C VAL A 313 23.82 19.64 3.15
N PRO A 314 25.09 19.97 2.88
CA PRO A 314 25.43 21.36 2.53
C PRO A 314 24.61 21.86 1.34
N LEU A 315 24.25 23.14 1.38
CA LEU A 315 23.45 23.77 0.33
C LEU A 315 24.06 24.98 -0.35
N LEU A 316 24.00 24.99 -1.68
CA LEU A 316 24.48 26.12 -2.46
C LEU A 316 23.28 26.63 -3.24
N VAL A 317 22.84 27.85 -2.96
CA VAL A 317 21.70 28.39 -3.69
C VAL A 317 22.23 29.21 -4.85
N VAL A 318 21.73 28.91 -6.05
CA VAL A 318 22.13 29.61 -7.27
C VAL A 318 20.90 30.31 -7.82
N MET A 319 21.00 31.62 -8.00
CA MET A 319 19.89 32.41 -8.51
C MET A 319 19.55 32.06 -9.95
N GLU A 320 18.26 32.08 -10.27
CA GLU A 320 17.78 31.79 -11.63
C GLU A 320 16.69 32.81 -12.02
N GLY A 321 15.46 32.33 -12.26
CA GLY A 321 14.37 33.23 -12.64
C GLY A 321 13.67 34.00 -11.54
N GLY A 322 12.62 34.74 -11.92
CA GLY A 322 11.88 35.56 -10.97
C GLY A 322 11.85 36.92 -11.63
N TYR A 323 10.65 37.43 -11.94
CA TYR A 323 10.59 38.70 -12.64
C TYR A 323 9.58 39.72 -12.16
N GLY A 324 9.51 40.80 -12.91
CA GLY A 324 8.58 41.88 -12.63
C GLY A 324 8.44 42.36 -11.21
N VAL A 325 7.43 41.85 -10.51
CA VAL A 325 7.14 42.26 -9.14
C VAL A 325 8.32 42.67 -8.28
N PRO A 326 8.12 43.72 -7.46
CA PRO A 326 9.20 44.17 -6.59
C PRO A 326 9.46 43.22 -5.41
N GLU A 327 8.65 42.17 -5.29
CA GLU A 327 8.83 41.21 -4.20
C GLU A 327 9.87 40.14 -4.50
N ILE A 328 10.46 40.16 -5.69
CA ILE A 328 11.46 39.14 -6.04
C ILE A 328 12.57 39.11 -5.00
N GLY A 329 12.93 40.27 -4.47
CA GLY A 329 13.97 40.33 -3.47
C GLY A 329 13.48 39.68 -2.17
N LEU A 330 12.32 40.11 -1.72
CA LEU A 330 11.74 39.58 -0.50
C LEU A 330 11.66 38.06 -0.55
N ASN A 331 11.19 37.54 -1.69
CA ASN A 331 11.04 36.11 -1.86
C ASN A 331 12.39 35.39 -1.82
N VAL A 332 13.41 35.96 -2.47
CA VAL A 332 14.73 35.33 -2.44
C VAL A 332 15.28 35.39 -1.01
N ALA A 333 15.09 36.53 -0.34
CA ALA A 333 15.57 36.71 1.02
C ALA A 333 14.88 35.71 1.96
N ASN A 334 13.61 35.42 1.68
CA ASN A 334 12.88 34.48 2.51
C ASN A 334 13.44 33.07 2.43
N VAL A 335 13.87 32.68 1.23
CA VAL A 335 14.44 31.35 1.03
C VAL A 335 15.72 31.19 1.83
N LEU A 336 16.54 32.25 1.81
CA LEU A 336 17.80 32.25 2.53
C LEU A 336 17.51 32.23 4.03
N LYS A 337 16.52 33.01 4.43
CA LYS A 337 16.14 33.05 5.84
C LYS A 337 15.65 31.66 6.26
N GLY A 338 14.93 30.99 5.35
CA GLY A 338 14.45 29.67 5.65
C GLY A 338 15.58 28.67 5.80
N VAL A 339 16.63 28.85 5.00
CA VAL A 339 17.79 27.97 5.04
C VAL A 339 18.57 28.16 6.33
N ALA A 340 18.66 29.41 6.77
CA ALA A 340 19.40 29.75 7.99
C ALA A 340 18.76 29.12 9.23
N GLY A 341 17.42 29.05 9.26
CA GLY A 341 16.75 28.45 10.39
C GLY A 341 16.76 29.30 11.66
N MET B 1 -35.39 -20.69 -10.39
CA MET B 1 -35.43 -21.06 -8.94
C MET B 1 -36.87 -21.00 -8.46
N ARG B 2 -37.17 -21.77 -7.42
CA ARG B 2 -38.50 -21.80 -6.85
C ARG B 2 -38.78 -20.55 -6.01
N VAL B 3 -40.06 -20.26 -5.81
CA VAL B 3 -40.50 -19.10 -5.05
C VAL B 3 -41.45 -19.54 -3.93
N ILE B 4 -41.11 -19.20 -2.69
CA ILE B 4 -41.98 -19.55 -1.57
C ILE B 4 -42.82 -18.33 -1.21
N PHE B 5 -44.13 -18.44 -1.34
CA PHE B 5 -45.00 -17.32 -1.03
C PHE B 5 -46.29 -17.78 -0.36
N SER B 6 -46.70 -17.05 0.68
CA SER B 6 -47.91 -17.36 1.42
C SER B 6 -48.95 -16.26 1.28
N GLU B 7 -50.16 -16.63 0.89
CA GLU B 7 -51.25 -15.65 0.74
C GLU B 7 -51.65 -15.06 2.10
N ASP B 8 -51.22 -15.71 3.17
CA ASP B 8 -51.54 -15.28 4.52
C ASP B 8 -50.84 -13.98 4.94
N HIS B 9 -50.05 -13.43 4.02
CA HIS B 9 -49.34 -12.19 4.26
C HIS B 9 -50.38 -11.08 4.39
N LYS B 10 -51.52 -11.25 3.75
CA LYS B 10 -52.56 -10.25 3.80
C LYS B 10 -53.18 -10.12 5.19
N LEU B 11 -52.96 -11.09 6.06
CA LEU B 11 -53.50 -11.02 7.41
C LEU B 11 -52.93 -9.81 8.13
N ARG B 12 -51.86 -9.28 7.56
CA ARG B 12 -51.19 -8.11 8.09
C ARG B 12 -51.58 -6.95 7.18
N ASN B 13 -52.50 -6.13 7.65
CA ASN B 13 -52.95 -4.99 6.87
C ASN B 13 -53.31 -3.84 7.81
N ALA B 14 -52.30 -3.32 8.49
CA ALA B 14 -52.46 -2.22 9.43
C ALA B 14 -53.04 -0.99 8.74
N LYS B 15 -53.82 -0.22 9.47
CA LYS B 15 -54.43 0.98 8.94
C LYS B 15 -53.55 2.21 9.14
N THR B 16 -52.74 2.18 10.18
CA THR B 16 -51.91 3.34 10.48
C THR B 16 -50.43 3.10 10.68
N GLU B 17 -49.66 4.10 10.30
CA GLU B 17 -48.22 4.11 10.46
C GLU B 17 -47.87 5.53 10.88
N LEU B 18 -47.08 5.68 11.93
CA LEU B 18 -46.70 7.00 12.39
C LEU B 18 -45.56 7.51 11.50
N TYR B 19 -45.86 8.54 10.72
CA TYR B 19 -44.88 9.14 9.81
C TYR B 19 -45.04 10.66 9.76
N GLY B 20 -43.93 11.37 9.87
CA GLY B 20 -43.96 12.81 9.84
C GLY B 20 -44.91 13.42 10.86
N GLY B 21 -45.10 12.76 11.99
CA GLY B 21 -45.99 13.28 13.01
C GLY B 21 -47.46 13.03 12.74
N GLU B 22 -47.75 12.19 11.75
CA GLU B 22 -49.13 11.88 11.43
C GLU B 22 -49.31 10.37 11.32
N LEU B 23 -50.55 9.92 11.47
CA LEU B 23 -50.86 8.51 11.34
C LEU B 23 -51.35 8.32 9.92
N VAL B 24 -50.47 7.86 9.04
CA VAL B 24 -50.82 7.68 7.64
C VAL B 24 -50.86 6.21 7.24
N PRO B 25 -51.44 5.92 6.07
CA PRO B 25 -51.52 4.54 5.59
C PRO B 25 -50.11 3.95 5.51
N PRO B 26 -49.91 2.75 6.07
CA PRO B 26 -48.61 2.08 6.05
C PRO B 26 -47.96 1.92 4.69
N PHE B 27 -46.66 2.18 4.63
CA PHE B 27 -45.89 2.01 3.40
C PHE B 27 -45.77 0.54 3.08
N GLU B 28 -45.64 -0.27 4.13
CA GLU B 28 -45.51 -1.70 3.96
C GLU B 28 -46.93 -2.29 3.96
N ALA B 29 -47.56 -2.23 2.80
CA ALA B 29 -48.92 -2.71 2.60
C ALA B 29 -48.97 -3.94 1.67
N PRO B 30 -50.04 -4.73 1.77
CA PRO B 30 -50.26 -5.95 0.97
C PRO B 30 -49.97 -5.84 -0.53
N PHE B 31 -50.28 -4.69 -1.12
CA PHE B 31 -50.03 -4.52 -2.57
C PHE B 31 -48.57 -4.75 -2.95
N ARG B 32 -47.67 -4.68 -1.98
CA ARG B 32 -46.24 -4.90 -2.28
C ARG B 32 -46.02 -6.34 -2.73
N ALA B 33 -46.52 -7.30 -1.95
CA ALA B 33 -46.36 -8.72 -2.28
C ALA B 33 -47.04 -9.05 -3.60
N GLU B 34 -48.21 -8.45 -3.82
CA GLU B 34 -48.96 -8.68 -5.04
C GLU B 34 -48.15 -8.22 -6.24
N TRP B 35 -47.57 -7.03 -6.13
CA TRP B 35 -46.77 -6.48 -7.22
C TRP B 35 -45.52 -7.28 -7.55
N ILE B 36 -44.79 -7.67 -6.51
CA ILE B 36 -43.56 -8.45 -6.66
C ILE B 36 -43.83 -9.84 -7.20
N LEU B 37 -44.84 -10.51 -6.66
CA LEU B 37 -45.18 -11.84 -7.12
C LEU B 37 -45.52 -11.80 -8.61
N ALA B 38 -46.26 -10.78 -9.02
CA ALA B 38 -46.63 -10.66 -10.43
C ALA B 38 -45.41 -10.47 -11.32
N ALA B 39 -44.53 -9.54 -10.94
CA ALA B 39 -43.34 -9.27 -11.72
C ALA B 39 -42.43 -10.47 -11.92
N VAL B 40 -42.09 -11.16 -10.83
CA VAL B 40 -41.21 -12.32 -10.91
C VAL B 40 -41.76 -13.39 -11.85
N LYS B 41 -43.08 -13.59 -11.82
CA LYS B 41 -43.69 -14.59 -12.71
C LYS B 41 -43.45 -14.21 -14.16
N GLU B 42 -43.75 -12.95 -14.49
CA GLU B 42 -43.57 -12.47 -15.84
C GLU B 42 -42.11 -12.53 -16.28
N ALA B 43 -41.22 -12.78 -15.33
CA ALA B 43 -39.80 -12.87 -15.64
C ALA B 43 -39.40 -14.33 -15.82
N GLY B 44 -40.36 -15.24 -15.62
CA GLY B 44 -40.06 -16.65 -15.78
C GLY B 44 -40.11 -17.44 -14.49
N PHE B 45 -40.03 -16.76 -13.36
CA PHE B 45 -40.08 -17.40 -12.05
C PHE B 45 -41.52 -17.64 -11.66
N ASP B 46 -42.18 -18.54 -12.36
CA ASP B 46 -43.57 -18.87 -12.09
C ASP B 46 -43.79 -20.13 -11.28
N ASP B 47 -42.71 -20.74 -10.80
CA ASP B 47 -42.84 -21.95 -9.98
C ASP B 47 -43.08 -21.54 -8.52
N VAL B 48 -44.28 -21.06 -8.25
CA VAL B 48 -44.68 -20.59 -6.93
C VAL B 48 -45.32 -21.67 -6.07
N VAL B 49 -44.81 -21.85 -4.87
CA VAL B 49 -45.35 -22.84 -3.95
C VAL B 49 -45.60 -22.20 -2.60
N ALA B 50 -46.64 -22.65 -1.91
CA ALA B 50 -46.95 -22.12 -0.60
C ALA B 50 -46.07 -22.86 0.40
N PRO B 51 -45.73 -22.23 1.52
CA PRO B 51 -44.89 -22.86 2.54
C PRO B 51 -45.68 -23.81 3.43
N ALA B 52 -44.96 -24.77 4.00
CA ALA B 52 -45.57 -25.76 4.90
C ALA B 52 -45.68 -25.08 6.26
N ARG B 53 -46.34 -25.74 7.20
CA ARG B 53 -46.49 -25.16 8.53
C ARG B 53 -45.33 -25.64 9.41
N HIS B 54 -44.67 -24.70 10.07
CA HIS B 54 -43.54 -25.03 10.94
C HIS B 54 -43.80 -24.59 12.38
N GLY B 55 -43.09 -25.21 13.32
CA GLY B 55 -43.25 -24.87 14.72
C GLY B 55 -42.40 -23.68 15.12
N LEU B 56 -42.27 -23.42 16.41
CA LEU B 56 -41.48 -22.30 16.89
C LEU B 56 -40.06 -22.69 17.29
N GLU B 57 -39.67 -23.92 16.96
CA GLU B 57 -38.34 -24.41 17.30
C GLU B 57 -37.22 -23.57 16.69
N THR B 58 -37.25 -23.38 15.38
CA THR B 58 -36.20 -22.60 14.71
C THR B 58 -36.19 -21.16 15.20
N VAL B 59 -37.35 -20.50 15.20
CA VAL B 59 -37.41 -19.10 15.63
C VAL B 59 -37.00 -18.91 17.11
N LEU B 60 -37.28 -19.89 17.95
CA LEU B 60 -36.90 -19.77 19.36
C LEU B 60 -35.38 -19.83 19.57
N LYS B 61 -34.63 -20.02 18.49
CA LYS B 61 -33.18 -20.07 18.60
C LYS B 61 -32.59 -18.70 18.31
N VAL B 62 -33.42 -17.80 17.77
CA VAL B 62 -32.95 -16.46 17.46
C VAL B 62 -33.73 -15.32 18.11
N HIS B 63 -34.97 -15.57 18.52
CA HIS B 63 -35.77 -14.55 19.18
C HIS B 63 -36.05 -14.95 20.61
N ASP B 64 -36.16 -13.94 21.47
CA ASP B 64 -36.45 -14.15 22.89
C ASP B 64 -37.86 -14.73 23.04
N ALA B 65 -37.98 -15.72 23.91
CA ALA B 65 -39.25 -16.39 24.17
C ALA B 65 -40.33 -15.43 24.69
N GLY B 66 -39.93 -14.47 25.52
CA GLY B 66 -40.87 -13.52 26.06
C GLY B 66 -41.36 -12.60 24.95
N TYR B 67 -40.46 -12.25 24.06
CA TYR B 67 -40.80 -11.39 22.94
C TYR B 67 -41.85 -12.08 22.07
N LEU B 68 -41.61 -13.34 21.71
CA LEU B 68 -42.56 -14.07 20.87
C LEU B 68 -43.91 -14.24 21.56
N ASN B 69 -43.86 -14.48 22.86
CA ASN B 69 -45.07 -14.67 23.64
C ASN B 69 -45.88 -13.38 23.66
N PHE B 70 -45.16 -12.26 23.71
CA PHE B 70 -45.81 -10.94 23.72
C PHE B 70 -46.48 -10.68 22.36
N LEU B 71 -45.81 -11.03 21.27
CA LEU B 71 -46.38 -10.80 19.95
C LEU B 71 -47.70 -11.53 19.71
N GLU B 72 -47.79 -12.79 20.14
CA GLU B 72 -48.99 -13.57 19.91
C GLU B 72 -50.26 -12.99 20.51
N THR B 73 -50.15 -12.31 21.65
CA THR B 73 -51.32 -11.75 22.32
C THR B 73 -51.35 -10.23 22.42
N ALA B 74 -50.37 -9.58 21.82
CA ALA B 74 -50.28 -8.13 21.86
C ALA B 74 -51.61 -7.48 21.47
N TRP B 75 -52.09 -7.79 20.27
CA TRP B 75 -53.32 -7.21 19.78
C TRP B 75 -54.51 -7.50 20.71
N ASP B 76 -54.63 -8.72 21.19
CA ASP B 76 -55.73 -9.07 22.09
C ASP B 76 -55.70 -8.22 23.34
N ARG B 77 -54.55 -8.15 24.00
CA ARG B 77 -54.43 -7.39 25.24
C ARG B 77 -54.65 -5.89 25.02
N TRP B 78 -54.22 -5.39 23.88
CA TRP B 78 -54.35 -3.97 23.56
C TRP B 78 -55.81 -3.59 23.45
N LYS B 79 -56.56 -4.35 22.66
CA LYS B 79 -57.96 -4.06 22.49
C LYS B 79 -58.71 -4.28 23.80
N ALA B 80 -58.28 -5.28 24.56
CA ALA B 80 -58.91 -5.59 25.84
C ALA B 80 -58.68 -4.49 26.87
N ALA B 81 -57.74 -3.59 26.58
CA ALA B 81 -57.44 -2.49 27.48
C ALA B 81 -58.37 -1.33 27.17
N GLY B 82 -59.13 -1.47 26.09
CA GLY B 82 -60.07 -0.43 25.69
C GLY B 82 -59.52 0.63 24.75
N TYR B 83 -58.37 0.40 24.13
CA TYR B 83 -57.80 1.39 23.24
C TYR B 83 -58.50 1.39 21.88
N LYS B 84 -58.77 2.60 21.39
CA LYS B 84 -59.47 2.78 20.13
C LYS B 84 -58.63 2.60 18.87
N GLY B 85 -57.32 2.81 18.97
CA GLY B 85 -56.48 2.66 17.78
C GLY B 85 -55.70 1.36 17.75
N GLU B 86 -54.76 1.24 16.81
CA GLU B 86 -53.94 0.04 16.71
C GLU B 86 -52.85 0.17 17.77
N ALA B 87 -52.25 -0.96 18.13
CA ALA B 87 -51.21 -0.99 19.15
C ALA B 87 -49.92 -0.27 18.77
N ILE B 88 -49.66 0.84 19.43
CA ILE B 88 -48.47 1.64 19.18
C ILE B 88 -47.80 2.03 20.49
N ALA B 89 -46.52 1.69 20.62
CA ALA B 89 -45.77 2.00 21.83
C ALA B 89 -45.50 3.50 21.94
N THR B 90 -45.46 4.01 23.17
CA THR B 90 -45.21 5.42 23.40
C THR B 90 -44.14 5.66 24.47
N SER B 91 -43.78 4.61 25.21
CA SER B 91 -42.75 4.74 26.24
C SER B 91 -41.68 3.68 25.93
N PHE B 92 -40.42 4.06 25.98
CA PHE B 92 -39.34 3.14 25.66
C PHE B 92 -38.19 3.11 26.67
N PRO B 93 -37.52 1.93 26.81
CA PRO B 93 -36.40 1.79 27.74
C PRO B 93 -35.12 2.35 27.12
N VAL B 94 -34.97 3.68 27.19
CA VAL B 94 -33.79 4.34 26.63
C VAL B 94 -32.66 4.49 27.66
N ARG B 95 -31.78 5.48 27.47
CA ARG B 95 -30.65 5.68 28.36
C ARG B 95 -30.92 5.69 29.86
N ARG B 96 -30.02 5.03 30.59
CA ARG B 96 -30.07 4.95 32.03
C ARG B 96 -31.43 4.51 32.61
N THR B 97 -32.09 3.56 31.95
CA THR B 97 -33.37 3.05 32.44
C THR B 97 -33.21 1.67 33.05
N SER B 98 -34.17 1.30 33.88
CA SER B 98 -34.19 0.00 34.53
C SER B 98 -34.32 -1.09 33.48
N PRO B 99 -33.71 -2.26 33.73
CA PRO B 99 -33.75 -3.40 32.80
C PRO B 99 -34.95 -4.30 33.04
N ARG B 100 -35.76 -3.95 34.04
CA ARG B 100 -36.94 -4.74 34.38
C ARG B 100 -38.03 -4.74 33.30
N ILE B 101 -38.77 -5.84 33.23
CA ILE B 101 -39.83 -5.97 32.25
C ILE B 101 -41.17 -5.64 32.89
N PRO B 102 -41.90 -4.68 32.32
CA PRO B 102 -43.21 -4.28 32.85
C PRO B 102 -44.21 -5.43 32.73
N THR B 103 -45.32 -5.33 33.45
CA THR B 103 -46.34 -6.37 33.43
C THR B 103 -47.57 -6.01 32.57
N ASP B 104 -48.00 -4.75 32.60
CA ASP B 104 -49.17 -4.33 31.83
C ASP B 104 -48.85 -4.21 30.34
N ILE B 105 -49.88 -4.20 29.49
CA ILE B 105 -49.67 -4.11 28.05
C ILE B 105 -49.09 -2.80 27.52
N GLU B 106 -49.41 -1.70 28.19
CA GLU B 106 -48.92 -0.40 27.79
C GLU B 106 -47.39 -0.33 27.98
N GLY B 107 -46.91 -0.98 29.04
CA GLY B 107 -45.49 -0.97 29.32
C GLY B 107 -44.74 -2.05 28.55
N GLN B 108 -45.40 -3.16 28.25
CA GLN B 108 -44.73 -4.23 27.52
C GLN B 108 -44.52 -3.91 26.05
N ILE B 109 -45.49 -3.24 25.42
CA ILE B 109 -45.33 -2.93 24.02
C ILE B 109 -44.13 -1.99 23.84
N GLY B 110 -43.84 -1.17 24.84
CA GLY B 110 -42.70 -0.28 24.74
C GLY B 110 -41.43 -1.08 24.94
N TYR B 111 -41.41 -1.92 25.97
CA TYR B 111 -40.24 -2.74 26.29
C TYR B 111 -39.80 -3.59 25.11
N TYR B 112 -40.77 -4.03 24.31
CA TYR B 112 -40.50 -4.90 23.15
C TYR B 112 -40.50 -4.19 21.80
N CYS B 113 -40.31 -2.87 21.80
CA CYS B 113 -40.33 -2.13 20.56
C CYS B 113 -39.18 -1.15 20.44
N ASN B 114 -38.67 -0.95 19.23
CA ASN B 114 -37.57 -0.01 19.00
C ASN B 114 -37.97 1.08 18.01
N ALA B 115 -39.25 1.14 17.66
CA ALA B 115 -39.73 2.14 16.71
C ALA B 115 -41.24 2.27 16.76
N ALA B 116 -41.72 3.47 17.07
CA ALA B 116 -43.14 3.74 17.17
C ALA B 116 -43.83 3.87 15.81
N GLU B 117 -43.07 3.87 14.72
CA GLU B 117 -43.69 3.99 13.43
C GLU B 117 -44.35 2.69 13.00
N THR B 118 -44.15 1.64 13.79
CA THR B 118 -44.73 0.34 13.49
C THR B 118 -45.84 -0.02 14.46
N ALA B 119 -47.01 -0.32 13.91
CA ALA B 119 -48.17 -0.65 14.72
C ALA B 119 -48.60 -2.10 14.58
N ILE B 120 -48.99 -2.68 15.70
CA ILE B 120 -49.46 -4.06 15.70
C ILE B 120 -50.95 -4.01 15.44
N SER B 121 -51.40 -4.84 14.49
CA SER B 121 -52.81 -4.89 14.12
C SER B 121 -53.28 -6.34 14.07
N PRO B 122 -54.61 -6.55 13.97
CA PRO B 122 -55.19 -7.90 13.90
C PRO B 122 -54.54 -8.70 12.76
N GLY B 123 -54.19 -9.95 13.04
CA GLY B 123 -53.59 -10.79 12.00
C GLY B 123 -52.11 -10.61 11.77
N THR B 124 -51.51 -9.67 12.49
CA THR B 124 -50.08 -9.43 12.35
C THR B 124 -49.26 -10.65 12.79
N TRP B 125 -49.58 -11.20 13.96
CA TRP B 125 -48.85 -12.35 14.45
C TRP B 125 -48.96 -13.51 13.47
N GLU B 126 -50.17 -13.79 13.01
CA GLU B 126 -50.42 -14.88 12.08
C GLU B 126 -49.67 -14.67 10.77
N ALA B 127 -49.69 -13.45 10.24
CA ALA B 127 -49.02 -13.17 8.98
C ALA B 127 -47.52 -13.29 9.17
N ALA B 128 -47.05 -12.87 10.34
CA ALA B 128 -45.62 -12.95 10.63
C ALA B 128 -45.15 -14.41 10.63
N LEU B 129 -45.99 -15.30 11.13
CA LEU B 129 -45.63 -16.71 11.17
C LEU B 129 -45.57 -17.31 9.76
N SER B 130 -46.47 -16.87 8.87
CA SER B 130 -46.51 -17.38 7.50
C SER B 130 -45.27 -16.92 6.74
N SER B 131 -44.87 -15.67 6.97
CA SER B 131 -43.70 -15.09 6.33
C SER B 131 -42.48 -15.88 6.80
N MET B 132 -42.44 -16.16 8.11
CA MET B 132 -41.37 -16.95 8.72
C MET B 132 -41.30 -18.31 8.06
N ALA B 133 -42.48 -18.91 7.89
CA ALA B 133 -42.58 -20.22 7.26
C ALA B 133 -42.01 -20.17 5.84
N SER B 134 -42.27 -19.11 5.09
CA SER B 134 -41.73 -19.04 3.74
C SER B 134 -40.21 -19.03 3.78
N ALA B 135 -39.66 -18.48 4.86
CA ALA B 135 -38.21 -18.40 5.02
C ALA B 135 -37.65 -19.78 5.33
N ILE B 136 -38.30 -20.48 6.25
CA ILE B 136 -37.85 -21.80 6.62
C ILE B 136 -37.86 -22.74 5.40
N ASP B 137 -38.93 -22.71 4.60
CA ASP B 137 -39.01 -23.55 3.43
C ASP B 137 -37.95 -23.18 2.40
N GLY B 138 -37.63 -21.89 2.31
CA GLY B 138 -36.60 -21.46 1.38
C GLY B 138 -35.27 -22.06 1.78
N ALA B 139 -34.99 -22.06 3.08
CA ALA B 139 -33.74 -22.62 3.60
C ALA B 139 -33.63 -24.12 3.34
N ASP B 140 -34.75 -24.83 3.45
CA ASP B 140 -34.75 -26.28 3.22
C ASP B 140 -34.35 -26.60 1.79
N LEU B 141 -34.78 -25.79 0.82
CA LEU B 141 -34.43 -26.02 -0.57
C LEU B 141 -32.90 -25.95 -0.72
N ILE B 142 -32.31 -24.89 -0.19
CA ILE B 142 -30.86 -24.70 -0.27
C ILE B 142 -30.18 -25.89 0.41
N ALA B 143 -30.67 -26.26 1.59
CA ALA B 143 -30.13 -27.37 2.33
C ALA B 143 -30.34 -28.67 1.55
N ALA B 144 -31.30 -28.67 0.65
CA ALA B 144 -31.59 -29.86 -0.15
C ALA B 144 -30.78 -29.91 -1.43
N GLY B 145 -29.98 -28.88 -1.67
CA GLY B 145 -29.16 -28.87 -2.86
C GLY B 145 -29.42 -27.72 -3.81
N HIS B 146 -30.59 -27.09 -3.73
CA HIS B 146 -30.88 -25.96 -4.62
C HIS B 146 -29.80 -24.89 -4.53
N LYS B 147 -29.39 -24.37 -5.68
CA LYS B 147 -28.36 -23.34 -5.70
C LYS B 147 -28.94 -21.94 -5.46
N ALA B 148 -30.25 -21.81 -5.60
CA ALA B 148 -30.92 -20.54 -5.40
C ALA B 148 -32.40 -20.75 -5.11
N ALA B 149 -32.99 -19.81 -4.39
CA ALA B 149 -34.40 -19.87 -4.04
C ALA B 149 -34.84 -18.49 -3.56
N PHE B 150 -36.10 -18.15 -3.81
CA PHE B 150 -36.62 -16.86 -3.38
C PHE B 150 -37.81 -17.00 -2.44
N SER B 151 -37.67 -16.46 -1.24
CA SER B 151 -38.77 -16.50 -0.28
C SER B 151 -39.40 -15.10 -0.26
N LEU B 152 -40.54 -14.98 -0.90
CA LEU B 152 -41.22 -13.71 -0.94
C LEU B 152 -41.89 -13.52 0.42
N CYS B 153 -41.11 -13.03 1.39
CA CYS B 153 -41.59 -12.79 2.75
C CYS B 153 -42.29 -11.45 2.91
N ARG B 154 -43.31 -11.45 3.75
CA ARG B 154 -44.08 -10.26 4.08
C ARG B 154 -44.97 -10.65 5.24
N PRO B 155 -44.93 -9.90 6.34
CA PRO B 155 -44.09 -8.71 6.54
C PRO B 155 -42.59 -9.03 6.55
N PRO B 156 -41.77 -8.00 6.30
CA PRO B 156 -40.30 -8.15 6.30
C PRO B 156 -39.82 -8.47 7.70
N GLY B 157 -38.51 -8.56 7.90
CA GLY B 157 -38.01 -8.90 9.23
C GLY B 157 -36.63 -8.43 9.69
N HIS B 158 -35.81 -7.87 8.80
CA HIS B 158 -34.47 -7.48 9.25
C HIS B 158 -34.38 -6.43 10.36
N ALA B 159 -35.48 -5.75 10.66
CA ALA B 159 -35.48 -4.72 11.72
C ALA B 159 -35.84 -5.31 13.08
N ALA B 160 -36.31 -6.57 13.07
CA ALA B 160 -36.68 -7.25 14.31
C ALA B 160 -35.46 -7.86 15.01
N GLY B 161 -35.13 -7.32 16.18
CA GLY B 161 -34.00 -7.82 16.93
C GLY B 161 -34.37 -8.99 17.84
N ILE B 162 -33.46 -9.35 18.73
CA ILE B 162 -33.71 -10.46 19.64
C ILE B 162 -35.03 -10.34 20.39
N ASP B 163 -35.29 -9.19 21.00
CA ASP B 163 -36.52 -9.02 21.75
C ASP B 163 -37.24 -7.70 21.49
N MET B 164 -37.34 -7.32 20.21
CA MET B 164 -38.01 -6.08 19.86
C MET B 164 -38.43 -6.05 18.38
N PHE B 165 -39.56 -5.40 18.13
CA PHE B 165 -40.09 -5.24 16.79
C PHE B 165 -39.99 -3.77 16.43
N GLY B 166 -40.03 -3.48 15.13
CA GLY B 166 -39.95 -2.11 14.66
C GLY B 166 -39.64 -2.12 13.18
N GLY B 167 -39.67 -0.96 12.53
CA GLY B 167 -39.39 -0.90 11.11
C GLY B 167 -40.22 -1.83 10.25
N TYR B 168 -41.47 -2.04 10.64
CA TYR B 168 -42.39 -2.91 9.91
C TYR B 168 -42.06 -4.39 10.04
N CYS B 169 -41.20 -4.72 11.00
CA CYS B 169 -40.76 -6.10 11.22
C CYS B 169 -41.13 -6.65 12.60
N PHE B 170 -41.50 -7.94 12.64
CA PHE B 170 -41.87 -8.60 13.88
C PHE B 170 -41.05 -9.85 14.13
N ILE B 171 -40.87 -10.63 13.08
CA ILE B 171 -40.08 -11.85 13.18
C ILE B 171 -39.02 -11.80 12.09
N ASN B 172 -37.76 -11.83 12.50
CA ASN B 172 -36.64 -11.74 11.57
C ASN B 172 -36.48 -12.96 10.65
N ASN B 173 -37.16 -12.93 9.52
CA ASN B 173 -37.14 -14.05 8.56
C ASN B 173 -35.75 -14.49 8.13
N ALA B 174 -34.90 -13.53 7.80
CA ALA B 174 -33.54 -13.82 7.38
C ALA B 174 -32.80 -14.61 8.46
N ALA B 175 -32.94 -14.17 9.72
CA ALA B 175 -32.27 -14.84 10.83
C ALA B 175 -32.77 -16.26 10.99
N VAL B 176 -34.08 -16.44 10.79
CA VAL B 176 -34.69 -17.75 10.89
C VAL B 176 -34.10 -18.66 9.80
N ALA B 177 -33.96 -18.11 8.59
CA ALA B 177 -33.39 -18.87 7.48
C ALA B 177 -31.97 -19.29 7.82
N ALA B 178 -31.13 -18.33 8.22
CA ALA B 178 -29.75 -18.62 8.57
C ALA B 178 -29.68 -19.74 9.61
N GLN B 179 -30.48 -19.61 10.66
CA GLN B 179 -30.51 -20.62 11.71
C GLN B 179 -30.96 -21.96 11.18
N ARG B 180 -31.96 -21.93 10.30
CA ARG B 180 -32.48 -23.16 9.71
C ARG B 180 -31.38 -23.88 8.95
N LEU B 181 -30.62 -23.14 8.16
CA LEU B 181 -29.54 -23.73 7.39
C LEU B 181 -28.50 -24.35 8.33
N LEU B 182 -28.21 -23.71 9.46
CA LEU B 182 -27.26 -24.26 10.41
C LEU B 182 -27.79 -25.55 10.98
N ASP B 183 -29.06 -25.56 11.35
CA ASP B 183 -29.67 -26.75 11.92
C ASP B 183 -29.70 -27.87 10.88
N LYS B 184 -29.66 -27.49 9.61
CA LYS B 184 -29.67 -28.48 8.52
C LYS B 184 -28.28 -29.06 8.28
N GLY B 185 -27.32 -28.68 9.10
CA GLY B 185 -25.98 -29.23 8.91
C GLY B 185 -24.89 -28.25 8.56
N ALA B 186 -25.23 -26.99 8.31
CA ALA B 186 -24.22 -25.99 7.98
C ALA B 186 -23.48 -25.59 9.26
N LYS B 187 -22.23 -25.16 9.09
CA LYS B 187 -21.43 -24.72 10.23
C LYS B 187 -21.25 -23.21 10.20
N LYS B 188 -21.16 -22.64 9.01
CA LYS B 188 -20.99 -21.21 8.89
C LYS B 188 -21.90 -20.65 7.81
N ILE B 189 -22.70 -19.65 8.19
CA ILE B 189 -23.64 -19.02 7.28
C ILE B 189 -23.48 -17.50 7.36
N ALA B 190 -23.68 -16.83 6.23
CA ALA B 190 -23.57 -15.39 6.18
C ALA B 190 -24.88 -14.82 5.68
N ILE B 191 -25.17 -13.60 6.11
CA ILE B 191 -26.36 -12.89 5.71
C ILE B 191 -25.87 -11.60 5.08
N LEU B 192 -26.28 -11.35 3.84
CA LEU B 192 -25.90 -10.13 3.11
C LEU B 192 -27.16 -9.29 3.01
N ASP B 193 -27.15 -8.13 3.66
CA ASP B 193 -28.32 -7.24 3.67
C ASP B 193 -28.19 -6.05 2.72
N VAL B 194 -28.83 -6.14 1.57
CA VAL B 194 -28.76 -5.08 0.56
C VAL B 194 -29.93 -4.10 0.61
N ASP B 195 -30.85 -4.34 1.53
CA ASP B 195 -32.00 -3.44 1.70
C ASP B 195 -31.41 -2.06 2.02
N PHE B 196 -32.14 -1.00 1.70
CA PHE B 196 -31.66 0.35 1.96
C PHE B 196 -31.36 0.66 3.42
N HIS B 197 -32.19 0.16 4.33
CA HIS B 197 -32.00 0.40 5.74
C HIS B 197 -31.10 -0.64 6.37
N HIS B 198 -30.46 -0.26 7.46
CA HIS B 198 -29.57 -1.17 8.15
C HIS B 198 -30.39 -2.33 8.72
N GLY B 199 -29.81 -3.53 8.73
CA GLY B 199 -30.52 -4.65 9.30
C GLY B 199 -30.22 -4.64 10.78
N ASN B 200 -30.75 -3.64 11.49
CA ASN B 200 -30.46 -3.56 12.93
C ASN B 200 -30.88 -4.80 13.71
N GLY B 201 -32.03 -5.38 13.35
CA GLY B 201 -32.48 -6.56 14.05
C GLY B 201 -31.59 -7.77 13.80
N THR B 202 -31.21 -7.98 12.55
CA THR B 202 -30.35 -9.10 12.19
C THR B 202 -28.99 -8.94 12.84
N GLN B 203 -28.51 -7.71 12.95
CA GLN B 203 -27.21 -7.49 13.56
C GLN B 203 -27.29 -7.82 15.05
N ASP B 204 -28.36 -7.35 15.69
CA ASP B 204 -28.57 -7.60 17.10
C ASP B 204 -28.57 -9.10 17.39
N ILE B 205 -29.30 -9.87 16.58
CA ILE B 205 -29.38 -11.32 16.77
C ILE B 205 -28.07 -12.12 16.68
N PHE B 206 -27.21 -11.79 15.72
CA PHE B 206 -25.95 -12.54 15.56
C PHE B 206 -24.69 -11.80 16.01
N TYR B 207 -24.87 -10.64 16.63
CA TYR B 207 -23.74 -9.84 17.06
C TYR B 207 -22.74 -10.60 17.92
N GLU B 208 -23.24 -11.49 18.78
CA GLU B 208 -22.37 -12.29 19.64
C GLU B 208 -22.29 -13.77 19.24
N ARG B 209 -22.54 -14.05 17.97
CA ARG B 209 -22.47 -15.42 17.46
C ARG B 209 -21.39 -15.54 16.40
N GLY B 210 -20.45 -16.45 16.62
CA GLY B 210 -19.35 -16.63 15.68
C GLY B 210 -19.60 -17.52 14.49
N ASP B 211 -20.75 -18.19 14.45
CA ASP B 211 -21.06 -19.09 13.34
C ASP B 211 -21.87 -18.42 12.23
N VAL B 212 -22.15 -17.13 12.39
CA VAL B 212 -22.90 -16.38 11.39
C VAL B 212 -22.23 -15.03 11.20
N PHE B 213 -22.10 -14.64 9.93
CA PHE B 213 -21.47 -13.38 9.59
C PHE B 213 -22.55 -12.46 9.02
N PHE B 214 -22.52 -11.19 9.41
CA PHE B 214 -23.52 -10.24 8.94
C PHE B 214 -22.91 -9.06 8.20
N ALA B 215 -23.30 -8.90 6.94
CA ALA B 215 -22.81 -7.80 6.12
C ALA B 215 -24.02 -6.99 5.68
N SER B 216 -23.93 -5.68 5.88
CA SER B 216 -25.03 -4.81 5.48
C SER B 216 -24.57 -3.53 4.80
N LEU B 217 -25.28 -3.15 3.74
CA LEU B 217 -25.04 -1.92 3.01
C LEU B 217 -26.33 -1.16 3.27
N HIS B 218 -26.23 0.12 3.62
CA HIS B 218 -27.40 0.91 3.97
C HIS B 218 -27.07 2.41 4.07
N GLY B 219 -28.11 3.24 4.12
CA GLY B 219 -27.88 4.67 4.25
C GLY B 219 -27.29 4.91 5.63
N ASP B 220 -26.34 5.84 5.71
CA ASP B 220 -25.68 6.17 6.96
C ASP B 220 -26.71 6.41 8.06
N PRO B 221 -26.61 5.69 9.19
CA PRO B 221 -27.57 5.87 10.28
C PRO B 221 -27.59 7.29 10.84
N ALA B 222 -26.53 8.05 10.57
CA ALA B 222 -26.45 9.42 11.04
C ALA B 222 -27.65 10.22 10.50
N GLU B 223 -28.19 9.80 9.38
CA GLU B 223 -29.35 10.49 8.81
C GLU B 223 -30.37 9.60 8.11
N ALA B 224 -30.53 8.38 8.62
CA ALA B 224 -31.49 7.43 8.06
C ALA B 224 -31.88 6.38 9.10
N PHE B 225 -33.16 6.02 9.10
CA PHE B 225 -33.68 5.00 10.00
C PHE B 225 -32.74 3.81 9.80
N PRO B 226 -32.48 3.00 10.85
CA PRO B 226 -33.01 3.11 12.21
C PRO B 226 -32.30 4.10 13.13
N HIS B 227 -31.33 4.83 12.57
CA HIS B 227 -30.57 5.84 13.31
C HIS B 227 -29.69 5.38 14.47
N PHE B 228 -29.96 4.23 15.07
CA PHE B 228 -29.14 3.83 16.21
C PHE B 228 -28.35 2.54 16.12
N LEU B 229 -27.92 2.20 14.91
CA LEU B 229 -27.12 1.02 14.69
C LEU B 229 -26.79 1.05 13.21
N GLY B 230 -25.68 0.44 12.84
CA GLY B 230 -25.30 0.45 11.43
C GLY B 230 -23.99 1.17 11.15
N TYR B 231 -23.34 1.66 12.21
CA TYR B 231 -22.07 2.36 12.07
C TYR B 231 -20.96 1.35 11.77
N ALA B 232 -20.02 1.77 10.92
CA ALA B 232 -18.91 0.92 10.51
C ALA B 232 -18.07 0.39 11.69
N GLU B 233 -18.07 1.12 12.79
CA GLU B 233 -17.32 0.73 13.97
C GLU B 233 -17.86 -0.55 14.60
N GLU B 234 -19.12 -0.88 14.31
CA GLU B 234 -19.75 -2.07 14.85
C GLU B 234 -19.24 -3.29 14.09
N THR B 235 -18.35 -4.07 14.72
CA THR B 235 -17.79 -5.26 14.08
C THR B 235 -18.06 -6.56 14.85
N GLY B 236 -18.90 -6.49 15.88
CA GLY B 236 -19.22 -7.68 16.63
C GLY B 236 -18.72 -7.59 18.06
N LYS B 237 -19.16 -8.52 18.90
CA LYS B 237 -18.75 -8.51 20.29
C LYS B 237 -18.60 -9.91 20.90
N GLY B 238 -17.63 -10.06 21.79
CA GLY B 238 -17.41 -11.33 22.45
C GLY B 238 -17.24 -12.53 21.53
N ALA B 239 -18.08 -13.54 21.73
CA ALA B 239 -17.97 -14.72 20.89
C ALA B 239 -18.21 -14.39 19.41
N GLY B 240 -18.84 -13.25 19.15
CA GLY B 240 -19.12 -12.87 17.77
C GLY B 240 -18.21 -11.79 17.22
N ALA B 241 -17.13 -11.50 17.95
CA ALA B 241 -16.20 -10.47 17.50
C ALA B 241 -15.74 -10.68 16.05
N GLY B 242 -15.76 -9.60 15.28
CA GLY B 242 -15.33 -9.65 13.89
C GLY B 242 -16.26 -10.32 12.89
N THR B 243 -17.53 -10.51 13.23
CA THR B 243 -18.46 -11.18 12.32
C THR B 243 -19.59 -10.27 11.80
N THR B 244 -19.43 -8.96 12.02
CA THR B 244 -20.38 -7.96 11.54
C THR B 244 -19.62 -6.91 10.72
N ALA B 245 -20.12 -6.61 9.53
CA ALA B 245 -19.49 -5.64 8.65
C ALA B 245 -20.50 -4.66 8.06
N ASN B 246 -20.48 -3.41 8.53
CA ASN B 246 -21.40 -2.39 8.05
C ASN B 246 -20.78 -1.42 7.05
N TYR B 247 -21.56 -1.06 6.03
CA TYR B 247 -21.13 -0.13 5.01
C TYR B 247 -22.12 1.03 4.87
N PRO B 248 -22.08 1.97 5.82
CA PRO B 248 -23.01 3.10 5.71
C PRO B 248 -22.60 3.98 4.53
N MET B 249 -23.56 4.55 3.82
CA MET B 249 -23.26 5.40 2.69
C MET B 249 -24.19 6.62 2.69
N GLY B 250 -23.74 7.71 2.08
CA GLY B 250 -24.50 8.94 2.06
C GLY B 250 -25.62 9.06 1.05
N ARG B 251 -26.26 10.22 1.03
CA ARG B 251 -27.35 10.48 0.12
C ARG B 251 -26.89 10.58 -1.33
N GLY B 252 -27.70 10.07 -2.24
CA GLY B 252 -27.38 10.11 -3.65
C GLY B 252 -26.39 9.07 -4.13
N THR B 253 -26.04 8.12 -3.29
CA THR B 253 -25.07 7.09 -3.67
C THR B 253 -25.52 6.27 -4.89
N PRO B 254 -24.70 6.26 -5.94
CA PRO B 254 -24.98 5.53 -7.18
C PRO B 254 -24.39 4.12 -7.08
N TYR B 255 -24.68 3.25 -8.05
CA TYR B 255 -24.15 1.88 -8.01
C TYR B 255 -22.64 1.89 -8.11
N SER B 256 -22.07 2.99 -8.59
CA SER B 256 -20.62 3.13 -8.73
C SER B 256 -19.93 3.02 -7.38
N VAL B 257 -20.58 3.55 -6.35
CA VAL B 257 -20.01 3.51 -5.01
C VAL B 257 -20.57 2.33 -4.24
N TRP B 258 -21.86 2.11 -4.39
CA TRP B 258 -22.55 1.02 -3.72
C TRP B 258 -21.91 -0.32 -4.09
N GLY B 259 -21.66 -0.51 -5.39
CA GLY B 259 -21.06 -1.74 -5.86
C GLY B 259 -19.71 -2.05 -5.24
N GLU B 260 -18.94 -1.01 -4.93
CA GLU B 260 -17.64 -1.21 -4.32
C GLU B 260 -17.82 -1.81 -2.93
N ALA B 261 -18.83 -1.35 -2.22
CA ALA B 261 -19.10 -1.88 -0.87
C ALA B 261 -19.50 -3.35 -1.00
N LEU B 262 -20.35 -3.64 -2.00
CA LEU B 262 -20.79 -5.01 -2.20
C LEU B 262 -19.59 -5.91 -2.44
N THR B 263 -18.63 -5.42 -3.22
CA THR B 263 -17.41 -6.18 -3.50
C THR B 263 -16.67 -6.51 -2.21
N ASP B 264 -16.43 -5.49 -1.38
CA ASP B 264 -15.72 -5.74 -0.13
C ASP B 264 -16.52 -6.61 0.84
N SER B 265 -17.84 -6.47 0.82
CA SER B 265 -18.67 -7.27 1.72
C SER B 265 -18.57 -8.76 1.36
N LEU B 266 -18.55 -9.04 0.06
CA LEU B 266 -18.45 -10.41 -0.43
C LEU B 266 -17.06 -10.98 -0.17
N LYS B 267 -16.08 -10.09 -0.11
CA LYS B 267 -14.70 -10.48 0.15
C LYS B 267 -14.62 -10.98 1.58
N ARG B 268 -15.21 -10.21 2.48
CA ARG B 268 -15.21 -10.58 3.89
C ARG B 268 -16.00 -11.86 4.14
N ILE B 269 -17.09 -12.05 3.41
CA ILE B 269 -17.92 -13.22 3.54
C ILE B 269 -17.15 -14.49 3.13
N ALA B 270 -16.48 -14.42 1.98
CA ALA B 270 -15.69 -15.55 1.51
C ALA B 270 -14.58 -15.90 2.52
N ALA B 271 -13.97 -14.87 3.08
CA ALA B 271 -12.90 -15.06 4.06
C ALA B 271 -13.47 -15.64 5.36
N PHE B 272 -14.76 -15.41 5.61
CA PHE B 272 -15.40 -15.93 6.79
C PHE B 272 -15.57 -17.44 6.65
N GLY B 273 -15.90 -17.87 5.44
CA GLY B 273 -16.08 -19.29 5.18
C GLY B 273 -17.54 -19.68 5.10
N ALA B 274 -18.41 -18.72 4.79
CA ALA B 274 -19.84 -19.00 4.67
C ALA B 274 -20.08 -20.10 3.64
N GLU B 275 -20.90 -21.07 4.00
CA GLU B 275 -21.24 -22.19 3.10
C GLU B 275 -22.41 -21.82 2.20
N ALA B 276 -23.13 -20.78 2.58
CA ALA B 276 -24.27 -20.32 1.82
C ALA B 276 -24.53 -18.90 2.28
N ILE B 277 -25.25 -18.14 1.47
CA ILE B 277 -25.57 -16.76 1.84
C ILE B 277 -27.05 -16.47 1.80
N VAL B 278 -27.56 -15.92 2.89
CA VAL B 278 -28.96 -15.53 2.95
C VAL B 278 -28.91 -14.04 2.59
N VAL B 279 -29.59 -13.69 1.50
CA VAL B 279 -29.61 -12.32 1.03
C VAL B 279 -30.87 -11.60 1.44
N SER B 280 -30.76 -10.66 2.38
CA SER B 280 -31.94 -9.88 2.79
C SER B 280 -32.12 -8.88 1.68
N LEU B 281 -33.01 -9.18 0.73
CA LEU B 281 -33.21 -8.29 -0.40
C LEU B 281 -34.24 -7.18 -0.24
N GLY B 282 -33.74 -5.95 -0.34
CA GLY B 282 -34.60 -4.78 -0.25
C GLY B 282 -34.37 -3.97 -1.51
N VAL B 283 -35.43 -3.52 -2.17
CA VAL B 283 -35.29 -2.74 -3.39
C VAL B 283 -35.57 -1.24 -3.19
N ASP B 284 -35.46 -0.79 -1.94
CA ASP B 284 -35.67 0.62 -1.63
C ASP B 284 -34.41 1.43 -1.94
N THR B 285 -33.39 0.76 -2.44
CA THR B 285 -32.17 1.47 -2.79
C THR B 285 -32.38 2.09 -4.17
N PHE B 286 -33.57 1.87 -4.72
CA PHE B 286 -33.93 2.39 -6.04
C PHE B 286 -34.06 3.92 -5.98
N GLU B 287 -33.59 4.60 -7.03
CA GLU B 287 -33.63 6.06 -7.10
C GLU B 287 -35.02 6.67 -6.99
N GLN B 288 -36.06 5.89 -7.26
CA GLN B 288 -37.41 6.40 -7.17
C GLN B 288 -38.12 5.99 -5.88
N ASP B 289 -37.37 5.46 -4.92
CA ASP B 289 -37.98 5.04 -3.67
C ASP B 289 -38.39 6.25 -2.83
N PRO B 290 -39.65 6.26 -2.37
CA PRO B 290 -40.25 7.32 -1.56
C PRO B 290 -39.69 7.56 -0.16
N ILE B 291 -38.85 6.68 0.36
CA ILE B 291 -38.34 6.92 1.71
C ILE B 291 -36.84 6.69 1.87
N SER B 292 -36.14 6.63 0.74
CA SER B 292 -34.71 6.39 0.73
C SER B 292 -33.94 7.39 -0.12
N PHE B 293 -32.63 7.50 0.12
CA PHE B 293 -31.83 8.46 -0.63
C PHE B 293 -30.70 7.92 -1.50
N PHE B 294 -30.76 6.64 -1.85
CA PHE B 294 -29.72 6.07 -2.72
C PHE B 294 -30.20 6.25 -4.15
N LYS B 295 -29.30 6.07 -5.12
CA LYS B 295 -29.68 6.28 -6.51
C LYS B 295 -29.40 5.12 -7.47
N LEU B 296 -29.87 3.93 -7.13
CA LEU B 296 -29.66 2.78 -8.00
C LEU B 296 -30.72 2.74 -9.09
N THR B 297 -30.36 2.20 -10.25
CA THR B 297 -31.27 2.08 -11.38
C THR B 297 -31.64 0.62 -11.58
N SER B 298 -32.76 0.36 -12.23
CA SER B 298 -33.23 -1.00 -12.47
C SER B 298 -32.15 -1.95 -12.98
N PRO B 299 -31.42 -1.56 -14.05
CA PRO B 299 -30.37 -2.43 -14.57
C PRO B 299 -29.32 -2.83 -13.52
N ASP B 300 -29.08 -1.95 -12.55
CA ASP B 300 -28.10 -2.23 -11.51
C ASP B 300 -28.47 -3.47 -10.69
N TYR B 301 -29.76 -3.79 -10.64
CA TYR B 301 -30.22 -4.96 -9.87
C TYR B 301 -29.82 -6.27 -10.54
N ILE B 302 -29.61 -6.23 -11.85
CA ILE B 302 -29.18 -7.42 -12.58
C ILE B 302 -27.73 -7.65 -12.21
N THR B 303 -26.97 -6.57 -12.23
CA THR B 303 -25.56 -6.59 -11.89
C THR B 303 -25.37 -7.09 -10.45
N MET B 304 -26.22 -6.61 -9.55
CA MET B 304 -26.19 -6.99 -8.15
C MET B 304 -26.38 -8.49 -8.02
N GLY B 305 -27.36 -9.01 -8.75
CA GLY B 305 -27.64 -10.43 -8.73
C GLY B 305 -26.47 -11.27 -9.16
N ARG B 306 -25.79 -10.82 -10.22
CA ARG B 306 -24.64 -11.53 -10.76
C ARG B 306 -23.48 -11.57 -9.77
N THR B 307 -23.16 -10.41 -9.21
CA THR B 307 -22.06 -10.33 -8.27
C THR B 307 -22.27 -11.27 -7.09
N ILE B 308 -23.42 -11.19 -6.43
CA ILE B 308 -23.67 -12.05 -5.29
C ILE B 308 -23.57 -13.53 -5.68
N ALA B 309 -24.23 -13.92 -6.77
CA ALA B 309 -24.18 -15.32 -7.21
C ALA B 309 -22.75 -15.75 -7.53
N ALA B 310 -21.91 -14.82 -7.94
CA ALA B 310 -20.53 -15.15 -8.25
C ALA B 310 -19.75 -15.56 -7.00
N SER B 311 -20.41 -15.50 -5.85
CA SER B 311 -19.75 -15.90 -4.60
C SER B 311 -19.40 -17.37 -4.71
N GLY B 312 -20.20 -18.13 -5.43
CA GLY B 312 -19.96 -19.55 -5.60
C GLY B 312 -20.71 -20.43 -4.63
N VAL B 313 -21.50 -19.82 -3.74
CA VAL B 313 -22.25 -20.58 -2.76
C VAL B 313 -23.76 -20.44 -2.98
N PRO B 314 -24.55 -21.38 -2.43
CA PRO B 314 -26.01 -21.32 -2.60
C PRO B 314 -26.55 -20.02 -1.99
N LEU B 315 -27.55 -19.43 -2.64
CA LEU B 315 -28.12 -18.18 -2.16
C LEU B 315 -29.60 -18.27 -1.90
N LEU B 316 -30.01 -17.78 -0.74
CA LEU B 316 -31.44 -17.75 -0.41
C LEU B 316 -31.83 -16.29 -0.36
N VAL B 317 -32.70 -15.88 -1.27
CA VAL B 317 -33.14 -14.49 -1.32
C VAL B 317 -34.41 -14.32 -0.49
N VAL B 318 -34.31 -13.46 0.53
CA VAL B 318 -35.42 -13.16 1.43
C VAL B 318 -35.86 -11.72 1.22
N MET B 319 -37.11 -11.55 0.85
CA MET B 319 -37.70 -10.25 0.57
C MET B 319 -37.75 -9.32 1.81
N GLU B 320 -37.28 -8.08 1.62
CA GLU B 320 -37.27 -7.08 2.68
C GLU B 320 -38.05 -5.83 2.25
N GLY B 321 -37.38 -4.67 2.17
CA GLY B 321 -38.04 -3.43 1.79
C GLY B 321 -38.21 -3.14 0.30
N GLY B 322 -38.70 -1.94 -0.02
CA GLY B 322 -38.95 -1.54 -1.39
C GLY B 322 -40.38 -1.05 -1.44
N TYR B 323 -40.58 0.27 -1.52
CA TYR B 323 -41.92 0.83 -1.49
C TYR B 323 -42.32 1.74 -2.66
N GLY B 324 -43.52 2.31 -2.55
CA GLY B 324 -44.05 3.24 -3.54
C GLY B 324 -44.25 2.76 -4.98
N VAL B 325 -43.34 3.16 -5.86
CA VAL B 325 -43.39 2.81 -7.27
C VAL B 325 -43.57 1.33 -7.55
N PRO B 326 -44.24 0.98 -8.65
CA PRO B 326 -44.48 -0.41 -9.03
C PRO B 326 -43.23 -1.13 -9.53
N GLU B 327 -42.18 -0.35 -9.79
CA GLU B 327 -40.92 -0.90 -10.25
C GLU B 327 -40.29 -1.83 -9.22
N ILE B 328 -40.79 -1.81 -7.99
CA ILE B 328 -40.22 -2.68 -6.97
C ILE B 328 -40.23 -4.12 -7.47
N GLY B 329 -41.27 -4.45 -8.23
CA GLY B 329 -41.37 -5.81 -8.77
C GLY B 329 -40.32 -6.06 -9.82
N LEU B 330 -40.18 -5.11 -10.74
CA LEU B 330 -39.19 -5.24 -11.80
C LEU B 330 -37.79 -5.36 -11.23
N ASN B 331 -37.48 -4.50 -10.26
CA ASN B 331 -36.17 -4.48 -9.62
C ASN B 331 -35.84 -5.79 -8.91
N VAL B 332 -36.83 -6.36 -8.25
CA VAL B 332 -36.63 -7.64 -7.57
C VAL B 332 -36.43 -8.70 -8.64
N ALA B 333 -37.24 -8.64 -9.70
CA ALA B 333 -37.14 -9.60 -10.80
C ALA B 333 -35.74 -9.58 -11.39
N ASN B 334 -35.17 -8.39 -11.54
CA ASN B 334 -33.84 -8.29 -12.11
C ASN B 334 -32.78 -8.93 -11.24
N VAL B 335 -32.93 -8.80 -9.93
CA VAL B 335 -31.96 -9.40 -9.02
C VAL B 335 -31.96 -10.90 -9.19
N LEU B 336 -33.15 -11.47 -9.36
CA LEU B 336 -33.28 -12.91 -9.54
C LEU B 336 -32.72 -13.31 -10.90
N LYS B 337 -32.97 -12.50 -11.93
CA LYS B 337 -32.42 -12.83 -13.25
C LYS B 337 -30.90 -12.89 -13.17
N GLY B 338 -30.31 -11.96 -12.42
CA GLY B 338 -28.86 -11.92 -12.28
C GLY B 338 -28.32 -13.13 -11.56
N VAL B 339 -29.00 -13.51 -10.47
CA VAL B 339 -28.62 -14.66 -9.68
C VAL B 339 -28.71 -15.91 -10.55
N ALA B 340 -29.84 -16.04 -11.24
CA ALA B 340 -30.09 -17.18 -12.12
C ALA B 340 -28.99 -17.30 -13.17
N GLY B 341 -28.48 -16.16 -13.61
CA GLY B 341 -27.42 -16.18 -14.61
C GLY B 341 -27.98 -16.26 -16.02
N MET C 1 -5.25 40.26 10.72
CA MET C 1 -6.39 39.70 11.48
C MET C 1 -6.55 40.44 12.81
N ARG C 2 -7.76 40.47 13.35
CA ARG C 2 -7.99 41.14 14.62
C ARG C 2 -7.40 40.34 15.77
N VAL C 3 -7.00 41.04 16.83
CA VAL C 3 -6.42 40.40 18.01
C VAL C 3 -7.21 40.78 19.26
N ILE C 4 -7.75 39.78 19.97
CA ILE C 4 -8.51 40.05 21.19
C ILE C 4 -7.61 39.85 22.39
N PHE C 5 -7.47 40.89 23.21
CA PHE C 5 -6.62 40.82 24.39
C PHE C 5 -7.23 41.56 25.57
N SER C 6 -7.01 41.04 26.77
CA SER C 6 -7.52 41.67 27.98
C SER C 6 -6.38 41.92 28.97
N GLU C 7 -6.33 43.13 29.50
CA GLU C 7 -5.29 43.47 30.47
C GLU C 7 -5.54 42.77 31.80
N ASP C 8 -6.75 42.25 32.00
CA ASP C 8 -7.06 41.54 33.25
C ASP C 8 -6.35 40.20 33.40
N HIS C 9 -5.56 39.80 32.40
CA HIS C 9 -4.84 38.53 32.48
C HIS C 9 -3.83 38.67 33.62
N LYS C 10 -3.36 39.90 33.85
CA LYS C 10 -2.38 40.16 34.90
C LYS C 10 -2.96 39.94 36.29
N LEU C 11 -4.28 39.72 36.39
CA LEU C 11 -4.90 39.49 37.70
C LEU C 11 -4.43 38.13 38.19
N ARG C 12 -3.89 37.34 37.25
CA ARG C 12 -3.33 36.04 37.56
C ARG C 12 -1.83 36.29 37.64
N ASN C 13 -1.33 36.50 38.86
CA ASN C 13 0.09 36.74 39.09
C ASN C 13 0.54 35.88 40.27
N ALA C 14 0.45 34.56 40.08
CA ALA C 14 0.81 33.60 41.12
C ALA C 14 2.24 33.78 41.63
N LYS C 15 2.38 33.58 42.92
CA LYS C 15 3.67 33.72 43.55
C LYS C 15 4.52 32.47 43.39
N THR C 16 3.89 31.32 43.55
CA THR C 16 4.61 30.07 43.50
C THR C 16 4.11 29.01 42.52
N GLU C 17 5.03 28.10 42.18
CA GLU C 17 4.77 27.00 41.29
C GLU C 17 5.64 25.87 41.81
N LEU C 18 5.03 24.73 42.14
CA LEU C 18 5.80 23.62 42.64
C LEU C 18 6.55 23.03 41.45
N TYR C 19 7.88 23.09 41.51
CA TYR C 19 8.72 22.57 40.46
C TYR C 19 10.01 22.02 41.04
N GLY C 20 10.31 20.76 40.72
CA GLY C 20 11.52 20.14 41.20
C GLY C 20 11.60 20.06 42.71
N GLY C 21 10.47 19.95 43.37
CA GLY C 21 10.50 19.87 44.82
C GLY C 21 10.69 21.21 45.46
N GLU C 22 10.55 22.27 44.65
CA GLU C 22 10.67 23.62 45.20
C GLU C 22 9.50 24.46 44.75
N LEU C 23 9.37 25.63 45.34
CA LEU C 23 8.33 26.57 44.99
C LEU C 23 9.07 27.73 44.35
N VAL C 24 9.11 27.71 43.02
CA VAL C 24 9.83 28.71 42.24
C VAL C 24 8.89 29.70 41.53
N PRO C 25 9.46 30.74 40.91
CA PRO C 25 8.59 31.70 40.20
C PRO C 25 7.86 30.96 39.09
N PRO C 26 6.56 31.22 38.91
CA PRO C 26 5.75 30.57 37.88
C PRO C 26 6.29 30.75 36.45
N PHE C 27 6.37 29.65 35.70
CA PHE C 27 6.85 29.72 34.33
C PHE C 27 5.80 30.51 33.56
N GLU C 28 4.53 30.24 33.84
CA GLU C 28 3.44 30.93 33.19
C GLU C 28 3.13 32.22 33.96
N ALA C 29 3.84 33.29 33.60
CA ALA C 29 3.69 34.59 34.26
C ALA C 29 3.26 35.71 33.31
N PRO C 30 2.74 36.82 33.88
CA PRO C 30 2.29 37.98 33.11
C PRO C 30 3.17 38.46 31.95
N PHE C 31 4.49 38.46 32.15
CA PHE C 31 5.40 38.92 31.11
C PHE C 31 5.17 38.23 29.76
N ARG C 32 4.70 36.98 29.80
CA ARG C 32 4.46 36.24 28.57
C ARG C 32 3.48 36.99 27.66
N ALA C 33 2.36 37.43 28.23
CA ALA C 33 1.35 38.15 27.46
C ALA C 33 1.84 39.49 26.88
N GLU C 34 2.62 40.25 27.66
CA GLU C 34 3.14 41.53 27.19
C GLU C 34 4.16 41.34 26.06
N TRP C 35 5.04 40.37 26.24
CA TRP C 35 6.06 40.05 25.24
C TRP C 35 5.40 39.59 23.94
N ILE C 36 4.38 38.75 24.05
CA ILE C 36 3.69 38.24 22.88
C ILE C 36 2.88 39.32 22.16
N LEU C 37 2.14 40.11 22.93
CA LEU C 37 1.34 41.18 22.35
C LEU C 37 2.23 42.16 21.60
N ALA C 38 3.35 42.53 22.20
CA ALA C 38 4.26 43.47 21.58
C ALA C 38 4.84 42.90 20.29
N ALA C 39 5.16 41.60 20.30
CA ALA C 39 5.72 40.95 19.12
C ALA C 39 4.75 40.91 17.94
N VAL C 40 3.47 40.60 18.22
CA VAL C 40 2.48 40.53 17.15
C VAL C 40 2.10 41.92 16.61
N LYS C 41 2.07 42.93 17.48
CA LYS C 41 1.75 44.27 17.02
C LYS C 41 2.88 44.70 16.09
N GLU C 42 4.11 44.43 16.52
CA GLU C 42 5.29 44.79 15.75
C GLU C 42 5.30 44.02 14.43
N ALA C 43 4.67 42.86 14.38
CA ALA C 43 4.65 42.07 13.15
C ALA C 43 3.55 42.58 12.21
N GLY C 44 2.86 43.64 12.63
CA GLY C 44 1.82 44.23 11.81
C GLY C 44 0.40 43.95 12.26
N PHE C 45 0.26 43.22 13.36
CA PHE C 45 -1.07 42.90 13.89
C PHE C 45 -1.39 43.83 15.05
N ASP C 46 -1.63 45.09 14.72
CA ASP C 46 -1.92 46.10 15.74
C ASP C 46 -3.40 46.35 15.94
N ASP C 47 -4.26 45.60 15.26
CA ASP C 47 -5.69 45.77 15.43
C ASP C 47 -6.10 44.98 16.67
N VAL C 48 -5.78 45.54 17.84
CA VAL C 48 -6.03 44.94 19.14
C VAL C 48 -7.27 45.49 19.85
N VAL C 49 -8.21 44.61 20.17
CA VAL C 49 -9.44 45.03 20.86
C VAL C 49 -9.60 44.22 22.13
N ALA C 50 -10.17 44.85 23.15
CA ALA C 50 -10.41 44.18 24.42
C ALA C 50 -11.69 43.40 24.25
N PRO C 51 -11.85 42.30 25.00
CA PRO C 51 -13.06 41.48 24.91
C PRO C 51 -14.23 42.11 25.63
N ALA C 52 -15.44 41.70 25.25
CA ALA C 52 -16.65 42.20 25.85
C ALA C 52 -16.93 41.36 27.09
N ARG C 53 -17.88 41.80 27.91
CA ARG C 53 -18.26 41.07 29.12
C ARG C 53 -19.19 39.92 28.71
N HIS C 54 -18.89 38.71 29.15
CA HIS C 54 -19.71 37.53 28.82
C HIS C 54 -20.14 36.78 30.08
N GLY C 55 -21.29 36.11 29.99
CA GLY C 55 -21.77 35.35 31.13
C GLY C 55 -21.14 33.96 31.17
N LEU C 56 -21.68 33.08 32.00
CA LEU C 56 -21.16 31.74 32.14
C LEU C 56 -21.88 30.70 31.27
N GLU C 57 -22.87 31.15 30.52
CA GLU C 57 -23.64 30.25 29.69
C GLU C 57 -22.80 29.35 28.78
N THR C 58 -21.88 29.94 28.03
CA THR C 58 -21.05 29.15 27.13
C THR C 58 -20.13 28.19 27.89
N VAL C 59 -19.41 28.71 28.90
CA VAL C 59 -18.50 27.85 29.65
C VAL C 59 -19.23 26.71 30.39
N LEU C 60 -20.46 26.96 30.81
CA LEU C 60 -21.22 25.92 31.51
C LEU C 60 -21.60 24.74 30.61
N LYS C 61 -21.34 24.85 29.31
CA LYS C 61 -21.67 23.75 28.42
C LYS C 61 -20.47 22.81 28.27
N VAL C 62 -19.29 23.26 28.68
CA VAL C 62 -18.10 22.42 28.59
C VAL C 62 -17.52 22.05 29.94
N HIS C 63 -17.68 22.92 30.93
CA HIS C 63 -17.17 22.63 32.27
C HIS C 63 -18.28 22.24 33.24
N ASP C 64 -17.95 21.40 34.21
CA ASP C 64 -18.89 20.96 35.24
C ASP C 64 -19.25 22.17 36.09
N ALA C 65 -20.52 22.33 36.46
CA ALA C 65 -20.93 23.48 37.28
C ALA C 65 -20.32 23.48 38.68
N GLY C 66 -20.12 22.30 39.26
CA GLY C 66 -19.54 22.20 40.58
C GLY C 66 -18.11 22.67 40.55
N TYR C 67 -17.41 22.30 39.47
CA TYR C 67 -16.03 22.69 39.25
C TYR C 67 -15.93 24.22 39.16
N LEU C 68 -16.75 24.83 38.30
CA LEU C 68 -16.74 26.28 38.14
C LEU C 68 -17.08 26.96 39.47
N ASN C 69 -18.09 26.45 40.17
CA ASN C 69 -18.45 27.06 41.45
C ASN C 69 -17.27 26.98 42.42
N PHE C 70 -16.50 25.91 42.33
CA PHE C 70 -15.34 25.70 43.20
C PHE C 70 -14.24 26.75 42.96
N LEU C 71 -13.95 26.99 41.68
CA LEU C 71 -12.93 27.92 41.29
C LEU C 71 -13.23 29.32 41.80
N GLU C 72 -14.45 29.76 41.59
CA GLU C 72 -14.83 31.09 42.00
C GLU C 72 -14.52 31.44 43.45
N THR C 73 -14.71 30.49 44.37
CA THR C 73 -14.44 30.78 45.79
C THR C 73 -13.27 30.00 46.41
N ALA C 74 -12.44 29.40 45.55
CA ALA C 74 -11.30 28.63 46.02
C ALA C 74 -10.36 29.44 46.93
N TRP C 75 -9.83 30.54 46.42
CA TRP C 75 -8.91 31.36 47.20
C TRP C 75 -9.52 31.84 48.50
N ASP C 76 -10.74 32.32 48.47
CA ASP C 76 -11.38 32.79 49.70
C ASP C 76 -11.39 31.72 50.77
N ARG C 77 -11.92 30.55 50.42
CA ARG C 77 -11.98 29.46 51.36
C ARG C 77 -10.59 29.00 51.82
N TRP C 78 -9.64 28.94 50.90
CA TRP C 78 -8.30 28.53 51.26
C TRP C 78 -7.69 29.47 52.31
N LYS C 79 -7.75 30.77 52.04
CA LYS C 79 -7.20 31.72 52.97
C LYS C 79 -7.98 31.73 54.28
N ALA C 80 -9.31 31.65 54.18
CA ALA C 80 -10.16 31.63 55.36
C ALA C 80 -9.81 30.45 56.26
N ALA C 81 -9.22 29.42 55.67
CA ALA C 81 -8.84 28.24 56.44
C ALA C 81 -7.56 28.47 57.25
N GLY C 82 -6.92 29.62 57.05
CA GLY C 82 -5.72 29.93 57.78
C GLY C 82 -4.39 29.57 57.15
N TYR C 83 -4.42 29.10 55.90
CA TYR C 83 -3.18 28.72 55.21
C TYR C 83 -2.33 29.91 54.77
N LYS C 84 -1.03 29.85 55.05
CA LYS C 84 -0.12 30.93 54.69
C LYS C 84 0.25 30.96 53.21
N GLY C 85 0.42 29.79 52.60
CA GLY C 85 0.80 29.74 51.19
C GLY C 85 -0.36 29.86 50.23
N GLU C 86 -0.09 29.62 48.96
CA GLU C 86 -1.15 29.68 47.95
C GLU C 86 -1.87 28.35 47.92
N ALA C 87 -3.04 28.32 47.27
CA ALA C 87 -3.83 27.10 47.20
C ALA C 87 -3.23 26.03 46.30
N ILE C 88 -2.69 24.99 46.92
CA ILE C 88 -2.08 23.88 46.18
C ILE C 88 -2.66 22.58 46.73
N ALA C 89 -3.06 21.68 45.83
CA ALA C 89 -3.63 20.39 46.20
C ALA C 89 -2.56 19.41 46.66
N THR C 90 -2.90 18.60 47.67
CA THR C 90 -1.94 17.64 48.20
C THR C 90 -2.47 16.20 48.14
N SER C 91 -3.78 16.04 48.17
CA SER C 91 -4.36 14.71 48.11
C SER C 91 -5.18 14.60 46.82
N PHE C 92 -5.05 13.49 46.11
CA PHE C 92 -5.77 13.31 44.84
C PHE C 92 -6.56 12.00 44.70
N PRO C 93 -7.67 12.05 43.95
CA PRO C 93 -8.51 10.87 43.72
C PRO C 93 -7.87 9.99 42.64
N VAL C 94 -6.87 9.21 43.03
CA VAL C 94 -6.19 8.34 42.06
C VAL C 94 -6.80 6.96 41.97
N ARG C 95 -5.98 5.96 41.62
CA ARG C 95 -6.49 4.60 41.48
C ARG C 95 -7.30 4.03 42.64
N ARG C 96 -8.37 3.33 42.28
CA ARG C 96 -9.26 2.67 43.22
C ARG C 96 -9.74 3.54 44.39
N THR C 97 -10.10 4.79 44.08
CA THR C 97 -10.61 5.73 45.06
C THR C 97 -12.10 5.97 44.91
N SER C 98 -12.73 6.43 45.99
CA SER C 98 -14.16 6.74 45.97
C SER C 98 -14.42 7.87 44.99
N PRO C 99 -15.65 7.93 44.45
CA PRO C 99 -16.02 8.97 43.50
C PRO C 99 -16.66 10.15 44.21
N ARG C 100 -16.79 10.06 45.53
CA ARG C 100 -17.44 11.13 46.28
C ARG C 100 -16.66 12.44 46.32
N ILE C 101 -17.40 13.55 46.38
CA ILE C 101 -16.79 14.86 46.45
C ILE C 101 -16.68 15.26 47.90
N PRO C 102 -15.49 15.70 48.34
CA PRO C 102 -15.35 16.10 49.75
C PRO C 102 -16.04 17.44 49.96
N THR C 103 -16.12 17.87 51.20
CA THR C 103 -16.77 19.14 51.54
C THR C 103 -15.73 20.21 51.95
N ASP C 104 -14.69 19.80 52.66
CA ASP C 104 -13.62 20.71 53.10
C ASP C 104 -12.86 21.26 51.88
N ILE C 105 -12.24 22.43 52.03
CA ILE C 105 -11.51 23.07 50.95
C ILE C 105 -10.26 22.30 50.56
N GLU C 106 -9.60 21.72 51.57
CA GLU C 106 -8.39 20.96 51.32
C GLU C 106 -8.71 19.69 50.53
N GLY C 107 -9.91 19.15 50.75
CA GLY C 107 -10.33 17.95 50.03
C GLY C 107 -10.83 18.31 48.64
N GLN C 108 -11.67 19.34 48.53
CA GLN C 108 -12.20 19.74 47.24
C GLN C 108 -11.11 20.18 46.24
N ILE C 109 -10.14 20.98 46.67
CA ILE C 109 -9.09 21.39 45.76
C ILE C 109 -8.40 20.18 45.12
N GLY C 110 -8.24 19.09 45.88
CA GLY C 110 -7.62 17.89 45.35
C GLY C 110 -8.55 17.20 44.36
N TYR C 111 -9.84 17.21 44.68
CA TYR C 111 -10.83 16.60 43.82
C TYR C 111 -10.92 17.26 42.45
N TYR C 112 -10.77 18.59 42.42
CA TYR C 112 -10.88 19.38 41.21
C TYR C 112 -9.51 19.77 40.57
N CYS C 113 -8.50 18.95 40.85
CA CYS C 113 -7.16 19.20 40.38
C CYS C 113 -6.42 17.95 39.83
N ASN C 114 -5.68 18.09 38.72
CA ASN C 114 -4.94 16.95 38.14
C ASN C 114 -3.43 17.13 38.22
N ALA C 115 -3.00 18.28 38.75
CA ALA C 115 -1.57 18.57 38.87
C ALA C 115 -1.28 19.58 39.99
N ALA C 116 -0.43 19.19 40.93
CA ALA C 116 -0.06 20.04 42.07
C ALA C 116 0.89 21.17 41.68
N GLU C 117 1.35 21.16 40.43
CA GLU C 117 2.26 22.19 39.98
C GLU C 117 1.54 23.51 39.64
N THR C 118 0.25 23.58 39.98
CA THR C 118 -0.55 24.78 39.73
C THR C 118 -1.23 25.26 41.01
N ALA C 119 -0.94 26.51 41.42
CA ALA C 119 -1.54 27.07 42.63
C ALA C 119 -2.60 28.11 42.32
N ILE C 120 -3.72 28.04 43.00
CA ILE C 120 -4.77 29.03 42.81
C ILE C 120 -4.31 30.22 43.63
N SER C 121 -4.34 31.40 43.03
CA SER C 121 -3.92 32.62 43.68
C SER C 121 -5.02 33.67 43.60
N PRO C 122 -4.87 34.77 44.36
CA PRO C 122 -5.86 35.86 44.34
C PRO C 122 -6.01 36.39 42.90
N GLY C 123 -7.24 36.48 42.40
CA GLY C 123 -7.44 37.00 41.06
C GLY C 123 -7.39 35.98 39.93
N THR C 124 -7.13 34.73 40.28
CA THR C 124 -7.09 33.68 39.27
C THR C 124 -8.45 33.50 38.62
N TRP C 125 -9.50 33.47 39.43
CA TRP C 125 -10.84 33.31 38.89
C TRP C 125 -11.18 34.43 37.91
N GLU C 126 -11.00 35.68 38.33
CA GLU C 126 -11.32 36.82 37.47
C GLU C 126 -10.45 36.82 36.22
N ALA C 127 -9.19 36.45 36.39
CA ALA C 127 -8.26 36.42 35.27
C ALA C 127 -8.70 35.37 34.27
N ALA C 128 -9.05 34.17 34.75
CA ALA C 128 -9.48 33.10 33.86
C ALA C 128 -10.70 33.54 33.03
N LEU C 129 -11.62 34.26 33.67
CA LEU C 129 -12.82 34.74 33.00
C LEU C 129 -12.50 35.72 31.86
N SER C 130 -11.50 36.57 32.07
CA SER C 130 -11.14 37.52 31.03
C SER C 130 -10.55 36.74 29.85
N SER C 131 -9.74 35.73 30.15
CA SER C 131 -9.13 34.88 29.14
C SER C 131 -10.23 34.17 28.33
N MET C 132 -11.25 33.68 29.03
CA MET C 132 -12.39 33.00 28.40
C MET C 132 -13.14 33.97 27.51
N ALA C 133 -13.27 35.20 27.99
CA ALA C 133 -13.98 36.24 27.25
C ALA C 133 -13.25 36.53 25.93
N SER C 134 -11.92 36.55 25.96
CA SER C 134 -11.18 36.81 24.75
C SER C 134 -11.41 35.69 23.73
N ALA C 135 -11.57 34.46 24.20
CA ALA C 135 -11.84 33.32 23.32
C ALA C 135 -13.22 33.44 22.70
N ILE C 136 -14.21 33.78 23.51
CA ILE C 136 -15.57 33.92 23.02
C ILE C 136 -15.67 34.96 21.91
N ASP C 137 -15.02 36.11 22.11
CA ASP C 137 -15.02 37.19 21.13
C ASP C 137 -14.33 36.76 19.83
N GLY C 138 -13.25 36.00 19.94
CA GLY C 138 -12.55 35.52 18.77
C GLY C 138 -13.49 34.62 18.00
N ALA C 139 -14.14 33.71 18.71
CA ALA C 139 -15.07 32.79 18.09
C ALA C 139 -16.18 33.55 17.37
N ASP C 140 -16.67 34.64 17.97
CA ASP C 140 -17.74 35.41 17.33
C ASP C 140 -17.29 36.07 16.02
N LEU C 141 -16.03 36.48 15.95
CA LEU C 141 -15.52 37.10 14.74
C LEU C 141 -15.51 36.06 13.63
N ILE C 142 -15.11 34.84 13.95
CA ILE C 142 -15.08 33.77 12.96
C ILE C 142 -16.50 33.46 12.52
N ALA C 143 -17.44 33.47 13.48
CA ALA C 143 -18.84 33.20 13.19
C ALA C 143 -19.52 34.36 12.43
N ALA C 144 -18.84 35.50 12.34
CA ALA C 144 -19.37 36.65 11.64
C ALA C 144 -18.72 36.81 10.27
N GLY C 145 -17.91 35.84 9.86
CA GLY C 145 -17.27 35.93 8.57
C GLY C 145 -15.75 36.05 8.54
N HIS C 146 -15.13 36.49 9.63
CA HIS C 146 -13.68 36.62 9.67
C HIS C 146 -13.04 35.27 9.35
N LYS C 147 -12.08 35.26 8.44
CA LYS C 147 -11.39 34.03 8.06
C LYS C 147 -10.29 33.63 9.03
N ALA C 148 -9.91 34.55 9.91
CA ALA C 148 -8.87 34.27 10.90
C ALA C 148 -8.92 35.32 12.00
N ALA C 149 -8.56 34.93 13.21
CA ALA C 149 -8.54 35.84 14.34
C ALA C 149 -7.64 35.21 15.41
N PHE C 150 -7.05 36.06 16.24
CA PHE C 150 -6.17 35.60 17.29
C PHE C 150 -6.58 36.09 18.68
N SER C 151 -6.94 35.15 19.55
CA SER C 151 -7.32 35.48 20.92
C SER C 151 -6.08 35.27 21.78
N LEU C 152 -5.52 36.37 22.31
CA LEU C 152 -4.34 36.28 23.15
C LEU C 152 -4.83 35.93 24.54
N CYS C 153 -5.02 34.63 24.76
CA CYS C 153 -5.51 34.16 26.04
C CYS C 153 -4.43 33.93 27.07
N ARG C 154 -4.79 34.25 28.31
CA ARG C 154 -3.91 34.06 29.46
C ARG C 154 -4.72 34.42 30.70
N PRO C 155 -4.80 33.50 31.66
CA PRO C 155 -4.18 32.17 31.68
C PRO C 155 -4.63 31.24 30.54
N PRO C 156 -3.80 30.23 30.20
CA PRO C 156 -4.09 29.26 29.15
C PRO C 156 -5.17 28.27 29.60
N GLY C 157 -5.67 27.45 28.69
CA GLY C 157 -6.73 26.52 29.09
C GLY C 157 -6.76 25.07 28.65
N HIS C 158 -5.86 24.66 27.75
CA HIS C 158 -5.92 23.28 27.27
C HIS C 158 -5.72 22.14 28.27
N ALA C 159 -5.13 22.41 29.43
CA ALA C 159 -4.95 21.36 30.44
C ALA C 159 -6.17 21.29 31.38
N ALA C 160 -7.07 22.26 31.27
CA ALA C 160 -8.27 22.29 32.09
C ALA C 160 -9.29 21.29 31.56
N GLY C 161 -9.62 20.30 32.38
CA GLY C 161 -10.58 19.29 31.96
C GLY C 161 -11.99 19.65 32.37
N ILE C 162 -12.92 18.72 32.18
CA ILE C 162 -14.30 18.97 32.53
C ILE C 162 -14.46 19.45 33.96
N ASP C 163 -13.84 18.76 34.90
CA ASP C 163 -13.95 19.14 36.31
C ASP C 163 -12.62 19.17 37.03
N MET C 164 -11.61 19.77 36.41
CA MET C 164 -10.29 19.83 37.03
C MET C 164 -9.34 20.86 36.40
N PHE C 165 -8.53 21.50 37.25
CA PHE C 165 -7.54 22.49 36.84
C PHE C 165 -6.14 21.87 36.98
N GLY C 166 -5.19 22.40 36.20
CA GLY C 166 -3.82 21.91 36.20
C GLY C 166 -3.05 22.46 35.01
N GLY C 167 -1.75 22.18 34.92
CA GLY C 167 -0.97 22.68 33.80
C GLY C 167 -1.13 24.16 33.55
N TYR C 168 -1.31 24.92 34.64
CA TYR C 168 -1.50 26.38 34.60
C TYR C 168 -2.85 26.78 33.99
N CYS C 169 -3.76 25.82 33.87
CA CYS C 169 -5.07 26.04 33.27
C CYS C 169 -6.26 25.95 34.23
N PHE C 170 -7.28 26.79 34.01
CA PHE C 170 -8.46 26.77 34.86
C PHE C 170 -9.73 26.66 34.04
N ILE C 171 -9.83 27.47 32.99
CA ILE C 171 -11.00 27.42 32.12
C ILE C 171 -10.47 27.12 30.72
N ASN C 172 -11.01 26.08 30.09
CA ASN C 172 -10.55 25.69 28.76
C ASN C 172 -11.04 26.62 27.66
N ASN C 173 -10.28 27.68 27.42
CA ASN C 173 -10.61 28.69 26.40
C ASN C 173 -10.88 28.11 25.02
N ALA C 174 -10.04 27.18 24.58
CA ALA C 174 -10.22 26.57 23.27
C ALA C 174 -11.54 25.79 23.21
N ALA C 175 -11.93 25.14 24.31
CA ALA C 175 -13.17 24.38 24.34
C ALA C 175 -14.35 25.35 24.27
N VAL C 176 -14.25 26.43 25.03
CA VAL C 176 -15.28 27.45 25.07
C VAL C 176 -15.49 28.05 23.67
N ALA C 177 -14.39 28.35 22.97
CA ALA C 177 -14.46 28.92 21.62
C ALA C 177 -15.11 27.95 20.64
N ALA C 178 -14.71 26.67 20.72
CA ALA C 178 -15.29 25.67 19.82
C ALA C 178 -16.78 25.55 20.11
N GLN C 179 -17.15 25.56 21.39
CA GLN C 179 -18.56 25.46 21.78
C GLN C 179 -19.36 26.67 21.28
N ARG C 180 -18.74 27.84 21.37
CA ARG C 180 -19.36 29.07 20.93
C ARG C 180 -19.67 29.01 19.44
N LEU C 181 -18.72 28.49 18.66
CA LEU C 181 -18.90 28.38 17.22
C LEU C 181 -20.09 27.49 16.88
N LEU C 182 -20.29 26.45 17.67
CA LEU C 182 -21.41 25.55 17.45
C LEU C 182 -22.69 26.33 17.77
N ASP C 183 -22.73 26.94 18.95
CA ASP C 183 -23.90 27.70 19.36
C ASP C 183 -24.28 28.77 18.35
N LYS C 184 -23.31 29.20 17.53
CA LYS C 184 -23.55 30.22 16.52
C LYS C 184 -23.89 29.64 15.15
N GLY C 185 -24.03 28.33 15.04
CA GLY C 185 -24.40 27.77 13.74
C GLY C 185 -23.64 26.58 13.21
N ALA C 186 -22.35 26.48 13.50
CA ALA C 186 -21.55 25.35 13.00
C ALA C 186 -22.14 24.05 13.58
N LYS C 187 -22.04 22.97 12.82
CA LYS C 187 -22.54 21.67 13.27
C LYS C 187 -21.35 20.76 13.61
N LYS C 188 -20.21 21.06 13.00
CA LYS C 188 -18.99 20.31 13.22
C LYS C 188 -17.79 21.25 13.38
N ILE C 189 -17.07 21.11 14.49
CA ILE C 189 -15.91 21.94 14.78
C ILE C 189 -14.73 21.10 15.23
N ALA C 190 -13.53 21.56 14.91
CA ALA C 190 -12.32 20.82 15.29
C ALA C 190 -11.31 21.71 16.01
N ILE C 191 -10.60 21.09 16.95
CA ILE C 191 -9.58 21.78 17.72
C ILE C 191 -8.23 21.12 17.40
N LEU C 192 -7.28 21.94 16.95
CA LEU C 192 -5.94 21.45 16.63
C LEU C 192 -5.01 22.03 17.68
N ASP C 193 -4.44 21.15 18.49
CA ASP C 193 -3.54 21.55 19.58
C ASP C 193 -2.06 21.29 19.20
N VAL C 194 -1.34 22.37 18.91
CA VAL C 194 0.06 22.32 18.49
C VAL C 194 1.04 22.63 19.61
N ASP C 195 0.47 23.00 20.75
CA ASP C 195 1.24 23.29 21.94
C ASP C 195 2.06 22.03 22.23
N PHE C 196 3.27 22.20 22.78
CA PHE C 196 4.14 21.05 23.05
C PHE C 196 3.51 19.94 23.87
N HIS C 197 2.81 20.37 24.93
CA HIS C 197 2.12 19.46 25.86
C HIS C 197 0.78 18.98 25.31
N HIS C 198 0.38 17.78 25.72
CA HIS C 198 -0.90 17.25 25.26
C HIS C 198 -2.04 18.08 25.86
N GLY C 199 -3.12 18.24 25.11
CA GLY C 199 -4.25 18.98 25.63
C GLY C 199 -5.18 18.00 26.32
N ASN C 200 -4.71 17.46 27.45
CA ASN C 200 -5.49 16.49 28.20
C ASN C 200 -6.84 17.06 28.61
N GLY C 201 -6.85 18.36 28.91
CA GLY C 201 -8.09 19.01 29.29
C GLY C 201 -9.09 19.03 28.14
N THR C 202 -8.65 19.52 26.99
CA THR C 202 -9.52 19.57 25.84
C THR C 202 -9.96 18.16 25.45
N GLN C 203 -9.03 17.21 25.42
CA GLN C 203 -9.41 15.86 25.05
C GLN C 203 -10.52 15.33 25.94
N ASP C 204 -10.41 15.58 27.25
CA ASP C 204 -11.42 15.10 28.20
C ASP C 204 -12.80 15.71 27.96
N ILE C 205 -12.85 17.00 27.64
CA ILE C 205 -14.13 17.69 27.40
C ILE C 205 -14.89 17.18 26.16
N PHE C 206 -14.19 16.83 25.11
CA PHE C 206 -14.86 16.38 23.90
C PHE C 206 -14.66 14.89 23.60
N TYR C 207 -14.12 14.15 24.56
CA TYR C 207 -13.87 12.74 24.31
C TYR C 207 -15.11 11.97 23.86
N GLU C 208 -16.26 12.25 24.47
CA GLU C 208 -17.50 11.57 24.09
C GLU C 208 -18.43 12.50 23.31
N ARG C 209 -17.85 13.47 22.61
CA ARG C 209 -18.61 14.43 21.80
C ARG C 209 -18.37 14.14 20.32
N GLY C 210 -19.43 13.88 19.58
CA GLY C 210 -19.28 13.58 18.16
C GLY C 210 -19.31 14.80 17.25
N ASP C 211 -19.63 15.95 17.80
CA ASP C 211 -19.70 17.18 17.02
C ASP C 211 -18.40 17.97 17.01
N VAL C 212 -17.45 17.54 17.83
CA VAL C 212 -16.16 18.21 17.92
C VAL C 212 -15.03 17.19 17.69
N PHE C 213 -14.07 17.56 16.86
CA PHE C 213 -12.93 16.69 16.59
C PHE C 213 -11.72 17.32 17.27
N PHE C 214 -10.90 16.49 17.93
CA PHE C 214 -9.71 16.99 18.62
C PHE C 214 -8.45 16.25 18.15
N ALA C 215 -7.48 17.01 17.66
CA ALA C 215 -6.22 16.45 17.19
C ALA C 215 -5.14 17.13 18.00
N SER C 216 -4.14 16.39 18.45
CA SER C 216 -3.08 17.02 19.25
C SER C 216 -1.70 16.43 18.98
N LEU C 217 -0.72 17.29 18.76
CA LEU C 217 0.67 16.86 18.55
C LEU C 217 1.36 17.26 19.85
N HIS C 218 2.16 16.39 20.45
CA HIS C 218 2.77 16.73 21.73
C HIS C 218 3.90 15.76 22.12
N GLY C 219 4.64 16.14 23.16
CA GLY C 219 5.70 15.29 23.65
C GLY C 219 5.07 14.01 24.17
N ASP C 220 5.69 12.88 23.86
CA ASP C 220 5.22 11.58 24.30
C ASP C 220 5.00 11.66 25.80
N PRO C 221 3.76 11.38 26.25
CA PRO C 221 3.42 11.42 27.67
C PRO C 221 4.23 10.45 28.55
N ALA C 222 4.79 9.42 27.93
CA ALA C 222 5.59 8.45 28.64
C ALA C 222 6.74 9.19 29.33
N GLU C 223 7.02 10.40 28.87
CA GLU C 223 8.09 11.16 29.49
C GLU C 223 7.92 12.68 29.43
N ALA C 224 6.67 13.12 29.33
CA ALA C 224 6.33 14.54 29.29
C ALA C 224 4.97 14.82 29.91
N PHE C 225 4.90 15.84 30.75
CA PHE C 225 3.65 16.29 31.37
C PHE C 225 2.69 16.31 30.15
N PRO C 226 1.38 16.04 30.36
CA PRO C 226 0.78 15.66 31.64
C PRO C 226 1.03 14.22 32.11
N HIS C 227 1.72 13.43 31.28
CA HIS C 227 2.06 12.05 31.62
C HIS C 227 0.93 11.02 31.68
N PHE C 228 -0.33 11.46 31.79
CA PHE C 228 -1.39 10.45 31.91
C PHE C 228 -2.49 10.51 30.87
N LEU C 229 -2.14 11.03 29.70
CA LEU C 229 -3.07 11.11 28.60
C LEU C 229 -2.26 11.60 27.40
N GLY C 230 -2.69 11.27 26.19
CA GLY C 230 -1.96 11.70 25.01
C GLY C 230 -1.43 10.56 24.17
N TYR C 231 -1.80 9.33 24.52
CA TYR C 231 -1.37 8.15 23.78
C TYR C 231 -2.22 7.98 22.52
N ALA C 232 -1.59 7.53 21.44
CA ALA C 232 -2.26 7.34 20.16
C ALA C 232 -3.47 6.39 20.20
N GLU C 233 -3.52 5.53 21.22
CA GLU C 233 -4.61 4.56 21.38
C GLU C 233 -5.94 5.24 21.72
N GLU C 234 -5.86 6.42 22.35
CA GLU C 234 -7.03 7.19 22.75
C GLU C 234 -7.66 7.88 21.55
N THR C 235 -8.72 7.28 21.02
CA THR C 235 -9.40 7.79 19.84
C THR C 235 -10.83 8.25 20.06
N GLY C 236 -11.26 8.32 21.32
CA GLY C 236 -12.63 8.73 21.61
C GLY C 236 -13.37 7.57 22.22
N LYS C 237 -14.56 7.85 22.76
CA LYS C 237 -15.37 6.82 23.39
C LYS C 237 -16.86 7.09 23.21
N GLY C 238 -17.64 6.02 23.07
CA GLY C 238 -19.08 6.15 22.90
C GLY C 238 -19.47 7.10 21.78
N ALA C 239 -20.27 8.11 22.12
CA ALA C 239 -20.74 9.07 21.12
C ALA C 239 -19.62 9.86 20.44
N GLY C 240 -18.44 9.88 21.04
CA GLY C 240 -17.33 10.60 20.45
C GLY C 240 -16.30 9.65 19.87
N ALA C 241 -16.68 8.38 19.73
CA ALA C 241 -15.75 7.39 19.18
C ALA C 241 -15.17 7.90 17.88
N GLY C 242 -13.88 7.70 17.71
CA GLY C 242 -13.21 8.15 16.50
C GLY C 242 -13.03 9.64 16.32
N THR C 243 -13.32 10.47 17.33
CA THR C 243 -13.15 11.91 17.14
C THR C 243 -11.93 12.53 17.85
N THR C 244 -11.01 11.67 18.30
CA THR C 244 -9.78 12.12 18.96
C THR C 244 -8.55 11.50 18.27
N ALA C 245 -7.57 12.32 17.90
CA ALA C 245 -6.35 11.82 17.24
C ALA C 245 -5.09 12.37 17.91
N ASN C 246 -4.38 11.52 18.63
CA ASN C 246 -3.15 11.94 19.30
C ASN C 246 -1.87 11.57 18.56
N TYR C 247 -0.92 12.49 18.55
CA TYR C 247 0.35 12.27 17.90
C TYR C 247 1.50 12.47 18.87
N PRO C 248 1.77 11.48 19.73
CA PRO C 248 2.88 11.64 20.67
C PRO C 248 4.19 11.49 19.93
N MET C 249 5.15 12.36 20.23
CA MET C 249 6.46 12.30 19.59
C MET C 249 7.57 12.41 20.64
N GLY C 250 8.73 11.82 20.33
CA GLY C 250 9.85 11.80 21.26
C GLY C 250 10.76 13.01 21.36
N ARG C 251 11.82 12.86 22.15
CA ARG C 251 12.78 13.94 22.37
C ARG C 251 13.58 14.30 21.13
N GLY C 252 13.74 15.60 20.90
CA GLY C 252 14.50 16.08 19.76
C GLY C 252 13.78 16.05 18.42
N THR C 253 12.48 15.87 18.45
CA THR C 253 11.70 15.82 17.22
C THR C 253 11.82 17.13 16.42
N PRO C 254 12.30 17.04 15.18
CA PRO C 254 12.44 18.20 14.32
C PRO C 254 11.16 18.39 13.52
N TYR C 255 10.98 19.56 12.91
CA TYR C 255 9.79 19.84 12.14
C TYR C 255 9.58 18.81 11.03
N SER C 256 10.67 18.24 10.53
CA SER C 256 10.56 17.24 9.48
C SER C 256 9.73 16.05 9.94
N VAL C 257 9.68 15.82 11.25
CA VAL C 257 8.88 14.71 11.76
C VAL C 257 7.54 15.26 12.25
N TRP C 258 7.60 16.42 12.89
CA TRP C 258 6.43 17.09 13.42
C TRP C 258 5.43 17.40 12.30
N GLY C 259 5.91 18.07 11.26
CA GLY C 259 5.07 18.44 10.14
C GLY C 259 4.32 17.27 9.51
N GLU C 260 4.88 16.07 9.61
CA GLU C 260 4.22 14.90 9.04
C GLU C 260 2.99 14.61 9.87
N ALA C 261 3.11 14.82 11.18
CA ALA C 261 1.99 14.59 12.06
C ALA C 261 0.94 15.66 11.79
N LEU C 262 1.39 16.90 11.60
CA LEU C 262 0.48 18.01 11.33
C LEU C 262 -0.38 17.69 10.12
N THR C 263 0.28 17.21 9.06
CA THR C 263 -0.39 16.84 7.83
C THR C 263 -1.49 15.80 8.10
N ASP C 264 -1.11 14.72 8.78
CA ASP C 264 -2.07 13.67 9.07
C ASP C 264 -3.27 14.17 9.88
N SER C 265 -3.03 15.00 10.88
CA SER C 265 -4.12 15.50 11.68
C SER C 265 -5.06 16.37 10.85
N LEU C 266 -4.50 17.14 9.91
CA LEU C 266 -5.31 18.01 9.05
C LEU C 266 -6.14 17.17 8.08
N LYS C 267 -5.59 16.01 7.72
CA LYS C 267 -6.28 15.12 6.81
C LYS C 267 -7.48 14.53 7.54
N ARG C 268 -7.29 14.19 8.80
CA ARG C 268 -8.37 13.62 9.60
C ARG C 268 -9.45 14.65 9.90
N ILE C 269 -9.04 15.91 10.11
CA ILE C 269 -9.98 16.97 10.40
C ILE C 269 -10.88 17.22 9.19
N ALA C 270 -10.27 17.19 8.00
CA ALA C 270 -11.02 17.40 6.76
C ALA C 270 -12.00 16.24 6.54
N ALA C 271 -11.57 15.01 6.79
CA ALA C 271 -12.46 13.86 6.61
C ALA C 271 -13.57 13.89 7.65
N PHE C 272 -13.33 14.60 8.74
CA PHE C 272 -14.34 14.72 9.79
C PHE C 272 -15.41 15.71 9.34
N GLY C 273 -15.01 16.69 8.54
CA GLY C 273 -15.96 17.68 8.05
C GLY C 273 -16.01 18.94 8.89
N ALA C 274 -14.89 19.28 9.52
CA ALA C 274 -14.81 20.47 10.35
C ALA C 274 -15.13 21.73 9.56
N GLU C 275 -16.02 22.56 10.10
CA GLU C 275 -16.41 23.81 9.44
C GLU C 275 -15.47 24.96 9.80
N ALA C 276 -14.68 24.75 10.85
CA ALA C 276 -13.74 25.75 11.31
C ALA C 276 -12.78 25.06 12.27
N ILE C 277 -11.60 25.64 12.44
CA ILE C 277 -10.61 25.06 13.34
C ILE C 277 -10.15 26.05 14.40
N VAL C 278 -10.22 25.60 15.65
CA VAL C 278 -9.74 26.38 16.79
C VAL C 278 -8.35 25.77 16.99
N VAL C 279 -7.33 26.62 16.92
CA VAL C 279 -5.95 26.20 17.07
C VAL C 279 -5.38 26.58 18.42
N SER C 280 -5.24 25.59 19.31
CA SER C 280 -4.66 25.86 20.62
C SER C 280 -3.17 26.02 20.32
N LEU C 281 -2.73 27.26 20.25
CA LEU C 281 -1.34 27.55 19.92
C LEU C 281 -0.40 27.73 21.10
N GLY C 282 0.56 26.81 21.19
CA GLY C 282 1.57 26.88 22.20
C GLY C 282 2.87 26.89 21.40
N VAL C 283 3.81 27.75 21.76
CA VAL C 283 5.08 27.79 21.04
C VAL C 283 6.21 27.23 21.89
N ASP C 284 5.87 26.30 22.79
CA ASP C 284 6.89 25.69 23.62
C ASP C 284 7.57 24.54 22.89
N THR C 285 7.21 24.36 21.63
CA THR C 285 7.81 23.31 20.83
C THR C 285 9.13 23.85 20.30
N PHE C 286 9.44 25.08 20.69
CA PHE C 286 10.68 25.73 20.25
C PHE C 286 11.93 25.06 20.83
N GLU C 287 12.96 24.95 20.02
CA GLU C 287 14.21 24.32 20.43
C GLU C 287 14.84 24.96 21.65
N GLN C 288 14.44 26.19 21.96
CA GLN C 288 14.99 26.88 23.10
C GLN C 288 14.02 26.96 24.27
N ASP C 289 12.92 26.22 24.23
CA ASP C 289 11.97 26.29 25.34
C ASP C 289 12.54 25.55 26.55
N PRO C 290 12.53 26.21 27.71
CA PRO C 290 13.06 25.63 28.95
C PRO C 290 12.45 24.34 29.47
N ILE C 291 11.15 24.11 29.23
CA ILE C 291 10.53 22.89 29.74
C ILE C 291 10.08 21.88 28.69
N SER C 292 10.51 22.08 27.45
CA SER C 292 10.09 21.19 26.39
C SER C 292 11.27 20.54 25.67
N PHE C 293 10.99 19.51 24.89
CA PHE C 293 12.08 18.82 24.24
C PHE C 293 11.99 18.60 22.73
N PHE C 294 11.26 19.46 22.04
CA PHE C 294 11.16 19.38 20.58
C PHE C 294 12.17 20.37 20.05
N LYS C 295 12.48 20.29 18.76
CA LYS C 295 13.46 21.21 18.21
C LYS C 295 12.98 21.98 16.99
N LEU C 296 11.89 22.72 17.14
CA LEU C 296 11.38 23.51 16.04
C LEU C 296 12.17 24.82 16.01
N THR C 297 12.33 25.40 14.82
CA THR C 297 13.05 26.66 14.68
C THR C 297 12.00 27.73 14.35
N SER C 298 12.32 28.98 14.63
CA SER C 298 11.37 30.05 14.39
C SER C 298 10.73 30.04 13.00
N PRO C 299 11.52 29.85 11.93
CA PRO C 299 10.94 29.82 10.59
C PRO C 299 9.86 28.75 10.45
N ASP C 300 9.96 27.69 11.24
CA ASP C 300 8.98 26.61 11.17
C ASP C 300 7.56 27.05 11.54
N TYR C 301 7.44 28.05 12.41
CA TYR C 301 6.12 28.53 12.83
C TYR C 301 5.38 29.21 11.68
N ILE C 302 6.13 29.64 10.68
CA ILE C 302 5.52 30.25 9.51
C ILE C 302 4.90 29.13 8.68
N THR C 303 5.63 28.04 8.55
CA THR C 303 5.17 26.86 7.80
C THR C 303 3.92 26.28 8.44
N MET C 304 3.93 26.23 9.77
CA MET C 304 2.84 25.72 10.57
C MET C 304 1.58 26.54 10.27
N GLY C 305 1.73 27.87 10.39
CA GLY C 305 0.62 28.77 10.13
C GLY C 305 0.00 28.61 8.75
N ARG C 306 0.85 28.45 7.75
CA ARG C 306 0.40 28.30 6.37
C ARG C 306 -0.24 26.95 6.15
N THR C 307 0.37 25.90 6.70
CA THR C 307 -0.19 24.57 6.53
C THR C 307 -1.61 24.48 7.09
N ILE C 308 -1.80 25.02 8.28
CA ILE C 308 -3.10 25.01 8.92
C ILE C 308 -4.12 25.83 8.12
N ALA C 309 -3.73 27.01 7.68
CA ALA C 309 -4.64 27.84 6.89
C ALA C 309 -5.02 27.11 5.60
N ALA C 310 -4.13 26.26 5.09
CA ALA C 310 -4.43 25.54 3.86
C ALA C 310 -5.60 24.58 4.00
N SER C 311 -6.15 24.44 5.20
CA SER C 311 -7.28 23.54 5.40
C SER C 311 -8.47 24.13 4.61
N GLY C 312 -8.43 25.44 4.38
CA GLY C 312 -9.51 26.08 3.66
C GLY C 312 -10.67 26.55 4.51
N VAL C 313 -10.64 26.25 5.81
CA VAL C 313 -11.71 26.67 6.72
C VAL C 313 -11.22 27.81 7.62
N PRO C 314 -12.15 28.59 8.21
CA PRO C 314 -11.75 29.70 9.08
C PRO C 314 -10.92 29.20 10.27
N LEU C 315 -10.01 30.04 10.75
CA LEU C 315 -9.17 29.68 11.87
C LEU C 315 -9.25 30.65 13.04
N LEU C 316 -9.34 30.11 14.24
CA LEU C 316 -9.33 30.92 15.45
C LEU C 316 -8.09 30.43 16.19
N VAL C 317 -7.13 31.32 16.42
CA VAL C 317 -5.91 30.97 17.12
C VAL C 317 -6.07 31.41 18.57
N VAL C 318 -5.91 30.46 19.49
CA VAL C 318 -6.04 30.70 20.93
C VAL C 318 -4.68 30.45 21.60
N MET C 319 -4.15 31.45 22.29
CA MET C 319 -2.85 31.32 22.94
C MET C 319 -2.81 30.29 24.07
N GLU C 320 -1.82 29.40 24.01
CA GLU C 320 -1.61 28.36 25.01
C GLU C 320 -0.23 28.52 25.67
N GLY C 321 0.70 27.60 25.39
CA GLY C 321 2.03 27.65 25.98
C GLY C 321 3.16 28.40 25.27
N GLY C 322 4.35 28.39 25.87
CA GLY C 322 5.51 29.08 25.31
C GLY C 322 6.16 29.84 26.46
N TYR C 323 7.34 29.39 26.90
CA TYR C 323 7.98 30.02 28.05
C TYR C 323 9.41 30.48 27.87
N GLY C 324 9.93 31.07 28.95
CA GLY C 324 11.31 31.55 29.03
C GLY C 324 11.85 32.60 28.08
N VAL C 325 12.22 32.19 26.88
CA VAL C 325 12.82 33.09 25.92
C VAL C 325 11.87 34.08 25.28
N PRO C 326 12.40 35.23 24.84
CA PRO C 326 11.56 36.25 24.21
C PRO C 326 11.08 35.82 22.83
N GLU C 327 11.74 34.84 22.24
CA GLU C 327 11.32 34.35 20.93
C GLU C 327 9.87 33.85 20.97
N ILE C 328 9.27 33.77 22.15
CA ILE C 328 7.89 33.30 22.20
C ILE C 328 7.03 34.27 21.41
N GLY C 329 7.40 35.55 21.45
CA GLY C 329 6.64 36.56 20.72
C GLY C 329 6.84 36.37 19.22
N LEU C 330 8.08 36.21 18.81
CA LEU C 330 8.42 36.02 17.41
C LEU C 330 7.76 34.76 16.85
N ASN C 331 7.83 33.68 17.62
CA ASN C 331 7.24 32.43 17.15
C ASN C 331 5.73 32.53 16.97
N VAL C 332 5.05 33.20 17.90
CA VAL C 332 3.62 33.38 17.79
C VAL C 332 3.33 34.32 16.59
N ALA C 333 4.13 35.37 16.45
CA ALA C 333 3.99 36.31 15.35
C ALA C 333 4.13 35.58 14.01
N ASN C 334 5.08 34.66 13.95
CA ASN C 334 5.32 33.88 12.75
C ASN C 334 4.17 32.96 12.38
N VAL C 335 3.43 32.51 13.38
CA VAL C 335 2.31 31.63 13.09
C VAL C 335 1.19 32.48 12.50
N LEU C 336 1.02 33.70 13.01
CA LEU C 336 0.00 34.57 12.49
C LEU C 336 0.32 35.01 11.07
N LYS C 337 1.61 35.22 10.78
CA LYS C 337 1.99 35.61 9.43
C LYS C 337 1.74 34.43 8.48
N GLY C 338 1.95 33.21 8.99
CA GLY C 338 1.74 32.04 8.18
C GLY C 338 0.27 31.89 7.79
N VAL C 339 -0.61 32.19 8.74
CA VAL C 339 -2.03 32.10 8.51
C VAL C 339 -2.47 33.19 7.54
N ALA C 340 -2.00 34.41 7.75
CA ALA C 340 -2.34 35.55 6.90
C ALA C 340 -2.05 35.28 5.43
N GLY C 341 -0.87 34.74 5.13
CA GLY C 341 -0.52 34.44 3.75
C GLY C 341 0.23 35.58 3.07
N MET D 1 19.05 -37.05 -2.78
CA MET D 1 19.12 -36.68 -4.22
C MET D 1 20.42 -37.16 -4.84
N ARG D 2 20.33 -37.55 -6.10
CA ARG D 2 21.48 -38.03 -6.83
C ARG D 2 22.45 -36.89 -7.10
N VAL D 3 23.74 -37.23 -7.15
CA VAL D 3 24.80 -36.26 -7.40
C VAL D 3 25.53 -36.62 -8.70
N ILE D 4 25.55 -35.71 -9.66
CA ILE D 4 26.23 -35.98 -10.92
C ILE D 4 27.57 -35.26 -10.90
N PHE D 5 28.66 -36.04 -10.91
CA PHE D 5 29.99 -35.47 -10.85
C PHE D 5 30.99 -36.13 -11.80
N SER D 6 31.83 -35.33 -12.42
CA SER D 6 32.83 -35.87 -13.33
C SER D 6 34.25 -35.60 -12.87
N GLU D 7 35.06 -36.64 -12.87
CA GLU D 7 36.46 -36.53 -12.47
C GLU D 7 37.26 -35.74 -13.51
N ASP D 8 36.71 -35.58 -14.71
CA ASP D 8 37.42 -34.83 -15.74
C ASP D 8 37.53 -33.34 -15.45
N HIS D 9 36.87 -32.87 -14.40
CA HIS D 9 36.93 -31.46 -14.04
C HIS D 9 38.39 -31.06 -13.88
N LYS D 10 39.20 -31.98 -13.35
CA LYS D 10 40.62 -31.71 -13.10
C LYS D 10 41.37 -31.33 -14.38
N LEU D 11 40.81 -31.68 -15.53
CA LEU D 11 41.42 -31.34 -16.81
C LEU D 11 41.59 -29.82 -16.88
N ARG D 12 40.72 -29.11 -16.15
CA ARG D 12 40.79 -27.65 -16.08
C ARG D 12 41.67 -27.34 -14.89
N ASN D 13 42.89 -26.89 -15.16
CA ASN D 13 43.83 -26.61 -14.09
C ASN D 13 44.82 -25.52 -14.53
N ALA D 14 44.28 -24.34 -14.86
CA ALA D 14 45.10 -23.22 -15.28
C ALA D 14 46.10 -22.92 -14.19
N LYS D 15 47.22 -22.30 -14.54
CA LYS D 15 48.20 -22.00 -13.53
C LYS D 15 48.33 -20.52 -13.26
N THR D 16 47.65 -19.70 -14.06
CA THR D 16 47.71 -18.25 -13.86
C THR D 16 46.35 -17.58 -13.96
N GLU D 17 46.22 -16.48 -13.24
CA GLU D 17 45.01 -15.67 -13.23
C GLU D 17 45.48 -14.25 -13.00
N LEU D 18 44.98 -13.33 -13.82
CA LEU D 18 45.36 -11.95 -13.67
C LEU D 18 44.53 -11.39 -12.52
N TYR D 19 45.20 -11.10 -11.41
CA TYR D 19 44.54 -10.59 -10.20
C TYR D 19 45.44 -9.64 -9.44
N GLY D 20 44.91 -8.46 -9.11
CA GLY D 20 45.70 -7.49 -8.37
C GLY D 20 46.93 -7.09 -9.16
N GLY D 21 46.84 -7.20 -10.49
CA GLY D 21 47.95 -6.83 -11.34
C GLY D 21 49.07 -7.86 -11.41
N GLU D 22 48.78 -9.10 -10.99
CA GLU D 22 49.77 -10.16 -11.01
C GLU D 22 49.15 -11.44 -11.52
N LEU D 23 49.98 -12.37 -11.97
CA LEU D 23 49.50 -13.66 -12.45
C LEU D 23 49.71 -14.63 -11.28
N VAL D 24 48.62 -15.02 -10.62
CA VAL D 24 48.71 -15.91 -9.47
C VAL D 24 47.89 -17.19 -9.68
N PRO D 25 48.00 -18.16 -8.76
CA PRO D 25 47.22 -19.40 -8.91
C PRO D 25 45.74 -19.08 -8.95
N PRO D 26 45.01 -19.60 -9.94
CA PRO D 26 43.58 -19.37 -10.08
C PRO D 26 42.80 -19.70 -8.81
N PHE D 27 41.78 -18.89 -8.54
CA PHE D 27 40.92 -19.07 -7.37
C PHE D 27 39.99 -20.26 -7.60
N GLU D 28 39.60 -20.43 -8.85
CA GLU D 28 38.72 -21.52 -9.23
C GLU D 28 39.63 -22.72 -9.51
N ALA D 29 40.10 -23.34 -8.42
CA ALA D 29 41.01 -24.48 -8.49
C ALA D 29 40.34 -25.85 -8.31
N PRO D 30 41.02 -26.93 -8.75
CA PRO D 30 40.49 -28.29 -8.64
C PRO D 30 40.06 -28.73 -7.24
N PHE D 31 40.82 -28.35 -6.21
CA PHE D 31 40.47 -28.78 -4.85
C PHE D 31 39.04 -28.44 -4.46
N ARG D 32 38.48 -27.39 -5.06
CA ARG D 32 37.11 -26.99 -4.75
C ARG D 32 36.16 -28.19 -4.92
N ALA D 33 36.25 -28.86 -6.06
CA ALA D 33 35.39 -30.01 -6.34
C ALA D 33 35.56 -31.13 -5.32
N GLU D 34 36.77 -31.31 -4.80
CA GLU D 34 37.04 -32.36 -3.81
C GLU D 34 36.36 -32.08 -2.47
N TRP D 35 36.56 -30.88 -1.92
CA TRP D 35 35.95 -30.53 -0.63
C TRP D 35 34.44 -30.56 -0.72
N ILE D 36 33.90 -30.08 -1.84
CA ILE D 36 32.46 -30.08 -2.01
C ILE D 36 31.94 -31.52 -2.03
N LEU D 37 32.54 -32.36 -2.86
CA LEU D 37 32.13 -33.75 -2.95
C LEU D 37 32.21 -34.49 -1.60
N ALA D 38 33.30 -34.28 -0.87
CA ALA D 38 33.48 -34.93 0.44
C ALA D 38 32.42 -34.46 1.43
N ALA D 39 32.05 -33.19 1.34
CA ALA D 39 31.06 -32.61 2.23
C ALA D 39 29.65 -33.13 1.96
N VAL D 40 29.24 -33.14 0.70
CA VAL D 40 27.92 -33.60 0.36
C VAL D 40 27.77 -35.09 0.69
N LYS D 41 28.82 -35.86 0.45
CA LYS D 41 28.81 -37.29 0.76
C LYS D 41 28.62 -37.48 2.26
N GLU D 42 29.36 -36.68 3.02
CA GLU D 42 29.30 -36.75 4.46
C GLU D 42 27.93 -36.32 4.98
N ALA D 43 27.22 -35.53 4.20
CA ALA D 43 25.88 -35.09 4.60
C ALA D 43 24.85 -36.17 4.31
N GLY D 44 25.27 -37.23 3.63
CA GLY D 44 24.36 -38.31 3.30
C GLY D 44 24.13 -38.43 1.82
N PHE D 45 24.67 -37.50 1.05
CA PHE D 45 24.49 -37.52 -0.40
C PHE D 45 25.66 -38.24 -1.05
N ASP D 46 25.68 -39.57 -0.87
CA ASP D 46 26.73 -40.40 -1.42
C ASP D 46 26.37 -41.09 -2.74
N ASP D 47 25.14 -40.89 -3.21
CA ASP D 47 24.74 -41.50 -4.47
C ASP D 47 25.32 -40.66 -5.60
N VAL D 48 26.60 -40.86 -5.86
CA VAL D 48 27.35 -40.14 -6.90
C VAL D 48 27.53 -41.00 -8.15
N VAL D 49 27.25 -40.42 -9.31
CA VAL D 49 27.40 -41.11 -10.58
C VAL D 49 28.07 -40.17 -11.57
N ALA D 50 28.90 -40.73 -12.45
CA ALA D 50 29.60 -39.92 -13.46
C ALA D 50 28.62 -39.64 -14.59
N PRO D 51 28.76 -38.47 -15.23
CA PRO D 51 27.88 -38.09 -16.33
C PRO D 51 28.12 -38.92 -17.59
N ALA D 52 27.13 -38.94 -18.47
CA ALA D 52 27.23 -39.69 -19.72
C ALA D 52 27.86 -38.78 -20.77
N ARG D 53 28.24 -39.37 -21.90
CA ARG D 53 28.84 -38.60 -22.98
C ARG D 53 27.71 -37.94 -23.74
N HIS D 54 27.82 -36.63 -23.94
CA HIS D 54 26.79 -35.88 -24.65
C HIS D 54 27.34 -35.06 -25.81
N GLY D 55 26.55 -34.96 -26.88
CA GLY D 55 26.95 -34.18 -28.04
C GLY D 55 26.88 -32.69 -27.77
N LEU D 56 26.96 -31.90 -28.83
CA LEU D 56 26.91 -30.44 -28.72
C LEU D 56 25.55 -29.88 -29.09
N GLU D 57 24.60 -30.75 -29.34
CA GLU D 57 23.27 -30.33 -29.74
C GLU D 57 22.59 -29.39 -28.74
N THR D 58 22.63 -29.74 -27.46
CA THR D 58 21.99 -28.89 -26.46
C THR D 58 22.67 -27.55 -26.27
N VAL D 59 23.99 -27.60 -26.13
CA VAL D 59 24.78 -26.38 -25.93
C VAL D 59 24.71 -25.41 -27.12
N LEU D 60 24.58 -25.96 -28.32
CA LEU D 60 24.52 -25.12 -29.52
C LEU D 60 23.21 -24.33 -29.60
N LYS D 61 22.30 -24.56 -28.66
CA LYS D 61 21.04 -23.85 -28.63
C LYS D 61 21.14 -22.62 -27.74
N VAL D 62 22.17 -22.56 -26.90
CA VAL D 62 22.34 -21.42 -26.03
C VAL D 62 23.64 -20.63 -26.29
N HIS D 63 24.66 -21.29 -26.82
CA HIS D 63 25.93 -20.63 -27.13
C HIS D 63 26.13 -20.48 -28.64
N ASP D 64 26.77 -19.39 -29.04
CA ASP D 64 27.06 -19.11 -30.45
C ASP D 64 27.96 -20.22 -31.00
N ALA D 65 27.70 -20.65 -32.23
CA ALA D 65 28.49 -21.69 -32.87
C ALA D 65 29.97 -21.32 -33.02
N GLY D 66 30.23 -20.09 -33.44
CA GLY D 66 31.60 -19.65 -33.62
C GLY D 66 32.37 -19.58 -32.31
N TYR D 67 31.67 -19.18 -31.26
CA TYR D 67 32.30 -19.08 -29.94
C TYR D 67 32.76 -20.46 -29.50
N LEU D 68 31.91 -21.46 -29.68
CA LEU D 68 32.22 -22.84 -29.32
C LEU D 68 33.37 -23.38 -30.16
N ASN D 69 33.40 -22.99 -31.43
CA ASN D 69 34.47 -23.40 -32.33
C ASN D 69 35.79 -22.80 -31.87
N PHE D 70 35.74 -21.54 -31.46
CA PHE D 70 36.95 -20.85 -30.99
C PHE D 70 37.55 -21.55 -29.77
N LEU D 71 36.71 -21.81 -28.77
CA LEU D 71 37.18 -22.45 -27.55
C LEU D 71 37.85 -23.79 -27.80
N GLU D 72 37.24 -24.60 -28.66
CA GLU D 72 37.78 -25.91 -28.95
C GLU D 72 39.25 -25.92 -29.40
N THR D 73 39.65 -24.97 -30.22
CA THR D 73 41.01 -24.93 -30.71
C THR D 73 41.82 -23.72 -30.25
N ALA D 74 41.27 -22.97 -29.30
CA ALA D 74 41.93 -21.77 -28.79
C ALA D 74 43.34 -22.03 -28.31
N TRP D 75 43.50 -22.99 -27.41
CA TRP D 75 44.82 -23.28 -26.88
C TRP D 75 45.83 -23.69 -27.95
N ASP D 76 45.43 -24.57 -28.86
CA ASP D 76 46.34 -25.00 -29.90
C ASP D 76 46.82 -23.83 -30.72
N ARG D 77 45.90 -22.97 -31.14
CA ARG D 77 46.25 -21.81 -31.95
C ARG D 77 47.15 -20.87 -31.20
N TRP D 78 46.89 -20.74 -29.90
CA TRP D 78 47.68 -19.86 -29.06
C TRP D 78 49.11 -20.39 -28.99
N LYS D 79 49.28 -21.69 -28.75
CA LYS D 79 50.62 -22.26 -28.70
C LYS D 79 51.34 -22.12 -30.04
N ALA D 80 50.65 -22.42 -31.12
CA ALA D 80 51.22 -22.33 -32.44
C ALA D 80 51.61 -20.88 -32.72
N ALA D 81 50.81 -19.95 -32.21
CA ALA D 81 51.06 -18.54 -32.38
C ALA D 81 52.46 -18.20 -31.86
N GLY D 82 52.96 -19.01 -30.94
CA GLY D 82 54.28 -18.80 -30.39
C GLY D 82 54.34 -18.17 -29.01
N TYR D 83 53.20 -18.00 -28.35
CA TYR D 83 53.20 -17.39 -27.02
C TYR D 83 53.64 -18.37 -25.94
N LYS D 84 54.42 -17.86 -24.99
CA LYS D 84 54.95 -18.65 -23.89
C LYS D 84 53.92 -18.95 -22.82
N GLY D 85 53.20 -17.93 -22.37
CA GLY D 85 52.19 -18.09 -21.33
C GLY D 85 50.87 -18.66 -21.77
N GLU D 86 49.90 -18.67 -20.85
CA GLU D 86 48.56 -19.20 -21.14
C GLU D 86 47.74 -18.21 -21.97
N ALA D 87 46.65 -18.68 -22.57
CA ALA D 87 45.81 -17.86 -23.43
C ALA D 87 45.01 -16.80 -22.67
N ILE D 88 45.50 -15.56 -22.70
CA ILE D 88 44.84 -14.44 -22.04
C ILE D 88 44.62 -13.29 -23.00
N ALA D 89 43.39 -12.80 -23.06
CA ALA D 89 43.04 -11.69 -23.95
C ALA D 89 43.54 -10.34 -23.44
N THR D 90 43.96 -9.47 -24.36
CA THR D 90 44.45 -8.15 -24.02
C THR D 90 43.65 -7.02 -24.69
N SER D 91 43.21 -7.25 -25.94
CA SER D 91 42.43 -6.26 -26.69
C SER D 91 40.95 -6.61 -26.60
N PHE D 92 40.11 -5.61 -26.32
CA PHE D 92 38.69 -5.90 -26.20
C PHE D 92 37.76 -4.99 -26.99
N PRO D 93 36.68 -5.55 -27.53
CA PRO D 93 35.73 -4.74 -28.30
C PRO D 93 34.82 -3.98 -27.35
N VAL D 94 35.28 -2.82 -26.88
CA VAL D 94 34.49 -2.02 -25.95
C VAL D 94 33.63 -0.96 -26.63
N ARG D 95 33.51 0.22 -26.03
CA ARG D 95 32.67 1.27 -26.60
C ARG D 95 33.02 1.76 -27.99
N ARG D 96 32.00 1.83 -28.83
CA ARG D 96 32.14 2.34 -30.19
C ARG D 96 33.16 1.58 -31.05
N THR D 97 33.17 0.26 -30.93
CA THR D 97 34.08 -0.59 -31.71
C THR D 97 33.28 -1.31 -32.78
N SER D 98 33.98 -1.73 -33.83
CA SER D 98 33.38 -2.44 -34.94
C SER D 98 32.87 -3.82 -34.49
N PRO D 99 31.82 -4.35 -35.14
CA PRO D 99 31.27 -5.66 -34.79
C PRO D 99 31.98 -6.83 -35.44
N ARG D 100 32.90 -6.52 -36.35
CA ARG D 100 33.65 -7.55 -37.08
C ARG D 100 34.47 -8.49 -36.21
N ILE D 101 34.55 -9.74 -36.65
CA ILE D 101 35.33 -10.73 -35.92
C ILE D 101 36.74 -10.83 -36.51
N PRO D 102 37.76 -10.69 -35.67
CA PRO D 102 39.13 -10.78 -36.21
C PRO D 102 39.40 -12.22 -36.65
N THR D 103 40.46 -12.41 -37.41
CA THR D 103 40.81 -13.74 -37.89
C THR D 103 41.95 -14.35 -37.08
N ASP D 104 42.85 -13.50 -36.60
CA ASP D 104 44.00 -13.95 -35.81
C ASP D 104 43.57 -14.47 -34.43
N ILE D 105 44.42 -15.29 -33.81
CA ILE D 105 44.12 -15.85 -32.51
C ILE D 105 44.16 -14.78 -31.42
N GLU D 106 45.10 -13.85 -31.56
CA GLU D 106 45.22 -12.78 -30.57
C GLU D 106 44.00 -11.87 -30.58
N GLY D 107 43.48 -11.60 -31.78
CA GLY D 107 42.31 -10.75 -31.87
C GLY D 107 41.04 -11.49 -31.51
N GLN D 108 40.95 -12.74 -31.95
CA GLN D 108 39.75 -13.54 -31.68
C GLN D 108 39.51 -13.85 -30.20
N ILE D 109 40.59 -14.04 -29.45
CA ILE D 109 40.43 -14.34 -28.04
C ILE D 109 39.80 -13.14 -27.31
N GLY D 110 40.11 -11.93 -27.76
CA GLY D 110 39.53 -10.76 -27.16
C GLY D 110 38.05 -10.67 -27.54
N TYR D 111 37.76 -11.00 -28.79
CA TYR D 111 36.39 -10.94 -29.27
C TYR D 111 35.46 -11.84 -28.45
N TYR D 112 35.94 -13.02 -28.07
CA TYR D 112 35.14 -13.98 -27.34
C TYR D 112 35.36 -13.97 -25.82
N CYS D 113 35.90 -12.88 -25.32
CA CYS D 113 36.19 -12.78 -23.89
C CYS D 113 35.66 -11.49 -23.26
N ASN D 114 35.04 -11.62 -22.08
CA ASN D 114 34.51 -10.48 -21.35
C ASN D 114 35.37 -10.17 -20.11
N ALA D 115 36.37 -10.99 -19.86
CA ALA D 115 37.22 -10.77 -18.69
C ALA D 115 38.63 -11.38 -18.81
N ALA D 116 39.64 -10.53 -18.71
CA ALA D 116 41.04 -10.94 -18.80
C ALA D 116 41.56 -11.71 -17.59
N GLU D 117 40.74 -11.85 -16.55
CA GLU D 117 41.14 -12.57 -15.35
C GLU D 117 40.97 -14.08 -15.48
N THR D 118 40.60 -14.53 -16.67
CA THR D 118 40.42 -15.94 -16.95
C THR D 118 41.31 -16.31 -18.12
N ALA D 119 42.14 -17.34 -17.93
CA ALA D 119 43.05 -17.80 -18.97
C ALA D 119 42.63 -19.14 -19.52
N ILE D 120 42.79 -19.33 -20.83
CA ILE D 120 42.45 -20.62 -21.45
C ILE D 120 43.72 -21.45 -21.34
N SER D 121 43.59 -22.73 -20.99
CA SER D 121 44.73 -23.60 -20.83
C SER D 121 44.41 -25.03 -21.29
N PRO D 122 45.43 -25.89 -21.40
CA PRO D 122 45.24 -27.29 -21.82
C PRO D 122 44.20 -28.00 -20.97
N GLY D 123 43.23 -28.62 -21.63
CA GLY D 123 42.20 -29.35 -20.91
C GLY D 123 40.93 -28.59 -20.61
N THR D 124 40.96 -27.27 -20.80
CA THR D 124 39.80 -26.44 -20.52
C THR D 124 38.60 -26.88 -21.34
N TRP D 125 38.80 -27.07 -22.64
CA TRP D 125 37.71 -27.50 -23.50
C TRP D 125 37.13 -28.83 -23.02
N GLU D 126 38.01 -29.78 -22.72
CA GLU D 126 37.61 -31.10 -22.24
C GLU D 126 36.86 -31.01 -20.93
N ALA D 127 37.42 -30.27 -19.98
CA ALA D 127 36.79 -30.11 -18.67
C ALA D 127 35.45 -29.41 -18.85
N ALA D 128 35.43 -28.38 -19.69
CA ALA D 128 34.21 -27.63 -19.94
C ALA D 128 33.11 -28.57 -20.42
N LEU D 129 33.43 -29.44 -21.36
CA LEU D 129 32.43 -30.37 -21.85
C LEU D 129 31.98 -31.37 -20.77
N SER D 130 32.89 -31.79 -19.90
CA SER D 130 32.52 -32.74 -18.87
C SER D 130 31.59 -32.07 -17.84
N SER D 131 31.86 -30.81 -17.52
CA SER D 131 31.03 -30.06 -16.58
C SER D 131 29.65 -29.89 -17.21
N MET D 132 29.63 -29.62 -18.50
CA MET D 132 28.37 -29.48 -19.25
C MET D 132 27.60 -30.78 -19.14
N ALA D 133 28.30 -31.90 -19.36
CA ALA D 133 27.68 -33.22 -19.29
C ALA D 133 26.99 -33.48 -17.95
N SER D 134 27.61 -33.03 -16.84
CA SER D 134 27.00 -33.24 -15.53
C SER D 134 25.67 -32.48 -15.43
N ALA D 135 25.61 -31.30 -16.03
CA ALA D 135 24.41 -30.48 -16.00
C ALA D 135 23.31 -31.13 -16.82
N ILE D 136 23.67 -31.63 -18.00
CA ILE D 136 22.67 -32.28 -18.86
C ILE D 136 22.08 -33.52 -18.18
N ASP D 137 22.93 -34.30 -17.52
CA ASP D 137 22.44 -35.49 -16.84
C ASP D 137 21.60 -35.13 -15.63
N GLY D 138 21.98 -34.06 -14.94
CA GLY D 138 21.21 -33.63 -13.79
C GLY D 138 19.82 -33.22 -14.25
N ALA D 139 19.75 -32.59 -15.42
CA ALA D 139 18.47 -32.15 -15.96
C ALA D 139 17.60 -33.32 -16.37
N ASP D 140 18.21 -34.37 -16.92
CA ASP D 140 17.45 -35.54 -17.34
C ASP D 140 16.75 -36.20 -16.15
N LEU D 141 17.37 -36.11 -14.97
CA LEU D 141 16.79 -36.68 -13.76
C LEU D 141 15.50 -35.95 -13.41
N ILE D 142 15.53 -34.63 -13.52
CA ILE D 142 14.37 -33.80 -13.25
C ILE D 142 13.29 -34.13 -14.27
N ALA D 143 13.72 -34.33 -15.50
CA ALA D 143 12.79 -34.68 -16.58
C ALA D 143 12.24 -36.07 -16.26
N ALA D 144 13.08 -36.90 -15.66
CA ALA D 144 12.69 -38.26 -15.31
C ALA D 144 11.69 -38.29 -14.17
N GLY D 145 11.63 -37.22 -13.39
CA GLY D 145 10.70 -37.17 -12.29
C GLY D 145 11.30 -36.91 -10.93
N HIS D 146 12.62 -36.77 -10.87
CA HIS D 146 13.28 -36.52 -9.59
C HIS D 146 12.94 -35.11 -9.11
N LYS D 147 12.64 -34.99 -7.82
CA LYS D 147 12.28 -33.71 -7.22
C LYS D 147 13.49 -32.79 -7.06
N ALA D 148 14.68 -33.37 -6.97
CA ALA D 148 15.88 -32.58 -6.81
C ALA D 148 17.09 -33.40 -7.22
N ALA D 149 18.12 -32.71 -7.68
CA ALA D 149 19.36 -33.33 -8.11
C ALA D 149 20.48 -32.30 -8.00
N PHE D 150 21.72 -32.77 -7.80
CA PHE D 150 22.85 -31.86 -7.70
C PHE D 150 23.96 -32.18 -8.69
N SER D 151 24.20 -31.24 -9.60
CA SER D 151 25.25 -31.39 -10.61
C SER D 151 26.48 -30.64 -10.15
N LEU D 152 27.48 -31.38 -9.69
CA LEU D 152 28.73 -30.76 -9.23
C LEU D 152 29.55 -30.34 -10.44
N CYS D 153 29.24 -29.18 -11.00
CA CYS D 153 29.96 -28.68 -12.16
C CYS D 153 31.22 -27.93 -11.78
N ARG D 154 32.23 -28.06 -12.64
CA ARG D 154 33.50 -27.37 -12.53
C ARG D 154 34.24 -27.71 -13.80
N PRO D 155 34.69 -26.69 -14.55
CA PRO D 155 34.54 -25.27 -14.24
C PRO D 155 33.08 -24.78 -14.24
N PRO D 156 32.80 -23.71 -13.49
CA PRO D 156 31.44 -23.15 -13.41
C PRO D 156 31.05 -22.53 -14.75
N GLY D 157 29.84 -22.01 -14.88
CA GLY D 157 29.44 -21.44 -16.14
C GLY D 157 28.54 -20.21 -16.18
N HIS D 158 28.00 -19.78 -15.05
CA HIS D 158 27.11 -18.64 -15.05
C HIS D 158 27.66 -17.32 -15.60
N ALA D 159 28.97 -17.20 -15.75
CA ALA D 159 29.52 -15.97 -16.30
C ALA D 159 29.76 -16.09 -17.80
N ALA D 160 29.62 -17.29 -18.36
CA ALA D 160 29.81 -17.46 -19.81
C ALA D 160 28.52 -17.02 -20.52
N GLY D 161 28.65 -16.06 -21.43
CA GLY D 161 27.50 -15.56 -22.15
C GLY D 161 27.31 -16.25 -23.48
N ILE D 162 26.46 -15.67 -24.35
CA ILE D 162 26.21 -16.27 -25.65
C ILE D 162 27.46 -16.53 -26.47
N ASP D 163 28.31 -15.51 -26.62
CA ASP D 163 29.54 -15.66 -27.38
C ASP D 163 30.80 -15.12 -26.70
N MET D 164 30.92 -15.39 -25.39
CA MET D 164 32.09 -14.91 -24.66
C MET D 164 32.32 -15.69 -23.35
N PHE D 165 33.58 -15.91 -23.01
CA PHE D 165 33.93 -16.62 -21.78
C PHE D 165 34.52 -15.61 -20.81
N GLY D 166 34.64 -16.00 -19.55
CA GLY D 166 35.19 -15.11 -18.56
C GLY D 166 34.71 -15.50 -17.19
N GLY D 167 35.20 -14.85 -16.15
CA GLY D 167 34.78 -15.18 -14.80
C GLY D 167 34.94 -16.66 -14.48
N TYR D 168 36.00 -17.27 -15.00
CA TYR D 168 36.30 -18.69 -14.77
C TYR D 168 35.31 -19.60 -15.50
N CYS D 169 34.52 -19.01 -16.39
CA CYS D 169 33.49 -19.76 -17.10
C CYS D 169 33.68 -19.84 -18.62
N PHE D 170 33.33 -20.99 -19.18
CA PHE D 170 33.48 -21.24 -20.62
C PHE D 170 32.16 -21.71 -21.26
N ILE D 171 31.48 -22.63 -20.60
CA ILE D 171 30.20 -23.12 -21.08
C ILE D 171 29.21 -22.95 -19.97
N ASN D 172 28.13 -22.21 -20.24
CA ASN D 172 27.12 -21.94 -19.23
C ASN D 172 26.28 -23.19 -18.89
N ASN D 173 26.77 -23.96 -17.92
CA ASN D 173 26.09 -25.19 -17.51
C ASN D 173 24.62 -25.04 -17.12
N ALA D 174 24.28 -23.98 -16.37
CA ALA D 174 22.88 -23.79 -15.98
C ALA D 174 22.04 -23.55 -17.23
N ALA D 175 22.58 -22.77 -18.16
CA ALA D 175 21.86 -22.50 -19.39
C ALA D 175 21.61 -23.79 -20.16
N VAL D 176 22.60 -24.66 -20.23
CA VAL D 176 22.44 -25.92 -20.95
C VAL D 176 21.37 -26.79 -20.28
N ALA D 177 21.43 -26.87 -18.96
CA ALA D 177 20.45 -27.66 -18.20
C ALA D 177 19.04 -27.10 -18.39
N ALA D 178 18.89 -25.78 -18.37
CA ALA D 178 17.57 -25.20 -18.55
C ALA D 178 17.06 -25.56 -19.96
N GLN D 179 17.92 -25.40 -20.96
CA GLN D 179 17.56 -25.73 -22.33
C GLN D 179 17.18 -27.20 -22.47
N ARG D 180 17.93 -28.05 -21.77
CA ARG D 180 17.71 -29.49 -21.78
C ARG D 180 16.31 -29.84 -21.32
N LEU D 181 15.90 -29.18 -20.22
CA LEU D 181 14.58 -29.38 -19.63
C LEU D 181 13.49 -28.98 -20.62
N LEU D 182 13.73 -27.90 -21.37
CA LEU D 182 12.76 -27.50 -22.37
C LEU D 182 12.66 -28.59 -23.43
N ASP D 183 13.80 -29.08 -23.89
CA ASP D 183 13.82 -30.13 -24.91
C ASP D 183 13.14 -31.41 -24.42
N LYS D 184 13.12 -31.61 -23.11
CA LYS D 184 12.51 -32.79 -22.51
C LYS D 184 11.00 -32.66 -22.31
N GLY D 185 10.44 -31.48 -22.56
CA GLY D 185 9.01 -31.31 -22.42
C GLY D 185 8.52 -30.03 -21.76
N ALA D 186 9.33 -29.45 -20.90
CA ALA D 186 8.94 -28.21 -20.22
C ALA D 186 8.71 -27.09 -21.23
N LYS D 187 7.80 -26.18 -20.89
CA LYS D 187 7.49 -25.04 -21.76
C LYS D 187 8.08 -23.78 -21.11
N LYS D 188 8.14 -23.77 -19.77
CA LYS D 188 8.69 -22.65 -19.04
C LYS D 188 9.64 -23.15 -17.97
N ILE D 189 10.82 -22.55 -17.92
CA ILE D 189 11.84 -22.92 -16.95
C ILE D 189 12.41 -21.67 -16.31
N ALA D 190 12.79 -21.77 -15.05
CA ALA D 190 13.38 -20.62 -14.35
C ALA D 190 14.79 -20.95 -13.90
N ILE D 191 15.63 -19.93 -13.81
CA ILE D 191 17.00 -20.10 -13.34
C ILE D 191 17.21 -19.08 -12.23
N LEU D 192 17.58 -19.56 -11.05
CA LEU D 192 17.82 -18.70 -9.90
C LEU D 192 19.30 -18.73 -9.52
N ASP D 193 19.94 -17.57 -9.64
CA ASP D 193 21.37 -17.44 -9.37
C ASP D 193 21.70 -16.84 -7.99
N VAL D 194 22.09 -17.70 -7.05
CA VAL D 194 22.39 -17.29 -5.67
C VAL D 194 23.87 -17.02 -5.39
N ASP D 195 24.70 -17.29 -6.40
CA ASP D 195 26.13 -17.07 -6.34
C ASP D 195 26.31 -15.59 -6.02
N PHE D 196 27.43 -15.22 -5.41
CA PHE D 196 27.68 -13.81 -5.04
C PHE D 196 27.76 -12.87 -6.24
N HIS D 197 28.35 -13.35 -7.32
CA HIS D 197 28.50 -12.58 -8.54
C HIS D 197 27.27 -12.66 -9.43
N HIS D 198 27.03 -11.61 -10.20
CA HIS D 198 25.90 -11.60 -11.11
C HIS D 198 26.13 -12.68 -12.16
N GLY D 199 25.06 -13.31 -12.61
CA GLY D 199 25.18 -14.34 -13.64
C GLY D 199 25.05 -13.64 -14.98
N ASN D 200 26.01 -12.75 -15.25
CA ASN D 200 26.01 -11.95 -16.46
C ASN D 200 25.89 -12.75 -17.76
N GLY D 201 26.48 -13.95 -17.78
CA GLY D 201 26.42 -14.79 -18.96
C GLY D 201 25.04 -15.43 -19.12
N THR D 202 24.51 -15.93 -18.01
CA THR D 202 23.19 -16.54 -18.06
C THR D 202 22.19 -15.49 -18.49
N GLN D 203 22.30 -14.28 -17.93
CA GLN D 203 21.38 -13.22 -18.29
C GLN D 203 21.43 -12.92 -19.78
N ASP D 204 22.65 -12.80 -20.31
CA ASP D 204 22.83 -12.53 -21.73
C ASP D 204 22.15 -13.61 -22.56
N ILE D 205 22.41 -14.88 -22.23
CA ILE D 205 21.82 -15.97 -23.00
C ILE D 205 20.30 -15.98 -23.10
N PHE D 206 19.61 -15.59 -22.04
CA PHE D 206 18.15 -15.62 -22.06
C PHE D 206 17.47 -14.24 -22.07
N TYR D 207 18.26 -13.19 -22.23
CA TYR D 207 17.71 -11.84 -22.23
C TYR D 207 16.58 -11.61 -23.24
N GLU D 208 16.65 -12.29 -24.38
CA GLU D 208 15.60 -12.12 -25.40
C GLU D 208 14.79 -13.39 -25.63
N ARG D 209 14.69 -14.21 -24.58
CA ARG D 209 13.94 -15.45 -24.63
C ARG D 209 12.80 -15.41 -23.62
N GLY D 210 11.58 -15.60 -24.11
CA GLY D 210 10.40 -15.54 -23.25
C GLY D 210 10.05 -16.81 -22.52
N ASP D 211 10.66 -17.92 -22.93
CA ASP D 211 10.41 -19.22 -22.33
C ASP D 211 11.27 -19.51 -21.10
N VAL D 212 12.24 -18.64 -20.84
CA VAL D 212 13.11 -18.81 -19.68
C VAL D 212 13.16 -17.54 -18.82
N PHE D 213 13.00 -17.72 -17.51
CA PHE D 213 13.03 -16.62 -16.57
C PHE D 213 14.35 -16.69 -15.79
N PHE D 214 15.02 -15.55 -15.68
CA PHE D 214 16.29 -15.47 -14.98
C PHE D 214 16.24 -14.51 -13.80
N ALA D 215 16.55 -15.02 -12.62
CA ALA D 215 16.55 -14.20 -11.43
C ALA D 215 17.92 -14.29 -10.78
N SER D 216 18.44 -13.17 -10.32
CA SER D 216 19.75 -13.23 -9.70
C SER D 216 19.93 -12.27 -8.53
N LEU D 217 20.54 -12.77 -7.47
CA LEU D 217 20.84 -11.97 -6.30
C LEU D 217 22.37 -11.90 -6.33
N HIS D 218 22.92 -10.71 -6.20
CA HIS D 218 24.36 -10.54 -6.29
C HIS D 218 24.83 -9.23 -5.70
N GLY D 219 26.14 -9.11 -5.51
CA GLY D 219 26.70 -7.87 -4.99
C GLY D 219 26.50 -6.80 -6.05
N ASP D 220 26.21 -5.58 -5.63
CA ASP D 220 25.99 -4.46 -6.55
C ASP D 220 27.13 -4.39 -7.58
N PRO D 221 26.79 -4.44 -8.87
CA PRO D 221 27.79 -4.37 -9.93
C PRO D 221 28.59 -3.07 -9.92
N ALA D 222 28.06 -2.07 -9.23
CA ALA D 222 28.73 -0.79 -9.14
C ALA D 222 30.09 -0.97 -8.44
N GLU D 223 30.24 -2.08 -7.73
CA GLU D 223 31.51 -2.31 -7.05
C GLU D 223 31.83 -3.78 -6.85
N ALA D 224 31.36 -4.61 -7.76
CA ALA D 224 31.62 -6.03 -7.69
C ALA D 224 31.56 -6.63 -9.08
N PHE D 225 32.48 -7.56 -9.34
CA PHE D 225 32.55 -8.27 -10.61
C PHE D 225 31.14 -8.78 -10.91
N PRO D 226 30.72 -8.81 -12.19
CA PRO D 226 31.41 -8.41 -13.42
C PRO D 226 31.44 -6.91 -13.71
N HIS D 227 30.79 -6.12 -12.84
CA HIS D 227 30.76 -4.66 -12.99
C HIS D 227 29.89 -4.07 -14.11
N PHE D 228 29.74 -4.76 -15.24
CA PHE D 228 28.95 -4.17 -16.33
C PHE D 228 27.63 -4.84 -16.68
N LEU D 229 26.96 -5.38 -15.68
CA LEU D 229 25.66 -6.04 -15.86
C LEU D 229 25.15 -6.46 -14.48
N GLY D 230 23.84 -6.56 -14.33
CA GLY D 230 23.30 -6.96 -13.03
C GLY D 230 22.52 -5.87 -12.32
N TYR D 231 22.24 -4.78 -13.03
CA TYR D 231 21.47 -3.69 -12.44
C TYR D 231 20.00 -4.06 -12.48
N ALA D 232 19.26 -3.60 -11.46
CA ALA D 232 17.83 -3.87 -11.31
C ALA D 232 17.01 -3.43 -12.51
N GLU D 233 17.48 -2.39 -13.18
CA GLU D 233 16.79 -1.83 -14.33
C GLU D 233 16.76 -2.81 -15.49
N GLU D 234 17.71 -3.72 -15.56
CA GLU D 234 17.76 -4.72 -16.63
C GLU D 234 16.68 -5.77 -16.43
N THR D 235 15.57 -5.66 -17.17
CA THR D 235 14.46 -6.60 -17.01
C THR D 235 14.16 -7.50 -18.20
N GLY D 236 14.96 -7.40 -19.25
CA GLY D 236 14.73 -8.22 -20.43
C GLY D 236 14.56 -7.37 -21.67
N LYS D 237 14.59 -8.00 -22.84
CA LYS D 237 14.46 -7.28 -24.08
C LYS D 237 13.67 -8.08 -25.12
N GLY D 238 12.86 -7.37 -25.90
CA GLY D 238 12.06 -7.99 -26.93
C GLY D 238 11.24 -9.17 -26.50
N ALA D 239 11.45 -10.30 -27.17
CA ALA D 239 10.71 -11.53 -26.86
C ALA D 239 10.92 -12.01 -25.42
N GLY D 240 11.97 -11.51 -24.77
CA GLY D 240 12.26 -11.90 -23.40
C GLY D 240 11.96 -10.81 -22.39
N ALA D 241 11.33 -9.73 -22.86
CA ALA D 241 10.98 -8.61 -22.00
C ALA D 241 10.22 -9.10 -20.77
N GLY D 242 10.62 -8.60 -19.61
CA GLY D 242 9.99 -8.98 -18.36
C GLY D 242 10.41 -10.32 -17.80
N THR D 243 11.45 -10.94 -18.35
CA THR D 243 11.91 -12.25 -17.86
C THR D 243 13.24 -12.28 -17.12
N THR D 244 13.78 -11.10 -16.78
CA THR D 244 15.03 -10.99 -16.04
C THR D 244 14.74 -10.18 -14.78
N ALA D 245 15.19 -10.65 -13.63
CA ALA D 245 14.97 -9.92 -12.37
C ALA D 245 16.26 -9.88 -11.57
N ASN D 246 16.91 -8.73 -11.57
CA ASN D 246 18.16 -8.60 -10.83
C ASN D 246 17.98 -7.98 -9.45
N TYR D 247 18.72 -8.51 -8.48
CA TYR D 247 18.66 -8.03 -7.12
C TYR D 247 20.06 -7.69 -6.60
N PRO D 248 20.61 -6.54 -7.03
CA PRO D 248 21.95 -6.14 -6.58
C PRO D 248 21.91 -5.65 -5.12
N MET D 249 22.83 -6.13 -4.29
CA MET D 249 22.87 -5.71 -2.89
C MET D 249 24.25 -5.18 -2.49
N GLY D 250 24.29 -4.30 -1.48
CA GLY D 250 25.54 -3.70 -1.04
C GLY D 250 26.43 -4.53 -0.13
N ARG D 251 27.52 -3.92 0.34
CA ARG D 251 28.47 -4.60 1.21
C ARG D 251 27.89 -4.82 2.60
N GLY D 252 28.19 -5.98 3.17
CA GLY D 252 27.70 -6.28 4.50
C GLY D 252 26.28 -6.82 4.56
N THR D 253 25.68 -7.08 3.41
CA THR D 253 24.31 -7.59 3.39
C THR D 253 24.20 -8.93 4.12
N PRO D 254 23.35 -8.98 5.17
CA PRO D 254 23.10 -10.17 5.99
C PRO D 254 21.92 -10.95 5.38
N TYR D 255 21.66 -12.15 5.89
CA TYR D 255 20.56 -12.93 5.34
C TYR D 255 19.21 -12.23 5.49
N SER D 256 19.06 -11.42 6.53
CA SER D 256 17.80 -10.72 6.74
C SER D 256 17.43 -9.91 5.50
N VAL D 257 18.43 -9.28 4.89
CA VAL D 257 18.14 -8.50 3.70
C VAL D 257 18.18 -9.40 2.46
N TRP D 258 19.18 -10.27 2.41
CA TRP D 258 19.34 -11.17 1.28
C TRP D 258 18.09 -12.04 1.09
N GLY D 259 17.61 -12.63 2.19
CA GLY D 259 16.44 -13.48 2.12
C GLY D 259 15.21 -12.79 1.56
N GLU D 260 15.08 -11.49 1.81
CA GLU D 260 13.93 -10.76 1.30
C GLU D 260 13.96 -10.78 -0.23
N ALA D 261 15.15 -10.60 -0.80
CA ALA D 261 15.29 -10.64 -2.26
C ALA D 261 14.99 -12.05 -2.75
N LEU D 262 15.44 -13.06 -2.01
CA LEU D 262 15.20 -14.44 -2.41
C LEU D 262 13.69 -14.66 -2.45
N THR D 263 13.00 -14.12 -1.45
CA THR D 263 11.56 -14.24 -1.37
C THR D 263 10.89 -13.58 -2.57
N ASP D 264 11.33 -12.38 -2.90
CA ASP D 264 10.73 -11.70 -4.02
C ASP D 264 11.01 -12.42 -5.34
N SER D 265 12.25 -12.88 -5.53
CA SER D 265 12.60 -13.59 -6.77
C SER D 265 11.76 -14.87 -6.99
N LEU D 266 11.46 -15.58 -5.91
CA LEU D 266 10.69 -16.79 -6.00
C LEU D 266 9.23 -16.47 -6.31
N LYS D 267 8.80 -15.27 -5.94
CA LYS D 267 7.44 -14.83 -6.20
C LYS D 267 7.28 -14.48 -7.68
N ARG D 268 8.35 -13.99 -8.29
CA ARG D 268 8.30 -13.65 -9.71
C ARG D 268 8.43 -14.93 -10.53
N ILE D 269 9.25 -15.85 -10.05
CA ILE D 269 9.45 -17.11 -10.74
C ILE D 269 8.12 -17.88 -10.82
N ALA D 270 7.40 -17.88 -9.69
CA ALA D 270 6.11 -18.54 -9.59
C ALA D 270 5.09 -17.82 -10.50
N ALA D 271 5.16 -16.49 -10.55
CA ALA D 271 4.25 -15.75 -11.39
C ALA D 271 4.55 -16.05 -12.85
N PHE D 272 5.81 -16.34 -13.16
CA PHE D 272 6.22 -16.66 -14.52
C PHE D 272 5.66 -18.02 -14.92
N GLY D 273 5.44 -18.87 -13.94
CA GLY D 273 4.92 -20.20 -14.22
C GLY D 273 6.00 -21.21 -14.55
N ALA D 274 7.17 -21.08 -13.95
CA ALA D 274 8.26 -22.02 -14.19
C ALA D 274 7.84 -23.44 -13.78
N GLU D 275 8.15 -24.40 -14.64
CA GLU D 275 7.80 -25.81 -14.39
C GLU D 275 8.88 -26.48 -13.54
N ALA D 276 10.06 -25.88 -13.52
CA ALA D 276 11.16 -26.37 -12.71
C ALA D 276 12.10 -25.20 -12.51
N ILE D 277 13.00 -25.33 -11.55
CA ILE D 277 13.95 -24.28 -11.29
C ILE D 277 15.36 -24.82 -11.27
N VAL D 278 16.24 -24.18 -12.04
CA VAL D 278 17.64 -24.55 -12.08
C VAL D 278 18.33 -23.53 -11.18
N VAL D 279 18.95 -23.99 -10.10
CA VAL D 279 19.62 -23.11 -9.15
C VAL D 279 21.13 -23.03 -9.34
N SER D 280 21.61 -21.87 -9.78
CA SER D 280 23.06 -21.68 -9.94
C SER D 280 23.56 -21.39 -8.53
N LEU D 281 24.11 -22.42 -7.91
CA LEU D 281 24.58 -22.28 -6.53
C LEU D 281 26.03 -21.87 -6.37
N GLY D 282 26.22 -20.68 -5.83
CA GLY D 282 27.56 -20.18 -5.55
C GLY D 282 27.52 -19.94 -4.04
N VAL D 283 28.49 -20.45 -3.29
CA VAL D 283 28.49 -20.23 -1.85
C VAL D 283 29.50 -19.17 -1.46
N ASP D 284 29.90 -18.36 -2.44
CA ASP D 284 30.85 -17.31 -2.18
C ASP D 284 30.17 -16.11 -1.54
N THR D 285 28.93 -16.31 -1.08
CA THR D 285 28.20 -15.23 -0.40
C THR D 285 28.52 -15.35 1.09
N PHE D 286 29.34 -16.35 1.43
CA PHE D 286 29.76 -16.63 2.81
C PHE D 286 30.51 -15.44 3.40
N GLU D 287 30.28 -15.16 4.68
CA GLU D 287 30.94 -14.04 5.36
C GLU D 287 32.47 -14.11 5.32
N GLN D 288 33.02 -15.31 5.12
CA GLN D 288 34.46 -15.47 5.09
C GLN D 288 35.06 -15.76 3.72
N ASP D 289 34.42 -15.27 2.66
CA ASP D 289 34.96 -15.50 1.33
C ASP D 289 35.93 -14.39 0.95
N PRO D 290 37.11 -14.76 0.42
CA PRO D 290 38.17 -13.83 0.01
C PRO D 290 37.85 -12.83 -1.10
N ILE D 291 36.82 -13.09 -1.89
CA ILE D 291 36.46 -12.17 -2.96
C ILE D 291 34.99 -11.80 -2.98
N SER D 292 34.39 -11.69 -1.79
CA SER D 292 32.98 -11.34 -1.69
C SER D 292 32.67 -10.51 -0.44
N PHE D 293 31.59 -9.74 -0.46
CA PHE D 293 31.26 -8.89 0.68
C PHE D 293 29.89 -9.02 1.33
N PHE D 294 29.30 -10.20 1.27
CA PHE D 294 28.01 -10.43 1.91
C PHE D 294 28.30 -11.11 3.24
N LYS D 295 27.37 -11.04 4.19
CA LYS D 295 27.61 -11.65 5.47
C LYS D 295 26.69 -12.81 5.82
N LEU D 296 26.65 -13.83 4.96
CA LEU D 296 25.82 -14.99 5.23
C LEU D 296 26.62 -15.99 6.07
N THR D 297 25.94 -16.65 7.00
CA THR D 297 26.56 -17.63 7.86
C THR D 297 26.20 -19.02 7.31
N SER D 298 26.93 -20.05 7.72
CA SER D 298 26.68 -21.41 7.23
C SER D 298 25.22 -21.84 7.38
N PRO D 299 24.64 -21.65 8.57
CA PRO D 299 23.24 -22.04 8.79
C PRO D 299 22.28 -21.44 7.77
N ASP D 300 22.54 -20.23 7.31
CA ASP D 300 21.68 -19.57 6.33
C ASP D 300 21.53 -20.36 5.03
N TYR D 301 22.50 -21.23 4.75
CA TYR D 301 22.43 -22.02 3.52
C TYR D 301 21.35 -23.10 3.64
N ILE D 302 21.04 -23.48 4.88
CA ILE D 302 19.99 -24.47 5.10
C ILE D 302 18.66 -23.79 4.78
N THR D 303 18.50 -22.57 5.30
CA THR D 303 17.31 -21.79 5.09
C THR D 303 17.10 -21.49 3.60
N MET D 304 18.20 -21.21 2.91
CA MET D 304 18.15 -20.91 1.49
C MET D 304 17.54 -22.08 0.73
N GLY D 305 18.09 -23.27 0.98
CA GLY D 305 17.62 -24.49 0.34
C GLY D 305 16.18 -24.84 0.66
N ARG D 306 15.78 -24.68 1.91
CA ARG D 306 14.41 -24.98 2.29
C ARG D 306 13.45 -24.01 1.62
N THR D 307 13.83 -22.75 1.59
CA THR D 307 12.98 -21.74 0.99
C THR D 307 12.78 -21.97 -0.51
N ILE D 308 13.86 -22.28 -1.21
CA ILE D 308 13.79 -22.51 -2.64
C ILE D 308 13.00 -23.78 -2.94
N ALA D 309 13.10 -24.78 -2.06
CA ALA D 309 12.36 -26.03 -2.27
C ALA D 309 10.87 -25.77 -2.07
N ALA D 310 10.55 -24.80 -1.22
CA ALA D 310 9.16 -24.45 -0.94
C ALA D 310 8.45 -23.94 -2.20
N SER D 311 9.22 -23.73 -3.27
CA SER D 311 8.63 -23.26 -4.52
C SER D 311 7.60 -24.29 -4.96
N GLY D 312 7.85 -25.54 -4.62
CA GLY D 312 6.95 -26.60 -5.00
C GLY D 312 7.27 -27.26 -6.33
N VAL D 313 8.34 -26.83 -6.99
CA VAL D 313 8.71 -27.41 -8.27
C VAL D 313 10.06 -28.13 -8.18
N PRO D 314 10.31 -29.09 -9.10
CA PRO D 314 11.58 -29.82 -9.08
C PRO D 314 12.77 -28.84 -9.18
N LEU D 315 13.87 -29.17 -8.52
CA LEU D 315 15.06 -28.31 -8.53
C LEU D 315 16.31 -29.00 -9.02
N LEU D 316 17.10 -28.27 -9.80
CA LEU D 316 18.36 -28.77 -10.30
C LEU D 316 19.43 -27.79 -9.84
N VAL D 317 20.27 -28.23 -8.90
CA VAL D 317 21.32 -27.38 -8.35
C VAL D 317 22.58 -27.57 -9.19
N VAL D 318 23.09 -26.45 -9.69
CA VAL D 318 24.27 -26.44 -10.52
C VAL D 318 25.34 -25.63 -9.80
N MET D 319 26.44 -26.29 -9.48
CA MET D 319 27.54 -25.64 -8.77
C MET D 319 28.15 -24.49 -9.56
N GLU D 320 28.44 -23.39 -8.86
CA GLU D 320 29.04 -22.20 -9.46
C GLU D 320 30.30 -21.76 -8.66
N GLY D 321 30.28 -20.54 -8.11
CA GLY D 321 31.40 -20.01 -7.34
C GLY D 321 31.51 -20.45 -5.89
N GLY D 322 32.48 -19.90 -5.17
CA GLY D 322 32.70 -20.25 -3.77
C GLY D 322 34.16 -20.66 -3.68
N TYR D 323 34.98 -19.87 -2.99
CA TYR D 323 36.42 -20.14 -2.93
C TYR D 323 37.06 -20.02 -1.55
N GLY D 324 38.38 -19.96 -1.57
CA GLY D 324 39.16 -19.83 -0.34
C GLY D 324 38.88 -20.80 0.79
N VAL D 325 38.23 -20.29 1.83
CA VAL D 325 37.90 -21.05 3.04
C VAL D 325 37.42 -22.48 2.81
N PRO D 326 37.64 -23.36 3.81
CA PRO D 326 37.24 -24.76 3.74
C PRO D 326 35.75 -24.99 4.00
N GLU D 327 35.01 -23.93 4.28
CA GLU D 327 33.59 -24.09 4.54
C GLU D 327 32.76 -24.22 3.27
N ILE D 328 33.37 -24.05 2.10
CA ILE D 328 32.59 -24.16 0.87
C ILE D 328 31.84 -25.48 0.79
N GLY D 329 32.45 -26.55 1.28
CA GLY D 329 31.80 -27.85 1.25
C GLY D 329 30.63 -27.88 2.20
N LEU D 330 30.87 -27.45 3.43
CA LEU D 330 29.83 -27.42 4.44
C LEU D 330 28.64 -26.56 4.00
N ASN D 331 28.93 -25.47 3.31
CA ASN D 331 27.88 -24.56 2.84
C ASN D 331 27.03 -25.11 1.71
N VAL D 332 27.67 -25.86 0.80
CA VAL D 332 26.96 -26.47 -0.30
C VAL D 332 26.12 -27.61 0.28
N ALA D 333 26.73 -28.40 1.17
CA ALA D 333 26.01 -29.51 1.79
C ALA D 333 24.74 -29.01 2.50
N ASN D 334 24.84 -27.86 3.17
CA ASN D 334 23.69 -27.31 3.88
C ASN D 334 22.52 -26.94 2.97
N VAL D 335 22.85 -26.41 1.78
CA VAL D 335 21.84 -26.04 0.80
C VAL D 335 21.08 -27.30 0.35
N LEU D 336 21.80 -28.39 0.14
CA LEU D 336 21.18 -29.64 -0.29
C LEU D 336 20.33 -30.24 0.82
N LYS D 337 20.80 -30.14 2.05
CA LYS D 337 20.04 -30.66 3.20
C LYS D 337 18.77 -29.83 3.36
N GLY D 338 18.85 -28.55 3.01
CA GLY D 338 17.71 -27.67 3.12
C GLY D 338 16.70 -28.06 2.06
N VAL D 339 17.19 -28.30 0.85
CA VAL D 339 16.37 -28.72 -0.27
C VAL D 339 15.70 -30.06 0.02
N ALA D 340 16.47 -30.97 0.62
CA ALA D 340 16.00 -32.31 0.98
C ALA D 340 14.89 -32.29 2.01
N GLY D 341 14.85 -31.23 2.82
CA GLY D 341 13.82 -31.12 3.84
C GLY D 341 13.85 -32.22 4.89
N MET E 1 -31.96 6.04 -28.17
CA MET E 1 -30.65 5.89 -28.86
C MET E 1 -30.87 5.60 -30.33
N ARG E 2 -30.34 6.44 -31.20
CA ARG E 2 -30.50 6.22 -32.64
C ARG E 2 -29.53 5.12 -33.11
N VAL E 3 -29.90 4.44 -34.18
CA VAL E 3 -29.09 3.36 -34.75
C VAL E 3 -28.75 3.69 -36.21
N ILE E 4 -27.47 3.84 -36.51
CA ILE E 4 -27.08 4.13 -37.89
C ILE E 4 -26.78 2.80 -38.53
N PHE E 5 -27.52 2.47 -39.57
CA PHE E 5 -27.32 1.19 -40.24
C PHE E 5 -27.37 1.35 -41.75
N SER E 6 -26.50 0.64 -42.46
CA SER E 6 -26.49 0.69 -43.91
C SER E 6 -26.68 -0.69 -44.53
N GLU E 7 -27.65 -0.77 -45.43
CA GLU E 7 -27.94 -2.01 -46.13
C GLU E 7 -26.78 -2.46 -47.00
N ASP E 8 -25.98 -1.50 -47.46
CA ASP E 8 -24.84 -1.82 -48.32
C ASP E 8 -23.83 -2.76 -47.67
N HIS E 9 -23.95 -2.96 -46.36
CA HIS E 9 -23.04 -3.83 -45.64
C HIS E 9 -23.05 -5.20 -46.30
N LYS E 10 -24.18 -5.55 -46.91
CA LYS E 10 -24.32 -6.85 -47.56
C LYS E 10 -23.50 -6.95 -48.84
N LEU E 11 -22.87 -5.86 -49.26
CA LEU E 11 -22.03 -5.88 -50.45
C LEU E 11 -20.79 -6.68 -50.12
N ARG E 12 -20.58 -6.88 -48.82
CA ARG E 12 -19.47 -7.65 -48.29
C ARG E 12 -20.05 -9.01 -47.95
N ASN E 13 -19.81 -9.96 -48.83
CA ASN E 13 -20.31 -11.30 -48.63
C ASN E 13 -19.33 -12.30 -49.21
N ALA E 14 -18.12 -12.32 -48.64
CA ALA E 14 -17.07 -13.21 -49.07
C ALA E 14 -17.55 -14.64 -49.09
N LYS E 15 -16.92 -15.45 -49.92
CA LYS E 15 -17.27 -16.87 -50.04
C LYS E 15 -16.31 -17.77 -49.27
N THR E 16 -15.07 -17.31 -49.10
CA THR E 16 -14.09 -18.12 -48.42
C THR E 16 -13.37 -17.38 -47.30
N GLU E 17 -12.85 -18.15 -46.37
CA GLU E 17 -12.09 -17.63 -45.25
C GLU E 17 -11.14 -18.75 -44.87
N LEU E 18 -9.85 -18.46 -44.90
CA LEU E 18 -8.87 -19.47 -44.54
C LEU E 18 -8.97 -19.74 -43.04
N TYR E 19 -9.43 -20.94 -42.69
CA TYR E 19 -9.58 -21.34 -41.28
C TYR E 19 -9.21 -22.81 -41.08
N GLY E 20 -8.31 -23.09 -40.14
CA GLY E 20 -7.92 -24.46 -39.90
C GLY E 20 -7.34 -25.14 -41.13
N GLY E 21 -6.76 -24.37 -42.04
CA GLY E 21 -6.18 -24.94 -43.24
C GLY E 21 -7.19 -25.19 -44.35
N GLU E 22 -8.39 -24.67 -44.16
CA GLU E 22 -9.45 -24.83 -45.15
C GLU E 22 -10.09 -23.50 -45.47
N LEU E 23 -10.62 -23.40 -46.69
CA LEU E 23 -11.32 -22.20 -47.13
C LEU E 23 -12.78 -22.47 -46.83
N VAL E 24 -13.22 -22.11 -45.64
CA VAL E 24 -14.59 -22.34 -45.24
C VAL E 24 -15.42 -21.06 -45.32
N PRO E 25 -16.76 -21.19 -45.21
CA PRO E 25 -17.65 -20.03 -45.26
C PRO E 25 -17.31 -19.01 -44.18
N PRO E 26 -17.10 -17.75 -44.57
CA PRO E 26 -16.77 -16.64 -43.66
C PRO E 26 -17.57 -16.59 -42.35
N PHE E 27 -16.86 -16.56 -41.22
CA PHE E 27 -17.50 -16.47 -39.90
C PHE E 27 -18.22 -15.13 -39.80
N GLU E 28 -17.68 -14.13 -40.49
CA GLU E 28 -18.25 -12.79 -40.48
C GLU E 28 -19.10 -12.60 -41.75
N ALA E 29 -20.32 -13.12 -41.71
CA ALA E 29 -21.26 -13.08 -42.83
C ALA E 29 -22.40 -12.09 -42.62
N PRO E 30 -23.10 -11.72 -43.72
CA PRO E 30 -24.22 -10.77 -43.66
C PRO E 30 -25.32 -11.07 -42.65
N PHE E 31 -25.52 -12.35 -42.31
CA PHE E 31 -26.57 -12.68 -41.36
C PHE E 31 -26.36 -12.03 -40.00
N ARG E 32 -25.11 -11.68 -39.67
CA ARG E 32 -24.82 -11.04 -38.39
C ARG E 32 -25.50 -9.70 -38.23
N ALA E 33 -25.48 -8.90 -39.30
CA ALA E 33 -26.11 -7.58 -39.27
C ALA E 33 -27.63 -7.74 -39.10
N GLU E 34 -28.20 -8.71 -39.81
CA GLU E 34 -29.62 -8.98 -39.75
C GLU E 34 -30.07 -9.41 -38.34
N TRP E 35 -29.38 -10.38 -37.76
CA TRP E 35 -29.74 -10.84 -36.44
C TRP E 35 -29.61 -9.72 -35.41
N ILE E 36 -28.51 -8.95 -35.47
CA ILE E 36 -28.31 -7.87 -34.52
C ILE E 36 -29.31 -6.74 -34.71
N LEU E 37 -29.61 -6.41 -35.96
CA LEU E 37 -30.56 -5.35 -36.26
C LEU E 37 -31.93 -5.69 -35.65
N ALA E 38 -32.39 -6.91 -35.91
CA ALA E 38 -33.68 -7.38 -35.41
C ALA E 38 -33.75 -7.37 -33.88
N ALA E 39 -32.66 -7.78 -33.24
CA ALA E 39 -32.61 -7.83 -31.79
C ALA E 39 -32.71 -6.44 -31.15
N VAL E 40 -31.89 -5.52 -31.61
CA VAL E 40 -31.91 -4.16 -31.05
C VAL E 40 -33.27 -3.51 -31.27
N LYS E 41 -33.84 -3.64 -32.46
CA LYS E 41 -35.15 -3.06 -32.74
C LYS E 41 -36.19 -3.74 -31.87
N GLU E 42 -35.95 -5.02 -31.56
CA GLU E 42 -36.84 -5.81 -30.72
C GLU E 42 -36.78 -5.27 -29.30
N ALA E 43 -35.60 -4.80 -28.91
CA ALA E 43 -35.39 -4.26 -27.58
C ALA E 43 -35.97 -2.85 -27.46
N GLY E 44 -36.51 -2.33 -28.56
CA GLY E 44 -37.09 -1.00 -28.52
C GLY E 44 -36.28 0.08 -29.22
N PHE E 45 -35.07 -0.27 -29.64
CA PHE E 45 -34.20 0.66 -30.36
C PHE E 45 -34.56 0.53 -31.83
N ASP E 46 -35.74 1.03 -32.18
CA ASP E 46 -36.23 0.96 -33.55
C ASP E 46 -36.09 2.26 -34.33
N ASP E 47 -35.25 3.16 -33.83
CA ASP E 47 -35.03 4.43 -34.52
C ASP E 47 -33.83 4.26 -35.44
N VAL E 48 -33.97 3.36 -36.41
CA VAL E 48 -32.90 3.07 -37.37
C VAL E 48 -32.89 4.06 -38.53
N VAL E 49 -31.70 4.54 -38.88
CA VAL E 49 -31.54 5.48 -39.98
C VAL E 49 -30.26 5.17 -40.73
N ALA E 50 -30.33 5.30 -42.06
CA ALA E 50 -29.17 5.01 -42.87
C ALA E 50 -28.16 6.16 -42.77
N PRO E 51 -26.86 5.84 -42.93
CA PRO E 51 -25.87 6.90 -42.85
C PRO E 51 -25.86 7.75 -44.10
N ALA E 52 -25.27 8.94 -43.99
CA ALA E 52 -25.18 9.85 -45.11
C ALA E 52 -23.91 9.54 -45.90
N ARG E 53 -23.69 10.28 -46.98
CA ARG E 53 -22.50 10.09 -47.80
C ARG E 53 -21.36 10.88 -47.16
N HIS E 54 -20.16 10.31 -47.18
CA HIS E 54 -19.01 10.99 -46.61
C HIS E 54 -17.76 10.79 -47.44
N GLY E 55 -16.98 11.85 -47.57
CA GLY E 55 -15.74 11.79 -48.32
C GLY E 55 -14.72 11.01 -47.51
N LEU E 56 -13.47 10.99 -47.98
CA LEU E 56 -12.41 10.26 -47.29
C LEU E 56 -11.56 11.15 -46.41
N GLU E 57 -12.00 12.40 -46.28
CA GLU E 57 -11.26 13.36 -45.47
C GLU E 57 -10.97 12.89 -44.06
N THR E 58 -11.98 12.38 -43.37
CA THR E 58 -11.77 11.92 -42.01
C THR E 58 -10.89 10.68 -41.95
N VAL E 59 -11.17 9.70 -42.81
CA VAL E 59 -10.39 8.46 -42.82
C VAL E 59 -8.92 8.69 -43.17
N LEU E 60 -8.65 9.64 -44.05
CA LEU E 60 -7.29 9.94 -44.45
C LEU E 60 -6.44 10.51 -43.31
N LYS E 61 -7.06 10.72 -42.16
CA LYS E 61 -6.34 11.25 -41.01
C LYS E 61 -5.92 10.13 -40.07
N VAL E 62 -6.40 8.92 -40.34
CA VAL E 62 -6.04 7.79 -39.50
C VAL E 62 -5.47 6.62 -40.32
N HIS E 63 -5.81 6.56 -41.61
CA HIS E 63 -5.31 5.52 -42.50
C HIS E 63 -4.37 6.04 -43.58
N ASP E 64 -3.35 5.25 -43.89
CA ASP E 64 -2.37 5.59 -44.92
C ASP E 64 -3.11 5.76 -46.25
N ALA E 65 -2.72 6.75 -47.05
CA ALA E 65 -3.38 7.00 -48.33
C ALA E 65 -3.10 5.89 -49.34
N GLY E 66 -1.92 5.29 -49.26
CA GLY E 66 -1.57 4.22 -50.18
C GLY E 66 -2.43 3.00 -49.91
N TYR E 67 -2.65 2.72 -48.62
CA TYR E 67 -3.44 1.58 -48.19
C TYR E 67 -4.89 1.72 -48.67
N LEU E 68 -5.49 2.89 -48.44
CA LEU E 68 -6.86 3.11 -48.88
C LEU E 68 -6.91 3.03 -50.40
N ASN E 69 -5.91 3.62 -51.04
CA ASN E 69 -5.83 3.58 -52.49
C ASN E 69 -5.79 2.14 -52.98
N PHE E 70 -5.10 1.27 -52.24
CA PHE E 70 -4.98 -0.15 -52.59
C PHE E 70 -6.32 -0.88 -52.42
N LEU E 71 -7.03 -0.61 -51.32
CA LEU E 71 -8.32 -1.24 -51.07
C LEU E 71 -9.30 -1.02 -52.22
N GLU E 72 -9.41 0.21 -52.69
CA GLU E 72 -10.35 0.53 -53.75
C GLU E 72 -10.21 -0.27 -55.03
N THR E 73 -9.01 -0.64 -55.41
CA THR E 73 -8.87 -1.41 -56.65
C THR E 73 -8.34 -2.82 -56.46
N ALA E 74 -8.12 -3.20 -55.20
CA ALA E 74 -7.62 -4.54 -54.89
C ALA E 74 -8.28 -5.63 -55.72
N TRP E 75 -9.57 -5.86 -55.48
CA TRP E 75 -10.29 -6.92 -56.20
C TRP E 75 -10.18 -6.85 -57.73
N ASP E 76 -10.29 -5.65 -58.29
CA ASP E 76 -10.19 -5.52 -59.75
C ASP E 76 -8.86 -6.00 -60.29
N ARG E 77 -7.79 -5.59 -59.63
CA ARG E 77 -6.45 -5.98 -60.06
C ARG E 77 -6.26 -7.47 -59.87
N TRP E 78 -6.86 -8.01 -58.81
CA TRP E 78 -6.73 -9.42 -58.52
C TRP E 78 -7.38 -10.25 -59.62
N LYS E 79 -8.60 -9.87 -60.01
CA LYS E 79 -9.31 -10.59 -61.06
C LYS E 79 -8.60 -10.42 -62.40
N ALA E 80 -8.01 -9.24 -62.63
CA ALA E 80 -7.30 -8.97 -63.87
C ALA E 80 -6.00 -9.77 -63.94
N ALA E 81 -5.44 -10.13 -62.78
CA ALA E 81 -4.20 -10.89 -62.75
C ALA E 81 -4.42 -12.31 -63.25
N GLY E 82 -5.65 -12.79 -63.16
CA GLY E 82 -5.98 -14.12 -63.62
C GLY E 82 -6.18 -15.18 -62.53
N TYR E 83 -6.49 -14.76 -61.32
CA TYR E 83 -6.69 -15.71 -60.21
C TYR E 83 -8.16 -16.13 -60.09
N LYS E 84 -8.39 -17.43 -59.95
CA LYS E 84 -9.75 -17.95 -59.83
C LYS E 84 -10.43 -17.76 -58.48
N GLY E 85 -9.69 -17.86 -57.39
CA GLY E 85 -10.28 -17.68 -56.07
C GLY E 85 -10.36 -16.21 -55.67
N GLU E 86 -10.73 -15.95 -54.43
CA GLU E 86 -10.82 -14.58 -53.93
C GLU E 86 -9.41 -14.10 -53.58
N ALA E 87 -9.27 -12.80 -53.36
CA ALA E 87 -7.97 -12.19 -53.06
C ALA E 87 -7.45 -12.43 -51.64
N ILE E 88 -6.47 -13.33 -51.53
CA ILE E 88 -5.86 -13.67 -50.24
C ILE E 88 -4.34 -13.56 -50.33
N ALA E 89 -3.73 -12.92 -49.33
CA ALA E 89 -2.27 -12.74 -49.30
C ALA E 89 -1.56 -14.04 -48.91
N THR E 90 -0.39 -14.26 -49.48
CA THR E 90 0.37 -15.46 -49.16
C THR E 90 1.79 -15.12 -48.73
N SER E 91 2.24 -13.91 -49.04
CA SER E 91 3.58 -13.50 -48.65
C SER E 91 3.49 -12.22 -47.82
N PHE E 92 4.24 -12.16 -46.72
CA PHE E 92 4.19 -10.98 -45.84
C PHE E 92 5.53 -10.41 -45.40
N PRO E 93 5.58 -9.08 -45.18
CA PRO E 93 6.83 -8.45 -44.74
C PRO E 93 7.04 -8.67 -43.25
N VAL E 94 7.62 -9.83 -42.92
CA VAL E 94 7.85 -10.19 -41.54
C VAL E 94 9.22 -9.72 -41.04
N ARG E 95 9.80 -10.46 -40.11
CA ARG E 95 11.10 -10.08 -39.55
C ARG E 95 12.21 -9.89 -40.56
N ARG E 96 13.02 -8.87 -40.31
CA ARG E 96 14.18 -8.58 -41.14
C ARG E 96 13.94 -8.54 -42.65
N THR E 97 12.85 -7.90 -43.07
CA THR E 97 12.53 -7.77 -44.49
C THR E 97 12.63 -6.32 -44.95
N SER E 98 12.71 -6.13 -46.26
CA SER E 98 12.80 -4.78 -46.83
C SER E 98 11.55 -3.97 -46.54
N PRO E 99 11.71 -2.65 -46.40
CA PRO E 99 10.56 -1.77 -46.14
C PRO E 99 9.89 -1.31 -47.44
N ARG E 100 10.49 -1.65 -48.57
CA ARG E 100 9.95 -1.25 -49.87
C ARG E 100 8.54 -1.78 -50.15
N ILE E 101 7.79 -1.04 -50.95
CA ILE E 101 6.44 -1.44 -51.33
C ILE E 101 6.51 -2.08 -52.73
N PRO E 102 5.96 -3.30 -52.88
CA PRO E 102 5.99 -3.97 -54.19
C PRO E 102 5.02 -3.30 -55.13
N THR E 103 5.13 -3.62 -56.42
CA THR E 103 4.23 -3.06 -57.40
C THR E 103 3.15 -4.06 -57.83
N ASP E 104 3.53 -5.32 -58.01
CA ASP E 104 2.59 -6.41 -58.41
C ASP E 104 1.42 -6.50 -57.42
N ILE E 105 0.27 -6.98 -57.88
CA ILE E 105 -0.89 -7.10 -57.01
C ILE E 105 -0.66 -8.11 -55.90
N GLU E 106 0.08 -9.18 -56.23
CA GLU E 106 0.37 -10.21 -55.25
C GLU E 106 1.29 -9.69 -54.15
N GLY E 107 2.23 -8.83 -54.52
CA GLY E 107 3.13 -8.27 -53.53
C GLY E 107 2.43 -7.26 -52.64
N GLN E 108 1.64 -6.39 -53.26
CA GLN E 108 0.92 -5.37 -52.54
C GLN E 108 -0.10 -5.91 -51.52
N ILE E 109 -0.88 -6.90 -51.92
CA ILE E 109 -1.87 -7.44 -50.99
C ILE E 109 -1.18 -8.00 -49.75
N GLY E 110 0.01 -8.57 -49.94
CA GLY E 110 0.75 -9.09 -48.80
C GLY E 110 1.26 -7.94 -47.97
N TYR E 111 1.77 -6.91 -48.65
CA TYR E 111 2.30 -5.72 -47.98
C TYR E 111 1.26 -5.03 -47.12
N TYR E 112 0.03 -4.95 -47.62
CA TYR E 112 -1.07 -4.29 -46.91
C TYR E 112 -1.97 -5.19 -46.06
N CYS E 113 -1.51 -6.40 -45.78
CA CYS E 113 -2.28 -7.35 -45.01
C CYS E 113 -1.53 -7.90 -43.78
N ASN E 114 -2.25 -8.11 -42.67
CA ASN E 114 -1.65 -8.63 -41.42
C ASN E 114 -2.16 -10.03 -41.05
N ALA E 115 -3.07 -10.55 -41.88
CA ALA E 115 -3.65 -11.86 -41.63
C ALA E 115 -4.24 -12.44 -42.90
N ALA E 116 -3.82 -13.66 -43.26
CA ALA E 116 -4.31 -14.31 -44.48
C ALA E 116 -5.71 -14.91 -44.36
N GLU E 117 -6.35 -14.77 -43.20
CA GLU E 117 -7.68 -15.31 -43.01
C GLU E 117 -8.77 -14.42 -43.56
N THR E 118 -8.40 -13.21 -43.97
CA THR E 118 -9.37 -12.30 -44.53
C THR E 118 -9.09 -12.19 -46.02
N ALA E 119 -10.14 -12.31 -46.82
CA ALA E 119 -10.01 -12.23 -48.26
C ALA E 119 -10.76 -11.01 -48.77
N ILE E 120 -10.23 -10.42 -49.84
CA ILE E 120 -10.89 -9.28 -50.43
C ILE E 120 -11.81 -9.88 -51.49
N SER E 121 -13.02 -9.37 -51.57
CA SER E 121 -13.99 -9.87 -52.53
C SER E 121 -14.80 -8.72 -53.12
N PRO E 122 -15.50 -8.96 -54.22
CA PRO E 122 -16.32 -7.95 -54.89
C PRO E 122 -17.24 -7.21 -53.90
N GLY E 123 -17.15 -5.89 -53.87
CA GLY E 123 -18.01 -5.13 -52.98
C GLY E 123 -17.41 -4.79 -51.63
N THR E 124 -16.29 -5.42 -51.29
CA THR E 124 -15.64 -5.15 -50.02
C THR E 124 -15.46 -3.66 -49.83
N TRP E 125 -14.76 -3.02 -50.77
CA TRP E 125 -14.53 -1.58 -50.70
C TRP E 125 -15.83 -0.81 -50.45
N GLU E 126 -16.83 -1.04 -51.29
CA GLU E 126 -18.13 -0.37 -51.17
C GLU E 126 -18.75 -0.56 -49.79
N ALA E 127 -18.68 -1.79 -49.29
CA ALA E 127 -19.23 -2.13 -48.00
C ALA E 127 -18.46 -1.43 -46.89
N ALA E 128 -17.14 -1.47 -46.97
CA ALA E 128 -16.30 -0.82 -45.96
C ALA E 128 -16.62 0.66 -45.90
N LEU E 129 -16.82 1.30 -47.05
CA LEU E 129 -17.13 2.72 -47.07
C LEU E 129 -18.47 3.06 -46.40
N SER E 130 -19.46 2.19 -46.56
CA SER E 130 -20.78 2.43 -45.95
C SER E 130 -20.68 2.22 -44.43
N SER E 131 -19.90 1.22 -44.03
CA SER E 131 -19.71 0.93 -42.62
C SER E 131 -19.03 2.15 -41.98
N MET E 132 -18.04 2.71 -42.68
CA MET E 132 -17.33 3.89 -42.20
C MET E 132 -18.33 5.03 -42.03
N ALA E 133 -19.21 5.18 -43.01
CA ALA E 133 -20.24 6.22 -43.00
C ALA E 133 -21.15 6.10 -41.77
N SER E 134 -21.50 4.88 -41.41
CA SER E 134 -22.36 4.70 -40.25
C SER E 134 -21.64 5.23 -39.01
N ALA E 135 -20.34 4.95 -38.91
CA ALA E 135 -19.56 5.39 -37.75
C ALA E 135 -19.48 6.92 -37.67
N ILE E 136 -19.23 7.56 -38.81
CA ILE E 136 -19.15 9.01 -38.86
C ILE E 136 -20.49 9.63 -38.45
N ASP E 137 -21.58 9.00 -38.90
CA ASP E 137 -22.93 9.47 -38.59
C ASP E 137 -23.21 9.32 -37.10
N GLY E 138 -22.66 8.27 -36.49
CA GLY E 138 -22.87 8.05 -35.08
C GLY E 138 -22.13 9.11 -34.29
N ALA E 139 -20.92 9.41 -34.72
CA ALA E 139 -20.11 10.41 -34.04
C ALA E 139 -20.76 11.79 -34.15
N ASP E 140 -21.33 12.11 -35.30
CA ASP E 140 -21.97 13.42 -35.45
C ASP E 140 -23.10 13.59 -34.45
N LEU E 141 -23.82 12.52 -34.14
CA LEU E 141 -24.91 12.59 -33.18
C LEU E 141 -24.33 12.94 -31.81
N ILE E 142 -23.21 12.32 -31.47
CA ILE E 142 -22.56 12.58 -30.19
C ILE E 142 -22.11 14.03 -30.14
N ALA E 143 -21.50 14.49 -31.24
CA ALA E 143 -21.03 15.86 -31.32
C ALA E 143 -22.22 16.81 -31.24
N ALA E 144 -23.38 16.37 -31.69
CA ALA E 144 -24.57 17.21 -31.67
C ALA E 144 -25.28 17.25 -30.32
N GLY E 145 -24.80 16.47 -29.35
CA GLY E 145 -25.42 16.47 -28.04
C GLY E 145 -25.99 15.15 -27.54
N HIS E 146 -26.18 14.17 -28.42
CA HIS E 146 -26.72 12.87 -28.00
C HIS E 146 -25.80 12.23 -26.97
N LYS E 147 -26.41 11.59 -25.95
CA LYS E 147 -25.65 10.94 -24.90
C LYS E 147 -25.19 9.54 -25.29
N ALA E 148 -25.76 9.02 -26.37
CA ALA E 148 -25.40 7.69 -26.84
C ALA E 148 -25.99 7.45 -28.20
N ALA E 149 -25.39 6.52 -28.93
CA ALA E 149 -25.85 6.17 -30.26
C ALA E 149 -25.15 4.88 -30.68
N PHE E 150 -25.82 4.09 -31.50
CA PHE E 150 -25.24 2.84 -31.94
C PHE E 150 -25.07 2.78 -33.45
N SER E 151 -23.83 2.59 -33.90
CA SER E 151 -23.54 2.46 -35.33
C SER E 151 -23.36 0.98 -35.59
N LEU E 152 -24.39 0.35 -36.14
CA LEU E 152 -24.32 -1.06 -36.44
C LEU E 152 -23.41 -1.18 -37.68
N CYS E 153 -22.10 -1.28 -37.41
CA CYS E 153 -21.08 -1.39 -38.45
C CYS E 153 -20.84 -2.81 -38.92
N ARG E 154 -20.60 -2.91 -40.21
CA ARG E 154 -20.26 -4.15 -40.86
C ARG E 154 -19.87 -3.81 -42.29
N PRO E 155 -18.70 -4.25 -42.73
CA PRO E 155 -17.74 -5.06 -41.94
C PRO E 155 -17.16 -4.29 -40.77
N PRO E 156 -16.62 -5.03 -39.78
CA PRO E 156 -16.02 -4.43 -38.58
C PRO E 156 -14.72 -3.74 -38.97
N GLY E 157 -14.03 -3.09 -38.01
CA GLY E 157 -12.80 -2.40 -38.35
C GLY E 157 -11.64 -2.36 -37.36
N HIS E 158 -11.86 -2.68 -36.09
CA HIS E 158 -10.80 -2.61 -35.10
C HIS E 158 -9.49 -3.38 -35.38
N ALA E 159 -9.50 -4.28 -36.34
CA ALA E 159 -8.27 -5.03 -36.65
C ALA E 159 -7.51 -4.41 -37.82
N ALA E 160 -8.11 -3.39 -38.46
CA ALA E 160 -7.47 -2.71 -39.58
C ALA E 160 -6.55 -1.61 -39.03
N GLY E 161 -5.25 -1.70 -39.35
CA GLY E 161 -4.30 -0.72 -38.88
C GLY E 161 -4.06 0.44 -39.83
N ILE E 162 -2.99 1.19 -39.58
CA ILE E 162 -2.67 2.35 -40.42
C ILE E 162 -2.57 2.00 -41.89
N ASP E 163 -1.86 0.91 -42.20
CA ASP E 163 -1.71 0.49 -43.59
C ASP E 163 -1.84 -1.02 -43.81
N MET E 164 -2.87 -1.62 -43.21
CA MET E 164 -3.08 -3.06 -43.34
C MET E 164 -4.47 -3.53 -42.93
N PHE E 165 -5.00 -4.53 -43.66
CA PHE E 165 -6.30 -5.12 -43.37
C PHE E 165 -6.08 -6.54 -42.85
N GLY E 166 -7.08 -7.07 -42.17
CA GLY E 166 -7.00 -8.41 -41.61
C GLY E 166 -8.10 -8.57 -40.58
N GLY E 167 -8.26 -9.77 -40.03
CA GLY E 167 -9.28 -10.00 -39.03
C GLY E 167 -10.66 -9.51 -39.42
N TYR E 168 -11.00 -9.68 -40.69
CA TYR E 168 -12.28 -9.26 -41.27
C TYR E 168 -12.47 -7.75 -41.31
N CYS E 169 -11.40 -6.99 -41.06
CA CYS E 169 -11.48 -5.53 -41.05
C CYS E 169 -10.71 -4.84 -42.20
N PHE E 170 -11.23 -3.73 -42.72
CA PHE E 170 -10.56 -3.01 -43.81
C PHE E 170 -10.40 -1.53 -43.45
N ILE E 171 -11.47 -0.93 -42.95
CA ILE E 171 -11.44 0.46 -42.53
C ILE E 171 -11.83 0.47 -41.06
N ASN E 172 -10.96 1.01 -40.23
CA ASN E 172 -11.19 1.06 -38.80
C ASN E 172 -12.24 2.09 -38.44
N ASN E 173 -13.49 1.63 -38.39
CA ASN E 173 -14.63 2.48 -38.08
C ASN E 173 -14.51 3.23 -36.75
N ALA E 174 -14.02 2.54 -35.73
CA ALA E 174 -13.85 3.13 -34.42
C ALA E 174 -12.89 4.32 -34.54
N ALA E 175 -11.79 4.10 -35.25
CA ALA E 175 -10.78 5.13 -35.44
C ALA E 175 -11.38 6.34 -36.15
N VAL E 176 -12.13 6.09 -37.22
CA VAL E 176 -12.75 7.17 -37.98
C VAL E 176 -13.71 7.97 -37.08
N ALA E 177 -14.50 7.26 -36.28
CA ALA E 177 -15.43 7.92 -35.36
C ALA E 177 -14.70 8.78 -34.33
N ALA E 178 -13.63 8.25 -33.74
CA ALA E 178 -12.88 9.01 -32.75
C ALA E 178 -12.24 10.22 -33.42
N GLN E 179 -11.76 10.05 -34.65
CA GLN E 179 -11.15 11.14 -35.37
C GLN E 179 -12.24 12.16 -35.69
N ARG E 180 -13.42 11.67 -36.05
CA ARG E 180 -14.52 12.54 -36.36
C ARG E 180 -14.91 13.42 -35.18
N LEU E 181 -14.85 12.88 -33.97
CA LEU E 181 -15.21 13.66 -32.79
C LEU E 181 -14.17 14.76 -32.55
N LEU E 182 -12.89 14.43 -32.72
CA LEU E 182 -11.86 15.44 -32.55
C LEU E 182 -12.11 16.58 -33.55
N ASP E 183 -12.46 16.22 -34.79
CA ASP E 183 -12.74 17.22 -35.81
C ASP E 183 -13.94 18.08 -35.45
N LYS E 184 -14.83 17.59 -34.61
CA LYS E 184 -16.00 18.38 -34.24
C LYS E 184 -15.73 19.28 -33.06
N GLY E 185 -14.53 19.23 -32.50
CA GLY E 185 -14.23 20.11 -31.38
C GLY E 185 -13.63 19.46 -30.15
N ALA E 186 -13.64 18.14 -30.08
CA ALA E 186 -13.07 17.47 -28.91
C ALA E 186 -11.54 17.59 -28.92
N LYS E 187 -10.95 17.60 -27.74
CA LYS E 187 -9.50 17.68 -27.62
C LYS E 187 -8.96 16.35 -27.15
N LYS E 188 -9.81 15.59 -26.46
CA LYS E 188 -9.45 14.28 -25.95
C LYS E 188 -10.58 13.27 -26.14
N ILE E 189 -10.25 12.12 -26.73
CA ILE E 189 -11.23 11.07 -26.97
C ILE E 189 -10.62 9.72 -26.56
N ALA E 190 -11.45 8.83 -26.01
CA ALA E 190 -10.98 7.52 -25.62
C ALA E 190 -11.70 6.46 -26.44
N ILE E 191 -11.02 5.34 -26.69
CA ILE E 191 -11.62 4.23 -27.42
C ILE E 191 -11.48 3.02 -26.52
N LEU E 192 -12.62 2.48 -26.08
CA LEU E 192 -12.65 1.31 -25.23
C LEU E 192 -13.12 0.13 -26.06
N ASP E 193 -12.26 -0.88 -26.19
CA ASP E 193 -12.54 -2.05 -27.00
C ASP E 193 -12.84 -3.28 -26.12
N VAL E 194 -14.12 -3.65 -26.08
CA VAL E 194 -14.59 -4.77 -25.27
C VAL E 194 -14.70 -6.07 -26.08
N ASP E 195 -14.46 -5.95 -27.37
CA ASP E 195 -14.50 -7.09 -28.28
C ASP E 195 -13.50 -8.14 -27.76
N PHE E 196 -13.80 -9.42 -27.91
CA PHE E 196 -12.92 -10.48 -27.40
C PHE E 196 -11.48 -10.37 -27.87
N HIS E 197 -11.29 -10.06 -29.16
CA HIS E 197 -9.95 -9.93 -29.73
C HIS E 197 -9.35 -8.55 -29.51
N HIS E 198 -8.03 -8.49 -29.46
CA HIS E 198 -7.37 -7.21 -29.27
C HIS E 198 -7.65 -6.31 -30.46
N GLY E 199 -7.75 -5.00 -30.19
CA GLY E 199 -7.97 -4.04 -31.27
C GLY E 199 -6.61 -3.65 -31.80
N ASN E 200 -5.89 -4.61 -32.36
CA ASN E 200 -4.56 -4.36 -32.87
C ASN E 200 -4.48 -3.22 -33.88
N GLY E 201 -5.53 -3.06 -34.67
CA GLY E 201 -5.54 -2.01 -35.68
C GLY E 201 -5.72 -0.64 -35.03
N THR E 202 -6.70 -0.54 -34.13
CA THR E 202 -6.94 0.72 -33.44
C THR E 202 -5.67 1.09 -32.68
N GLN E 203 -5.09 0.15 -31.95
CA GLN E 203 -3.87 0.45 -31.21
C GLN E 203 -2.80 1.04 -32.13
N ASP E 204 -2.54 0.41 -33.26
CA ASP E 204 -1.55 0.89 -34.21
C ASP E 204 -1.82 2.33 -34.62
N ILE E 205 -3.07 2.62 -35.01
CA ILE E 205 -3.41 3.98 -35.45
C ILE E 205 -3.19 5.09 -34.42
N PHE E 206 -3.44 4.81 -33.14
CA PHE E 206 -3.31 5.83 -32.11
C PHE E 206 -2.11 5.63 -31.19
N TYR E 207 -1.27 4.65 -31.50
CA TYR E 207 -0.11 4.37 -30.66
C TYR E 207 0.77 5.59 -30.40
N GLU E 208 0.94 6.46 -31.39
CA GLU E 208 1.76 7.64 -31.19
C GLU E 208 0.96 8.96 -31.14
N ARG E 209 -0.35 8.84 -30.96
CA ARG E 209 -1.24 10.01 -30.89
C ARG E 209 -1.54 10.34 -29.43
N GLY E 210 -1.24 11.57 -29.01
CA GLY E 210 -1.49 11.94 -27.62
C GLY E 210 -2.91 12.36 -27.29
N ASP E 211 -3.67 12.69 -28.32
CA ASP E 211 -5.04 13.16 -28.14
C ASP E 211 -6.10 12.06 -28.10
N VAL E 212 -5.67 10.81 -28.18
CA VAL E 212 -6.58 9.67 -28.16
C VAL E 212 -6.07 8.58 -27.24
N PHE E 213 -6.90 8.14 -26.31
CA PHE E 213 -6.52 7.07 -25.39
C PHE E 213 -7.18 5.78 -25.84
N PHE E 214 -6.43 4.69 -25.81
CA PHE E 214 -6.93 3.39 -26.23
C PHE E 214 -6.78 2.33 -25.14
N ALA E 215 -7.90 1.77 -24.71
CA ALA E 215 -7.91 0.73 -23.70
C ALA E 215 -8.59 -0.47 -24.33
N SER E 216 -8.03 -1.65 -24.14
CA SER E 216 -8.62 -2.84 -24.72
C SER E 216 -8.58 -4.04 -23.78
N LEU E 217 -9.71 -4.73 -23.67
CA LEU E 217 -9.84 -5.94 -22.86
C LEU E 217 -9.96 -7.04 -23.91
N HIS E 218 -9.11 -8.05 -23.85
CA HIS E 218 -9.12 -9.11 -24.85
C HIS E 218 -8.47 -10.39 -24.35
N GLY E 219 -8.55 -11.44 -25.16
CA GLY E 219 -7.90 -12.68 -24.80
C GLY E 219 -6.41 -12.53 -24.96
N ASP E 220 -5.67 -13.20 -24.09
CA ASP E 220 -4.21 -13.19 -24.12
C ASP E 220 -3.70 -13.44 -25.55
N PRO E 221 -2.96 -12.50 -26.13
CA PRO E 221 -2.46 -12.71 -27.49
C PRO E 221 -1.51 -13.91 -27.61
N ALA E 222 -0.97 -14.36 -26.48
CA ALA E 222 -0.05 -15.49 -26.46
C ALA E 222 -0.76 -16.73 -27.01
N GLU E 223 -2.09 -16.77 -26.89
CA GLU E 223 -2.86 -17.90 -27.37
C GLU E 223 -4.19 -17.52 -28.04
N ALA E 224 -4.30 -16.28 -28.52
CA ALA E 224 -5.50 -15.79 -29.19
C ALA E 224 -5.16 -14.76 -30.26
N PHE E 225 -5.85 -14.83 -31.40
CA PHE E 225 -5.66 -13.89 -32.50
C PHE E 225 -5.87 -12.51 -31.88
N PRO E 226 -5.15 -11.48 -32.37
CA PRO E 226 -4.18 -11.49 -33.48
C PRO E 226 -2.78 -12.02 -33.14
N HIS E 227 -2.55 -12.44 -31.90
CA HIS E 227 -1.26 -13.01 -31.49
C HIS E 227 -0.04 -12.10 -31.42
N PHE E 228 0.03 -11.07 -32.24
CA PHE E 228 1.24 -10.24 -32.22
C PHE E 228 1.07 -8.83 -31.71
N LEU E 229 0.10 -8.63 -30.84
CA LEU E 229 -0.13 -7.32 -30.27
C LEU E 229 -1.21 -7.50 -29.22
N GLY E 230 -1.14 -6.75 -28.13
CA GLY E 230 -2.13 -6.87 -27.08
C GLY E 230 -1.51 -7.11 -25.72
N TYR E 231 -0.18 -7.21 -25.66
CA TYR E 231 0.50 -7.42 -24.39
C TYR E 231 0.41 -6.16 -23.52
N ALA E 232 0.29 -6.37 -22.21
CA ALA E 232 0.17 -5.27 -21.26
C ALA E 232 1.32 -4.27 -21.29
N GLU E 233 2.51 -4.72 -21.67
CA GLU E 233 3.69 -3.88 -21.75
C GLU E 233 3.55 -2.74 -22.77
N GLU E 234 2.74 -2.95 -23.80
CA GLU E 234 2.56 -1.93 -24.83
C GLU E 234 1.72 -0.79 -24.24
N THR E 235 2.37 0.34 -23.96
CA THR E 235 1.67 1.48 -23.37
C THR E 235 1.67 2.75 -24.20
N GLY E 236 2.28 2.69 -25.38
CA GLY E 236 2.33 3.86 -26.24
C GLY E 236 3.76 4.22 -26.57
N LYS E 237 3.91 5.11 -27.55
CA LYS E 237 5.25 5.52 -28.00
C LYS E 237 5.29 7.01 -28.35
N GLY E 238 6.47 7.61 -28.20
CA GLY E 238 6.66 9.01 -28.51
C GLY E 238 5.56 9.95 -28.06
N ALA E 239 4.99 10.71 -29.00
CA ALA E 239 3.92 11.65 -28.67
C ALA E 239 2.73 10.99 -27.97
N GLY E 240 2.55 9.69 -28.21
CA GLY E 240 1.44 8.97 -27.61
C GLY E 240 1.76 8.11 -26.39
N ALA E 241 2.96 8.26 -25.84
CA ALA E 241 3.34 7.48 -24.66
C ALA E 241 2.28 7.56 -23.58
N GLY E 242 2.01 6.43 -22.93
CA GLY E 242 1.02 6.41 -21.87
C GLY E 242 -0.42 6.45 -22.34
N THR E 243 -0.68 6.41 -23.65
CA THR E 243 -2.07 6.46 -24.10
C THR E 243 -2.64 5.12 -24.58
N THR E 244 -1.98 4.03 -24.18
CA THR E 244 -2.46 2.69 -24.53
C THR E 244 -2.44 1.78 -23.29
N ALA E 245 -3.57 1.14 -23.02
CA ALA E 245 -3.72 0.25 -21.88
C ALA E 245 -4.37 -1.08 -22.30
N ASN E 246 -3.58 -2.15 -22.35
CA ASN E 246 -4.11 -3.46 -22.74
C ASN E 246 -4.35 -4.37 -21.54
N TYR E 247 -5.47 -5.09 -21.57
CA TYR E 247 -5.81 -6.00 -20.50
C TYR E 247 -6.03 -7.42 -21.01
N PRO E 248 -4.96 -8.11 -21.38
CA PRO E 248 -5.03 -9.49 -21.88
C PRO E 248 -5.46 -10.42 -20.73
N MET E 249 -6.36 -11.37 -21.00
CA MET E 249 -6.81 -12.31 -19.98
C MET E 249 -6.87 -13.72 -20.56
N GLY E 250 -6.73 -14.74 -19.72
CA GLY E 250 -6.71 -16.13 -20.18
C GLY E 250 -8.02 -16.81 -20.56
N ARG E 251 -7.92 -18.10 -20.88
CA ARG E 251 -9.07 -18.90 -21.27
C ARG E 251 -10.04 -19.12 -20.11
N GLY E 252 -11.33 -19.00 -20.40
CA GLY E 252 -12.35 -19.21 -19.38
C GLY E 252 -12.67 -18.04 -18.47
N THR E 253 -12.05 -16.89 -18.71
CA THR E 253 -12.28 -15.72 -17.88
C THR E 253 -13.76 -15.36 -17.70
N PRO E 254 -14.25 -15.37 -16.45
CA PRO E 254 -15.64 -15.04 -16.12
C PRO E 254 -15.76 -13.53 -15.97
N TYR E 255 -16.98 -13.03 -15.82
CA TYR E 255 -17.18 -11.60 -15.70
C TYR E 255 -16.62 -11.04 -14.40
N SER E 256 -16.50 -11.87 -13.37
CA SER E 256 -15.96 -11.35 -12.12
C SER E 256 -14.54 -10.85 -12.33
N VAL E 257 -13.84 -11.42 -13.31
CA VAL E 257 -12.45 -11.02 -13.63
C VAL E 257 -12.45 -9.94 -14.72
N TRP E 258 -13.26 -10.15 -15.75
CA TRP E 258 -13.37 -9.23 -16.85
C TRP E 258 -13.86 -7.84 -16.37
N GLY E 259 -14.88 -7.84 -15.52
CA GLY E 259 -15.42 -6.60 -15.01
C GLY E 259 -14.37 -5.76 -14.29
N GLU E 260 -13.47 -6.43 -13.59
CA GLU E 260 -12.41 -5.74 -12.88
C GLU E 260 -11.53 -5.02 -13.89
N ALA E 261 -11.24 -5.68 -15.01
CA ALA E 261 -10.43 -5.06 -16.05
C ALA E 261 -11.20 -3.87 -16.61
N LEU E 262 -12.51 -4.01 -16.71
CA LEU E 262 -13.32 -2.92 -17.24
C LEU E 262 -13.25 -1.70 -16.32
N THR E 263 -13.39 -1.94 -15.02
CA THR E 263 -13.33 -0.88 -14.04
C THR E 263 -12.01 -0.11 -14.09
N ASP E 264 -10.90 -0.84 -14.18
CA ASP E 264 -9.59 -0.21 -14.23
C ASP E 264 -9.41 0.60 -15.51
N SER E 265 -9.87 0.03 -16.63
CA SER E 265 -9.72 0.74 -17.90
C SER E 265 -10.50 2.06 -17.89
N LEU E 266 -11.68 2.06 -17.26
CA LEU E 266 -12.51 3.25 -17.18
C LEU E 266 -11.88 4.27 -16.24
N LYS E 267 -11.14 3.79 -15.26
CA LYS E 267 -10.47 4.67 -14.31
C LYS E 267 -9.33 5.37 -15.01
N ARG E 268 -8.71 4.70 -15.97
CA ARG E 268 -7.60 5.30 -16.72
C ARG E 268 -8.16 6.28 -17.75
N ILE E 269 -9.26 5.91 -18.39
CA ILE E 269 -9.90 6.75 -19.37
C ILE E 269 -10.34 8.05 -18.71
N ALA E 270 -10.81 7.94 -17.46
CA ALA E 270 -11.24 9.11 -16.71
C ALA E 270 -10.07 10.03 -16.37
N ALA E 271 -8.96 9.43 -15.94
CA ALA E 271 -7.77 10.21 -15.58
C ALA E 271 -7.18 10.86 -16.83
N PHE E 272 -7.38 10.23 -17.98
CA PHE E 272 -6.89 10.77 -19.24
C PHE E 272 -7.66 12.02 -19.59
N GLY E 273 -8.93 12.06 -19.20
CA GLY E 273 -9.76 13.22 -19.46
C GLY E 273 -10.54 13.16 -20.77
N ALA E 274 -10.90 11.95 -21.17
CA ALA E 274 -11.66 11.77 -22.40
C ALA E 274 -12.99 12.53 -22.36
N GLU E 275 -13.30 13.20 -23.48
CA GLU E 275 -14.54 13.96 -23.60
C GLU E 275 -15.69 13.07 -24.01
N ALA E 276 -15.36 11.91 -24.55
CA ALA E 276 -16.36 10.94 -24.97
C ALA E 276 -15.64 9.62 -25.18
N ILE E 277 -16.40 8.54 -25.20
CA ILE E 277 -15.80 7.23 -25.40
C ILE E 277 -16.45 6.51 -26.55
N VAL E 278 -15.63 6.07 -27.49
CA VAL E 278 -16.11 5.31 -28.63
C VAL E 278 -15.87 3.87 -28.17
N VAL E 279 -16.94 3.08 -28.10
CA VAL E 279 -16.84 1.70 -27.64
C VAL E 279 -16.90 0.72 -28.77
N SER E 280 -15.80 0.01 -28.99
CA SER E 280 -15.72 -1.00 -30.03
C SER E 280 -16.41 -2.20 -29.41
N LEU E 281 -17.70 -2.34 -29.68
CA LEU E 281 -18.49 -3.41 -29.13
C LEU E 281 -18.38 -4.73 -29.86
N GLY E 282 -17.84 -5.72 -29.14
CA GLY E 282 -17.70 -7.04 -29.68
C GLY E 282 -18.42 -7.95 -28.70
N VAL E 283 -19.30 -8.81 -29.19
CA VAL E 283 -20.00 -9.72 -28.27
C VAL E 283 -19.40 -11.11 -28.30
N ASP E 284 -18.25 -11.27 -28.97
CA ASP E 284 -17.62 -12.59 -29.02
C ASP E 284 -17.03 -13.02 -27.69
N THR E 285 -17.35 -12.28 -26.63
CA THR E 285 -16.87 -12.62 -25.29
C THR E 285 -17.88 -13.54 -24.62
N PHE E 286 -18.97 -13.84 -25.33
CA PHE E 286 -20.05 -14.71 -24.84
C PHE E 286 -19.57 -16.14 -24.62
N GLU E 287 -20.11 -16.81 -23.61
CA GLU E 287 -19.70 -18.18 -23.33
C GLU E 287 -19.96 -19.12 -24.51
N GLN E 288 -20.85 -18.75 -25.41
CA GLN E 288 -21.14 -19.61 -26.54
C GLN E 288 -20.50 -19.22 -27.87
N ASP E 289 -19.55 -18.28 -27.86
CA ASP E 289 -18.91 -17.89 -29.11
C ASP E 289 -18.05 -19.01 -29.67
N PRO E 290 -18.18 -19.28 -30.98
CA PRO E 290 -17.43 -20.34 -31.65
C PRO E 290 -15.91 -20.18 -31.78
N ILE E 291 -15.40 -18.95 -31.74
CA ILE E 291 -13.95 -18.76 -31.88
C ILE E 291 -13.24 -18.06 -30.71
N SER E 292 -13.97 -17.80 -29.64
CA SER E 292 -13.41 -17.10 -28.49
C SER E 292 -13.41 -17.98 -27.24
N PHE E 293 -12.62 -17.61 -26.24
CA PHE E 293 -12.56 -18.43 -25.04
C PHE E 293 -12.88 -17.78 -23.71
N PHE E 294 -13.77 -16.79 -23.72
CA PHE E 294 -14.18 -16.12 -22.48
C PHE E 294 -15.55 -16.70 -22.12
N LYS E 295 -15.99 -16.49 -20.88
CA LYS E 295 -17.27 -17.03 -20.48
C LYS E 295 -18.27 -16.05 -19.85
N LEU E 296 -18.63 -15.01 -20.59
CA LEU E 296 -19.59 -14.02 -20.12
C LEU E 296 -21.01 -14.47 -20.48
N THR E 297 -21.98 -14.09 -19.67
CA THR E 297 -23.38 -14.46 -19.91
C THR E 297 -24.14 -13.25 -20.42
N SER E 298 -25.26 -13.49 -21.08
CA SER E 298 -26.06 -12.41 -21.64
C SER E 298 -26.36 -11.28 -20.66
N PRO E 299 -26.66 -11.60 -19.38
CA PRO E 299 -26.95 -10.55 -18.39
C PRO E 299 -25.78 -9.59 -18.13
N ASP E 300 -24.56 -10.08 -18.25
CA ASP E 300 -23.37 -9.23 -18.02
C ASP E 300 -23.26 -8.10 -19.02
N TYR E 301 -23.83 -8.29 -20.21
CA TYR E 301 -23.78 -7.27 -21.23
C TYR E 301 -24.61 -6.08 -20.82
N ILE E 302 -25.56 -6.32 -19.93
CA ILE E 302 -26.39 -5.23 -19.43
C ILE E 302 -25.51 -4.47 -18.45
N THR E 303 -24.77 -5.22 -17.62
CA THR E 303 -23.87 -4.63 -16.64
C THR E 303 -22.79 -3.82 -17.36
N MET E 304 -22.18 -4.44 -18.37
CA MET E 304 -21.13 -3.80 -19.17
C MET E 304 -21.61 -2.45 -19.67
N GLY E 305 -22.82 -2.43 -20.23
CA GLY E 305 -23.36 -1.20 -20.76
C GLY E 305 -23.60 -0.16 -19.69
N ARG E 306 -24.12 -0.59 -18.55
CA ARG E 306 -24.40 0.31 -17.46
C ARG E 306 -23.09 0.93 -16.94
N THR E 307 -22.09 0.10 -16.68
CA THR E 307 -20.80 0.56 -16.17
C THR E 307 -20.15 1.62 -17.05
N ILE E 308 -20.02 1.31 -18.34
CA ILE E 308 -19.42 2.23 -19.28
C ILE E 308 -20.15 3.58 -19.30
N ALA E 309 -21.48 3.53 -19.34
CA ALA E 309 -22.26 4.75 -19.35
C ALA E 309 -22.08 5.54 -18.06
N ALA E 310 -21.70 4.85 -16.98
CA ALA E 310 -21.51 5.50 -15.69
C ALA E 310 -20.26 6.39 -15.70
N SER E 311 -19.54 6.41 -16.81
CA SER E 311 -18.35 7.25 -16.90
C SER E 311 -18.80 8.70 -16.84
N GLY E 312 -20.01 8.96 -17.32
CA GLY E 312 -20.54 10.32 -17.30
C GLY E 312 -20.30 11.08 -18.60
N VAL E 313 -19.67 10.44 -19.57
CA VAL E 313 -19.40 11.09 -20.84
C VAL E 313 -20.16 10.40 -21.97
N PRO E 314 -20.43 11.13 -23.07
CA PRO E 314 -21.15 10.57 -24.21
C PRO E 314 -20.51 9.26 -24.71
N LEU E 315 -21.33 8.34 -25.18
CA LEU E 315 -20.84 7.07 -25.69
C LEU E 315 -21.33 6.81 -27.09
N LEU E 316 -20.44 6.30 -27.92
CA LEU E 316 -20.76 5.93 -29.30
C LEU E 316 -20.39 4.46 -29.36
N VAL E 317 -21.38 3.60 -29.56
CA VAL E 317 -21.12 2.17 -29.64
C VAL E 317 -20.93 1.79 -31.10
N VAL E 318 -19.84 1.08 -31.39
CA VAL E 318 -19.53 0.67 -32.76
C VAL E 318 -19.44 -0.86 -32.80
N MET E 319 -20.28 -1.49 -33.61
CA MET E 319 -20.31 -2.93 -33.73
C MET E 319 -18.96 -3.47 -34.26
N GLU E 320 -18.55 -4.60 -33.69
CA GLU E 320 -17.31 -5.29 -34.07
C GLU E 320 -17.61 -6.79 -34.19
N GLY E 321 -16.95 -7.61 -33.37
CA GLY E 321 -17.15 -9.07 -33.41
C GLY E 321 -18.40 -9.66 -32.75
N GLY E 322 -18.48 -10.99 -32.74
CA GLY E 322 -19.62 -11.71 -32.18
C GLY E 322 -20.12 -12.62 -33.30
N TYR E 323 -20.03 -13.93 -33.12
CA TYR E 323 -20.43 -14.86 -34.17
C TYR E 323 -21.25 -16.06 -33.75
N GLY E 324 -21.55 -16.92 -34.73
CA GLY E 324 -22.30 -18.14 -34.50
C GLY E 324 -23.70 -18.05 -33.94
N VAL E 325 -23.83 -18.18 -32.63
CA VAL E 325 -25.12 -18.16 -31.96
C VAL E 325 -25.96 -16.92 -32.25
N PRO E 326 -27.30 -17.09 -32.32
CA PRO E 326 -28.18 -15.96 -32.59
C PRO E 326 -28.29 -15.03 -31.39
N GLU E 327 -27.67 -15.43 -30.28
CA GLU E 327 -27.69 -14.62 -29.06
C GLU E 327 -26.87 -13.36 -29.21
N ILE E 328 -26.09 -13.27 -30.28
CA ILE E 328 -25.26 -12.08 -30.49
C ILE E 328 -26.17 -10.85 -30.50
N GLY E 329 -27.38 -11.01 -31.03
CA GLY E 329 -28.31 -9.90 -31.08
C GLY E 329 -28.80 -9.53 -29.69
N LEU E 330 -29.15 -10.55 -28.91
CA LEU E 330 -29.61 -10.33 -27.55
C LEU E 330 -28.53 -9.65 -26.73
N ASN E 331 -27.30 -10.12 -26.91
CA ASN E 331 -26.18 -9.57 -26.14
C ASN E 331 -25.87 -8.13 -26.49
N VAL E 332 -25.96 -7.78 -27.78
CA VAL E 332 -25.70 -6.42 -28.22
C VAL E 332 -26.81 -5.53 -27.67
N ALA E 333 -28.05 -5.99 -27.78
CA ALA E 333 -29.17 -5.21 -27.28
C ALA E 333 -29.07 -4.98 -25.76
N ASN E 334 -28.58 -5.98 -25.02
CA ASN E 334 -28.45 -5.83 -23.57
C ASN E 334 -27.45 -4.72 -23.20
N VAL E 335 -26.44 -4.52 -24.03
CA VAL E 335 -25.46 -3.48 -23.76
C VAL E 335 -26.14 -2.12 -23.93
N LEU E 336 -26.93 -1.98 -25.00
CA LEU E 336 -27.64 -0.73 -25.25
C LEU E 336 -28.63 -0.47 -24.12
N LYS E 337 -29.29 -1.53 -23.65
CA LYS E 337 -30.25 -1.38 -22.55
C LYS E 337 -29.49 -0.88 -21.32
N GLY E 338 -28.32 -1.46 -21.07
CA GLY E 338 -27.52 -1.06 -19.94
C GLY E 338 -27.05 0.38 -20.06
N VAL E 339 -26.79 0.81 -21.30
CA VAL E 339 -26.34 2.17 -21.54
C VAL E 339 -27.52 3.12 -21.35
N ALA E 340 -28.66 2.76 -21.91
CA ALA E 340 -29.88 3.58 -21.82
C ALA E 340 -30.30 3.79 -20.38
N GLY E 341 -30.01 2.81 -19.52
CA GLY E 341 -30.36 2.92 -18.12
C GLY E 341 -31.73 2.32 -17.82
N MET F 1 -48.97 32.42 50.80
CA MET F 1 -47.71 32.28 50.03
C MET F 1 -47.86 32.91 48.65
N ARG F 2 -46.76 33.42 48.13
CA ARG F 2 -46.79 34.04 46.83
C ARG F 2 -46.94 32.98 45.74
N VAL F 3 -47.60 33.36 44.64
CA VAL F 3 -47.83 32.46 43.51
C VAL F 3 -47.14 33.01 42.26
N ILE F 4 -46.13 32.29 41.76
CA ILE F 4 -45.42 32.72 40.57
C ILE F 4 -46.09 32.05 39.37
N PHE F 5 -46.50 32.87 38.40
CA PHE F 5 -47.19 32.35 37.23
C PHE F 5 -46.87 33.13 35.97
N SER F 6 -46.63 32.42 34.87
CA SER F 6 -46.34 33.09 33.61
C SER F 6 -47.44 32.81 32.59
N GLU F 7 -47.89 33.87 31.92
CA GLU F 7 -48.94 33.75 30.92
C GLU F 7 -48.38 33.04 29.68
N ASP F 8 -47.07 33.10 29.52
CA ASP F 8 -46.40 32.47 28.37
C ASP F 8 -46.53 30.96 28.32
N HIS F 9 -47.11 30.38 29.36
CA HIS F 9 -47.30 28.95 29.41
C HIS F 9 -48.17 28.55 28.22
N LYS F 10 -49.03 29.48 27.81
CA LYS F 10 -49.95 29.24 26.69
C LYS F 10 -49.24 29.06 25.37
N LEU F 11 -47.94 29.35 25.33
CA LEU F 11 -47.16 29.17 24.10
C LEU F 11 -47.01 27.68 23.84
N ARG F 12 -47.19 26.89 24.89
CA ARG F 12 -47.14 25.44 24.77
C ARG F 12 -48.57 25.01 24.49
N ASN F 13 -48.85 24.73 23.22
CA ASN F 13 -50.17 24.34 22.79
C ASN F 13 -50.09 23.34 21.64
N ALA F 14 -49.67 22.11 21.97
CA ALA F 14 -49.55 21.04 20.98
C ALA F 14 -50.94 20.67 20.50
N LYS F 15 -51.07 20.38 19.20
CA LYS F 15 -52.37 20.01 18.67
C LYS F 15 -52.61 18.50 18.76
N THR F 16 -51.54 17.71 18.90
CA THR F 16 -51.68 16.25 18.96
C THR F 16 -50.88 15.53 20.05
N GLU F 17 -51.38 14.36 20.45
CA GLU F 17 -50.73 13.53 21.44
C GLU F 17 -51.00 12.08 21.09
N LEU F 18 -49.96 11.28 20.95
CA LEU F 18 -50.13 9.89 20.61
C LEU F 18 -50.64 9.13 21.83
N TYR F 19 -51.90 8.73 21.77
CA TYR F 19 -52.55 7.99 22.86
C TYR F 19 -53.46 6.90 22.32
N GLY F 20 -53.32 5.70 22.88
CA GLY F 20 -54.13 4.58 22.46
C GLY F 20 -54.09 4.35 20.96
N GLY F 21 -52.98 4.71 20.32
CA GLY F 21 -52.86 4.50 18.88
C GLY F 21 -53.48 5.57 18.01
N GLU F 22 -53.89 6.68 18.64
CA GLU F 22 -54.51 7.79 17.92
C GLU F 22 -53.86 9.10 18.31
N LEU F 23 -54.02 10.11 17.46
CA LEU F 23 -53.49 11.44 17.70
C LEU F 23 -54.67 12.30 18.18
N VAL F 24 -54.78 12.49 19.49
CA VAL F 24 -55.87 13.27 20.07
C VAL F 24 -55.34 14.56 20.70
N PRO F 25 -56.24 15.44 21.17
CA PRO F 25 -55.82 16.71 21.79
C PRO F 25 -55.06 16.45 23.10
N PRO F 26 -53.86 17.03 23.24
CA PRO F 26 -53.02 16.86 24.43
C PRO F 26 -53.75 17.02 25.76
N PHE F 27 -53.62 16.01 26.61
CA PHE F 27 -54.25 16.05 27.91
C PHE F 27 -53.62 17.14 28.78
N GLU F 28 -52.40 17.53 28.44
CA GLU F 28 -51.69 18.56 29.15
C GLU F 28 -51.92 19.86 28.37
N ALA F 29 -53.13 20.41 28.52
CA ALA F 29 -53.50 21.63 27.80
C ALA F 29 -53.54 22.87 28.68
N PRO F 30 -53.50 24.06 28.05
CA PRO F 30 -53.52 25.35 28.74
C PRO F 30 -54.59 25.57 29.80
N PHE F 31 -55.79 25.03 29.59
CA PHE F 31 -56.85 25.22 30.56
C PHE F 31 -56.48 24.78 31.98
N ARG F 32 -55.57 23.79 32.08
CA ARG F 32 -55.14 23.28 33.38
C ARG F 32 -54.58 24.40 34.26
N ALA F 33 -53.70 25.20 33.67
CA ALA F 33 -53.08 26.31 34.37
C ALA F 33 -54.17 27.25 34.86
N GLU F 34 -55.11 27.60 33.97
CA GLU F 34 -56.19 28.49 34.32
C GLU F 34 -57.10 27.98 35.42
N TRP F 35 -57.47 26.70 35.36
CA TRP F 35 -58.32 26.12 36.37
C TRP F 35 -57.62 26.09 37.72
N ILE F 36 -56.33 25.79 37.70
CA ILE F 36 -55.56 25.73 38.93
C ILE F 36 -55.41 27.13 39.51
N LEU F 37 -54.98 28.06 38.67
CA LEU F 37 -54.80 29.44 39.10
C LEU F 37 -56.08 30.03 39.69
N ALA F 38 -57.19 29.88 38.98
CA ALA F 38 -58.47 30.42 39.45
C ALA F 38 -58.81 29.82 40.82
N ALA F 39 -58.54 28.53 40.99
CA ALA F 39 -58.83 27.86 42.24
C ALA F 39 -57.94 28.30 43.39
N VAL F 40 -56.66 28.54 43.13
CA VAL F 40 -55.78 28.95 44.23
C VAL F 40 -56.14 30.35 44.70
N LYS F 41 -56.46 31.25 43.77
CA LYS F 41 -56.84 32.60 44.11
C LYS F 41 -58.07 32.54 45.01
N GLU F 42 -59.00 31.67 44.63
CA GLU F 42 -60.24 31.48 45.37
C GLU F 42 -59.95 31.01 46.80
N ALA F 43 -58.85 30.28 46.98
CA ALA F 43 -58.47 29.78 48.29
C ALA F 43 -57.83 30.89 49.13
N GLY F 44 -57.61 32.05 48.52
CA GLY F 44 -57.02 33.17 49.24
C GLY F 44 -55.61 33.51 48.82
N PHE F 45 -55.03 32.69 47.95
CA PHE F 45 -53.68 32.92 47.45
C PHE F 45 -53.79 33.75 46.19
N ASP F 46 -54.15 35.01 46.36
CA ASP F 46 -54.31 35.92 45.24
C ASP F 46 -53.10 36.83 45.06
N ASP F 47 -51.95 36.41 45.57
CA ASP F 47 -50.74 37.20 45.40
C ASP F 47 -49.94 36.55 44.27
N VAL F 48 -50.42 36.77 43.05
CA VAL F 48 -49.81 36.22 41.86
C VAL F 48 -48.89 37.22 41.17
N VAL F 49 -47.69 36.79 40.81
CA VAL F 49 -46.76 37.68 40.14
C VAL F 49 -46.11 36.94 38.98
N ALA F 50 -45.82 37.65 37.90
CA ALA F 50 -45.19 37.04 36.74
C ALA F 50 -43.70 36.93 37.06
N PRO F 51 -43.02 35.90 36.53
CA PRO F 51 -41.59 35.71 36.77
C PRO F 51 -40.69 36.60 35.90
N ALA F 52 -39.47 36.81 36.36
CA ALA F 52 -38.50 37.62 35.61
C ALA F 52 -37.90 36.73 34.53
N ARG F 53 -37.35 37.34 33.49
CA ARG F 53 -36.73 36.58 32.40
C ARG F 53 -35.38 36.08 32.90
N HIS F 54 -35.19 34.76 32.90
CA HIS F 54 -33.93 34.18 33.36
C HIS F 54 -33.15 33.51 32.24
N GLY F 55 -31.84 33.59 32.32
CA GLY F 55 -30.98 32.98 31.32
C GLY F 55 -30.85 31.48 31.52
N LEU F 56 -30.02 30.85 30.70
CA LEU F 56 -29.80 29.41 30.74
C LEU F 56 -28.76 28.92 31.73
N GLU F 57 -28.12 29.84 32.43
CA GLU F 57 -27.09 29.49 33.41
C GLU F 57 -27.51 28.39 34.40
N THR F 58 -28.64 28.57 35.07
CA THR F 58 -29.07 27.57 36.04
C THR F 58 -29.42 26.22 35.40
N VAL F 59 -30.27 26.24 34.39
CA VAL F 59 -30.69 25.02 33.72
C VAL F 59 -29.52 24.21 33.11
N LEU F 60 -28.45 24.91 32.75
CA LEU F 60 -27.25 24.28 32.17
C LEU F 60 -26.45 23.46 33.18
N LYS F 61 -26.84 23.53 34.45
CA LYS F 61 -26.15 22.77 35.49
C LYS F 61 -26.93 21.49 35.77
N VAL F 62 -28.11 21.35 35.17
CA VAL F 62 -28.87 20.14 35.37
C VAL F 62 -29.20 19.45 34.06
N HIS F 63 -29.26 20.19 32.96
CA HIS F 63 -29.53 19.56 31.65
C HIS F 63 -28.29 19.57 30.78
N ASP F 64 -28.26 18.67 29.80
CA ASP F 64 -27.14 18.54 28.87
C ASP F 64 -27.28 19.69 27.87
N ALA F 65 -26.18 20.33 27.51
CA ALA F 65 -26.17 21.45 26.57
C ALA F 65 -26.65 21.07 25.19
N GLY F 66 -26.31 19.85 24.77
CA GLY F 66 -26.72 19.38 23.45
C GLY F 66 -28.21 19.19 23.40
N TYR F 67 -28.78 18.74 24.51
CA TYR F 67 -30.21 18.51 24.59
C TYR F 67 -30.95 19.84 24.52
N LEU F 68 -30.44 20.84 25.26
CA LEU F 68 -31.07 22.16 25.25
C LEU F 68 -30.97 22.81 23.87
N ASN F 69 -29.78 22.80 23.28
CA ASN F 69 -29.59 23.39 21.95
C ASN F 69 -30.55 22.73 20.95
N PHE F 70 -30.84 21.45 21.17
CA PHE F 70 -31.73 20.70 20.31
C PHE F 70 -33.17 21.22 20.44
N LEU F 71 -33.62 21.34 21.69
CA LEU F 71 -34.98 21.81 21.97
C LEU F 71 -35.26 23.19 21.40
N GLU F 72 -34.28 24.06 21.46
CA GLU F 72 -34.42 25.42 20.96
C GLU F 72 -34.69 25.49 19.46
N THR F 73 -34.14 24.57 18.68
CA THR F 73 -34.36 24.58 17.24
C THR F 73 -35.12 23.37 16.70
N ALA F 74 -35.58 22.51 17.60
CA ALA F 74 -36.30 21.29 17.22
C ALA F 74 -37.41 21.53 16.19
N TRP F 75 -38.37 22.38 16.54
CA TRP F 75 -39.48 22.67 15.63
C TRP F 75 -39.06 23.27 14.29
N ASP F 76 -38.15 24.24 14.29
CA ASP F 76 -37.71 24.85 13.05
C ASP F 76 -37.14 23.82 12.10
N ARG F 77 -36.20 23.01 12.59
CA ARG F 77 -35.59 21.99 11.76
C ARG F 77 -36.62 20.96 11.25
N TRP F 78 -37.55 20.58 12.12
CA TRP F 78 -38.58 19.61 11.78
C TRP F 78 -39.46 20.11 10.64
N LYS F 79 -39.94 21.33 10.77
CA LYS F 79 -40.80 21.92 9.76
C LYS F 79 -39.99 22.08 8.46
N ALA F 80 -38.70 22.36 8.60
CA ALA F 80 -37.84 22.52 7.43
C ALA F 80 -37.60 21.17 6.74
N ALA F 81 -37.63 20.09 7.51
CA ALA F 81 -37.42 18.75 6.95
C ALA F 81 -38.54 18.40 5.96
N GLY F 82 -39.67 19.09 6.10
CA GLY F 82 -40.80 18.87 5.21
C GLY F 82 -42.01 18.20 5.83
N TYR F 83 -41.82 17.58 6.99
CA TYR F 83 -42.91 16.88 7.68
C TYR F 83 -44.09 17.80 7.93
N LYS F 84 -45.29 17.27 7.72
CA LYS F 84 -46.50 18.05 7.91
C LYS F 84 -47.07 18.05 9.32
N GLY F 85 -46.85 16.98 10.07
CA GLY F 85 -47.37 16.90 11.43
C GLY F 85 -46.43 17.55 12.42
N GLU F 86 -46.71 17.38 13.71
CA GLU F 86 -45.86 17.95 14.76
C GLU F 86 -44.64 17.06 14.96
N ALA F 87 -43.62 17.58 15.64
CA ALA F 87 -42.39 16.83 15.88
C ALA F 87 -42.63 15.69 16.86
N ILE F 88 -42.66 14.48 16.34
CA ILE F 88 -42.87 13.29 17.15
C ILE F 88 -41.79 12.27 16.83
N ALA F 89 -41.17 11.72 17.87
CA ALA F 89 -40.11 10.73 17.71
C ALA F 89 -40.68 9.34 17.38
N THR F 90 -40.01 8.62 16.49
CA THR F 90 -40.46 7.29 16.11
C THR F 90 -39.38 6.23 16.34
N SER F 91 -38.12 6.61 16.20
CA SER F 91 -37.00 5.69 16.40
C SER F 91 -36.33 6.01 17.75
N PHE F 92 -36.08 4.99 18.57
CA PHE F 92 -35.46 5.23 19.88
C PHE F 92 -34.23 4.38 20.19
N PRO F 93 -33.23 4.97 20.84
CA PRO F 93 -32.01 4.20 21.18
C PRO F 93 -32.30 3.30 22.37
N VAL F 94 -32.84 2.12 22.08
CA VAL F 94 -33.17 1.16 23.13
C VAL F 94 -32.03 0.18 23.36
N ARG F 95 -32.37 -1.03 23.79
CA ARG F 95 -31.37 -2.06 24.09
C ARG F 95 -30.33 -2.33 23.02
N ARG F 96 -29.08 -2.40 23.48
CA ARG F 96 -27.97 -2.73 22.60
C ARG F 96 -27.87 -1.86 21.33
N THR F 97 -28.08 -0.56 21.48
CA THR F 97 -27.97 0.34 20.35
C THR F 97 -26.70 1.17 20.47
N SER F 98 -26.39 1.90 19.40
CA SER F 98 -25.21 2.74 19.39
C SER F 98 -25.43 3.96 20.28
N PRO F 99 -24.35 4.49 20.86
CA PRO F 99 -24.45 5.68 21.72
C PRO F 99 -24.40 6.95 20.88
N ARG F 100 -24.00 6.81 19.62
CA ARG F 100 -23.89 7.95 18.74
C ARG F 100 -25.16 8.78 18.57
N ILE F 101 -24.99 10.06 18.29
CA ILE F 101 -26.11 10.97 18.10
C ILE F 101 -26.31 11.25 16.60
N PRO F 102 -27.52 10.96 16.08
CA PRO F 102 -27.73 11.21 14.65
C PRO F 102 -27.57 12.71 14.39
N THR F 103 -27.44 13.08 13.11
CA THR F 103 -27.30 14.48 12.75
C THR F 103 -28.65 14.98 12.18
N ASP F 104 -29.44 14.07 11.62
CA ASP F 104 -30.74 14.42 11.05
C ASP F 104 -31.77 14.69 12.16
N ILE F 105 -32.69 15.63 11.90
CA ILE F 105 -33.70 15.99 12.88
C ILE F 105 -34.58 14.81 13.26
N GLU F 106 -34.96 14.01 12.29
CA GLU F 106 -35.80 12.85 12.55
C GLU F 106 -35.08 11.86 13.49
N GLY F 107 -33.76 11.78 13.38
CA GLY F 107 -33.01 10.88 14.24
C GLY F 107 -32.72 11.50 15.61
N GLN F 108 -32.36 12.78 15.62
CA GLN F 108 -32.05 13.47 16.85
C GLN F 108 -33.22 13.58 17.80
N ILE F 109 -34.43 13.71 17.28
CA ILE F 109 -35.57 13.83 18.15
C ILE F 109 -35.75 12.52 18.91
N GLY F 110 -35.44 11.40 18.28
CA GLY F 110 -35.53 10.11 18.94
C GLY F 110 -34.46 9.98 20.01
N TYR F 111 -33.26 10.45 19.71
CA TYR F 111 -32.15 10.38 20.66
C TYR F 111 -32.46 11.13 21.95
N TYR F 112 -33.12 12.28 21.80
CA TYR F 112 -33.46 13.13 22.94
C TYR F 112 -34.86 12.93 23.53
N CYS F 113 -35.48 11.81 23.19
CA CYS F 113 -36.83 11.51 23.64
C CYS F 113 -36.98 10.15 24.32
N ASN F 114 -37.74 10.08 25.40
CA ASN F 114 -37.96 8.83 26.11
C ASN F 114 -39.41 8.35 25.99
N ALA F 115 -40.27 9.18 25.42
CA ALA F 115 -41.69 8.85 25.25
C ALA F 115 -42.28 9.58 24.05
N ALA F 116 -42.73 8.82 23.06
CA ALA F 116 -43.31 9.40 21.85
C ALA F 116 -44.71 9.98 22.07
N GLU F 117 -45.20 9.95 23.30
CA GLU F 117 -46.52 10.47 23.61
C GLU F 117 -46.49 11.97 23.87
N THR F 118 -45.36 12.59 23.57
CA THR F 118 -45.17 14.02 23.74
C THR F 118 -44.60 14.58 22.44
N ALA F 119 -45.31 15.54 21.83
CA ALA F 119 -44.85 16.12 20.58
C ALA F 119 -44.33 17.54 20.77
N ILE F 120 -43.37 17.93 19.94
CA ILE F 120 -42.81 19.26 19.99
C ILE F 120 -43.55 20.09 18.94
N SER F 121 -44.05 21.25 19.37
CA SER F 121 -44.78 22.14 18.48
C SER F 121 -44.28 23.57 18.68
N PRO F 122 -44.75 24.52 17.85
CA PRO F 122 -44.31 25.92 17.95
C PRO F 122 -44.57 26.48 19.35
N GLY F 123 -43.60 27.21 19.88
CA GLY F 123 -43.77 27.79 21.20
C GLY F 123 -43.43 26.90 22.38
N THR F 124 -43.14 25.63 22.12
CA THR F 124 -42.79 24.72 23.21
C THR F 124 -41.56 25.27 23.94
N TRP F 125 -40.50 25.54 23.18
CA TRP F 125 -39.28 26.06 23.77
C TRP F 125 -39.56 27.29 24.65
N GLU F 126 -40.09 28.36 24.04
CA GLU F 126 -40.41 29.59 24.77
C GLU F 126 -41.27 29.29 26.02
N ALA F 127 -42.23 28.39 25.89
CA ALA F 127 -43.10 28.04 27.01
C ALA F 127 -42.30 27.38 28.14
N ALA F 128 -41.38 26.47 27.78
CA ALA F 128 -40.55 25.78 28.77
C ALA F 128 -39.66 26.77 29.51
N LEU F 129 -39.13 27.75 28.78
CA LEU F 129 -38.27 28.75 29.39
C LEU F 129 -39.01 29.59 30.43
N SER F 130 -40.29 29.87 30.14
CA SER F 130 -41.12 30.68 31.04
C SER F 130 -41.51 29.89 32.28
N SER F 131 -41.82 28.62 32.09
CA SER F 131 -42.19 27.75 33.20
C SER F 131 -40.93 27.59 34.08
N MET F 132 -39.75 27.56 33.46
CA MET F 132 -38.49 27.44 34.18
C MET F 132 -38.27 28.70 35.01
N ALA F 133 -38.61 29.86 34.43
CA ALA F 133 -38.46 31.14 35.11
C ALA F 133 -39.28 31.20 36.39
N SER F 134 -40.50 30.63 36.35
CA SER F 134 -41.36 30.63 37.52
C SER F 134 -40.75 29.77 38.61
N ALA F 135 -40.06 28.71 38.21
CA ALA F 135 -39.45 27.83 39.18
C ALA F 135 -38.29 28.56 39.87
N ILE F 136 -37.56 29.36 39.11
CA ILE F 136 -36.43 30.11 39.64
C ILE F 136 -36.88 31.21 40.60
N ASP F 137 -37.86 32.00 40.16
CA ASP F 137 -38.40 33.08 40.99
C ASP F 137 -38.96 32.50 42.28
N GLY F 138 -39.51 31.29 42.19
CA GLY F 138 -40.06 30.64 43.36
C GLY F 138 -38.94 30.26 44.30
N ALA F 139 -37.86 29.73 43.76
CA ALA F 139 -36.71 29.33 44.57
C ALA F 139 -36.09 30.55 45.26
N ASP F 140 -36.00 31.66 44.52
CA ASP F 140 -35.44 32.90 45.07
C ASP F 140 -36.23 33.39 46.28
N LEU F 141 -37.55 33.19 46.27
CA LEU F 141 -38.38 33.63 47.40
C LEU F 141 -37.96 32.84 48.63
N ILE F 142 -37.75 31.53 48.44
CA ILE F 142 -37.34 30.65 49.53
C ILE F 142 -35.98 31.11 50.05
N ALA F 143 -35.10 31.48 49.12
CA ALA F 143 -33.76 31.93 49.49
C ALA F 143 -33.84 33.31 50.14
N ALA F 144 -34.89 34.06 49.78
CA ALA F 144 -35.10 35.38 50.31
C ALA F 144 -35.66 35.27 51.72
N GLY F 145 -36.07 34.07 52.10
CA GLY F 145 -36.60 33.86 53.44
C GLY F 145 -38.04 33.39 53.59
N HIS F 146 -38.77 33.29 52.48
CA HIS F 146 -40.16 32.84 52.53
C HIS F 146 -40.23 31.37 52.96
N LYS F 147 -41.18 31.06 53.84
CA LYS F 147 -41.36 29.70 54.34
C LYS F 147 -42.05 28.79 53.33
N ALA F 148 -42.78 29.40 52.39
CA ALA F 148 -43.48 28.62 51.38
C ALA F 148 -43.82 29.49 50.20
N ALA F 149 -43.85 28.87 49.03
CA ALA F 149 -44.18 29.57 47.79
C ALA F 149 -44.70 28.52 46.82
N PHE F 150 -45.43 28.97 45.81
CA PHE F 150 -45.98 28.05 44.83
C PHE F 150 -45.70 28.51 43.41
N SER F 151 -44.92 27.70 42.69
CA SER F 151 -44.58 27.99 41.30
C SER F 151 -45.52 27.21 40.38
N LEU F 152 -46.49 27.93 39.81
CA LEU F 152 -47.46 27.31 38.91
C LEU F 152 -46.81 27.10 37.56
N CYS F 153 -46.03 26.02 37.47
CA CYS F 153 -45.33 25.68 36.25
C CYS F 153 -46.21 24.95 35.24
N ARG F 154 -45.95 25.23 33.98
CA ARG F 154 -46.61 24.62 32.84
C ARG F 154 -45.87 25.07 31.60
N PRO F 155 -45.40 24.11 30.78
CA PRO F 155 -45.54 22.67 30.99
C PRO F 155 -44.76 22.15 32.19
N PRO F 156 -45.12 20.95 32.66
CA PRO F 156 -44.46 20.34 33.81
C PRO F 156 -43.06 19.90 33.40
N GLY F 157 -42.28 19.40 34.36
CA GLY F 157 -40.94 19.00 34.01
C GLY F 157 -40.28 17.79 34.66
N HIS F 158 -40.93 17.14 35.62
CA HIS F 158 -40.28 16.00 36.29
C HIS F 158 -40.00 14.77 35.42
N ALA F 159 -40.45 14.76 34.19
CA ALA F 159 -40.18 13.60 33.34
C ALA F 159 -39.04 13.89 32.37
N ALA F 160 -38.55 15.12 32.36
CA ALA F 160 -37.43 15.48 31.49
C ALA F 160 -36.13 15.13 32.24
N GLY F 161 -35.30 14.28 31.64
CA GLY F 161 -34.05 13.88 32.27
C GLY F 161 -32.87 14.75 31.84
N ILE F 162 -31.65 14.27 32.06
CA ILE F 162 -30.46 15.02 31.69
C ILE F 162 -30.46 15.44 30.22
N ASP F 163 -30.73 14.49 29.33
CA ASP F 163 -30.75 14.80 27.89
C ASP F 163 -31.90 14.17 27.10
N MET F 164 -33.11 14.21 27.66
CA MET F 164 -34.27 13.64 27.00
C MET F 164 -35.61 14.24 27.49
N PHE F 165 -36.53 14.49 26.55
CA PHE F 165 -37.85 15.02 26.89
C PHE F 165 -38.89 13.92 26.75
N GLY F 166 -40.04 14.11 27.38
CA GLY F 166 -41.11 13.11 27.33
C GLY F 166 -42.07 13.32 28.49
N GLY F 167 -43.18 12.59 28.51
CA GLY F 167 -44.13 12.75 29.60
C GLY F 167 -44.65 14.17 29.76
N TYR F 168 -44.77 14.88 28.63
CA TYR F 168 -45.27 16.26 28.61
C TYR F 168 -44.27 17.27 29.19
N CYS F 169 -43.02 16.82 29.35
CA CYS F 169 -41.98 17.64 29.92
C CYS F 169 -40.80 17.91 28.99
N PHE F 170 -40.14 19.05 29.18
CA PHE F 170 -39.00 19.43 28.34
C PHE F 170 -37.85 19.94 29.21
N ILE F 171 -38.18 20.74 30.22
CA ILE F 171 -37.20 21.30 31.14
C ILE F 171 -37.65 20.98 32.56
N ASN F 172 -36.84 20.23 33.28
CA ASN F 172 -37.18 19.83 34.65
C ASN F 172 -37.17 21.01 35.62
N ASN F 173 -38.33 21.65 35.74
CA ASN F 173 -38.50 22.80 36.59
C ASN F 173 -38.09 22.59 38.04
N ALA F 174 -38.45 21.44 38.60
CA ALA F 174 -38.10 21.14 39.98
C ALA F 174 -36.59 21.04 40.11
N ALA F 175 -35.94 20.46 39.11
CA ALA F 175 -34.49 20.33 39.16
C ALA F 175 -33.87 21.73 39.16
N VAL F 176 -34.42 22.62 38.33
CA VAL F 176 -33.92 23.99 38.23
C VAL F 176 -34.09 24.72 39.57
N ALA F 177 -35.24 24.56 40.22
CA ALA F 177 -35.48 25.21 41.51
C ALA F 177 -34.45 24.71 42.51
N ALA F 178 -34.28 23.39 42.60
CA ALA F 178 -33.33 22.79 43.51
C ALA F 178 -31.93 23.38 43.29
N GLN F 179 -31.48 23.40 42.03
CA GLN F 179 -30.15 23.94 41.70
C GLN F 179 -30.05 25.41 42.07
N ARG F 180 -31.12 26.14 41.83
CA ARG F 180 -31.14 27.56 42.17
C ARG F 180 -30.89 27.78 43.66
N LEU F 181 -31.49 26.94 44.49
CA LEU F 181 -31.34 27.05 45.94
C LEU F 181 -29.90 26.75 46.35
N LEU F 182 -29.25 25.80 45.68
CA LEU F 182 -27.86 25.49 46.00
C LEU F 182 -26.98 26.67 45.57
N ASP F 183 -27.34 27.27 44.43
CA ASP F 183 -26.61 28.43 43.91
C ASP F 183 -26.79 29.62 44.85
N LYS F 184 -27.94 29.70 45.51
CA LYS F 184 -28.20 30.80 46.43
C LYS F 184 -27.50 30.65 47.78
N GLY F 185 -26.94 29.47 48.04
CA GLY F 185 -26.25 29.31 49.32
C GLY F 185 -26.49 28.01 50.06
N ALA F 186 -27.48 27.23 49.63
CA ALA F 186 -27.79 25.96 50.28
C ALA F 186 -26.77 24.89 49.87
N LYS F 187 -26.50 23.94 50.77
CA LYS F 187 -25.57 22.86 50.51
C LYS F 187 -26.31 21.55 50.28
N LYS F 188 -27.47 21.40 50.90
CA LYS F 188 -28.26 20.19 50.73
C LYS F 188 -29.74 20.48 50.55
N ILE F 189 -30.25 20.12 49.38
CA ILE F 189 -31.66 20.33 49.05
C ILE F 189 -32.32 19.02 48.63
N ALA F 190 -33.58 18.86 49.02
CA ALA F 190 -34.33 17.66 48.67
C ALA F 190 -35.52 17.99 47.80
N ILE F 191 -35.84 17.09 46.88
CA ILE F 191 -36.99 17.23 46.00
C ILE F 191 -37.92 16.08 46.39
N LEU F 192 -39.19 16.40 46.61
CA LEU F 192 -40.20 15.42 46.99
C LEU F 192 -41.24 15.38 45.88
N ASP F 193 -41.33 14.26 45.20
CA ASP F 193 -42.24 14.15 44.08
C ASP F 193 -43.50 13.37 44.42
N VAL F 194 -44.61 14.09 44.61
CA VAL F 194 -45.87 13.45 44.98
C VAL F 194 -46.84 13.25 43.81
N ASP F 195 -46.42 13.65 42.62
CA ASP F 195 -47.21 13.48 41.41
C ASP F 195 -47.40 11.95 41.27
N PHE F 196 -48.49 11.52 40.64
CA PHE F 196 -48.76 10.08 40.52
C PHE F 196 -47.69 9.30 39.80
N HIS F 197 -47.06 9.93 38.82
CA HIS F 197 -46.02 9.29 38.06
C HIS F 197 -44.66 9.50 38.69
N HIS F 198 -43.78 8.54 38.48
CA HIS F 198 -42.42 8.62 38.99
C HIS F 198 -41.71 9.79 38.31
N GLY F 199 -40.92 10.53 39.08
CA GLY F 199 -40.18 11.64 38.49
C GLY F 199 -38.93 11.06 37.89
N ASN F 200 -39.07 10.34 36.79
CA ASN F 200 -37.91 9.70 36.15
C ASN F 200 -36.83 10.67 35.67
N GLY F 201 -37.22 11.83 35.17
CA GLY F 201 -36.25 12.80 34.73
C GLY F 201 -35.49 13.40 35.91
N THR F 202 -36.22 13.75 36.97
CA THR F 202 -35.59 14.29 38.15
C THR F 202 -34.62 13.25 38.70
N GLN F 203 -35.06 12.00 38.84
CA GLN F 203 -34.16 10.97 39.35
C GLN F 203 -32.88 10.93 38.54
N ASP F 204 -33.02 10.88 37.23
CA ASP F 204 -31.88 10.86 36.32
C ASP F 204 -30.89 12.01 36.58
N ILE F 205 -31.42 13.23 36.63
CA ILE F 205 -30.61 14.41 36.86
C ILE F 205 -29.73 14.32 38.13
N PHE F 206 -30.32 13.99 39.27
CA PHE F 206 -29.57 13.93 40.52
C PHE F 206 -29.12 12.54 40.97
N TYR F 207 -29.21 11.53 40.11
CA TYR F 207 -28.82 10.17 40.52
C TYR F 207 -27.38 10.08 41.04
N GLU F 208 -26.45 10.81 40.44
CA GLU F 208 -25.06 10.77 40.90
C GLU F 208 -24.58 12.05 41.61
N ARG F 209 -25.51 12.73 42.28
CA ARG F 209 -25.18 13.93 43.01
C ARG F 209 -25.52 13.77 44.49
N GLY F 210 -24.53 13.99 45.35
CA GLY F 210 -24.76 13.84 46.77
C GLY F 210 -25.38 15.04 47.43
N ASP F 211 -25.36 16.19 46.75
CA ASP F 211 -25.90 17.42 47.32
C ASP F 211 -27.41 17.59 47.18
N VAL F 212 -28.05 16.61 46.55
CA VAL F 212 -29.49 16.67 46.37
C VAL F 212 -30.08 15.30 46.61
N PHE F 213 -31.12 15.27 47.44
CA PHE F 213 -31.81 14.02 47.75
C PHE F 213 -33.12 14.03 46.99
N PHE F 214 -33.51 12.86 46.47
CA PHE F 214 -34.74 12.76 45.71
C PHE F 214 -35.67 11.66 46.22
N ALA F 215 -36.88 12.05 46.59
CA ALA F 215 -37.87 11.09 47.09
C ALA F 215 -39.08 11.11 46.17
N SER F 216 -39.62 9.94 45.85
CA SER F 216 -40.77 9.88 44.97
C SER F 216 -41.80 8.82 45.33
N LEU F 217 -43.07 9.20 45.31
CA LEU F 217 -44.17 8.28 45.56
C LEU F 217 -44.88 8.23 44.22
N HIS F 218 -45.23 7.03 43.77
CA HIS F 218 -45.86 6.90 42.46
C HIS F 218 -46.39 5.47 42.26
N GLY F 219 -47.23 5.29 41.25
CA GLY F 219 -47.76 3.97 40.97
C GLY F 219 -46.64 3.08 40.46
N ASP F 220 -46.73 1.79 40.77
CA ASP F 220 -45.72 0.82 40.33
C ASP F 220 -45.42 0.94 38.84
N PRO F 221 -44.14 1.17 38.49
CA PRO F 221 -43.75 1.30 37.07
C PRO F 221 -43.98 0.02 36.25
N ALA F 222 -44.26 -1.08 36.95
CA ALA F 222 -44.52 -2.35 36.27
C ALA F 222 -45.81 -2.23 35.48
N GLU F 223 -46.68 -1.32 35.89
CA GLU F 223 -47.93 -1.14 35.19
C GLU F 223 -48.40 0.31 35.08
N ALA F 224 -47.46 1.23 35.20
CA ALA F 224 -47.75 2.66 35.14
C ALA F 224 -46.59 3.47 34.57
N PHE F 225 -46.92 4.46 33.73
CA PHE F 225 -45.96 5.35 33.11
C PHE F 225 -45.10 5.92 34.25
N PRO F 226 -43.79 6.15 33.99
CA PRO F 226 -43.03 5.95 32.77
C PRO F 226 -42.61 4.51 32.43
N HIS F 227 -42.96 3.56 33.29
CA HIS F 227 -42.67 2.13 33.09
C HIS F 227 -41.23 1.61 33.23
N PHE F 228 -40.23 2.43 32.95
CA PHE F 228 -38.86 1.93 33.03
C PHE F 228 -37.94 2.55 34.07
N LEU F 229 -38.53 2.96 35.19
CA LEU F 229 -37.77 3.57 36.26
C LEU F 229 -38.72 3.83 37.43
N GLY F 230 -38.18 3.86 38.64
CA GLY F 230 -39.02 4.10 39.81
C GLY F 230 -39.14 2.93 40.77
N TYR F 231 -38.30 1.91 40.59
CA TYR F 231 -38.32 0.75 41.48
C TYR F 231 -37.56 1.07 42.75
N ALA F 232 -37.99 0.50 43.87
CA ALA F 232 -37.35 0.76 45.16
C ALA F 232 -35.85 0.51 45.15
N GLU F 233 -35.42 -0.49 44.39
CA GLU F 233 -34.00 -0.84 44.31
C GLU F 233 -33.09 0.27 43.79
N GLU F 234 -33.68 1.33 43.25
CA GLU F 234 -32.89 2.44 42.71
C GLU F 234 -32.62 3.42 43.85
N THR F 235 -31.41 3.38 44.39
CA THR F 235 -31.06 4.24 45.50
C THR F 235 -29.93 5.22 45.23
N GLY F 236 -29.46 5.26 43.99
CA GLY F 236 -28.38 6.17 43.67
C GLY F 236 -27.16 5.50 43.09
N LYS F 237 -26.20 6.31 42.69
CA LYS F 237 -24.99 5.80 42.08
C LYS F 237 -23.79 6.72 42.27
N GLY F 238 -22.63 6.10 42.44
CA GLY F 238 -21.38 6.83 42.62
C GLY F 238 -21.41 7.96 43.64
N ALA F 239 -21.08 9.17 43.19
CA ALA F 239 -21.04 10.33 44.06
C ALA F 239 -22.38 10.58 44.75
N GLY F 240 -23.46 10.13 44.12
CA GLY F 240 -24.78 10.31 44.69
C GLY F 240 -25.43 9.06 45.22
N ALA F 241 -24.63 8.03 45.49
CA ALA F 241 -25.19 6.79 46.03
C ALA F 241 -25.95 7.05 47.32
N GLY F 242 -27.13 6.47 47.46
CA GLY F 242 -27.92 6.67 48.66
C GLY F 242 -28.78 7.92 48.72
N THR F 243 -28.91 8.65 47.62
CA THR F 243 -29.72 9.85 47.65
C THR F 243 -31.03 9.73 46.87
N THR F 244 -31.42 8.51 46.51
CA THR F 244 -32.69 8.29 45.81
C THR F 244 -33.58 7.31 46.58
N ALA F 245 -34.81 7.72 46.87
CA ALA F 245 -35.76 6.87 47.58
C ALA F 245 -37.08 6.82 46.81
N ASN F 246 -37.37 5.67 46.19
CA ASN F 246 -38.59 5.49 45.43
C ASN F 246 -39.63 4.67 46.19
N TYR F 247 -40.89 5.11 46.15
CA TYR F 247 -41.93 4.37 46.82
C TYR F 247 -43.04 4.02 45.82
N PRO F 248 -42.85 2.93 45.05
CA PRO F 248 -43.87 2.50 44.08
C PRO F 248 -45.04 1.88 44.84
N MET F 249 -46.26 2.11 44.38
CA MET F 249 -47.42 1.53 45.05
C MET F 249 -48.41 1.00 44.02
N GLY F 250 -49.23 0.04 44.42
CA GLY F 250 -50.18 -0.58 43.52
C GLY F 250 -51.48 0.15 43.26
N ARG F 251 -52.36 -0.49 42.48
CA ARG F 251 -53.65 0.08 42.12
C ARG F 251 -54.61 0.19 43.31
N GLY F 252 -55.43 1.23 43.28
CA GLY F 252 -56.40 1.44 44.33
C GLY F 252 -55.82 1.80 45.68
N THR F 253 -54.60 2.31 45.71
CA THR F 253 -53.97 2.69 46.96
C THR F 253 -54.65 3.90 47.58
N PRO F 254 -55.08 3.78 48.84
CA PRO F 254 -55.74 4.86 49.59
C PRO F 254 -54.73 5.71 50.35
N TYR F 255 -55.18 6.86 50.85
CA TYR F 255 -54.26 7.73 51.57
C TYR F 255 -53.64 7.05 52.79
N SER F 256 -54.34 6.08 53.36
CA SER F 256 -53.81 5.37 54.53
C SER F 256 -52.46 4.73 54.20
N VAL F 257 -52.32 4.25 52.97
CA VAL F 257 -51.08 3.61 52.53
C VAL F 257 -50.10 4.66 52.03
N TRP F 258 -50.60 5.53 51.16
CA TRP F 258 -49.82 6.61 50.56
C TRP F 258 -49.16 7.43 51.67
N GLY F 259 -49.95 7.75 52.69
CA GLY F 259 -49.44 8.54 53.81
C GLY F 259 -48.29 7.91 54.55
N GLU F 260 -48.25 6.58 54.60
CA GLU F 260 -47.17 5.89 55.28
C GLU F 260 -45.87 6.13 54.53
N ALA F 261 -45.94 5.99 53.21
CA ALA F 261 -44.78 6.21 52.37
C ALA F 261 -44.29 7.65 52.52
N LEU F 262 -45.21 8.61 52.50
CA LEU F 262 -44.88 10.02 52.64
C LEU F 262 -44.10 10.27 53.94
N THR F 263 -44.58 9.68 55.03
CA THR F 263 -43.94 9.83 56.32
C THR F 263 -42.52 9.24 56.27
N ASP F 264 -42.36 8.08 55.67
CA ASP F 264 -41.04 7.47 55.59
C ASP F 264 -40.10 8.31 54.73
N SER F 265 -40.63 8.89 53.66
CA SER F 265 -39.79 9.68 52.79
C SER F 265 -39.40 10.99 53.46
N LEU F 266 -40.28 11.53 54.30
CA LEU F 266 -39.98 12.76 55.00
C LEU F 266 -38.91 12.49 56.06
N LYS F 267 -38.84 11.24 56.49
CA LYS F 267 -37.85 10.87 57.48
C LYS F 267 -36.47 10.83 56.86
N ARG F 268 -36.38 10.28 55.65
CA ARG F 268 -35.09 10.19 54.96
C ARG F 268 -34.56 11.57 54.61
N ILE F 269 -35.48 12.44 54.17
CA ILE F 269 -35.12 13.81 53.81
C ILE F 269 -34.54 14.51 55.04
N ALA F 270 -35.13 14.25 56.20
CA ALA F 270 -34.65 14.84 57.44
C ALA F 270 -33.27 14.29 57.78
N ALA F 271 -33.04 13.01 57.48
CA ALA F 271 -31.75 12.37 57.76
C ALA F 271 -30.69 12.93 56.81
N PHE F 272 -31.09 13.14 55.55
CA PHE F 272 -30.18 13.68 54.54
C PHE F 272 -29.73 15.06 55.01
N GLY F 273 -30.61 15.74 55.74
CA GLY F 273 -30.29 17.08 56.24
C GLY F 273 -30.66 18.16 55.25
N ALA F 274 -31.76 17.97 54.54
CA ALA F 274 -32.22 18.95 53.55
C ALA F 274 -32.57 20.29 54.19
N GLU F 275 -32.05 21.37 53.60
CA GLU F 275 -32.29 22.72 54.09
C GLU F 275 -33.63 23.30 53.58
N ALA F 276 -34.16 22.68 52.52
CA ALA F 276 -35.43 23.09 51.93
C ALA F 276 -35.92 21.92 51.11
N ILE F 277 -37.21 21.89 50.82
CA ILE F 277 -37.77 20.81 50.02
C ILE F 277 -38.52 21.41 48.84
N VAL F 278 -38.14 21.00 47.64
CA VAL F 278 -38.82 21.45 46.44
C VAL F 278 -39.85 20.34 46.24
N VAL F 279 -41.14 20.68 46.30
CA VAL F 279 -42.19 19.69 46.14
C VAL F 279 -42.79 19.66 44.74
N SER F 280 -42.59 18.53 44.05
CA SER F 280 -43.17 18.35 42.73
C SER F 280 -44.59 17.88 42.98
N LEU F 281 -45.54 18.81 42.93
CA LEU F 281 -46.93 18.49 43.18
C LEU F 281 -47.72 18.12 41.93
N GLY F 282 -48.32 16.94 41.98
CA GLY F 282 -49.15 16.48 40.89
C GLY F 282 -50.41 16.04 41.60
N VAL F 283 -51.58 16.45 41.11
CA VAL F 283 -52.83 16.07 41.75
C VAL F 283 -53.46 14.93 40.96
N ASP F 284 -52.66 14.28 40.13
CA ASP F 284 -53.16 13.17 39.34
C ASP F 284 -53.26 11.89 40.15
N THR F 285 -53.06 12.03 41.46
CA THR F 285 -53.17 10.91 42.37
C THR F 285 -54.64 10.85 42.84
N PHE F 286 -55.42 11.85 42.42
CA PHE F 286 -56.85 11.95 42.78
C PHE F 286 -57.63 10.73 42.27
N GLU F 287 -58.52 10.20 43.11
CA GLU F 287 -59.31 9.03 42.75
C GLU F 287 -60.11 9.17 41.45
N GLN F 288 -60.40 10.41 41.07
CA GLN F 288 -61.16 10.63 39.84
C GLN F 288 -60.29 10.95 38.64
N ASP F 289 -58.99 11.12 38.85
CA ASP F 289 -58.09 11.41 37.73
C ASP F 289 -58.15 10.23 36.77
N PRO F 290 -58.39 10.52 35.49
CA PRO F 290 -58.48 9.50 34.43
C PRO F 290 -57.32 8.52 34.35
N ILE F 291 -56.15 8.98 33.92
CA ILE F 291 -54.99 8.10 33.78
C ILE F 291 -54.20 7.84 35.07
N SER F 292 -54.87 7.40 36.14
CA SER F 292 -54.17 7.13 37.38
C SER F 292 -54.95 6.22 38.32
N PHE F 293 -54.28 5.20 38.87
CA PHE F 293 -54.97 4.26 39.74
C PHE F 293 -54.89 4.44 41.25
N PHE F 294 -54.70 5.67 41.71
CA PHE F 294 -54.66 5.94 43.15
C PHE F 294 -56.02 6.46 43.60
N LYS F 295 -56.38 6.14 44.84
CA LYS F 295 -57.67 6.56 45.38
C LYS F 295 -57.60 7.65 46.46
N LEU F 296 -56.98 8.78 46.13
CA LEU F 296 -56.86 9.91 47.05
C LEU F 296 -58.10 10.81 46.94
N THR F 297 -58.50 11.39 48.07
CA THR F 297 -59.66 12.27 48.10
C THR F 297 -59.23 13.72 48.30
N SER F 298 -60.06 14.67 47.87
CA SER F 298 -59.76 16.09 48.01
C SER F 298 -59.24 16.48 49.39
N PRO F 299 -59.91 16.02 50.46
CA PRO F 299 -59.47 16.36 51.81
C PRO F 299 -58.07 15.84 52.13
N ASP F 300 -57.68 14.75 51.49
CA ASP F 300 -56.35 14.18 51.73
C ASP F 300 -55.23 15.17 51.39
N TYR F 301 -55.44 15.95 50.32
CA TYR F 301 -54.45 16.93 49.88
C TYR F 301 -54.13 17.97 50.94
N ILE F 302 -55.09 18.23 51.83
CA ILE F 302 -54.85 19.19 52.89
C ILE F 302 -53.98 18.49 53.92
N THR F 303 -54.24 17.20 54.11
CA THR F 303 -53.46 16.41 55.05
C THR F 303 -52.03 16.26 54.54
N MET F 304 -51.91 16.13 53.22
CA MET F 304 -50.62 15.98 52.55
C MET F 304 -49.76 17.23 52.71
N GLY F 305 -50.32 18.38 52.36
CA GLY F 305 -49.60 19.64 52.48
C GLY F 305 -49.18 19.96 53.90
N ARG F 306 -50.02 19.60 54.85
CA ARG F 306 -49.75 19.86 56.26
C ARG F 306 -48.62 18.97 56.77
N THR F 307 -48.60 17.73 56.30
CA THR F 307 -47.57 16.78 56.72
C THR F 307 -46.17 17.21 56.24
N ILE F 308 -46.10 17.63 54.98
CA ILE F 308 -44.86 18.07 54.37
C ILE F 308 -44.32 19.37 55.02
N ALA F 309 -45.20 20.34 55.23
CA ALA F 309 -44.79 21.59 55.84
C ALA F 309 -44.30 21.36 57.27
N ALA F 310 -44.80 20.32 57.91
CA ALA F 310 -44.40 20.00 59.29
C ALA F 310 -42.99 19.45 59.37
N SER F 311 -42.31 19.42 58.22
CA SER F 311 -40.93 18.95 58.15
C SER F 311 -40.04 20.01 58.75
N GLY F 312 -40.59 21.21 58.92
CA GLY F 312 -39.84 22.31 59.52
C GLY F 312 -38.98 23.15 58.60
N VAL F 313 -38.76 22.71 57.36
CA VAL F 313 -37.94 23.51 56.45
C VAL F 313 -38.79 24.16 55.37
N PRO F 314 -38.30 25.26 54.79
CA PRO F 314 -39.04 25.98 53.75
C PRO F 314 -39.47 25.05 52.61
N LEU F 315 -40.57 25.41 51.96
CA LEU F 315 -41.08 24.60 50.86
C LEU F 315 -41.35 25.41 49.61
N LEU F 316 -41.04 24.83 48.46
CA LEU F 316 -41.31 25.44 47.17
C LEU F 316 -42.11 24.39 46.42
N VAL F 317 -43.38 24.71 46.14
CA VAL F 317 -44.24 23.78 45.43
C VAL F 317 -44.19 24.10 43.95
N VAL F 318 -43.79 23.10 43.16
CA VAL F 318 -43.67 23.23 41.72
C VAL F 318 -44.75 22.34 41.09
N MET F 319 -45.66 22.96 40.36
CA MET F 319 -46.77 22.27 39.70
C MET F 319 -46.27 21.28 38.66
N GLU F 320 -46.76 20.06 38.76
CA GLU F 320 -46.38 19.00 37.82
C GLU F 320 -47.62 18.54 37.04
N GLY F 321 -47.95 17.26 37.15
CA GLY F 321 -49.10 16.71 36.44
C GLY F 321 -50.45 16.88 37.09
N GLY F 322 -51.46 16.19 36.55
CA GLY F 322 -52.81 16.29 37.07
C GLY F 322 -53.70 16.70 35.91
N TYR F 323 -54.61 15.81 35.53
CA TYR F 323 -55.48 16.10 34.39
C TYR F 323 -56.92 15.69 34.62
N GLY F 324 -57.76 15.98 33.62
CA GLY F 324 -59.16 15.62 33.69
C GLY F 324 -60.08 16.47 34.55
N VAL F 325 -60.83 15.78 35.41
CA VAL F 325 -61.80 16.40 36.31
C VAL F 325 -61.51 17.83 36.77
N PRO F 326 -62.57 18.60 37.06
CA PRO F 326 -62.49 19.99 37.53
C PRO F 326 -61.88 20.16 38.92
N GLU F 327 -61.80 19.06 39.66
CA GLU F 327 -61.26 19.09 41.01
C GLU F 327 -59.76 19.38 41.06
N ILE F 328 -59.10 19.39 39.89
CA ILE F 328 -57.66 19.65 39.87
C ILE F 328 -57.31 20.95 40.57
N GLY F 329 -58.10 21.99 40.31
CA GLY F 329 -57.86 23.27 40.94
C GLY F 329 -58.05 23.17 42.44
N LEU F 330 -59.18 22.59 42.86
CA LEU F 330 -59.46 22.45 44.28
C LEU F 330 -58.37 21.64 44.97
N ASN F 331 -57.93 20.58 44.31
CA ASN F 331 -56.91 19.72 44.88
C ASN F 331 -55.59 20.44 45.10
N VAL F 332 -55.15 21.21 44.10
CA VAL F 332 -53.90 21.95 44.23
C VAL F 332 -54.00 23.01 45.34
N ALA F 333 -55.17 23.67 45.39
CA ALA F 333 -55.43 24.70 46.38
C ALA F 333 -55.45 24.12 47.80
N ASN F 334 -55.90 22.87 47.92
CA ASN F 334 -55.96 22.19 49.21
C ASN F 334 -54.57 21.88 49.77
N VAL F 335 -53.62 21.57 48.88
CA VAL F 335 -52.26 21.28 49.32
C VAL F 335 -51.69 22.55 49.95
N LEU F 336 -51.98 23.69 49.32
CA LEU F 336 -51.52 24.99 49.82
C LEU F 336 -52.13 25.34 51.16
N LYS F 337 -53.38 24.95 51.37
CA LYS F 337 -54.06 25.25 52.62
C LYS F 337 -53.37 24.45 53.72
N GLY F 338 -53.01 23.21 53.40
CA GLY F 338 -52.33 22.38 54.38
C GLY F 338 -50.98 22.97 54.70
N VAL F 339 -50.26 23.39 53.66
CA VAL F 339 -48.94 23.99 53.84
C VAL F 339 -49.04 25.31 54.59
N ALA F 340 -49.93 26.18 54.13
CA ALA F 340 -50.12 27.49 54.74
C ALA F 340 -50.47 27.37 56.22
N GLY F 341 -51.25 26.36 56.56
CA GLY F 341 -51.63 26.15 57.94
C GLY F 341 -52.57 27.21 58.46
N MET G 1 27.07 -22.29 23.81
CA MET G 1 26.42 -21.61 24.97
C MET G 1 26.31 -22.56 26.15
N ARG G 2 26.16 -22.00 27.34
CA ARG G 2 26.05 -22.80 28.56
C ARG G 2 24.63 -23.36 28.73
N VAL G 3 24.55 -24.57 29.26
CA VAL G 3 23.27 -25.24 29.48
C VAL G 3 23.00 -25.41 30.97
N ILE G 4 21.84 -24.91 31.42
CA ILE G 4 21.45 -25.02 32.82
C ILE G 4 20.43 -26.15 32.88
N PHE G 5 20.76 -27.19 33.62
CA PHE G 5 19.90 -28.35 33.73
C PHE G 5 19.89 -28.88 35.15
N SER G 6 18.72 -29.29 35.63
CA SER G 6 18.61 -29.82 36.98
C SER G 6 18.09 -31.25 36.92
N GLU G 7 18.75 -32.14 37.65
CA GLU G 7 18.33 -33.54 37.70
C GLU G 7 17.03 -33.68 38.48
N ASP G 8 16.71 -32.68 39.30
CA ASP G 8 15.51 -32.73 40.11
C ASP G 8 14.23 -32.72 39.28
N HIS G 9 14.36 -32.54 37.97
CA HIS G 9 13.19 -32.53 37.11
C HIS G 9 12.50 -33.89 37.25
N LYS G 10 13.27 -34.93 37.53
CA LYS G 10 12.70 -36.27 37.65
C LYS G 10 11.75 -36.44 38.85
N LEU G 11 11.73 -35.45 39.75
CA LEU G 11 10.83 -35.51 40.90
C LEU G 11 9.41 -35.38 40.39
N ARG G 12 9.29 -34.82 39.19
CA ARG G 12 8.00 -34.66 38.55
C ARG G 12 7.88 -35.86 37.63
N ASN G 13 7.11 -36.86 38.05
CA ASN G 13 6.91 -38.05 37.24
C ASN G 13 5.52 -38.61 37.47
N ALA G 14 4.51 -37.84 37.07
CA ALA G 14 3.12 -38.22 37.23
C ALA G 14 2.83 -39.57 36.58
N LYS G 15 1.87 -40.29 37.13
CA LYS G 15 1.52 -41.58 36.57
C LYS G 15 0.35 -41.51 35.60
N THR G 16 -0.51 -40.51 35.76
CA THR G 16 -1.66 -40.37 34.89
C THR G 16 -1.86 -38.99 34.29
N GLU G 17 -2.54 -39.00 33.14
CA GLU G 17 -2.89 -37.79 32.42
C GLU G 17 -4.20 -38.07 31.72
N LEU G 18 -5.21 -37.24 31.96
CA LEU G 18 -6.50 -37.43 31.32
C LEU G 18 -6.38 -37.03 29.86
N TYR G 19 -6.52 -38.00 28.97
CA TYR G 19 -6.44 -37.78 27.53
C TYR G 19 -7.38 -38.72 26.79
N GLY G 20 -8.13 -38.17 25.84
CA GLY G 20 -9.06 -38.98 25.08
C GLY G 20 -10.04 -39.68 25.99
N GLY G 21 -10.38 -39.03 27.10
CA GLY G 21 -11.32 -39.62 28.04
C GLY G 21 -10.79 -40.81 28.82
N GLU G 22 -9.46 -40.95 28.86
CA GLU G 22 -8.84 -42.05 29.61
C GLU G 22 -7.66 -41.50 30.38
N LEU G 23 -7.11 -42.31 31.28
CA LEU G 23 -5.96 -41.90 32.06
C LEU G 23 -4.76 -42.67 31.49
N VAL G 24 -3.98 -42.00 30.64
CA VAL G 24 -2.82 -42.62 30.01
C VAL G 24 -1.50 -42.09 30.57
N PRO G 25 -0.38 -42.73 30.22
CA PRO G 25 0.90 -42.24 30.73
C PRO G 25 1.13 -40.82 30.20
N PRO G 26 1.56 -39.89 31.07
CA PRO G 26 1.81 -38.49 30.69
C PRO G 26 2.74 -38.32 29.49
N PHE G 27 2.31 -37.50 28.53
CA PHE G 27 3.09 -37.22 27.34
C PHE G 27 4.37 -36.48 27.69
N GLU G 28 4.31 -35.74 28.79
CA GLU G 28 5.42 -34.95 29.28
C GLU G 28 6.08 -35.73 30.42
N ALA G 29 7.02 -36.60 30.06
CA ALA G 29 7.72 -37.45 31.02
C ALA G 29 9.24 -37.23 31.08
N PRO G 30 9.88 -37.67 32.18
CA PRO G 30 11.31 -37.54 32.40
C PRO G 30 12.19 -37.86 31.20
N PHE G 31 11.81 -38.86 30.41
CA PHE G 31 12.63 -39.22 29.26
C PHE G 31 12.85 -38.05 28.31
N ARG G 32 11.94 -37.09 28.29
CA ARG G 32 12.09 -35.95 27.39
C ARG G 32 13.36 -35.17 27.72
N ALA G 33 13.55 -34.88 29.01
CA ALA G 33 14.73 -34.17 29.46
C ALA G 33 15.98 -34.98 29.16
N GLU G 34 15.90 -36.28 29.40
CA GLU G 34 17.02 -37.19 29.14
C GLU G 34 17.38 -37.17 27.66
N TRP G 35 16.36 -37.24 26.80
CA TRP G 35 16.58 -37.24 25.34
C TRP G 35 17.16 -35.91 24.83
N ILE G 36 16.67 -34.80 25.35
CA ILE G 36 17.13 -33.49 24.90
C ILE G 36 18.56 -33.17 25.35
N LEU G 37 18.88 -33.50 26.60
CA LEU G 37 20.21 -33.27 27.14
C LEU G 37 21.26 -33.99 26.29
N ALA G 38 21.05 -35.28 26.06
CA ALA G 38 21.97 -36.10 25.28
C ALA G 38 22.15 -35.60 23.86
N ALA G 39 21.07 -35.08 23.28
CA ALA G 39 21.12 -34.59 21.91
C ALA G 39 21.92 -33.29 21.79
N VAL G 40 21.70 -32.36 22.71
CA VAL G 40 22.42 -31.07 22.66
C VAL G 40 23.90 -31.24 22.93
N LYS G 41 24.28 -32.25 23.72
CA LYS G 41 25.67 -32.48 24.01
C LYS G 41 26.38 -33.08 22.79
N GLU G 42 25.73 -34.02 22.11
CA GLU G 42 26.30 -34.61 20.91
C GLU G 42 26.43 -33.56 19.82
N ALA G 43 25.80 -32.42 20.03
CA ALA G 43 25.83 -31.33 19.06
C ALA G 43 26.94 -30.35 19.43
N GLY G 44 27.65 -30.62 20.52
CA GLY G 44 28.73 -29.75 20.94
C GLY G 44 28.41 -28.85 22.11
N PHE G 45 27.21 -28.99 22.66
CA PHE G 45 26.78 -28.18 23.80
C PHE G 45 26.89 -29.01 25.08
N ASP G 46 28.11 -29.31 25.51
CA ASP G 46 28.32 -30.12 26.70
C ASP G 46 28.63 -29.34 27.99
N ASP G 47 28.65 -28.01 27.91
CA ASP G 47 28.91 -27.17 29.09
C ASP G 47 27.62 -27.12 29.88
N VAL G 48 27.33 -28.19 30.60
CA VAL G 48 26.11 -28.29 31.37
C VAL G 48 26.37 -28.05 32.85
N VAL G 49 25.53 -27.27 33.50
CA VAL G 49 25.69 -27.01 34.92
C VAL G 49 24.34 -26.96 35.59
N ALA G 50 24.32 -27.27 36.88
CA ALA G 50 23.09 -27.25 37.64
C ALA G 50 22.87 -25.85 38.20
N PRO G 51 21.61 -25.42 38.32
CA PRO G 51 21.31 -24.09 38.84
C PRO G 51 21.53 -23.99 40.34
N ALA G 52 21.67 -22.77 40.85
CA ALA G 52 21.87 -22.56 42.27
C ALA G 52 20.52 -22.61 42.98
N ARG G 53 20.52 -22.35 44.29
CA ARG G 53 19.29 -22.35 45.07
C ARG G 53 18.73 -20.95 45.00
N HIS G 54 17.43 -20.84 44.75
CA HIS G 54 16.79 -19.53 44.64
C HIS G 54 15.51 -19.43 45.45
N GLY G 55 15.29 -18.27 46.05
CA GLY G 55 14.10 -18.03 46.85
C GLY G 55 12.92 -17.72 45.96
N LEU G 56 11.83 -17.24 46.55
CA LEU G 56 10.62 -16.94 45.79
C LEU G 56 10.44 -15.48 45.42
N GLU G 57 11.45 -14.67 45.70
CA GLU G 57 11.37 -13.24 45.39
C GLU G 57 11.06 -12.96 43.91
N THR G 58 11.75 -13.64 43.01
CA THR G 58 11.51 -13.41 41.60
C THR G 58 10.14 -13.90 41.14
N VAL G 59 9.82 -15.15 41.46
CA VAL G 59 8.53 -15.70 41.04
C VAL G 59 7.34 -15.00 41.68
N LEU G 60 7.52 -14.46 42.88
CA LEU G 60 6.42 -13.77 43.56
C LEU G 60 6.02 -12.50 42.83
N LYS G 61 6.81 -12.11 41.84
CA LYS G 61 6.52 -10.91 41.08
C LYS G 61 5.71 -11.21 39.83
N VAL G 62 5.61 -12.48 39.49
CA VAL G 62 4.86 -12.88 38.31
C VAL G 62 3.72 -13.85 38.62
N HIS G 63 3.77 -14.53 39.76
CA HIS G 63 2.71 -15.45 40.16
C HIS G 63 2.02 -15.00 41.45
N ASP G 64 0.72 -15.31 41.57
CA ASP G 64 -0.07 -14.98 42.76
C ASP G 64 0.51 -15.77 43.93
N ALA G 65 0.70 -15.11 45.08
CA ALA G 65 1.26 -15.79 46.26
C ALA G 65 0.35 -16.89 46.78
N GLY G 66 -0.96 -16.69 46.66
CA GLY G 66 -1.92 -17.69 47.11
C GLY G 66 -1.79 -18.94 46.27
N TYR G 67 -1.54 -18.74 44.97
CA TYR G 67 -1.37 -19.83 44.02
C TYR G 67 -0.13 -20.67 44.35
N LEU G 68 0.99 -19.98 44.58
CA LEU G 68 2.25 -20.67 44.89
C LEU G 68 2.10 -21.42 46.20
N ASN G 69 1.45 -20.80 47.16
CA ASN G 69 1.24 -21.43 48.45
C ASN G 69 0.42 -22.70 48.26
N PHE G 70 -0.59 -22.64 47.38
CA PHE G 70 -1.45 -23.78 47.09
C PHE G 70 -0.67 -24.97 46.52
N LEU G 71 0.24 -24.69 45.59
CA LEU G 71 1.05 -25.72 44.96
C LEU G 71 1.93 -26.48 45.96
N GLU G 72 2.55 -25.74 46.87
CA GLU G 72 3.42 -26.34 47.84
C GLU G 72 2.79 -27.49 48.66
N THR G 73 1.51 -27.39 48.99
CA THR G 73 0.86 -28.44 49.78
C THR G 73 -0.31 -29.14 49.13
N ALA G 74 -0.53 -28.86 47.86
CA ALA G 74 -1.63 -29.48 47.15
C ALA G 74 -1.57 -30.99 47.33
N TRP G 75 -0.43 -31.59 47.06
CA TRP G 75 -0.33 -33.04 47.19
C TRP G 75 -0.65 -33.58 48.58
N ASP G 76 -0.06 -33.01 49.63
CA ASP G 76 -0.33 -33.49 50.99
C ASP G 76 -1.80 -33.39 51.37
N ARG G 77 -2.43 -32.29 50.99
CA ARG G 77 -3.83 -32.07 51.30
C ARG G 77 -4.69 -33.05 50.52
N TRP G 78 -4.31 -33.31 49.28
CA TRP G 78 -5.05 -34.23 48.44
C TRP G 78 -5.03 -35.63 49.03
N LYS G 79 -3.84 -36.08 49.41
CA LYS G 79 -3.70 -37.41 49.99
C LYS G 79 -4.43 -37.47 51.33
N ALA G 80 -4.25 -36.43 52.13
CA ALA G 80 -4.90 -36.34 53.42
C ALA G 80 -6.42 -36.44 53.25
N ALA G 81 -6.93 -36.01 52.09
CA ALA G 81 -8.37 -36.05 51.82
C ALA G 81 -8.86 -37.47 51.58
N GLY G 82 -7.92 -38.40 51.43
CA GLY G 82 -8.29 -39.79 51.22
C GLY G 82 -8.38 -40.27 49.78
N TYR G 83 -8.19 -39.39 48.80
CA TYR G 83 -8.28 -39.82 47.41
C TYR G 83 -7.17 -40.79 47.04
N LYS G 84 -7.52 -41.82 46.25
CA LYS G 84 -6.56 -42.84 45.84
C LYS G 84 -5.76 -42.54 44.58
N GLY G 85 -6.25 -41.62 43.75
CA GLY G 85 -5.54 -41.28 42.53
C GLY G 85 -4.74 -40.01 42.71
N GLU G 86 -4.20 -39.48 41.62
CA GLU G 86 -3.42 -38.24 41.69
C GLU G 86 -4.39 -37.06 41.76
N ALA G 87 -3.86 -35.91 42.14
CA ALA G 87 -4.67 -34.70 42.29
C ALA G 87 -5.10 -34.12 40.94
N ILE G 88 -6.38 -34.28 40.62
CA ILE G 88 -6.93 -33.77 39.37
C ILE G 88 -8.24 -33.03 39.66
N ALA G 89 -8.31 -31.80 39.18
CA ALA G 89 -9.49 -30.95 39.36
C ALA G 89 -10.63 -31.44 38.49
N THR G 90 -11.84 -31.27 38.98
CA THR G 90 -13.02 -31.69 38.24
C THR G 90 -14.05 -30.54 38.20
N SER G 91 -13.93 -29.58 39.11
CA SER G 91 -14.84 -28.45 39.12
C SER G 91 -14.05 -27.18 38.78
N PHE G 92 -14.63 -26.35 37.92
CA PHE G 92 -13.92 -25.15 37.51
C PHE G 92 -14.76 -23.87 37.49
N PRO G 93 -14.16 -22.74 37.87
CA PRO G 93 -14.86 -21.46 37.87
C PRO G 93 -15.03 -20.94 36.44
N VAL G 94 -16.03 -21.45 35.73
CA VAL G 94 -16.28 -21.03 34.35
C VAL G 94 -17.28 -19.88 34.28
N ARG G 95 -17.92 -19.68 33.13
CA ARG G 95 -18.84 -18.56 32.97
C ARG G 95 -19.78 -18.24 34.14
N ARG G 96 -19.88 -16.95 34.44
CA ARG G 96 -20.78 -16.45 35.46
C ARG G 96 -20.71 -17.14 36.82
N THR G 97 -19.51 -17.29 37.36
CA THR G 97 -19.31 -17.91 38.67
C THR G 97 -18.79 -16.91 39.70
N SER G 98 -18.81 -17.28 40.96
CA SER G 98 -18.33 -16.40 42.01
C SER G 98 -16.81 -16.28 41.97
N PRO G 99 -16.29 -15.13 42.41
CA PRO G 99 -14.85 -14.90 42.43
C PRO G 99 -14.21 -15.44 43.72
N ARG G 100 -15.03 -15.80 44.70
CA ARG G 100 -14.50 -16.32 45.95
C ARG G 100 -13.67 -17.59 45.77
N ILE G 101 -12.69 -17.74 46.64
CA ILE G 101 -11.81 -18.90 46.63
C ILE G 101 -12.34 -19.94 47.62
N PRO G 102 -12.40 -21.21 47.21
CA PRO G 102 -12.89 -22.25 48.12
C PRO G 102 -11.90 -22.48 49.25
N THR G 103 -12.29 -23.32 50.19
CA THR G 103 -11.45 -23.63 51.33
C THR G 103 -10.87 -25.05 51.19
N ASP G 104 -11.73 -26.04 50.96
CA ASP G 104 -11.30 -27.45 50.82
C ASP G 104 -10.36 -27.70 49.64
N ILE G 105 -9.57 -28.78 49.71
CA ILE G 105 -8.63 -29.09 48.64
C ILE G 105 -9.34 -29.30 47.30
N GLU G 106 -10.51 -29.93 47.32
CA GLU G 106 -11.26 -30.18 46.10
C GLU G 106 -11.65 -28.90 45.38
N GLY G 107 -12.03 -27.88 46.15
CA GLY G 107 -12.41 -26.61 45.57
C GLY G 107 -11.22 -25.78 45.15
N GLN G 108 -10.18 -25.75 45.97
CA GLN G 108 -9.01 -24.96 45.61
C GLN G 108 -8.26 -25.48 44.39
N ILE G 109 -8.20 -26.80 44.21
CA ILE G 109 -7.49 -27.33 43.06
C ILE G 109 -8.21 -26.94 41.77
N GLY G 110 -9.53 -26.87 41.81
CA GLY G 110 -10.29 -26.48 40.63
C GLY G 110 -10.12 -24.98 40.42
N TYR G 111 -10.10 -24.25 41.52
CA TYR G 111 -9.94 -22.81 41.47
C TYR G 111 -8.60 -22.37 40.87
N TYR G 112 -7.56 -23.15 41.12
CA TYR G 112 -6.22 -22.84 40.66
C TYR G 112 -5.77 -23.63 39.42
N CYS G 113 -6.75 -24.17 38.69
CA CYS G 113 -6.45 -24.98 37.52
C CYS G 113 -7.25 -24.55 36.29
N ASN G 114 -6.63 -24.61 35.10
CA ASN G 114 -7.28 -24.25 33.84
C ASN G 114 -7.47 -25.43 32.90
N ALA G 115 -6.97 -26.59 33.31
CA ALA G 115 -7.05 -27.79 32.48
C ALA G 115 -6.90 -29.07 33.28
N ALA G 116 -7.91 -29.94 33.20
CA ALA G 116 -7.90 -31.20 33.93
C ALA G 116 -7.00 -32.27 33.32
N GLU G 117 -6.21 -31.91 32.30
CA GLU G 117 -5.32 -32.89 31.69
C GLU G 117 -3.94 -32.88 32.37
N THR G 118 -3.86 -32.21 33.52
CA THR G 118 -2.62 -32.12 34.31
C THR G 118 -2.89 -32.48 35.77
N ALA G 119 -2.22 -33.53 36.25
CA ALA G 119 -2.39 -33.98 37.64
C ALA G 119 -1.21 -33.61 38.52
N ILE G 120 -1.51 -33.29 39.77
CA ILE G 120 -0.44 -32.96 40.70
C ILE G 120 -0.05 -34.27 41.36
N SER G 121 1.24 -34.58 41.30
CA SER G 121 1.78 -35.82 41.85
C SER G 121 2.90 -35.49 42.82
N PRO G 122 3.32 -36.47 43.63
CA PRO G 122 4.39 -36.28 44.61
C PRO G 122 5.65 -35.73 43.94
N GLY G 123 6.24 -34.69 44.53
CA GLY G 123 7.46 -34.13 43.96
C GLY G 123 7.29 -33.08 42.87
N THR G 124 6.04 -32.79 42.51
CA THR G 124 5.78 -31.80 41.47
C THR G 124 6.24 -30.40 41.87
N TRP G 125 5.95 -30.03 43.11
CA TRP G 125 6.35 -28.72 43.62
C TRP G 125 7.88 -28.58 43.56
N GLU G 126 8.59 -29.56 44.11
CA GLU G 126 10.05 -29.55 44.12
C GLU G 126 10.64 -29.45 42.72
N ALA G 127 10.14 -30.29 41.82
CA ALA G 127 10.61 -30.30 40.45
C ALA G 127 10.35 -28.94 39.83
N ALA G 128 9.15 -28.40 40.03
CA ALA G 128 8.78 -27.10 39.48
C ALA G 128 9.72 -26.00 39.94
N LEU G 129 10.20 -26.07 41.18
CA LEU G 129 11.11 -25.06 41.70
C LEU G 129 12.52 -25.20 41.11
N SER G 130 12.93 -26.44 40.81
CA SER G 130 14.25 -26.69 40.24
C SER G 130 14.23 -26.19 38.80
N SER G 131 13.13 -26.44 38.12
CA SER G 131 12.98 -26.00 36.75
C SER G 131 13.00 -24.48 36.68
N MET G 132 12.42 -23.82 37.71
CA MET G 132 12.38 -22.36 37.80
C MET G 132 13.81 -21.82 38.02
N ALA G 133 14.56 -22.51 38.87
CA ALA G 133 15.93 -22.14 39.18
C ALA G 133 16.82 -22.19 37.94
N SER G 134 16.59 -23.18 37.08
CA SER G 134 17.35 -23.31 35.85
C SER G 134 17.04 -22.11 34.96
N ALA G 135 15.82 -21.57 35.09
CA ALA G 135 15.41 -20.41 34.29
C ALA G 135 16.01 -19.12 34.85
N ILE G 136 16.07 -19.03 36.17
CA ILE G 136 16.64 -17.84 36.80
C ILE G 136 18.14 -17.81 36.51
N ASP G 137 18.79 -18.96 36.66
CA ASP G 137 20.22 -19.06 36.40
C ASP G 137 20.57 -18.75 34.95
N GLY G 138 19.66 -19.09 34.04
CA GLY G 138 19.88 -18.81 32.64
C GLY G 138 19.83 -17.32 32.37
N ALA G 139 18.85 -16.65 32.99
CA ALA G 139 18.70 -15.22 32.82
C ALA G 139 19.91 -14.49 33.39
N ASP G 140 20.46 -14.99 34.49
CA ASP G 140 21.62 -14.34 35.09
C ASP G 140 22.82 -14.35 34.13
N LEU G 141 22.98 -15.41 33.35
CA LEU G 141 24.10 -15.45 32.42
C LEU G 141 23.93 -14.36 31.37
N ILE G 142 22.70 -14.20 30.90
CA ILE G 142 22.40 -13.18 29.90
C ILE G 142 22.62 -11.80 30.50
N ALA G 143 22.38 -11.68 31.79
CA ALA G 143 22.60 -10.41 32.46
C ALA G 143 24.11 -10.20 32.62
N ALA G 144 24.85 -11.29 32.81
CA ALA G 144 26.30 -11.19 32.96
C ALA G 144 26.99 -10.90 31.63
N GLY G 145 26.23 -10.87 30.55
CA GLY G 145 26.82 -10.57 29.27
C GLY G 145 26.83 -11.68 28.25
N HIS G 146 26.30 -12.85 28.59
CA HIS G 146 26.25 -13.97 27.64
C HIS G 146 25.26 -13.64 26.51
N LYS G 147 25.59 -14.05 25.29
CA LYS G 147 24.74 -13.78 24.13
C LYS G 147 23.59 -14.79 24.02
N ALA G 148 23.80 -15.97 24.58
CA ALA G 148 22.79 -17.01 24.54
C ALA G 148 23.05 -17.99 25.66
N ALA G 149 21.99 -18.68 26.07
CA ALA G 149 22.07 -19.71 27.11
C ALA G 149 20.82 -20.57 26.93
N PHE G 150 20.91 -21.83 27.34
CA PHE G 150 19.81 -22.76 27.21
C PHE G 150 19.42 -23.32 28.57
N SER G 151 18.20 -23.01 29.00
CA SER G 151 17.68 -23.51 30.27
C SER G 151 16.78 -24.70 29.94
N LEU G 152 17.32 -25.90 30.13
CA LEU G 152 16.57 -27.10 29.87
C LEU G 152 15.61 -27.29 31.06
N CYS G 153 14.48 -26.57 31.02
CA CYS G 153 13.45 -26.63 32.06
C CYS G 153 12.49 -27.78 31.88
N ARG G 154 12.11 -28.39 33.00
CA ARG G 154 11.13 -29.46 33.03
C ARG G 154 10.75 -29.63 34.48
N PRO G 155 9.46 -29.58 34.80
CA PRO G 155 8.34 -29.36 33.88
C PRO G 155 8.35 -28.02 33.16
N PRO G 156 7.64 -27.94 32.02
CA PRO G 156 7.58 -26.69 31.26
C PRO G 156 6.76 -25.68 32.06
N GLY G 157 6.51 -24.49 31.49
CA GLY G 157 5.75 -23.50 32.24
C GLY G 157 4.89 -22.44 31.54
N HIS G 158 4.98 -22.31 30.22
CA HIS G 158 4.20 -21.27 29.54
C HIS G 158 2.68 -21.34 29.69
N ALA G 159 2.15 -22.49 30.10
CA ALA G 159 0.72 -22.63 30.29
C ALA G 159 0.29 -22.23 31.70
N ALA G 160 1.27 -21.99 32.58
CA ALA G 160 1.00 -21.55 33.96
C ALA G 160 0.71 -20.04 33.95
N GLY G 161 -0.50 -19.66 34.36
CA GLY G 161 -0.88 -18.27 34.39
C GLY G 161 -0.65 -17.63 35.74
N ILE G 162 -1.14 -16.40 35.92
CA ILE G 162 -0.95 -15.70 37.21
C ILE G 162 -1.32 -16.57 38.40
N ASP G 163 -2.50 -17.16 38.38
CA ASP G 163 -2.93 -18.01 39.47
C ASP G 163 -3.58 -19.33 39.05
N MET G 164 -2.94 -20.04 38.12
CA MET G 164 -3.49 -21.30 37.64
C MET G 164 -2.46 -22.21 36.96
N PHE G 165 -2.58 -23.52 37.19
CA PHE G 165 -1.68 -24.50 36.57
C PHE G 165 -2.46 -25.27 35.51
N GLY G 166 -1.74 -25.86 34.56
CA GLY G 166 -2.36 -26.62 33.49
C GLY G 166 -1.41 -26.82 32.33
N GLY G 167 -1.81 -27.61 31.34
CA GLY G 167 -0.96 -27.84 30.19
C GLY G 167 0.42 -28.36 30.54
N TYR G 168 0.48 -29.11 31.63
CA TYR G 168 1.71 -29.72 32.14
C TYR G 168 2.60 -28.69 32.87
N CYS G 169 2.09 -27.47 33.04
CA CYS G 169 2.84 -26.39 33.69
C CYS G 169 2.35 -25.98 35.09
N PHE G 170 3.27 -25.56 35.96
CA PHE G 170 2.94 -25.14 37.31
C PHE G 170 3.53 -23.78 37.66
N ILE G 171 4.80 -23.58 37.32
CA ILE G 171 5.48 -22.31 37.54
C ILE G 171 6.00 -21.88 36.17
N ASN G 172 5.59 -20.69 35.73
CA ASN G 172 5.99 -20.18 34.41
C ASN G 172 7.46 -19.76 34.36
N ASN G 173 8.32 -20.69 33.96
CA ASN G 173 9.75 -20.44 33.87
C ASN G 173 10.11 -19.25 32.99
N ALA G 174 9.49 -19.21 31.82
CA ALA G 174 9.74 -18.13 30.87
C ALA G 174 9.48 -16.77 31.50
N ALA G 175 8.37 -16.66 32.24
CA ALA G 175 8.01 -15.40 32.89
C ALA G 175 9.03 -15.05 33.98
N VAL G 176 9.40 -16.05 34.78
CA VAL G 176 10.38 -15.86 35.85
C VAL G 176 11.69 -15.34 35.26
N ALA G 177 12.14 -15.95 34.16
CA ALA G 177 13.38 -15.50 33.51
C ALA G 177 13.28 -14.04 33.07
N ALA G 178 12.19 -13.70 32.38
CA ALA G 178 11.97 -12.33 31.91
C ALA G 178 11.95 -11.36 33.09
N GLN G 179 11.27 -11.73 34.16
CA GLN G 179 11.19 -10.87 35.34
C GLN G 179 12.57 -10.71 35.95
N ARG G 180 13.33 -11.80 35.98
CA ARG G 180 14.68 -11.80 36.53
C ARG G 180 15.56 -10.81 35.81
N LEU G 181 15.43 -10.79 34.48
CA LEU G 181 16.21 -9.88 33.67
C LEU G 181 15.88 -8.44 34.04
N LEU G 182 14.60 -8.15 34.25
CA LEU G 182 14.22 -6.78 34.63
C LEU G 182 14.83 -6.43 35.98
N ASP G 183 14.85 -7.38 36.90
CA ASP G 183 15.43 -7.15 38.22
C ASP G 183 16.92 -6.87 38.11
N LYS G 184 17.52 -7.31 37.01
CA LYS G 184 18.95 -7.12 36.79
C LYS G 184 19.30 -5.87 36.00
N GLY G 185 18.35 -4.97 35.80
CA GLY G 185 18.65 -3.75 35.08
C GLY G 185 17.88 -3.49 33.80
N ALA G 186 17.36 -4.53 33.16
CA ALA G 186 16.62 -4.35 31.93
C ALA G 186 15.33 -3.56 32.19
N LYS G 187 14.92 -2.79 31.19
CA LYS G 187 13.71 -1.98 31.27
C LYS G 187 12.64 -2.59 30.38
N LYS G 188 13.07 -3.13 29.25
CA LYS G 188 12.16 -3.76 28.31
C LYS G 188 12.70 -5.13 27.90
N ILE G 189 11.83 -6.14 28.01
CA ILE G 189 12.19 -7.52 27.67
C ILE G 189 11.05 -8.11 26.86
N ALA G 190 11.37 -9.02 25.95
CA ALA G 190 10.34 -9.68 25.15
C ALA G 190 10.40 -11.17 25.42
N ILE G 191 9.32 -11.87 25.06
CA ILE G 191 9.20 -13.29 25.21
C ILE G 191 8.58 -13.81 23.92
N LEU G 192 9.33 -14.60 23.16
CA LEU G 192 8.83 -15.18 21.91
C LEU G 192 8.54 -16.66 22.17
N ASP G 193 7.28 -17.06 22.02
CA ASP G 193 6.85 -18.43 22.28
C ASP G 193 6.66 -19.19 20.94
N VAL G 194 7.52 -20.17 20.70
CA VAL G 194 7.46 -20.94 19.46
C VAL G 194 6.86 -22.34 19.62
N ASP G 195 6.63 -22.71 20.88
CA ASP G 195 6.02 -23.99 21.22
C ASP G 195 4.73 -24.09 20.40
N PHE G 196 4.36 -25.29 19.97
CA PHE G 196 3.15 -25.45 19.17
C PHE G 196 1.90 -24.85 19.79
N HIS G 197 1.70 -25.04 21.10
CA HIS G 197 0.55 -24.51 21.80
C HIS G 197 0.76 -23.06 22.19
N HIS G 198 -0.33 -22.30 22.28
CA HIS G 198 -0.23 -20.91 22.67
C HIS G 198 0.25 -20.81 24.12
N GLY G 199 0.98 -19.75 24.45
CA GLY G 199 1.45 -19.60 25.81
C GLY G 199 0.44 -18.84 26.62
N ASN G 200 -0.74 -19.44 26.81
CA ASN G 200 -1.80 -18.77 27.55
C ASN G 200 -1.34 -18.28 28.93
N GLY G 201 -0.59 -19.11 29.64
CA GLY G 201 -0.12 -18.71 30.96
C GLY G 201 0.74 -17.45 30.92
N THR G 202 1.71 -17.42 30.01
CA THR G 202 2.61 -16.29 29.87
C THR G 202 1.85 -15.03 29.46
N GLN G 203 0.94 -15.17 28.50
CA GLN G 203 0.16 -14.03 28.05
C GLN G 203 -0.55 -13.42 29.26
N ASP G 204 -1.22 -14.27 30.01
CA ASP G 204 -1.95 -13.85 31.21
C ASP G 204 -1.06 -13.02 32.14
N ILE G 205 0.14 -13.52 32.44
CA ILE G 205 1.05 -12.81 33.34
C ILE G 205 1.42 -11.38 32.90
N PHE G 206 1.77 -11.22 31.63
CA PHE G 206 2.19 -9.92 31.14
C PHE G 206 1.15 -9.17 30.31
N TYR G 207 -0.11 -9.61 30.37
CA TYR G 207 -1.15 -8.98 29.59
C TYR G 207 -1.34 -7.50 29.92
N GLU G 208 -1.14 -7.14 31.19
CA GLU G 208 -1.29 -5.75 31.62
C GLU G 208 0.03 -5.08 32.04
N ARG G 209 1.14 -5.73 31.67
CA ARG G 209 2.49 -5.22 31.96
C ARG G 209 3.01 -4.58 30.67
N GLY G 210 3.44 -3.33 30.76
CA GLY G 210 3.95 -2.65 29.59
C GLY G 210 5.47 -2.75 29.41
N ASP G 211 6.14 -3.33 30.41
CA ASP G 211 7.59 -3.50 30.35
C ASP G 211 7.99 -4.83 29.71
N VAL G 212 7.00 -5.64 29.35
CA VAL G 212 7.27 -6.92 28.71
C VAL G 212 6.39 -7.12 27.49
N PHE G 213 6.99 -7.61 26.40
CA PHE G 213 6.23 -7.86 25.18
C PHE G 213 6.11 -9.40 25.03
N PHE G 214 4.96 -9.87 24.58
CA PHE G 214 4.71 -11.29 24.42
C PHE G 214 4.23 -11.58 23.00
N ALA G 215 4.98 -12.42 22.28
CA ALA G 215 4.63 -12.79 20.90
C ALA G 215 4.53 -14.29 20.88
N SER G 216 3.43 -14.82 20.35
CA SER G 216 3.28 -16.26 20.34
C SER G 216 2.80 -16.81 18.99
N LEU G 217 3.43 -17.90 18.54
CA LEU G 217 3.04 -18.57 17.29
C LEU G 217 2.49 -19.90 17.79
N HIS G 218 1.30 -20.27 17.33
CA HIS G 218 0.69 -21.51 17.82
C HIS G 218 -0.48 -21.95 16.95
N GLY G 219 -0.93 -23.18 17.17
CA GLY G 219 -2.07 -23.68 16.42
C GLY G 219 -3.32 -22.93 16.87
N ASP G 220 -4.18 -22.61 15.91
CA ASP G 220 -5.44 -21.90 16.14
C ASP G 220 -6.19 -22.43 17.36
N PRO G 221 -6.41 -21.58 18.38
CA PRO G 221 -7.13 -22.05 19.56
C PRO G 221 -8.54 -22.55 19.25
N ALA G 222 -9.06 -22.18 18.08
CA ALA G 222 -10.39 -22.62 17.68
C ALA G 222 -10.39 -24.16 17.60
N GLU G 223 -9.20 -24.75 17.48
CA GLU G 223 -9.10 -26.21 17.40
C GLU G 223 -7.78 -26.79 17.90
N ALA G 224 -7.24 -26.18 18.94
CA ALA G 224 -6.00 -26.62 19.57
C ALA G 224 -5.92 -26.07 20.99
N PHE G 225 -5.56 -26.96 21.92
CA PHE G 225 -5.36 -26.59 23.32
C PHE G 225 -4.48 -25.33 23.26
N PRO G 226 -4.65 -24.38 24.21
CA PRO G 226 -5.60 -24.41 25.33
C PRO G 226 -7.04 -24.02 24.97
N HIS G 227 -7.29 -23.74 23.69
CA HIS G 227 -8.64 -23.41 23.22
C HIS G 227 -9.28 -22.10 23.65
N PHE G 228 -8.90 -21.56 24.81
CA PHE G 228 -9.55 -20.32 25.27
C PHE G 228 -8.67 -19.10 25.38
N LEU G 229 -7.66 -19.04 24.52
CA LEU G 229 -6.75 -17.91 24.47
C LEU G 229 -5.84 -18.17 23.27
N GLY G 230 -5.27 -17.10 22.71
CA GLY G 230 -4.40 -17.25 21.56
C GLY G 230 -4.95 -16.60 20.31
N TYR G 231 -6.13 -16.00 20.40
CA TYR G 231 -6.74 -15.33 19.23
C TYR G 231 -6.04 -14.02 18.90
N ALA G 232 -5.91 -13.74 17.61
CA ALA G 232 -5.23 -12.54 17.14
C ALA G 232 -5.73 -11.23 17.76
N GLU G 233 -7.02 -11.17 18.10
CA GLU G 233 -7.62 -9.97 18.70
C GLU G 233 -7.06 -9.57 20.06
N GLU G 234 -6.39 -10.51 20.73
CA GLU G 234 -5.82 -10.24 22.05
C GLU G 234 -4.48 -9.55 21.90
N THR G 235 -4.47 -8.22 22.09
CA THR G 235 -3.24 -7.43 21.96
C THR G 235 -2.78 -6.79 23.27
N GLY G 236 -3.45 -7.09 24.37
CA GLY G 236 -3.04 -6.50 25.63
C GLY G 236 -4.16 -5.71 26.28
N LYS G 237 -3.92 -5.30 27.52
CA LYS G 237 -4.94 -4.58 28.26
C LYS G 237 -4.32 -3.49 29.14
N GLY G 238 -5.07 -2.40 29.31
CA GLY G 238 -4.63 -1.28 30.14
C GLY G 238 -3.17 -0.87 30.03
N ALA G 239 -2.47 -0.91 31.17
CA ALA G 239 -1.06 -0.56 31.21
C ALA G 239 -0.27 -1.37 30.19
N GLY G 240 -0.77 -2.55 29.89
CA GLY G 240 -0.10 -3.40 28.93
C GLY G 240 -0.67 -3.38 27.52
N ALA G 241 -1.51 -2.40 27.20
CA ALA G 241 -2.09 -2.34 25.87
C ALA G 241 -1.02 -2.45 24.78
N GLY G 242 -1.32 -3.21 23.73
CA GLY G 242 -0.38 -3.35 22.64
C GLY G 242 0.89 -4.12 22.92
N THR G 243 0.95 -4.88 24.02
CA THR G 243 2.17 -5.65 24.32
C THR G 243 2.02 -7.16 24.11
N THR G 244 0.97 -7.57 23.38
CA THR G 244 0.75 -8.99 23.08
C THR G 244 0.47 -9.18 21.60
N ALA G 245 1.20 -10.09 20.97
CA ALA G 245 1.03 -10.39 19.54
C ALA G 245 0.85 -11.89 19.33
N ASN G 246 -0.36 -12.31 18.96
CA ASN G 246 -0.64 -13.72 18.73
C ASN G 246 -0.75 -14.08 17.25
N TYR G 247 -0.13 -15.19 16.86
CA TYR G 247 -0.19 -15.64 15.47
C TYR G 247 -0.72 -17.06 15.37
N PRO G 248 -2.03 -17.24 15.59
CA PRO G 248 -2.62 -18.58 15.49
C PRO G 248 -2.64 -19.06 14.04
N MET G 249 -2.24 -20.30 13.80
CA MET G 249 -2.24 -20.87 12.45
C MET G 249 -2.98 -22.21 12.40
N GLY G 250 -3.45 -22.58 11.22
CA GLY G 250 -4.22 -23.80 11.04
C GLY G 250 -3.50 -25.12 10.94
N ARG G 251 -4.28 -26.18 10.75
CA ARG G 251 -3.73 -27.52 10.64
C ARG G 251 -2.88 -27.65 9.37
N GLY G 252 -1.71 -28.29 9.53
CA GLY G 252 -0.82 -28.51 8.40
C GLY G 252 0.08 -27.36 8.00
N THR G 253 0.11 -26.30 8.79
CA THR G 253 0.96 -25.15 8.48
C THR G 253 2.42 -25.56 8.24
N PRO G 254 2.98 -25.21 7.07
CA PRO G 254 4.36 -25.53 6.72
C PRO G 254 5.27 -24.35 7.13
N TYR G 255 6.59 -24.54 7.08
CA TYR G 255 7.50 -23.47 7.48
C TYR G 255 7.38 -22.20 6.63
N SER G 256 7.02 -22.36 5.35
CA SER G 256 6.88 -21.21 4.48
C SER G 256 5.87 -20.22 5.03
N VAL G 257 4.94 -20.71 5.85
CA VAL G 257 3.93 -19.85 6.44
C VAL G 257 4.29 -19.49 7.88
N TRP G 258 4.81 -20.48 8.61
CA TRP G 258 5.20 -20.28 10.00
C TRP G 258 6.34 -19.25 10.10
N GLY G 259 7.30 -19.34 9.19
CA GLY G 259 8.42 -18.42 9.20
C GLY G 259 8.03 -16.96 9.00
N GLU G 260 6.97 -16.71 8.22
CA GLU G 260 6.50 -15.35 7.96
C GLU G 260 5.96 -14.79 9.26
N ALA G 261 5.25 -15.63 10.00
CA ALA G 261 4.70 -15.22 11.28
C ALA G 261 5.90 -14.95 12.19
N LEU G 262 6.91 -15.82 12.15
CA LEU G 262 8.07 -15.61 13.00
C LEU G 262 8.74 -14.28 12.70
N THR G 263 8.85 -13.97 11.42
CA THR G 263 9.48 -12.73 10.98
C THR G 263 8.68 -11.49 11.42
N ASP G 264 7.36 -11.52 11.24
CA ASP G 264 6.55 -10.38 11.65
C ASP G 264 6.61 -10.21 13.16
N SER G 265 6.62 -11.30 13.89
CA SER G 265 6.67 -11.19 15.34
C SER G 265 8.00 -10.57 15.76
N LEU G 266 9.07 -10.87 15.04
CA LEU G 266 10.38 -10.32 15.38
C LEU G 266 10.45 -8.83 15.08
N LYS G 267 9.68 -8.40 14.08
CA LYS G 267 9.65 -7.00 13.71
C LYS G 267 9.01 -6.21 14.85
N ARG G 268 7.99 -6.79 15.46
CA ARG G 268 7.30 -6.12 16.56
C ARG G 268 8.14 -6.07 17.83
N ILE G 269 8.89 -7.14 18.07
CA ILE G 269 9.76 -7.21 19.24
C ILE G 269 10.82 -6.11 19.10
N ALA G 270 11.33 -5.94 17.88
CA ALA G 270 12.32 -4.93 17.58
C ALA G 270 11.74 -3.54 17.79
N ALA G 271 10.51 -3.34 17.32
CA ALA G 271 9.84 -2.04 17.45
C ALA G 271 9.51 -1.74 18.92
N PHE G 272 9.36 -2.79 19.73
CA PHE G 272 9.05 -2.63 21.14
C PHE G 272 10.27 -2.08 21.85
N GLY G 273 11.44 -2.59 21.47
CA GLY G 273 12.69 -2.16 22.07
C GLY G 273 13.20 -3.14 23.11
N ALA G 274 13.01 -4.43 22.86
CA ALA G 274 13.46 -5.44 23.81
C ALA G 274 14.98 -5.44 23.91
N GLU G 275 15.49 -5.59 25.13
CA GLU G 275 16.92 -5.63 25.37
C GLU G 275 17.44 -7.05 25.26
N ALA G 276 16.54 -8.00 25.48
CA ALA G 276 16.85 -9.41 25.38
C ALA G 276 15.55 -10.13 25.08
N ILE G 277 15.65 -11.30 24.48
CA ILE G 277 14.46 -12.06 24.16
C ILE G 277 14.50 -13.41 24.85
N VAL G 278 13.46 -13.72 25.63
CA VAL G 278 13.38 -15.02 26.30
C VAL G 278 12.54 -15.85 25.32
N VAL G 279 13.10 -16.97 24.88
CA VAL G 279 12.43 -17.83 23.92
C VAL G 279 11.84 -19.10 24.53
N SER G 280 10.51 -19.19 24.58
CA SER G 280 9.86 -20.40 25.09
C SER G 280 9.93 -21.40 23.94
N LEU G 281 10.94 -22.26 23.97
CA LEU G 281 11.11 -23.22 22.91
C LEU G 281 10.37 -24.51 23.10
N GLY G 282 9.59 -24.87 22.08
CA GLY G 282 8.83 -26.10 22.07
C GLY G 282 9.08 -26.60 20.67
N VAL G 283 9.44 -27.88 20.55
CA VAL G 283 9.69 -28.44 19.24
C VAL G 283 8.53 -29.34 18.85
N ASP G 284 7.39 -29.13 19.51
CA ASP G 284 6.20 -29.91 19.22
C ASP G 284 5.49 -29.40 17.97
N THR G 285 6.19 -28.58 17.21
CA THR G 285 5.68 -28.03 15.96
C THR G 285 6.21 -28.95 14.85
N PHE G 286 6.99 -29.94 15.27
CA PHE G 286 7.60 -30.91 14.36
C PHE G 286 6.49 -31.70 13.65
N GLU G 287 6.73 -32.08 12.40
CA GLU G 287 5.72 -32.82 11.64
C GLU G 287 5.41 -34.21 12.20
N GLN G 288 6.24 -34.71 13.10
CA GLN G 288 6.00 -36.03 13.68
C GLN G 288 5.53 -35.98 15.14
N ASP G 289 5.10 -34.82 15.61
CA ASP G 289 4.63 -34.74 17.00
C ASP G 289 3.26 -35.40 17.13
N PRO G 290 3.09 -36.22 18.18
CA PRO G 290 1.84 -36.94 18.46
C PRO G 290 0.59 -36.13 18.85
N ILE G 291 0.76 -34.92 19.37
CA ILE G 291 -0.40 -34.11 19.77
C ILE G 291 -0.50 -32.76 19.08
N SER G 292 0.20 -32.60 17.96
CA SER G 292 0.19 -31.33 17.25
C SER G 292 -0.11 -31.47 15.76
N PHE G 293 -0.47 -30.37 15.10
CA PHE G 293 -0.79 -30.45 13.68
C PHE G 293 -0.01 -29.55 12.72
N PHE G 294 1.15 -29.06 13.14
CA PHE G 294 1.98 -28.23 12.26
C PHE G 294 2.90 -29.18 11.49
N LYS G 295 3.63 -28.66 10.50
CA LYS G 295 4.51 -29.55 9.73
C LYS G 295 5.92 -29.03 9.51
N LEU G 296 6.63 -28.73 10.59
CA LEU G 296 8.01 -28.27 10.47
C LEU G 296 8.96 -29.48 10.40
N THR G 297 10.05 -29.33 9.65
CA THR G 297 11.05 -30.39 9.51
C THR G 297 12.26 -30.01 10.37
N SER G 298 13.09 -31.00 10.69
CA SER G 298 14.27 -30.74 11.51
C SER G 298 15.13 -29.58 11.01
N PRO G 299 15.40 -29.51 9.70
CA PRO G 299 16.21 -28.39 9.21
C PRO G 299 15.62 -27.02 9.55
N ASP G 300 14.30 -26.90 9.57
CA ASP G 300 13.67 -25.61 9.87
C ASP G 300 14.02 -25.10 11.27
N TYR G 301 14.46 -26.00 12.15
CA TYR G 301 14.81 -25.59 13.50
C TYR G 301 16.13 -24.80 13.53
N ILE G 302 16.99 -25.08 12.56
CA ILE G 302 18.26 -24.38 12.46
C ILE G 302 17.92 -22.97 11.98
N THR G 303 16.94 -22.86 11.10
CA THR G 303 16.49 -21.58 10.57
C THR G 303 15.85 -20.75 11.68
N MET G 304 14.97 -21.38 12.44
CA MET G 304 14.28 -20.73 13.55
C MET G 304 15.28 -20.07 14.51
N GLY G 305 16.26 -20.84 14.96
CA GLY G 305 17.25 -20.30 15.88
C GLY G 305 18.08 -19.18 15.29
N ARG G 306 18.48 -19.36 14.04
CA ARG G 306 19.29 -18.37 13.34
C ARG G 306 18.52 -17.06 13.19
N THR G 307 17.28 -17.14 12.71
CA THR G 307 16.45 -15.94 12.52
C THR G 307 16.27 -15.15 13.81
N ILE G 308 15.87 -15.83 14.88
CA ILE G 308 15.67 -15.16 16.16
C ILE G 308 16.98 -14.53 16.65
N ALA G 309 18.06 -15.29 16.60
CA ALA G 309 19.35 -14.78 17.05
C ALA G 309 19.82 -13.63 16.17
N ALA G 310 19.28 -13.56 14.95
CA ALA G 310 19.66 -12.48 14.05
C ALA G 310 19.02 -11.16 14.47
N SER G 311 18.25 -11.19 15.55
CA SER G 311 17.60 -9.98 16.05
C SER G 311 18.68 -9.06 16.61
N GLY G 312 19.80 -9.63 17.01
CA GLY G 312 20.90 -8.84 17.52
C GLY G 312 20.89 -8.62 19.02
N VAL G 313 19.87 -9.08 19.72
CA VAL G 313 19.83 -8.91 21.17
C VAL G 313 20.12 -10.26 21.81
N PRO G 314 20.56 -10.27 23.08
CA PRO G 314 20.86 -11.53 23.78
C PRO G 314 19.65 -12.47 23.81
N LEU G 315 19.90 -13.78 23.74
CA LEU G 315 18.82 -14.75 23.77
C LEU G 315 18.92 -15.76 24.90
N LEU G 316 17.79 -16.05 25.54
CA LEU G 316 17.73 -17.05 26.60
C LEU G 316 16.68 -18.08 26.15
N VAL G 317 17.12 -19.28 25.84
CA VAL G 317 16.20 -20.31 25.39
C VAL G 317 15.69 -21.13 26.59
N VAL G 318 14.37 -21.18 26.73
CA VAL G 318 13.75 -21.93 27.83
C VAL G 318 12.91 -23.07 27.26
N MET G 319 13.27 -24.29 27.65
CA MET G 319 12.59 -25.47 27.16
C MET G 319 11.12 -25.50 27.55
N GLU G 320 10.26 -25.81 26.59
CA GLU G 320 8.82 -25.92 26.85
C GLU G 320 8.36 -27.30 26.36
N GLY G 321 7.46 -27.32 25.37
CA GLY G 321 6.94 -28.57 24.86
C GLY G 321 7.80 -29.34 23.87
N GLY G 322 7.26 -30.47 23.39
CA GLY G 322 7.98 -31.33 22.45
C GLY G 322 7.81 -32.76 22.95
N TYR G 323 7.07 -33.58 22.20
CA TYR G 323 6.80 -34.95 22.64
C TYR G 323 6.95 -36.06 21.62
N GLY G 324 6.65 -37.28 22.08
CA GLY G 324 6.70 -38.45 21.23
C GLY G 324 8.03 -38.95 20.72
N VAL G 325 8.26 -38.75 19.43
CA VAL G 325 9.48 -39.19 18.76
C VAL G 325 10.78 -38.76 19.43
N PRO G 326 11.87 -39.48 19.17
CA PRO G 326 13.17 -39.15 19.76
C PRO G 326 13.88 -38.00 19.04
N GLU G 327 13.26 -37.48 17.98
CA GLU G 327 13.82 -36.37 17.22
C GLU G 327 13.68 -35.03 17.94
N ILE G 328 12.95 -35.01 19.04
CA ILE G 328 12.78 -33.77 19.77
C ILE G 328 14.17 -33.29 20.21
N GLY G 329 15.07 -34.23 20.41
CA GLY G 329 16.43 -33.90 20.83
C GLY G 329 17.19 -33.23 19.70
N LEU G 330 17.04 -33.78 18.50
CA LEU G 330 17.70 -33.22 17.34
C LEU G 330 17.16 -31.83 17.06
N ASN G 331 15.84 -31.70 17.07
CA ASN G 331 15.20 -30.42 16.80
C ASN G 331 15.64 -29.33 17.77
N VAL G 332 15.67 -29.64 19.07
CA VAL G 332 16.09 -28.65 20.05
C VAL G 332 17.56 -28.31 19.78
N ALA G 333 18.36 -29.34 19.51
CA ALA G 333 19.78 -29.16 19.24
C ALA G 333 20.01 -28.28 18.01
N ASN G 334 19.14 -28.41 17.01
CA ASN G 334 19.25 -27.61 15.79
C ASN G 334 18.92 -26.14 16.03
N VAL G 335 18.10 -25.86 17.04
CA VAL G 335 17.75 -24.48 17.35
C VAL G 335 18.97 -23.80 17.96
N LEU G 336 19.64 -24.51 18.88
CA LEU G 336 20.81 -23.97 19.55
C LEU G 336 21.93 -23.79 18.54
N LYS G 337 21.98 -24.68 17.56
CA LYS G 337 22.99 -24.62 16.53
C LYS G 337 22.68 -23.42 15.63
N GLY G 338 21.39 -23.16 15.41
CA GLY G 338 20.99 -22.03 14.60
C GLY G 338 21.34 -20.72 15.28
N VAL G 339 21.15 -20.68 16.60
CA VAL G 339 21.47 -19.48 17.39
C VAL G 339 22.97 -19.25 17.41
N ALA G 340 23.73 -20.34 17.52
CA ALA G 340 25.19 -20.29 17.58
C ALA G 340 25.79 -19.64 16.33
N GLY G 341 25.13 -19.82 15.19
CA GLY G 341 25.61 -19.23 13.95
C GLY G 341 26.71 -20.02 13.27
N MET H 1 29.80 -36.70 -61.86
CA MET H 1 29.97 -36.30 -60.43
C MET H 1 28.96 -37.08 -59.60
N ARG H 2 29.31 -37.31 -58.34
CA ARG H 2 28.43 -38.04 -57.46
C ARG H 2 27.12 -37.32 -57.17
N VAL H 3 26.02 -38.07 -57.13
CA VAL H 3 24.69 -37.52 -56.86
C VAL H 3 24.17 -38.02 -55.51
N ILE H 4 23.79 -37.09 -54.63
CA ILE H 4 23.25 -37.48 -53.32
C ILE H 4 21.75 -37.37 -53.38
N PHE H 5 21.06 -38.48 -53.14
CA PHE H 5 19.61 -38.50 -53.20
C PHE H 5 19.00 -39.29 -52.04
N SER H 6 17.94 -38.76 -51.45
CA SER H 6 17.25 -39.45 -50.37
C SER H 6 15.86 -39.84 -50.83
N GLU H 7 15.54 -41.12 -50.70
CA GLU H 7 14.22 -41.59 -51.09
C GLU H 7 13.14 -41.01 -50.19
N ASP H 8 13.49 -40.67 -48.95
CA ASP H 8 12.51 -40.14 -48.01
C ASP H 8 11.97 -38.75 -48.34
N HIS H 9 12.43 -38.18 -49.44
CA HIS H 9 11.94 -36.87 -49.84
C HIS H 9 10.43 -37.01 -50.03
N LYS H 10 10.00 -38.22 -50.40
CA LYS H 10 8.59 -38.51 -50.62
C LYS H 10 7.72 -38.22 -49.39
N LEU H 11 8.35 -38.15 -48.22
CA LEU H 11 7.62 -37.87 -46.98
C LEU H 11 7.02 -36.49 -47.06
N ARG H 12 7.53 -35.67 -47.98
CA ARG H 12 7.00 -34.34 -48.18
C ARG H 12 6.00 -34.47 -49.32
N ASN H 13 4.71 -34.49 -48.97
CA ASN H 13 3.67 -34.62 -49.96
C ASN H 13 2.37 -33.91 -49.54
N ALA H 14 2.50 -32.66 -49.12
CA ALA H 14 1.32 -31.90 -48.70
C ALA H 14 0.32 -31.94 -49.83
N LYS H 15 -0.96 -31.89 -49.51
CA LYS H 15 -1.95 -31.93 -50.56
C LYS H 15 -2.54 -30.58 -50.90
N THR H 16 -2.31 -29.59 -50.06
CA THR H 16 -2.84 -28.26 -50.35
C THR H 16 -1.75 -27.19 -50.39
N GLU H 17 -2.08 -26.06 -51.03
CA GLU H 17 -1.20 -24.91 -51.16
C GLU H 17 -2.06 -23.70 -51.50
N LEU H 18 -1.99 -22.67 -50.66
CA LEU H 18 -2.77 -21.45 -50.91
C LEU H 18 -2.20 -20.79 -52.16
N TYR H 19 -3.01 -20.77 -53.23
CA TYR H 19 -2.58 -20.19 -54.50
C TYR H 19 -3.75 -19.59 -55.29
N GLY H 20 -3.66 -18.29 -55.58
CA GLY H 20 -4.74 -17.65 -56.31
C GLY H 20 -6.04 -17.72 -55.53
N GLY H 21 -5.94 -17.73 -54.20
CA GLY H 21 -7.13 -17.79 -53.37
C GLY H 21 -7.80 -19.15 -53.33
N GLU H 22 -7.06 -20.16 -53.74
CA GLU H 22 -7.57 -21.52 -53.75
C GLU H 22 -6.52 -22.44 -53.18
N LEU H 23 -6.97 -23.59 -52.71
CA LEU H 23 -6.08 -24.59 -52.17
C LEU H 23 -5.94 -25.62 -53.27
N VAL H 24 -4.75 -25.68 -53.86
CA VAL H 24 -4.50 -26.62 -54.95
C VAL H 24 -3.29 -27.49 -54.63
N PRO H 25 -3.07 -28.57 -55.42
CA PRO H 25 -1.94 -29.49 -55.24
C PRO H 25 -0.64 -28.69 -55.30
N PRO H 26 0.24 -28.87 -54.32
CA PRO H 26 1.52 -28.14 -54.29
C PRO H 26 2.38 -28.23 -55.55
N PHE H 27 2.91 -27.09 -56.01
CA PHE H 27 3.77 -27.07 -57.20
C PHE H 27 5.03 -27.88 -56.92
N GLU H 28 5.50 -27.80 -55.68
CA GLU H 28 6.68 -28.52 -55.25
C GLU H 28 6.21 -29.95 -54.96
N ALA H 29 5.83 -30.66 -56.04
CA ALA H 29 5.31 -32.02 -55.97
C ALA H 29 6.42 -33.07 -55.93
N PRO H 30 6.13 -34.24 -55.31
CA PRO H 30 7.09 -35.35 -55.17
C PRO H 30 7.69 -35.86 -56.49
N PHE H 31 6.93 -35.73 -57.59
CA PHE H 31 7.42 -36.20 -58.88
C PHE H 31 8.67 -35.44 -59.36
N ARG H 32 8.80 -34.18 -58.95
CA ARG H 32 9.95 -33.38 -59.34
C ARG H 32 11.27 -34.09 -59.05
N ALA H 33 11.46 -34.56 -57.82
CA ALA H 33 12.70 -35.23 -57.44
C ALA H 33 12.92 -36.51 -58.23
N GLU H 34 11.84 -37.26 -58.40
CA GLU H 34 11.86 -38.53 -59.14
C GLU H 34 12.28 -38.34 -60.59
N TRP H 35 11.67 -37.36 -61.26
CA TRP H 35 11.99 -37.08 -62.65
C TRP H 35 13.40 -36.56 -62.82
N ILE H 36 13.80 -35.57 -62.00
CA ILE H 36 15.14 -35.00 -62.08
C ILE H 36 16.21 -36.06 -61.87
N LEU H 37 15.97 -36.96 -60.92
CA LEU H 37 16.92 -38.03 -60.64
C LEU H 37 17.07 -38.92 -61.87
N ALA H 38 15.94 -39.23 -62.51
CA ALA H 38 15.96 -40.09 -63.68
C ALA H 38 16.61 -39.37 -64.86
N ALA H 39 16.45 -38.07 -64.92
CA ALA H 39 17.03 -37.30 -66.01
C ALA H 39 18.55 -37.18 -65.86
N VAL H 40 19.06 -37.02 -64.63
CA VAL H 40 20.51 -36.92 -64.45
C VAL H 40 21.19 -38.25 -64.74
N LYS H 41 20.55 -39.34 -64.31
CA LYS H 41 21.09 -40.68 -64.53
C LYS H 41 21.19 -40.90 -66.03
N GLU H 42 20.05 -40.76 -66.71
CA GLU H 42 20.00 -40.92 -68.15
C GLU H 42 21.01 -40.03 -68.86
N ALA H 43 21.35 -38.91 -68.22
CA ALA H 43 22.30 -37.98 -68.79
C ALA H 43 23.73 -38.48 -68.60
N GLY H 44 23.89 -39.50 -67.77
CA GLY H 44 25.21 -40.05 -67.53
C GLY H 44 25.66 -40.01 -66.07
N PHE H 45 24.97 -39.23 -65.24
CA PHE H 45 25.32 -39.12 -63.84
C PHE H 45 24.59 -40.19 -63.04
N ASP H 46 25.02 -41.43 -63.22
CA ASP H 46 24.42 -42.57 -62.56
C ASP H 46 25.03 -42.93 -61.20
N ASP H 47 26.12 -42.27 -60.82
CA ASP H 47 26.76 -42.56 -59.54
C ASP H 47 25.91 -41.96 -58.42
N VAL H 48 24.77 -42.60 -58.15
CA VAL H 48 23.87 -42.11 -57.13
C VAL H 48 23.97 -42.82 -55.78
N VAL H 49 24.11 -42.05 -54.72
CA VAL H 49 24.22 -42.63 -53.39
C VAL H 49 23.30 -41.93 -52.42
N ALA H 50 22.87 -42.67 -51.40
CA ALA H 50 21.99 -42.14 -50.38
C ALA H 50 22.82 -41.53 -49.25
N PRO H 51 22.29 -40.47 -48.63
CA PRO H 51 23.00 -39.80 -47.53
C PRO H 51 22.93 -40.59 -46.23
N ALA H 52 23.93 -40.36 -45.37
CA ALA H 52 23.99 -41.00 -44.07
C ALA H 52 23.15 -40.17 -43.11
N ARG H 53 22.66 -40.79 -42.04
CA ARG H 53 21.86 -40.07 -41.07
C ARG H 53 22.76 -39.03 -40.41
N HIS H 54 22.23 -37.82 -40.19
CA HIS H 54 23.01 -36.75 -39.58
C HIS H 54 22.29 -36.10 -38.43
N GLY H 55 23.05 -35.75 -37.39
CA GLY H 55 22.47 -35.11 -36.23
C GLY H 55 22.08 -33.68 -36.52
N LEU H 56 21.63 -32.96 -35.50
CA LEU H 56 21.22 -31.57 -35.68
C LEU H 56 22.33 -30.57 -35.41
N GLU H 57 23.53 -31.04 -35.09
CA GLU H 57 24.62 -30.10 -34.79
C GLU H 57 24.84 -29.03 -35.86
N THR H 58 24.97 -29.45 -37.11
CA THR H 58 25.20 -28.50 -38.19
C THR H 58 24.04 -27.53 -38.39
N VAL H 59 22.84 -28.06 -38.55
CA VAL H 59 21.70 -27.19 -38.78
C VAL H 59 21.45 -26.18 -37.63
N LEU H 60 21.90 -26.52 -36.42
CA LEU H 60 21.75 -25.63 -35.27
C LEU H 60 22.72 -24.45 -35.31
N LYS H 61 23.57 -24.42 -36.33
CA LYS H 61 24.53 -23.32 -36.47
C LYS H 61 24.00 -22.27 -37.45
N VAL H 62 22.91 -22.58 -38.15
CA VAL H 62 22.35 -21.61 -39.10
C VAL H 62 20.88 -21.32 -38.84
N HIS H 63 20.21 -22.19 -38.10
CA HIS H 63 18.81 -21.97 -37.77
C HIS H 63 18.59 -21.78 -36.27
N ASP H 64 17.50 -21.11 -35.95
CA ASP H 64 17.11 -20.85 -34.56
C ASP H 64 16.62 -22.14 -33.92
N ALA H 65 17.09 -22.45 -32.72
CA ALA H 65 16.68 -23.70 -32.04
C ALA H 65 15.17 -23.79 -31.81
N GLY H 66 14.55 -22.66 -31.51
CA GLY H 66 13.11 -22.64 -31.29
C GLY H 66 12.36 -22.92 -32.57
N TYR H 67 12.92 -22.46 -33.68
CA TYR H 67 12.29 -22.68 -34.98
C TYR H 67 12.28 -24.17 -35.29
N LEU H 68 13.41 -24.83 -35.03
CA LEU H 68 13.51 -26.27 -35.30
C LEU H 68 12.58 -27.08 -34.40
N ASN H 69 12.52 -26.71 -33.12
CA ASN H 69 11.65 -27.41 -32.17
C ASN H 69 10.21 -27.27 -32.65
N PHE H 70 9.86 -26.06 -33.10
CA PHE H 70 8.53 -25.81 -33.59
C PHE H 70 8.18 -26.72 -34.76
N LEU H 71 9.11 -26.87 -35.70
CA LEU H 71 8.89 -27.69 -36.87
C LEU H 71 8.68 -29.17 -36.58
N GLU H 72 9.49 -29.74 -35.68
CA GLU H 72 9.38 -31.16 -35.37
C GLU H 72 8.03 -31.62 -34.81
N THR H 73 7.30 -30.74 -34.15
CA THR H 73 6.01 -31.12 -33.56
C THR H 73 4.84 -30.28 -34.03
N ALA H 74 5.08 -29.43 -35.02
CA ALA H 74 4.05 -28.56 -35.56
C ALA H 74 2.83 -29.37 -35.97
N TRP H 75 3.04 -30.43 -36.73
CA TRP H 75 1.91 -31.22 -37.18
C TRP H 75 1.09 -31.84 -36.06
N ASP H 76 1.73 -32.53 -35.13
CA ASP H 76 1.00 -33.16 -34.03
C ASP H 76 0.16 -32.13 -33.25
N ARG H 77 0.79 -31.01 -32.91
CA ARG H 77 0.13 -29.93 -32.17
C ARG H 77 -1.05 -29.38 -32.96
N TRP H 78 -0.83 -29.17 -34.25
CA TRP H 78 -1.87 -28.65 -35.12
C TRP H 78 -3.06 -29.62 -35.18
N LYS H 79 -2.78 -30.90 -35.41
CA LYS H 79 -3.84 -31.91 -35.48
C LYS H 79 -4.49 -32.09 -34.11
N ALA H 80 -3.68 -32.05 -33.07
CA ALA H 80 -4.21 -32.19 -31.73
C ALA H 80 -5.05 -30.96 -31.37
N ALA H 81 -5.01 -29.94 -32.22
CA ALA H 81 -5.78 -28.73 -31.96
C ALA H 81 -7.20 -28.81 -32.53
N GLY H 82 -7.48 -29.90 -33.24
CA GLY H 82 -8.81 -30.08 -33.81
C GLY H 82 -8.99 -29.52 -35.20
N TYR H 83 -7.93 -28.99 -35.80
CA TYR H 83 -8.03 -28.43 -37.14
C TYR H 83 -8.12 -29.51 -38.21
N LYS H 84 -9.06 -29.30 -39.14
CA LYS H 84 -9.33 -30.24 -40.22
C LYS H 84 -8.36 -30.25 -41.40
N GLY H 85 -7.86 -29.08 -41.78
CA GLY H 85 -6.93 -29.02 -42.90
C GLY H 85 -5.49 -29.13 -42.47
N GLU H 86 -4.57 -28.88 -43.39
CA GLU H 86 -3.13 -28.95 -43.09
C GLU H 86 -2.71 -27.66 -42.37
N ALA H 87 -1.57 -27.69 -41.69
CA ALA H 87 -1.10 -26.52 -40.94
C ALA H 87 -0.65 -25.36 -41.82
N ILE H 88 -1.48 -24.31 -41.86
CA ILE H 88 -1.22 -23.09 -42.63
C ILE H 88 -1.35 -21.87 -41.72
N ALA H 89 -0.35 -21.01 -41.74
CA ALA H 89 -0.39 -19.80 -40.91
C ALA H 89 -1.36 -18.77 -41.48
N THR H 90 -2.05 -18.05 -40.60
CA THR H 90 -3.00 -17.03 -41.04
C THR H 90 -2.58 -15.66 -40.53
N SER H 91 -2.20 -15.58 -39.26
CA SER H 91 -1.78 -14.33 -38.64
C SER H 91 -0.26 -14.16 -38.78
N PHE H 92 0.23 -12.94 -38.95
CA PHE H 92 1.67 -12.72 -39.11
C PHE H 92 2.24 -11.49 -38.41
N PRO H 93 3.49 -11.60 -37.91
CA PRO H 93 4.15 -10.48 -37.22
C PRO H 93 4.71 -9.47 -38.21
N VAL H 94 3.82 -8.66 -38.75
CA VAL H 94 4.19 -7.66 -39.74
C VAL H 94 4.68 -6.36 -39.11
N ARG H 95 4.36 -5.24 -39.77
CA ARG H 95 4.81 -3.94 -39.29
C ARG H 95 4.27 -3.51 -37.92
N ARG H 96 5.16 -2.92 -37.13
CA ARG H 96 4.81 -2.39 -35.84
C ARG H 96 4.16 -3.38 -34.87
N THR H 97 4.56 -4.64 -34.96
CA THR H 97 4.03 -5.68 -34.09
C THR H 97 5.02 -6.06 -33.01
N SER H 98 4.51 -6.65 -31.93
CA SER H 98 5.33 -7.10 -30.81
C SER H 98 6.30 -8.19 -31.29
N PRO H 99 7.46 -8.34 -30.63
CA PRO H 99 8.47 -9.34 -30.98
C PRO H 99 8.29 -10.67 -30.25
N ARG H 100 7.31 -10.70 -29.35
CA ARG H 100 7.01 -11.89 -28.57
C ARG H 100 6.52 -13.09 -29.37
N ILE H 101 6.83 -14.28 -28.87
CA ILE H 101 6.41 -15.51 -29.51
C ILE H 101 5.14 -16.06 -28.86
N PRO H 102 4.11 -16.36 -29.66
CA PRO H 102 2.87 -16.92 -29.10
C PRO H 102 3.17 -18.27 -28.45
N THR H 103 2.25 -18.75 -27.63
CA THR H 103 2.43 -20.03 -26.98
C THR H 103 1.56 -21.09 -27.67
N ASP H 104 0.46 -20.66 -28.28
CA ASP H 104 -0.46 -21.55 -28.98
C ASP H 104 0.03 -21.91 -30.39
N ILE H 105 -0.29 -23.12 -30.83
CA ILE H 105 0.14 -23.57 -32.16
C ILE H 105 -0.38 -22.66 -33.27
N GLU H 106 -1.65 -22.27 -33.17
CA GLU H 106 -2.24 -21.39 -34.17
C GLU H 106 -1.43 -20.09 -34.30
N GLY H 107 -0.84 -19.66 -33.20
CA GLY H 107 -0.05 -18.43 -33.22
C GLY H 107 1.42 -18.65 -33.51
N GLN H 108 1.95 -19.78 -33.08
CA GLN H 108 3.35 -20.04 -33.34
C GLN H 108 3.62 -20.30 -34.81
N ILE H 109 2.70 -20.99 -35.49
CA ILE H 109 2.92 -21.27 -36.89
C ILE H 109 3.03 -19.97 -37.70
N GLY H 110 2.37 -18.91 -37.22
CA GLY H 110 2.45 -17.63 -37.91
C GLY H 110 3.76 -16.94 -37.62
N TYR H 111 4.21 -17.08 -36.37
CA TYR H 111 5.46 -16.50 -35.92
C TYR H 111 6.67 -17.04 -36.68
N TYR H 112 6.64 -18.33 -37.00
CA TYR H 112 7.74 -18.99 -37.68
C TYR H 112 7.56 -19.16 -39.19
N CYS H 113 6.64 -18.39 -39.75
CA CYS H 113 6.32 -18.47 -41.17
C CYS H 113 6.42 -17.13 -41.87
N ASN H 114 6.94 -17.13 -43.09
CA ASN H 114 7.03 -15.89 -43.86
C ASN H 114 6.13 -15.94 -45.09
N ALA H 115 5.40 -17.04 -45.27
CA ALA H 115 4.50 -17.20 -46.43
C ALA H 115 3.40 -18.23 -46.20
N ALA H 116 2.15 -17.80 -46.31
CA ALA H 116 1.00 -18.67 -46.09
C ALA H 116 0.71 -19.66 -47.23
N GLU H 117 1.59 -19.70 -48.23
CA GLU H 117 1.39 -20.61 -49.35
C GLU H 117 2.06 -21.95 -49.17
N THR H 118 2.70 -22.13 -48.02
CA THR H 118 3.38 -23.37 -47.71
C THR H 118 2.71 -23.99 -46.49
N ALA H 119 2.11 -25.16 -46.68
CA ALA H 119 1.43 -25.85 -45.60
C ALA H 119 2.31 -26.93 -45.01
N ILE H 120 2.19 -27.16 -43.70
CA ILE H 120 2.95 -28.21 -43.02
C ILE H 120 1.99 -29.40 -42.87
N SER H 121 2.42 -30.56 -43.35
CA SER H 121 1.61 -31.78 -43.27
C SER H 121 2.49 -32.91 -42.72
N PRO H 122 1.92 -34.11 -42.52
CA PRO H 122 2.71 -35.24 -41.99
C PRO H 122 3.91 -35.60 -42.85
N GLY H 123 5.04 -35.87 -42.20
CA GLY H 123 6.22 -36.25 -42.92
C GLY H 123 7.08 -35.08 -43.33
N THR H 124 6.53 -33.87 -43.27
CA THR H 124 7.32 -32.70 -43.66
C THR H 124 8.63 -32.65 -42.89
N TRP H 125 8.57 -32.74 -41.57
CA TRP H 125 9.79 -32.68 -40.78
C TRP H 125 10.80 -33.77 -41.17
N GLU H 126 10.36 -35.03 -41.21
CA GLU H 126 11.24 -36.15 -41.58
C GLU H 126 11.87 -35.94 -42.99
N ALA H 127 11.04 -35.52 -43.94
CA ALA H 127 11.48 -35.27 -45.31
C ALA H 127 12.50 -34.15 -45.35
N ALA H 128 12.30 -33.12 -44.52
CA ALA H 128 13.23 -32.01 -44.48
C ALA H 128 14.58 -32.45 -43.90
N LEU H 129 14.55 -33.37 -42.93
CA LEU H 129 15.81 -33.86 -42.33
C LEU H 129 16.63 -34.71 -43.31
N SER H 130 15.95 -35.38 -44.25
CA SER H 130 16.65 -36.20 -45.23
C SER H 130 17.20 -35.32 -46.35
N SER H 131 16.51 -34.23 -46.66
CA SER H 131 16.97 -33.32 -47.68
C SER H 131 18.25 -32.67 -47.15
N MET H 132 18.20 -32.21 -45.89
CA MET H 132 19.35 -31.57 -45.22
C MET H 132 20.54 -32.54 -45.21
N ALA H 133 20.24 -33.81 -44.95
CA ALA H 133 21.26 -34.86 -44.89
C ALA H 133 21.99 -34.98 -46.23
N SER H 134 21.23 -34.89 -47.32
CA SER H 134 21.80 -34.97 -48.66
C SER H 134 22.72 -33.77 -48.90
N ALA H 135 22.40 -32.64 -48.28
CA ALA H 135 23.24 -31.46 -48.46
C ALA H 135 24.52 -31.62 -47.65
N ILE H 136 24.41 -32.25 -46.49
CA ILE H 136 25.58 -32.44 -45.63
C ILE H 136 26.56 -33.40 -46.28
N ASP H 137 26.04 -34.48 -46.85
CA ASP H 137 26.88 -35.48 -47.50
C ASP H 137 27.57 -34.91 -48.74
N GLY H 138 26.86 -34.06 -49.49
CA GLY H 138 27.46 -33.48 -50.68
C GLY H 138 28.60 -32.57 -50.25
N ALA H 139 28.39 -31.84 -49.15
CA ALA H 139 29.42 -30.94 -48.63
C ALA H 139 30.67 -31.74 -48.26
N ASP H 140 30.48 -32.88 -47.59
CA ASP H 140 31.62 -33.71 -47.19
C ASP H 140 32.46 -34.22 -48.37
N LEU H 141 31.81 -34.43 -49.52
CA LEU H 141 32.52 -34.90 -50.70
C LEU H 141 33.45 -33.78 -51.19
N ILE H 142 32.99 -32.54 -51.07
CA ILE H 142 33.79 -31.39 -51.47
C ILE H 142 34.94 -31.28 -50.48
N ALA H 143 34.63 -31.47 -49.19
CA ALA H 143 35.65 -31.39 -48.15
C ALA H 143 36.63 -32.56 -48.28
N ALA H 144 36.36 -33.46 -49.21
CA ALA H 144 37.24 -34.60 -49.40
C ALA H 144 38.12 -34.44 -50.64
N GLY H 145 37.77 -33.50 -51.52
CA GLY H 145 38.58 -33.31 -52.72
C GLY H 145 37.81 -33.32 -54.02
N HIS H 146 36.52 -33.65 -53.96
CA HIS H 146 35.72 -33.68 -55.19
C HIS H 146 35.57 -32.26 -55.75
N LYS H 147 35.78 -32.12 -57.04
CA LYS H 147 35.67 -30.83 -57.71
C LYS H 147 34.21 -30.43 -57.86
N ALA H 148 33.31 -31.40 -57.85
CA ALA H 148 31.89 -31.13 -57.99
C ALA H 148 31.02 -32.27 -57.47
N ALA H 149 29.81 -31.93 -57.08
CA ALA H 149 28.88 -32.91 -56.55
C ALA H 149 27.47 -32.35 -56.65
N PHE H 150 26.47 -33.23 -56.68
CA PHE H 150 25.09 -32.78 -56.78
C PHE H 150 24.17 -33.35 -55.69
N SER H 151 23.63 -32.47 -54.87
CA SER H 151 22.71 -32.85 -53.81
C SER H 151 21.28 -32.62 -54.27
N LEU H 152 20.62 -33.69 -54.69
CA LEU H 152 19.25 -33.60 -55.16
C LEU H 152 18.37 -33.45 -53.92
N CYS H 153 18.20 -32.20 -53.48
CA CYS H 153 17.40 -31.90 -52.30
C CYS H 153 15.91 -31.70 -52.57
N ARG H 154 15.10 -32.10 -51.60
CA ARG H 154 13.66 -31.95 -51.68
C ARG H 154 13.16 -32.42 -50.32
N PRO H 155 12.37 -31.59 -49.64
CA PRO H 155 12.00 -30.27 -50.14
C PRO H 155 13.17 -29.31 -50.29
N PRO H 156 12.94 -28.18 -50.99
CA PRO H 156 13.98 -27.17 -51.21
C PRO H 156 14.22 -26.41 -49.91
N GLY H 157 15.17 -25.47 -49.93
CA GLY H 157 15.44 -24.72 -48.71
C GLY H 157 15.88 -23.25 -48.74
N HIS H 158 16.21 -22.67 -49.90
CA HIS H 158 16.69 -21.29 -49.92
C HIS H 158 15.74 -20.20 -49.43
N ALA H 159 14.48 -20.53 -49.15
CA ALA H 159 13.54 -19.53 -48.68
C ALA H 159 13.33 -19.64 -47.17
N ALA H 160 13.99 -20.61 -46.54
CA ALA H 160 13.86 -20.80 -45.10
C ALA H 160 14.89 -19.94 -44.36
N GLY H 161 14.40 -18.99 -43.58
CA GLY H 161 15.28 -18.10 -42.84
C GLY H 161 15.78 -18.64 -41.51
N ILE H 162 16.38 -17.77 -40.71
CA ILE H 162 16.91 -18.17 -39.41
C ILE H 162 15.82 -18.79 -38.54
N ASP H 163 14.64 -18.18 -38.55
CA ASP H 163 13.53 -18.69 -37.76
C ASP H 163 12.18 -18.63 -38.46
N MET H 164 12.12 -18.98 -39.74
CA MET H 164 10.88 -18.96 -40.49
C MET H 164 10.91 -19.85 -41.73
N PHE H 165 9.80 -20.52 -42.01
CA PHE H 165 9.70 -21.36 -43.18
C PHE H 165 8.77 -20.65 -44.18
N GLY H 166 8.79 -21.11 -45.43
CA GLY H 166 7.96 -20.51 -46.46
C GLY H 166 8.54 -20.79 -47.81
N GLY H 167 7.82 -20.45 -48.87
CA GLY H 167 8.32 -20.69 -50.21
C GLY H 167 8.69 -22.14 -50.45
N TYR H 168 7.92 -23.04 -49.85
CA TYR H 168 8.11 -24.50 -49.96
C TYR H 168 9.32 -25.01 -49.18
N CYS H 169 9.96 -24.15 -48.41
CA CYS H 169 11.16 -24.55 -47.68
C CYS H 169 11.02 -24.58 -46.15
N PHE H 170 11.82 -25.43 -45.50
CA PHE H 170 11.78 -25.57 -44.05
C PHE H 170 13.18 -25.50 -43.44
N ILE H 171 14.14 -26.20 -44.04
CA ILE H 171 15.52 -26.17 -43.58
C ILE H 171 16.34 -25.73 -44.77
N ASN H 172 17.13 -24.68 -44.58
CA ASN H 172 17.92 -24.14 -45.66
C ASN H 172 19.08 -25.08 -45.94
N ASN H 173 18.88 -25.95 -46.93
CA ASN H 173 19.90 -26.93 -47.32
C ASN H 173 21.23 -26.30 -47.72
N ALA H 174 21.19 -25.28 -48.58
CA ALA H 174 22.43 -24.63 -49.00
C ALA H 174 23.18 -24.08 -47.78
N ALA H 175 22.46 -23.42 -46.88
CA ALA H 175 23.07 -22.86 -45.68
C ALA H 175 23.75 -23.95 -44.87
N VAL H 176 23.06 -25.07 -44.70
CA VAL H 176 23.64 -26.17 -43.94
C VAL H 176 24.91 -26.70 -44.58
N ALA H 177 24.91 -26.76 -45.91
CA ALA H 177 26.06 -27.24 -46.68
C ALA H 177 27.24 -26.28 -46.55
N ALA H 178 26.95 -24.99 -46.65
CA ALA H 178 27.98 -23.96 -46.56
C ALA H 178 28.65 -24.00 -45.19
N GLN H 179 27.84 -24.17 -44.15
CA GLN H 179 28.31 -24.23 -42.77
C GLN H 179 29.10 -25.52 -42.60
N ARG H 180 28.57 -26.59 -43.18
CA ARG H 180 29.22 -27.88 -43.11
C ARG H 180 30.67 -27.79 -43.58
N LEU H 181 30.88 -27.09 -44.69
CA LEU H 181 32.21 -26.90 -45.25
C LEU H 181 33.11 -26.08 -44.35
N LEU H 182 32.52 -25.15 -43.60
CA LEU H 182 33.33 -24.34 -42.69
C LEU H 182 33.79 -25.26 -41.54
N ASP H 183 32.87 -26.09 -41.04
CA ASP H 183 33.18 -27.01 -39.95
C ASP H 183 34.22 -28.05 -40.36
N LYS H 184 34.56 -28.08 -41.65
CA LYS H 184 35.55 -29.02 -42.15
C LYS H 184 36.90 -28.37 -42.44
N GLY H 185 37.00 -27.05 -42.23
CA GLY H 185 38.28 -26.39 -42.46
C GLY H 185 38.29 -25.17 -43.36
N ALA H 186 37.16 -24.87 -43.99
CA ALA H 186 37.08 -23.70 -44.87
C ALA H 186 36.93 -22.45 -44.00
N LYS H 187 37.55 -21.36 -44.45
CA LYS H 187 37.49 -20.10 -43.72
C LYS H 187 36.48 -19.17 -44.41
N LYS H 188 36.38 -19.31 -45.72
CA LYS H 188 35.47 -18.51 -46.51
C LYS H 188 34.74 -19.35 -47.55
N ILE H 189 33.41 -19.23 -47.54
CA ILE H 189 32.53 -19.96 -48.45
C ILE H 189 31.52 -18.99 -49.09
N ALA H 190 31.18 -19.26 -50.34
CA ALA H 190 30.23 -18.42 -51.05
C ALA H 190 29.03 -19.25 -51.48
N ILE H 191 27.89 -18.58 -51.62
CA ILE H 191 26.67 -19.22 -52.07
C ILE H 191 26.14 -18.38 -53.22
N LEU H 192 25.88 -19.06 -54.34
CA LEU H 192 25.36 -18.45 -55.54
C LEU H 192 23.99 -19.07 -55.84
N ASP H 193 22.95 -18.27 -55.70
CA ASP H 193 21.56 -18.71 -55.90
C ASP H 193 21.10 -18.33 -57.31
N VAL H 194 20.99 -19.32 -58.20
CA VAL H 194 20.56 -19.07 -59.58
C VAL H 194 19.06 -19.36 -59.77
N ASP H 195 18.44 -19.89 -58.71
CA ASP H 195 17.03 -20.20 -58.68
C ASP H 195 16.29 -18.92 -59.11
N PHE H 196 15.09 -19.05 -59.67
CA PHE H 196 14.38 -17.85 -60.12
C PHE H 196 14.02 -16.91 -59.01
N HIS H 197 13.69 -17.45 -57.84
CA HIS H 197 13.31 -16.62 -56.71
C HIS H 197 14.50 -16.25 -55.85
N HIS H 198 14.42 -15.07 -55.26
CA HIS H 198 15.47 -14.61 -54.37
C HIS H 198 15.61 -15.62 -53.24
N GLY H 199 16.85 -15.89 -52.82
CA GLY H 199 17.06 -16.80 -51.71
C GLY H 199 17.01 -15.97 -50.46
N ASN H 200 15.80 -15.50 -50.12
CA ASN H 200 15.61 -14.63 -48.95
C ASN H 200 15.98 -15.27 -47.62
N GLY H 201 15.74 -16.57 -47.50
CA GLY H 201 16.08 -17.26 -46.27
C GLY H 201 17.59 -17.37 -46.13
N THR H 202 18.25 -17.71 -47.24
CA THR H 202 19.70 -17.84 -47.24
C THR H 202 20.34 -16.51 -46.87
N GLN H 203 19.91 -15.44 -47.56
CA GLN H 203 20.43 -14.11 -47.28
C GLN H 203 20.32 -13.77 -45.80
N ASP H 204 19.17 -14.06 -45.22
CA ASP H 204 18.89 -13.79 -43.81
C ASP H 204 19.83 -14.52 -42.85
N ILE H 205 20.16 -15.76 -43.16
CA ILE H 205 21.04 -16.54 -42.30
C ILE H 205 22.49 -16.04 -42.27
N PHE H 206 23.02 -15.64 -43.41
CA PHE H 206 24.40 -15.18 -43.48
C PHE H 206 24.56 -13.68 -43.62
N TYR H 207 23.48 -12.94 -43.43
CA TYR H 207 23.50 -11.48 -43.56
C TYR H 207 24.52 -10.79 -42.65
N GLU H 208 24.69 -11.30 -41.44
CA GLU H 208 25.64 -10.72 -40.50
C GLU H 208 26.83 -11.62 -40.26
N ARG H 209 27.07 -12.54 -41.19
CA ARG H 209 28.18 -13.47 -41.12
C ARG H 209 29.22 -12.99 -42.12
N GLY H 210 30.44 -12.73 -41.66
CA GLY H 210 31.47 -12.26 -42.58
C GLY H 210 32.21 -13.39 -43.29
N ASP H 211 32.04 -14.61 -42.81
CA ASP H 211 32.72 -15.78 -43.37
C ASP H 211 32.01 -16.43 -44.57
N VAL H 212 30.85 -15.90 -44.94
CA VAL H 212 30.13 -16.46 -46.07
C VAL H 212 29.60 -15.34 -46.94
N PHE H 213 29.81 -15.46 -48.25
CA PHE H 213 29.33 -14.45 -49.19
C PHE H 213 28.11 -15.02 -49.89
N PHE H 214 27.09 -14.18 -50.07
CA PHE H 214 25.87 -14.62 -50.73
C PHE H 214 25.58 -13.79 -51.96
N ALA H 215 25.48 -14.44 -53.11
CA ALA H 215 25.16 -13.75 -54.35
C ALA H 215 23.90 -14.42 -54.89
N SER H 216 22.97 -13.60 -55.38
CA SER H 216 21.72 -14.13 -55.90
C SER H 216 21.22 -13.41 -57.13
N LEU H 217 20.74 -14.18 -58.11
CA LEU H 217 20.15 -13.65 -59.34
C LEU H 217 18.70 -14.13 -59.24
N HIS H 218 17.75 -13.21 -59.43
CA HIS H 218 16.34 -13.54 -59.29
C HIS H 218 15.43 -12.45 -59.88
N GLY H 219 14.13 -12.75 -59.92
CA GLY H 219 13.18 -11.78 -60.43
C GLY H 219 13.05 -10.63 -59.44
N ASP H 220 12.81 -9.43 -59.96
CA ASP H 220 12.64 -8.24 -59.14
C ASP H 220 11.58 -8.50 -58.07
N PRO H 221 11.95 -8.37 -56.79
CA PRO H 221 10.97 -8.60 -55.73
C PRO H 221 9.79 -7.63 -55.78
N ALA H 222 9.94 -6.54 -56.54
CA ALA H 222 8.84 -5.58 -56.63
C ALA H 222 7.66 -6.25 -57.34
N GLU H 223 7.91 -7.41 -57.94
CA GLU H 223 6.83 -8.11 -58.63
C GLU H 223 7.05 -9.61 -58.76
N ALA H 224 7.75 -10.19 -57.79
CA ALA H 224 8.02 -11.62 -57.75
C ALA H 224 8.27 -12.08 -56.32
N PHE H 225 7.77 -13.27 -55.99
CA PHE H 225 7.96 -13.85 -54.68
C PHE H 225 9.48 -13.80 -54.45
N PRO H 226 9.96 -13.60 -53.20
CA PRO H 226 9.19 -13.40 -51.96
C PRO H 226 8.63 -11.98 -51.75
N HIS H 227 8.91 -11.08 -52.68
CA HIS H 227 8.42 -9.70 -52.65
C HIS H 227 9.04 -8.72 -51.64
N PHE H 228 9.45 -9.21 -50.47
CA PHE H 228 9.99 -8.32 -49.45
C PHE H 228 11.48 -8.42 -49.16
N LEU H 229 12.24 -8.87 -50.15
CA LEU H 229 13.68 -8.99 -49.99
C LEU H 229 14.29 -9.32 -51.35
N GLY H 230 15.53 -8.90 -51.54
CA GLY H 230 16.21 -9.17 -52.80
C GLY H 230 16.60 -7.92 -53.58
N TYR H 231 16.57 -6.77 -52.92
CA TYR H 231 16.94 -5.51 -53.57
C TYR H 231 18.43 -5.31 -53.49
N ALA H 232 18.99 -4.74 -54.56
CA ALA H 232 20.43 -4.48 -54.66
C ALA H 232 21.00 -3.72 -53.47
N GLU H 233 20.22 -2.81 -52.89
CA GLU H 233 20.69 -2.03 -51.76
C GLU H 233 21.04 -2.90 -50.55
N GLU H 234 20.62 -4.15 -50.56
CA GLU H 234 20.89 -5.07 -49.45
C GLU H 234 22.28 -5.69 -49.63
N THR H 235 23.27 -5.13 -48.94
CA THR H 235 24.64 -5.63 -49.06
C THR H 235 25.20 -6.27 -47.79
N GLY H 236 24.36 -6.39 -46.76
CA GLY H 236 24.84 -7.00 -45.53
C GLY H 236 24.81 -6.06 -44.36
N LYS H 237 25.02 -6.59 -43.16
CA LYS H 237 25.01 -5.78 -41.95
C LYS H 237 26.01 -6.23 -40.90
N GLY H 238 26.46 -5.29 -40.08
CA GLY H 238 27.41 -5.58 -39.02
C GLY H 238 28.64 -6.39 -39.42
N ALA H 239 28.88 -7.48 -38.69
CA ALA H 239 30.03 -8.35 -38.94
C ALA H 239 30.05 -8.87 -40.38
N GLY H 240 28.88 -8.88 -41.00
CA GLY H 240 28.79 -9.37 -42.37
C GLY H 240 28.52 -8.28 -43.40
N ALA H 241 28.89 -7.05 -43.10
CA ALA H 241 28.65 -5.96 -44.04
C ALA H 241 29.41 -6.18 -45.35
N GLY H 242 28.70 -6.13 -46.45
CA GLY H 242 29.34 -6.31 -47.75
C GLY H 242 29.45 -7.75 -48.20
N THR H 243 28.68 -8.64 -47.60
CA THR H 243 28.75 -10.05 -47.99
C THR H 243 27.49 -10.54 -48.70
N THR H 244 26.67 -9.62 -49.20
CA THR H 244 25.46 -9.96 -49.94
C THR H 244 25.42 -9.19 -51.25
N ALA H 245 25.15 -9.89 -52.35
CA ALA H 245 25.08 -9.25 -53.67
C ALA H 245 23.85 -9.76 -54.43
N ASN H 246 22.84 -8.89 -54.51
CA ASN H 246 21.58 -9.19 -55.18
C ASN H 246 21.48 -8.63 -56.59
N TYR H 247 21.00 -9.46 -57.52
CA TYR H 247 20.85 -9.04 -58.89
C TYR H 247 19.41 -9.19 -59.38
N PRO H 248 18.52 -8.30 -58.92
CA PRO H 248 17.12 -8.38 -59.36
C PRO H 248 16.97 -8.00 -60.82
N MET H 249 16.14 -8.73 -61.55
CA MET H 249 15.93 -8.46 -62.97
C MET H 249 14.46 -8.56 -63.39
N GLY H 250 14.09 -7.74 -64.38
CA GLY H 250 12.72 -7.68 -64.86
C GLY H 250 12.18 -8.88 -65.60
N ARG H 251 10.92 -8.77 -66.00
CA ARG H 251 10.25 -9.84 -66.73
C ARG H 251 10.79 -9.99 -68.13
N GLY H 252 10.83 -11.23 -68.60
CA GLY H 252 11.30 -11.54 -69.93
C GLY H 252 12.81 -11.55 -70.11
N THR H 253 13.54 -11.44 -69.00
CA THR H 253 14.98 -11.42 -69.04
C THR H 253 15.58 -12.67 -69.68
N PRO H 254 16.35 -12.48 -70.78
CA PRO H 254 17.01 -13.56 -71.51
C PRO H 254 18.42 -13.78 -70.94
N TYR H 255 19.05 -14.88 -71.32
CA TYR H 255 20.38 -15.19 -70.84
C TYR H 255 21.38 -14.10 -71.18
N SER H 256 21.14 -13.40 -72.29
CA SER H 256 22.06 -12.34 -72.70
C SER H 256 22.21 -11.31 -71.58
N VAL H 257 21.13 -11.10 -70.81
CA VAL H 257 21.17 -10.16 -69.70
C VAL H 257 21.48 -10.90 -68.39
N TRP H 258 20.83 -12.05 -68.22
CA TRP H 258 21.01 -12.87 -67.01
C TRP H 258 22.48 -13.26 -66.85
N GLY H 259 23.09 -13.75 -67.94
CA GLY H 259 24.49 -14.14 -67.88
C GLY H 259 25.41 -12.99 -67.47
N GLU H 260 25.02 -11.75 -67.76
CA GLU H 260 25.87 -10.63 -67.39
C GLU H 260 26.00 -10.52 -65.88
N ALA H 261 24.88 -10.67 -65.17
CA ALA H 261 24.89 -10.59 -63.70
C ALA H 261 25.72 -11.74 -63.14
N LEU H 262 25.56 -12.91 -63.74
CA LEU H 262 26.29 -14.10 -63.31
C LEU H 262 27.79 -13.82 -63.31
N THR H 263 28.26 -13.16 -64.36
CA THR H 263 29.67 -12.82 -64.47
C THR H 263 30.08 -11.89 -63.33
N ASP H 264 29.23 -10.91 -63.04
CA ASP H 264 29.53 -9.97 -61.97
C ASP H 264 29.50 -10.66 -60.62
N SER H 265 28.56 -11.58 -60.44
CA SER H 265 28.48 -12.25 -59.15
C SER H 265 29.73 -13.10 -58.90
N LEU H 266 30.22 -13.76 -59.94
CA LEU H 266 31.41 -14.60 -59.82
C LEU H 266 32.64 -13.74 -59.54
N LYS H 267 32.63 -12.53 -60.08
CA LYS H 267 33.73 -11.61 -59.88
C LYS H 267 33.73 -11.19 -58.41
N ARG H 268 32.57 -10.91 -57.86
CA ARG H 268 32.47 -10.51 -56.46
C ARG H 268 32.82 -11.66 -55.52
N ILE H 269 32.48 -12.88 -55.93
CA ILE H 269 32.77 -14.09 -55.16
C ILE H 269 34.28 -14.35 -55.13
N ALA H 270 34.92 -14.18 -56.28
CA ALA H 270 36.35 -14.37 -56.40
C ALA H 270 37.10 -13.35 -55.55
N ALA H 271 36.68 -12.09 -55.65
CA ALA H 271 37.31 -11.03 -54.88
C ALA H 271 37.11 -11.29 -53.40
N PHE H 272 36.06 -12.05 -53.09
CA PHE H 272 35.75 -12.39 -51.71
C PHE H 272 36.72 -13.47 -51.22
N GLY H 273 37.28 -14.23 -52.15
CA GLY H 273 38.21 -15.28 -51.80
C GLY H 273 37.56 -16.57 -51.34
N ALA H 274 36.48 -16.98 -52.01
CA ALA H 274 35.78 -18.19 -51.62
C ALA H 274 36.55 -19.46 -51.99
N GLU H 275 36.68 -20.37 -51.03
CA GLU H 275 37.40 -21.62 -51.24
C GLU H 275 36.50 -22.70 -51.85
N ALA H 276 35.24 -22.35 -52.09
CA ALA H 276 34.28 -23.26 -52.69
C ALA H 276 32.96 -22.50 -52.82
N ILE H 277 32.13 -22.91 -53.77
CA ILE H 277 30.86 -22.26 -54.00
C ILE H 277 29.72 -23.25 -53.90
N VAL H 278 28.71 -22.91 -53.11
CA VAL H 278 27.54 -23.76 -52.99
C VAL H 278 26.53 -23.10 -53.91
N VAL H 279 26.10 -23.82 -54.95
CA VAL H 279 25.15 -23.28 -55.91
C VAL H 279 23.73 -23.74 -55.63
N SER H 280 22.84 -22.80 -55.34
CA SER H 280 21.44 -23.13 -55.11
C SER H 280 20.80 -23.14 -56.48
N LEU H 281 20.74 -24.32 -57.08
CA LEU H 281 20.22 -24.47 -58.42
C LEU H 281 18.71 -24.60 -58.57
N GLY H 282 18.12 -23.59 -59.16
CA GLY H 282 16.69 -23.60 -59.42
C GLY H 282 16.61 -23.46 -60.93
N VAL H 283 15.93 -24.37 -61.60
CA VAL H 283 15.81 -24.25 -63.04
C VAL H 283 14.49 -23.58 -63.40
N ASP H 284 13.85 -22.97 -62.40
CA ASP H 284 12.59 -22.29 -62.64
C ASP H 284 12.75 -20.97 -63.37
N THR H 285 13.94 -20.78 -63.94
CA THR H 285 14.28 -19.59 -64.72
C THR H 285 13.97 -19.92 -66.18
N PHE H 286 13.55 -21.15 -66.42
CA PHE H 286 13.23 -21.65 -67.75
C PHE H 286 12.06 -20.88 -68.38
N GLU H 287 12.19 -20.57 -69.67
CA GLU H 287 11.15 -19.83 -70.38
C GLU H 287 9.73 -20.37 -70.20
N GLN H 288 9.59 -21.68 -69.96
CA GLN H 288 8.27 -22.29 -69.80
C GLN H 288 7.84 -22.60 -68.36
N ASP H 289 8.52 -22.02 -67.37
CA ASP H 289 8.16 -22.27 -65.99
C ASP H 289 6.82 -21.65 -65.63
N PRO H 290 5.93 -22.44 -65.02
CA PRO H 290 4.59 -22.01 -64.59
C PRO H 290 4.46 -20.81 -63.63
N ILE H 291 5.51 -20.51 -62.88
CA ILE H 291 5.43 -19.39 -61.94
C ILE H 291 6.63 -18.45 -61.95
N SER H 292 7.26 -18.28 -63.11
CA SER H 292 8.41 -17.41 -63.21
C SER H 292 8.40 -16.65 -64.53
N PHE H 293 8.98 -15.47 -64.55
CA PHE H 293 8.99 -14.68 -65.77
C PHE H 293 10.32 -14.46 -66.47
N PHE H 294 11.27 -15.37 -66.27
CA PHE H 294 12.55 -15.24 -66.95
C PHE H 294 12.48 -16.11 -68.20
N LYS H 295 13.23 -15.74 -69.23
CA LYS H 295 13.20 -16.51 -70.46
C LYS H 295 14.53 -17.15 -70.85
N LEU H 296 14.94 -18.16 -70.09
CA LEU H 296 16.17 -18.90 -70.38
C LEU H 296 15.77 -20.20 -71.08
N THR H 297 16.64 -20.69 -71.96
CA THR H 297 16.40 -21.93 -72.70
C THR H 297 17.33 -23.03 -72.18
N SER H 298 17.01 -24.27 -72.49
CA SER H 298 17.81 -25.41 -72.01
C SER H 298 19.31 -25.31 -72.31
N PRO H 299 19.68 -24.89 -73.51
CA PRO H 299 21.12 -24.78 -73.81
C PRO H 299 21.83 -23.81 -72.87
N ASP H 300 21.12 -22.77 -72.44
CA ASP H 300 21.73 -21.78 -71.55
C ASP H 300 22.23 -22.40 -70.25
N TYR H 301 21.58 -23.47 -69.80
CA TYR H 301 21.98 -24.13 -68.57
C TYR H 301 23.34 -24.78 -68.70
N ILE H 302 23.68 -25.18 -69.91
CA ILE H 302 24.99 -25.80 -70.13
C ILE H 302 26.06 -24.70 -70.00
N THR H 303 25.70 -23.49 -70.46
CA THR H 303 26.59 -22.32 -70.40
C THR H 303 26.80 -21.87 -68.97
N MET H 304 25.70 -21.90 -68.22
CA MET H 304 25.67 -21.50 -66.82
C MET H 304 26.65 -22.36 -66.03
N GLY H 305 26.48 -23.67 -66.11
CA GLY H 305 27.35 -24.59 -65.40
C GLY H 305 28.82 -24.42 -65.75
N ARG H 306 29.08 -24.15 -67.03
CA ARG H 306 30.44 -23.96 -67.52
C ARG H 306 31.07 -22.72 -66.87
N THR H 307 30.34 -21.60 -66.91
CA THR H 307 30.81 -20.33 -66.35
C THR H 307 31.08 -20.45 -64.86
N ILE H 308 30.15 -21.06 -64.13
CA ILE H 308 30.31 -21.23 -62.69
C ILE H 308 31.50 -22.13 -62.39
N ALA H 309 31.59 -23.25 -63.10
CA ALA H 309 32.69 -24.19 -62.90
C ALA H 309 34.03 -23.54 -63.21
N ALA H 310 34.01 -22.54 -64.10
CA ALA H 310 35.23 -21.84 -64.48
C ALA H 310 35.77 -20.90 -63.40
N SER H 311 35.10 -20.88 -62.24
CA SER H 311 35.51 -20.05 -61.12
C SER H 311 36.81 -20.62 -60.56
N GLY H 312 37.04 -21.91 -60.82
CA GLY H 312 38.25 -22.56 -60.36
C GLY H 312 38.26 -23.08 -58.94
N VAL H 313 37.09 -23.16 -58.31
CA VAL H 313 36.99 -23.68 -56.95
C VAL H 313 35.92 -24.77 -56.93
N PRO H 314 36.01 -25.71 -55.97
CA PRO H 314 35.03 -26.81 -55.86
C PRO H 314 33.58 -26.29 -55.88
N LEU H 315 32.67 -27.09 -56.43
CA LEU H 315 31.27 -26.69 -56.49
C LEU H 315 30.33 -27.74 -55.93
N LEU H 316 29.35 -27.29 -55.16
CA LEU H 316 28.35 -28.20 -54.62
C LEU H 316 27.02 -27.65 -55.13
N VAL H 317 26.36 -28.41 -55.99
CA VAL H 317 25.08 -28.01 -56.54
C VAL H 317 23.99 -28.53 -55.61
N VAL H 318 23.10 -27.64 -55.19
CA VAL H 318 22.00 -27.98 -54.30
C VAL H 318 20.68 -27.64 -54.97
N MET H 319 19.84 -28.65 -55.19
CA MET H 319 18.56 -28.46 -55.84
C MET H 319 17.62 -27.51 -55.13
N GLU H 320 17.01 -26.61 -55.89
CA GLU H 320 16.06 -25.65 -55.37
C GLU H 320 14.75 -25.76 -56.18
N GLY H 321 14.37 -24.70 -56.89
CA GLY H 321 13.14 -24.71 -57.67
C GLY H 321 13.19 -25.28 -59.09
N GLY H 322 12.05 -25.21 -59.80
CA GLY H 322 11.93 -25.74 -61.15
C GLY H 322 10.70 -26.62 -61.15
N TYR H 323 9.61 -26.17 -61.78
CA TYR H 323 8.35 -26.90 -61.77
C TYR H 323 7.63 -27.19 -63.08
N GLY H 324 6.55 -27.96 -62.94
CA GLY H 324 5.67 -28.33 -64.04
C GLY H 324 6.21 -29.13 -65.20
N VAL H 325 6.79 -28.42 -66.16
CA VAL H 325 7.33 -28.98 -67.39
C VAL H 325 8.37 -30.09 -67.23
N PRO H 326 8.43 -31.01 -68.21
CA PRO H 326 9.37 -32.13 -68.18
C PRO H 326 10.82 -31.72 -68.42
N GLU H 327 11.03 -30.49 -68.88
CA GLU H 327 12.40 -30.01 -69.12
C GLU H 327 13.18 -29.74 -67.82
N ILE H 328 12.49 -29.74 -66.67
CA ILE H 328 13.20 -29.50 -65.42
C ILE H 328 14.33 -30.51 -65.26
N GLY H 329 14.11 -31.72 -65.78
CA GLY H 329 15.14 -32.75 -65.69
C GLY H 329 16.29 -32.44 -66.63
N LEU H 330 15.96 -32.10 -67.87
CA LEU H 330 16.93 -31.76 -68.89
C LEU H 330 17.74 -30.53 -68.48
N ASN H 331 17.06 -29.54 -67.90
CA ASN H 331 17.75 -28.33 -67.50
C ASN H 331 18.75 -28.56 -66.37
N VAL H 332 18.38 -29.35 -65.37
CA VAL H 332 19.29 -29.65 -64.27
C VAL H 332 20.47 -30.44 -64.80
N ALA H 333 20.20 -31.42 -65.66
CA ALA H 333 21.24 -32.25 -66.25
C ALA H 333 22.24 -31.39 -67.05
N ASN H 334 21.73 -30.43 -67.81
CA ASN H 334 22.60 -29.55 -68.61
C ASN H 334 23.53 -28.73 -67.71
N VAL H 335 23.03 -28.28 -66.56
CA VAL H 335 23.86 -27.51 -65.66
C VAL H 335 25.02 -28.38 -65.19
N LEU H 336 24.69 -29.63 -64.84
CA LEU H 336 25.71 -30.58 -64.36
C LEU H 336 26.69 -30.96 -65.46
N LYS H 337 26.19 -31.02 -66.70
CA LYS H 337 27.09 -31.34 -67.79
C LYS H 337 28.04 -30.18 -68.04
N GLY H 338 27.53 -28.96 -67.92
CA GLY H 338 28.37 -27.79 -68.11
C GLY H 338 29.41 -27.73 -67.01
N VAL H 339 29.02 -28.04 -65.78
CA VAL H 339 29.93 -28.01 -64.65
C VAL H 339 31.02 -29.06 -64.81
N ALA H 340 30.62 -30.27 -65.23
CA ALA H 340 31.57 -31.37 -65.40
C ALA H 340 32.46 -31.16 -66.62
N GLY H 341 31.94 -30.49 -67.64
CA GLY H 341 32.71 -30.24 -68.83
C GLY H 341 33.17 -31.53 -69.49
N MET I 1 1.01 28.33 -72.30
CA MET I 1 0.45 27.48 -71.21
C MET I 1 -0.51 28.28 -70.36
N ARG I 2 -1.47 27.57 -69.75
CA ARG I 2 -2.45 28.22 -68.91
C ARG I 2 -1.82 28.68 -67.60
N VAL I 3 -2.36 29.75 -67.04
CA VAL I 3 -1.87 30.32 -65.78
C VAL I 3 -2.96 30.28 -64.71
N ILE I 4 -2.74 29.51 -63.64
CA ILE I 4 -3.70 29.41 -62.55
C ILE I 4 -3.28 30.40 -61.48
N PHE I 5 -4.19 31.28 -61.08
CA PHE I 5 -3.89 32.31 -60.09
C PHE I 5 -5.10 32.69 -59.25
N SER I 6 -4.84 33.02 -57.98
CA SER I 6 -5.89 33.41 -57.05
C SER I 6 -5.68 34.76 -56.38
N GLU I 7 -6.73 35.57 -56.34
CA GLU I 7 -6.65 36.88 -55.72
C GLU I 7 -6.62 36.75 -54.20
N ASP I 8 -7.03 35.59 -53.68
CA ASP I 8 -7.03 35.41 -52.23
C ASP I 8 -5.64 35.22 -51.66
N HIS I 9 -4.63 35.31 -52.51
CA HIS I 9 -3.26 35.19 -52.05
C HIS I 9 -3.02 36.44 -51.21
N LYS I 10 -3.77 37.50 -51.51
CA LYS I 10 -3.65 38.77 -50.81
C LYS I 10 -4.03 38.66 -49.33
N LEU I 11 -4.83 37.65 -49.00
CA LEU I 11 -5.26 37.45 -47.62
C LEU I 11 -4.02 37.25 -46.73
N ARG I 12 -2.94 36.78 -47.33
CA ARG I 12 -1.66 36.60 -46.64
C ARG I 12 -0.95 37.94 -46.82
N ASN I 13 -0.95 38.77 -45.77
CA ASN I 13 -0.32 40.07 -45.82
C ASN I 13 0.28 40.37 -44.46
N ALA I 14 1.19 39.51 -44.02
CA ALA I 14 1.82 39.67 -42.73
C ALA I 14 2.50 41.02 -42.64
N LYS I 15 2.62 41.55 -41.44
CA LYS I 15 3.24 42.84 -41.28
C LYS I 15 4.66 42.79 -40.77
N THR I 16 5.00 41.69 -40.09
CA THR I 16 6.35 41.57 -39.55
C THR I 16 7.04 40.29 -39.96
N GLU I 17 8.36 40.37 -39.96
CA GLU I 17 9.22 39.24 -40.29
C GLU I 17 10.47 39.44 -39.44
N LEU I 18 10.86 38.39 -38.73
CA LEU I 18 12.05 38.46 -37.90
C LEU I 18 13.24 38.27 -38.82
N TYR I 19 13.97 39.35 -39.04
CA TYR I 19 15.14 39.32 -39.92
C TYR I 19 16.25 40.17 -39.34
N GLY I 20 17.43 39.59 -39.19
CA GLY I 20 18.56 40.33 -38.64
C GLY I 20 18.29 40.87 -37.25
N GLY I 21 17.53 40.12 -36.46
CA GLY I 21 17.24 40.55 -35.11
C GLY I 21 16.27 41.71 -35.03
N GLU I 22 15.48 41.91 -36.08
CA GLU I 22 14.48 42.98 -36.10
C GLU I 22 13.22 42.51 -36.79
N LEU I 23 12.12 43.18 -36.48
CA LEU I 23 10.84 42.86 -37.09
C LEU I 23 10.66 43.87 -38.21
N VAL I 24 10.86 43.42 -39.44
CA VAL I 24 10.75 44.29 -40.61
C VAL I 24 9.68 43.80 -41.56
N PRO I 25 9.32 44.62 -42.56
CA PRO I 25 8.31 44.20 -43.53
C PRO I 25 8.75 42.92 -44.21
N PRO I 26 7.84 41.95 -44.36
CA PRO I 26 8.14 40.68 -44.99
C PRO I 26 8.61 40.77 -46.44
N PHE I 27 9.64 39.99 -46.77
CA PHE I 27 10.17 39.94 -48.11
C PHE I 27 9.11 39.31 -49.00
N GLU I 28 8.41 38.31 -48.46
CA GLU I 28 7.37 37.62 -49.21
C GLU I 28 6.05 38.37 -49.07
N ALA I 29 5.86 39.42 -49.86
CA ALA I 29 4.64 40.22 -49.80
C ALA I 29 3.80 40.11 -51.08
N PRO I 30 2.54 40.60 -51.03
CA PRO I 30 1.61 40.57 -52.17
C PRO I 30 2.15 41.12 -53.48
N PHE I 31 2.92 42.21 -53.43
CA PHE I 31 3.45 42.79 -54.65
C PHE I 31 4.18 41.77 -55.52
N ARG I 32 4.67 40.69 -54.90
CA ARG I 32 5.37 39.66 -55.66
C ARG I 32 4.49 39.03 -56.72
N ALA I 33 3.26 38.67 -56.35
CA ALA I 33 2.31 38.06 -57.26
C ALA I 33 1.90 39.07 -58.33
N GLU I 34 1.74 40.32 -57.92
CA GLU I 34 1.36 41.39 -58.84
C GLU I 34 2.42 41.55 -59.93
N TRP I 35 3.67 41.66 -59.51
CA TRP I 35 4.78 41.83 -60.45
C TRP I 35 4.96 40.64 -61.38
N ILE I 36 4.79 39.44 -60.85
CA ILE I 36 4.96 38.22 -61.63
C ILE I 36 3.83 37.99 -62.62
N LEU I 37 2.60 38.23 -62.16
CA LEU I 37 1.45 38.04 -63.02
C LEU I 37 1.52 39.00 -64.22
N ALA I 38 1.86 40.25 -63.94
CA ALA I 38 1.96 41.26 -65.00
C ALA I 38 3.02 40.90 -66.01
N ALA I 39 4.17 40.43 -65.53
CA ALA I 39 5.26 40.04 -66.40
C ALA I 39 4.94 38.83 -67.28
N VAL I 40 4.21 37.84 -66.73
CA VAL I 40 3.89 36.65 -67.54
C VAL I 40 2.85 37.01 -68.61
N LYS I 41 1.91 37.89 -68.27
CA LYS I 41 0.91 38.34 -69.23
C LYS I 41 1.65 39.08 -70.34
N GLU I 42 2.58 39.94 -69.94
CA GLU I 42 3.38 40.72 -70.86
C GLU I 42 4.09 39.79 -71.86
N ALA I 43 4.61 38.67 -71.36
CA ALA I 43 5.31 37.72 -72.22
C ALA I 43 4.34 36.90 -73.08
N GLY I 44 3.04 37.17 -72.97
CA GLY I 44 2.07 36.44 -73.77
C GLY I 44 1.24 35.39 -73.07
N PHE I 45 1.55 35.15 -71.80
CA PHE I 45 0.82 34.18 -71.00
C PHE I 45 -0.31 34.93 -70.33
N ASP I 46 -1.33 35.25 -71.12
CA ASP I 46 -2.48 35.99 -70.60
C ASP I 46 -3.72 35.16 -70.33
N ASP I 47 -3.61 33.83 -70.48
CA ASP I 47 -4.76 32.96 -70.22
C ASP I 47 -4.74 32.60 -68.74
N VAL I 48 -5.07 33.57 -67.89
CA VAL I 48 -5.08 33.40 -66.44
C VAL I 48 -6.48 32.97 -65.97
N VAL I 49 -6.53 31.98 -65.07
CA VAL I 49 -7.81 31.51 -64.56
C VAL I 49 -7.74 31.25 -63.07
N ALA I 50 -8.86 31.48 -62.38
CA ALA I 50 -8.92 31.26 -60.94
C ALA I 50 -9.12 29.78 -60.63
N PRO I 51 -8.42 29.25 -59.61
CA PRO I 51 -8.58 27.84 -59.28
C PRO I 51 -10.00 27.50 -58.82
N ALA I 52 -10.43 26.27 -59.11
CA ALA I 52 -11.75 25.81 -58.72
C ALA I 52 -11.73 25.54 -57.23
N ARG I 53 -12.85 25.06 -56.70
CA ARG I 53 -12.93 24.74 -55.28
C ARG I 53 -12.43 23.33 -55.02
N HIS I 54 -11.52 23.18 -54.05
CA HIS I 54 -10.99 21.85 -53.71
C HIS I 54 -11.01 21.56 -52.23
N GLY I 55 -11.17 20.28 -51.88
CA GLY I 55 -11.20 19.86 -50.49
C GLY I 55 -9.81 19.58 -49.97
N LEU I 56 -9.73 19.01 -48.76
CA LEU I 56 -8.46 18.69 -48.12
C LEU I 56 -7.96 17.28 -48.38
N GLU I 57 -8.67 16.52 -49.20
CA GLU I 57 -8.28 15.15 -49.48
C GLU I 57 -6.85 15.04 -49.99
N THR I 58 -6.50 15.82 -51.00
CA THR I 58 -5.15 15.73 -51.54
C THR I 58 -4.08 16.12 -50.51
N VAL I 59 -4.23 17.30 -49.89
CA VAL I 59 -3.27 17.80 -48.90
C VAL I 59 -3.11 16.88 -47.69
N LEU I 60 -4.18 16.15 -47.34
CA LEU I 60 -4.12 15.24 -46.21
C LEU I 60 -3.26 14.02 -46.52
N LYS I 61 -2.87 13.83 -47.77
CA LYS I 61 -2.02 12.69 -48.08
C LYS I 61 -0.54 13.03 -48.00
N VAL I 62 -0.21 14.31 -47.80
CA VAL I 62 1.19 14.73 -47.71
C VAL I 62 1.53 15.49 -46.42
N HIS I 63 0.55 16.15 -45.81
CA HIS I 63 0.77 16.89 -44.55
C HIS I 63 0.09 16.15 -43.40
N ASP I 64 0.58 16.35 -42.19
CA ASP I 64 0.01 15.73 -40.98
C ASP I 64 -1.30 16.47 -40.68
N ALA I 65 -2.37 15.75 -40.33
CA ALA I 65 -3.66 16.36 -40.04
C ALA I 65 -3.62 17.25 -38.80
N GLY I 66 -2.75 16.92 -37.85
CA GLY I 66 -2.64 17.70 -36.64
C GLY I 66 -2.06 19.05 -36.99
N TYR I 67 -1.11 19.03 -37.91
CA TYR I 67 -0.46 20.25 -38.37
C TYR I 67 -1.48 21.15 -39.07
N LEU I 68 -2.22 20.57 -40.03
CA LEU I 68 -3.23 21.35 -40.77
C LEU I 68 -4.28 21.91 -39.83
N ASN I 69 -4.74 21.09 -38.89
CA ASN I 69 -5.74 21.54 -37.93
C ASN I 69 -5.17 22.73 -37.15
N PHE I 70 -3.90 22.63 -36.79
CA PHE I 70 -3.22 23.72 -36.07
C PHE I 70 -3.20 25.03 -36.84
N LEU I 71 -2.88 24.96 -38.12
CA LEU I 71 -2.81 26.16 -38.94
C LEU I 71 -4.14 26.89 -39.07
N GLU I 72 -5.21 26.13 -39.26
CA GLU I 72 -6.52 26.74 -39.42
C GLU I 72 -6.97 27.62 -38.24
N THR I 73 -6.49 27.35 -37.03
CA THR I 73 -6.91 28.18 -35.91
C THR I 73 -5.76 28.83 -35.15
N ALA I 74 -4.57 28.79 -35.73
CA ALA I 74 -3.41 29.37 -35.06
C ALA I 74 -3.60 30.85 -34.75
N TRP I 75 -3.96 31.66 -35.75
CA TRP I 75 -4.13 33.08 -35.49
C TRP I 75 -5.21 33.37 -34.42
N ASP I 76 -6.34 32.69 -34.50
CA ASP I 76 -7.41 32.90 -33.54
C ASP I 76 -6.98 32.70 -32.09
N ARG I 77 -6.36 31.56 -31.84
CA ARG I 77 -5.88 31.19 -30.52
C ARG I 77 -4.82 32.15 -30.02
N TRP I 78 -3.96 32.56 -30.94
CA TRP I 78 -2.88 33.47 -30.61
C TRP I 78 -3.44 34.78 -30.09
N LYS I 79 -4.44 35.30 -30.79
CA LYS I 79 -5.06 36.55 -30.41
C LYS I 79 -5.83 36.40 -29.09
N ALA I 80 -6.50 35.26 -28.92
CA ALA I 80 -7.24 35.00 -27.69
C ALA I 80 -6.29 34.91 -26.51
N ALA I 81 -5.04 34.55 -26.79
CA ALA I 81 -4.05 34.43 -25.72
C ALA I 81 -3.64 35.80 -25.20
N GLY I 82 -4.03 36.85 -25.91
CA GLY I 82 -3.72 38.20 -25.48
C GLY I 82 -2.44 38.80 -26.05
N TYR I 83 -1.83 38.12 -27.01
CA TYR I 83 -0.60 38.65 -27.62
C TYR I 83 -0.87 39.80 -28.57
N LYS I 84 0.03 40.77 -28.55
CA LYS I 84 -0.10 41.95 -29.38
C LYS I 84 0.37 41.74 -30.81
N GLY I 85 1.62 41.32 -30.97
CA GLY I 85 2.17 41.09 -32.29
C GLY I 85 1.55 39.91 -33.02
N GLU I 86 2.17 39.51 -34.12
CA GLU I 86 1.68 38.39 -34.90
C GLU I 86 2.25 37.10 -34.31
N ALA I 87 1.63 35.97 -34.63
CA ALA I 87 2.05 34.67 -34.12
C ALA I 87 3.45 34.25 -34.56
N ILE I 88 4.39 34.32 -33.64
CA ILE I 88 5.77 33.95 -33.92
C ILE I 88 6.28 32.96 -32.86
N ALA I 89 6.90 31.87 -33.32
CA ALA I 89 7.42 30.83 -32.44
C ALA I 89 8.68 31.28 -31.72
N THR I 90 8.83 30.88 -30.47
CA THR I 90 10.00 31.24 -29.70
C THR I 90 10.72 30.03 -29.15
N SER I 91 9.97 28.99 -28.78
CA SER I 91 10.56 27.76 -28.25
C SER I 91 10.53 26.67 -29.32
N PHE I 92 11.57 25.87 -29.41
CA PHE I 92 11.59 24.81 -30.44
C PHE I 92 12.10 23.46 -29.98
N PRO I 93 11.53 22.39 -30.54
CA PRO I 93 11.97 21.04 -30.18
C PRO I 93 13.28 20.71 -30.89
N VAL I 94 14.39 21.13 -30.30
CA VAL I 94 15.67 20.88 -30.91
C VAL I 94 16.31 19.60 -30.42
N ARG I 95 17.63 19.57 -30.32
CA ARG I 95 18.31 18.34 -29.89
C ARG I 95 17.92 17.80 -28.53
N ARG I 96 17.82 16.47 -28.47
CA ARG I 96 17.52 15.77 -27.25
C ARG I 96 16.27 16.26 -26.51
N THR I 97 15.21 16.60 -27.26
CA THR I 97 13.97 17.06 -26.67
C THR I 97 12.89 15.98 -26.78
N SER I 98 11.83 16.15 -26.01
CA SER I 98 10.70 15.22 -26.00
C SER I 98 9.96 15.30 -27.33
N PRO I 99 9.28 14.21 -27.71
CA PRO I 99 8.52 14.22 -28.98
C PRO I 99 7.07 14.64 -28.75
N ARG I 100 6.70 14.82 -27.48
CA ARG I 100 5.35 15.23 -27.13
C ARG I 100 4.92 16.58 -27.69
N ILE I 101 3.62 16.70 -27.97
CA ILE I 101 3.03 17.92 -28.50
C ILE I 101 2.41 18.75 -27.38
N PRO I 102 2.77 20.04 -27.28
CA PRO I 102 2.19 20.87 -26.21
C PRO I 102 0.70 21.10 -26.48
N THR I 103 0.00 21.65 -25.50
CA THR I 103 -1.43 21.90 -25.66
C THR I 103 -1.72 23.40 -25.80
N ASP I 104 -0.82 24.22 -25.25
CA ASP I 104 -0.97 25.67 -25.31
C ASP I 104 -0.60 26.19 -26.71
N ILE I 105 -1.19 27.32 -27.10
CA ILE I 105 -0.91 27.91 -28.40
C ILE I 105 0.56 28.25 -28.53
N GLU I 106 1.13 28.80 -27.48
CA GLU I 106 2.54 29.17 -27.50
C GLU I 106 3.46 27.96 -27.68
N GLY I 107 3.04 26.81 -27.18
CA GLY I 107 3.86 25.61 -27.34
C GLY I 107 3.65 24.97 -28.70
N GLN I 108 2.42 24.93 -29.17
CA GLN I 108 2.13 24.30 -30.45
C GLN I 108 2.75 25.03 -31.63
N ILE I 109 2.80 26.36 -31.56
CA ILE I 109 3.38 27.11 -32.66
C ILE I 109 4.86 26.72 -32.80
N GLY I 110 5.58 26.62 -31.68
CA GLY I 110 6.96 26.20 -31.74
C GLY I 110 7.07 24.77 -32.25
N TYR I 111 6.20 23.90 -31.75
CA TYR I 111 6.20 22.52 -32.18
C TYR I 111 6.02 22.35 -33.69
N TYR I 112 5.11 23.12 -34.27
CA TYR I 112 4.81 23.05 -35.70
C TYR I 112 5.56 24.06 -36.59
N CYS I 113 6.70 24.53 -36.10
CA CYS I 113 7.48 25.52 -36.81
C CYS I 113 8.96 25.17 -36.89
N ASN I 114 9.60 25.42 -38.05
CA ASN I 114 11.04 25.15 -38.19
C ASN I 114 11.86 26.43 -38.31
N ALA I 115 11.19 27.57 -38.47
CA ALA I 115 11.90 28.85 -38.60
C ALA I 115 11.10 30.02 -38.01
N ALA I 116 11.70 30.72 -37.05
CA ALA I 116 11.03 31.85 -36.39
C ALA I 116 10.83 33.08 -37.28
N GLU I 117 11.49 33.12 -38.42
CA GLU I 117 11.36 34.25 -39.31
C GLU I 117 9.99 34.35 -39.96
N THR I 118 9.22 33.27 -39.94
CA THR I 118 7.89 33.28 -40.53
C THR I 118 6.81 33.50 -39.46
N ALA I 119 5.95 34.48 -39.69
CA ALA I 119 4.88 34.77 -38.74
C ALA I 119 3.50 34.44 -39.32
N ILE I 120 2.61 33.97 -38.46
CA ILE I 120 1.25 33.66 -38.87
C ILE I 120 0.48 34.96 -38.65
N SER I 121 -0.38 35.28 -39.61
CA SER I 121 -1.16 36.50 -39.56
C SER I 121 -2.58 36.22 -40.01
N PRO I 122 -3.49 37.17 -39.81
CA PRO I 122 -4.89 36.98 -40.21
C PRO I 122 -4.94 36.68 -41.71
N GLY I 123 -5.74 35.71 -42.11
CA GLY I 123 -5.86 35.38 -43.51
C GLY I 123 -4.83 34.39 -44.04
N THR I 124 -3.78 34.11 -43.27
CA THR I 124 -2.77 33.17 -43.75
C THR I 124 -3.36 31.81 -44.14
N TRP I 125 -4.21 31.25 -43.28
CA TRP I 125 -4.80 29.95 -43.58
C TRP I 125 -5.61 29.96 -44.88
N GLU I 126 -6.49 30.95 -45.03
CA GLU I 126 -7.30 31.05 -46.22
C GLU I 126 -6.43 31.31 -47.47
N ALA I 127 -5.39 32.12 -47.29
CA ALA I 127 -4.47 32.43 -48.38
C ALA I 127 -3.75 31.15 -48.77
N ALA I 128 -3.27 30.41 -47.76
CA ALA I 128 -2.57 29.17 -48.01
C ALA I 128 -3.44 28.17 -48.77
N LEU I 129 -4.74 28.15 -48.47
CA LEU I 129 -5.66 27.24 -49.16
C LEU I 129 -5.88 27.62 -50.62
N SER I 130 -5.80 28.91 -50.95
CA SER I 130 -6.02 29.31 -52.33
C SER I 130 -4.78 28.95 -53.14
N SER I 131 -3.61 29.19 -52.57
CA SER I 131 -2.37 28.87 -53.24
C SER I 131 -2.32 27.37 -53.55
N MET I 132 -2.85 26.56 -52.63
CA MET I 132 -2.89 25.10 -52.81
C MET I 132 -3.90 24.72 -53.90
N ALA I 133 -4.95 25.52 -54.00
CA ALA I 133 -5.99 25.27 -55.01
C ALA I 133 -5.40 25.47 -56.41
N SER I 134 -4.61 26.52 -56.58
CA SER I 134 -3.99 26.81 -57.85
C SER I 134 -3.04 25.68 -58.27
N ALA I 135 -2.36 25.09 -57.29
CA ALA I 135 -1.43 23.99 -57.57
C ALA I 135 -2.22 22.75 -57.98
N ILE I 136 -3.32 22.50 -57.30
CA ILE I 136 -4.14 21.34 -57.64
C ILE I 136 -4.71 21.51 -59.05
N ASP I 137 -5.23 22.70 -59.33
CA ASP I 137 -5.81 23.00 -60.64
C ASP I 137 -4.76 22.84 -61.73
N GLY I 138 -3.53 23.23 -61.42
CA GLY I 138 -2.47 23.11 -62.38
C GLY I 138 -2.20 21.64 -62.62
N ALA I 139 -2.20 20.85 -61.55
CA ALA I 139 -1.94 19.43 -61.65
C ALA I 139 -2.94 18.76 -62.60
N ASP I 140 -4.22 19.10 -62.43
CA ASP I 140 -5.27 18.53 -63.27
C ASP I 140 -5.09 18.91 -64.74
N LEU I 141 -4.48 20.08 -65.00
CA LEU I 141 -4.26 20.48 -66.38
C LEU I 141 -3.30 19.50 -67.02
N ILE I 142 -2.24 19.16 -66.28
CA ILE I 142 -1.24 18.21 -66.74
C ILE I 142 -1.88 16.83 -66.88
N ALA I 143 -2.73 16.46 -65.91
CA ALA I 143 -3.40 15.18 -65.93
C ALA I 143 -4.37 15.11 -67.11
N ALA I 144 -4.82 16.28 -67.58
CA ALA I 144 -5.74 16.35 -68.71
C ALA I 144 -5.01 16.24 -70.05
N GLY I 145 -3.70 16.41 -70.03
CA GLY I 145 -2.95 16.30 -71.26
C GLY I 145 -2.11 17.49 -71.63
N HIS I 146 -2.18 18.56 -70.84
CA HIS I 146 -1.38 19.75 -71.11
C HIS I 146 0.10 19.42 -70.94
N LYS I 147 0.91 19.93 -71.85
CA LYS I 147 2.35 19.71 -71.86
C LYS I 147 3.02 20.57 -70.77
N ALA I 148 2.36 21.66 -70.40
CA ALA I 148 2.88 22.56 -69.40
C ALA I 148 1.78 23.49 -68.91
N ALA I 149 2.03 24.10 -67.76
CA ALA I 149 1.08 25.03 -67.16
C ALA I 149 1.81 25.71 -66.00
N PHE I 150 1.33 26.88 -65.60
CA PHE I 150 1.95 27.62 -64.51
C PHE I 150 0.98 27.95 -63.40
N SER I 151 1.30 27.48 -62.20
CA SER I 151 0.51 27.73 -61.00
C SER I 151 1.22 28.81 -60.22
N LEU I 152 0.68 30.02 -60.29
CA LEU I 152 1.23 31.18 -59.60
C LEU I 152 0.80 31.13 -58.14
N CYS I 153 1.51 30.32 -57.37
CA CYS I 153 1.24 30.14 -55.95
C CYS I 153 1.84 31.19 -55.04
N ARG I 154 1.07 31.57 -54.03
CA ARG I 154 1.46 32.51 -53.00
C ARG I 154 0.40 32.43 -51.90
N PRO I 155 0.82 32.17 -50.66
CA PRO I 155 2.22 31.96 -50.25
C PRO I 155 2.90 30.75 -50.88
N PRO I 156 4.24 30.71 -50.80
CA PRO I 156 5.02 29.62 -51.35
C PRO I 156 4.88 28.39 -50.46
N GLY I 157 5.48 27.28 -50.85
CA GLY I 157 5.32 26.09 -50.04
C GLY I 157 6.45 25.10 -49.87
N HIS I 158 7.51 25.21 -50.66
CA HIS I 158 8.57 24.21 -50.54
C HIS I 158 9.27 24.05 -49.17
N ALA I 159 9.18 25.04 -48.28
CA ALA I 159 9.81 24.91 -46.97
C ALA I 159 8.89 24.23 -45.94
N ALA I 160 7.61 24.07 -46.26
CA ALA I 160 6.66 23.42 -45.36
C ALA I 160 6.81 21.90 -45.42
N GLY I 161 7.19 21.30 -44.29
CA GLY I 161 7.37 19.86 -44.24
C GLY I 161 6.12 19.14 -43.83
N ILE I 162 6.26 17.90 -43.41
CA ILE I 162 5.11 17.11 -43.02
C ILE I 162 4.24 17.75 -41.92
N ASP I 163 4.86 18.21 -40.85
CA ASP I 163 4.14 18.80 -39.73
C ASP I 163 4.78 20.08 -39.20
N MET I 164 5.26 20.92 -40.11
CA MET I 164 5.88 22.18 -39.70
C MET I 164 5.88 23.24 -40.81
N PHE I 165 5.75 24.49 -40.40
CA PHE I 165 5.76 25.61 -41.33
C PHE I 165 7.02 26.43 -41.09
N GLY I 166 7.35 27.26 -42.06
CA GLY I 166 8.53 28.11 -41.97
C GLY I 166 9.02 28.55 -43.35
N GLY I 167 10.00 29.44 -43.37
CA GLY I 167 10.54 29.92 -44.63
C GLY I 167 9.47 30.47 -45.56
N TYR I 168 8.54 31.23 -44.98
CA TYR I 168 7.43 31.86 -45.70
C TYR I 168 6.42 30.84 -46.22
N CYS I 169 6.53 29.58 -45.80
CA CYS I 169 5.64 28.53 -46.28
C CYS I 169 4.76 27.86 -45.23
N PHE I 170 3.56 27.44 -45.63
CA PHE I 170 2.62 26.78 -44.73
C PHE I 170 2.11 25.46 -45.31
N ILE I 171 1.72 25.47 -46.58
CA ILE I 171 1.25 24.27 -47.23
C ILE I 171 2.10 24.01 -48.47
N ASN I 172 2.73 22.84 -48.54
CA ASN I 172 3.61 22.49 -49.65
C ASN I 172 2.86 22.30 -50.96
N ASN I 173 2.66 23.41 -51.68
CA ASN I 173 1.92 23.41 -52.95
C ASN I 173 2.46 22.43 -54.00
N ALA I 174 3.78 22.36 -54.13
CA ALA I 174 4.40 21.45 -55.10
C ALA I 174 4.09 20.01 -54.70
N ALA I 175 4.16 19.73 -53.39
CA ALA I 175 3.89 18.40 -52.87
C ALA I 175 2.45 17.99 -53.15
N VAL I 176 1.52 18.92 -52.94
CA VAL I 176 0.12 18.65 -53.20
C VAL I 176 -0.09 18.37 -54.69
N ALA I 177 0.55 19.17 -55.54
CA ALA I 177 0.42 18.97 -56.97
C ALA I 177 0.94 17.59 -57.38
N ALA I 178 2.10 17.20 -56.85
CA ALA I 178 2.68 15.90 -57.16
C ALA I 178 1.73 14.80 -56.74
N GLN I 179 1.19 14.94 -55.53
CA GLN I 179 0.26 13.97 -54.97
C GLN I 179 -0.97 13.89 -55.87
N ARG I 180 -1.45 15.05 -56.29
CA ARG I 180 -2.61 15.13 -57.14
C ARG I 180 -2.38 14.38 -58.45
N LEU I 181 -1.20 14.57 -59.06
CA LEU I 181 -0.90 13.88 -60.32
C LEU I 181 -0.92 12.37 -60.11
N LEU I 182 -0.38 11.91 -58.98
CA LEU I 182 -0.38 10.48 -58.71
C LEU I 182 -1.80 9.95 -58.54
N ASP I 183 -2.65 10.73 -57.87
CA ASP I 183 -4.04 10.34 -57.67
C ASP I 183 -4.79 10.27 -59.00
N LYS I 184 -4.35 11.04 -59.99
CA LYS I 184 -4.99 11.05 -61.29
C LYS I 184 -4.59 9.87 -62.15
N GLY I 185 -3.71 9.01 -61.63
CA GLY I 185 -3.32 7.84 -62.39
C GLY I 185 -1.83 7.63 -62.61
N ALA I 186 -1.01 8.60 -62.22
CA ALA I 186 0.44 8.47 -62.39
C ALA I 186 1.01 7.54 -61.32
N LYS I 187 2.10 6.86 -61.65
CA LYS I 187 2.75 5.93 -60.73
C LYS I 187 4.08 6.48 -60.21
N LYS I 188 4.74 7.28 -61.04
CA LYS I 188 6.01 7.89 -60.67
C LYS I 188 6.08 9.35 -61.12
N ILE I 189 6.30 10.25 -60.16
CA ILE I 189 6.38 11.68 -60.42
C ILE I 189 7.62 12.26 -59.75
N ALA I 190 8.16 13.33 -60.34
CA ALA I 190 9.34 13.96 -59.79
C ALA I 190 9.13 15.45 -59.57
N ILE I 191 9.76 15.96 -58.53
CA ILE I 191 9.69 17.37 -58.24
C ILE I 191 11.12 17.89 -58.37
N LEU I 192 11.27 18.97 -59.14
CA LEU I 192 12.56 19.60 -59.35
C LEU I 192 12.49 21.00 -58.77
N ASP I 193 13.23 21.21 -57.69
CA ASP I 193 13.22 22.47 -57.00
C ASP I 193 14.41 23.36 -57.42
N VAL I 194 14.16 24.40 -58.22
CA VAL I 194 15.23 25.28 -58.67
C VAL I 194 15.31 26.59 -57.90
N ASP I 195 14.43 26.73 -56.92
CA ASP I 195 14.41 27.88 -56.04
C ASP I 195 15.80 27.90 -55.41
N PHE I 196 16.28 29.06 -54.97
CA PHE I 196 17.62 29.17 -54.37
C PHE I 196 17.84 28.38 -53.09
N HIS I 197 16.78 28.32 -52.29
CA HIS I 197 16.82 27.63 -51.02
C HIS I 197 16.48 26.17 -51.22
N HIS I 198 17.00 25.34 -50.34
CA HIS I 198 16.71 23.92 -50.41
C HIS I 198 15.22 23.71 -50.14
N GLY I 199 14.64 22.69 -50.78
CA GLY I 199 13.23 22.42 -50.55
C GLY I 199 13.13 21.48 -49.37
N ASN I 200 13.53 21.96 -48.20
CA ASN I 200 13.52 21.13 -46.99
C ASN I 200 12.17 20.48 -46.69
N GLY I 201 11.08 21.22 -46.86
CA GLY I 201 9.76 20.68 -46.60
C GLY I 201 9.41 19.60 -47.60
N THR I 202 9.65 19.87 -48.88
CA THR I 202 9.35 18.88 -49.91
C THR I 202 10.18 17.63 -49.66
N GLN I 203 11.47 17.77 -49.41
CA GLN I 203 12.33 16.59 -49.16
C GLN I 203 11.75 15.74 -48.05
N ASP I 204 11.41 16.40 -46.94
CA ASP I 204 10.84 15.76 -45.78
C ASP I 204 9.58 14.95 -46.15
N ILE I 205 8.64 15.57 -46.85
CA ILE I 205 7.42 14.88 -47.22
C ILE I 205 7.62 13.61 -48.05
N PHE I 206 8.52 13.64 -49.02
CA PHE I 206 8.70 12.45 -49.85
C PHE I 206 9.93 11.63 -49.56
N TYR I 207 10.62 11.93 -48.46
CA TYR I 207 11.83 11.23 -48.08
C TYR I 207 11.71 9.71 -48.06
N GLU I 208 10.58 9.20 -47.57
CA GLU I 208 10.38 7.76 -47.49
C GLU I 208 9.32 7.20 -48.43
N ARG I 209 9.14 7.87 -49.56
CA ARG I 209 8.18 7.44 -50.57
C ARG I 209 8.91 7.14 -51.86
N GLY I 210 8.73 5.93 -52.38
CA GLY I 210 9.40 5.56 -53.61
C GLY I 210 8.68 6.05 -54.85
N ASP I 211 7.43 6.44 -54.71
CA ASP I 211 6.67 6.91 -55.88
C ASP I 211 6.96 8.34 -56.34
N VAL I 212 7.74 9.07 -55.55
CA VAL I 212 8.09 10.44 -55.89
C VAL I 212 9.60 10.67 -55.77
N PHE I 213 10.16 11.39 -56.75
CA PHE I 213 11.59 11.68 -56.74
C PHE I 213 11.73 13.18 -56.47
N PHE I 214 12.69 13.57 -55.65
CA PHE I 214 12.90 14.97 -55.35
C PHE I 214 14.33 15.36 -55.63
N ALA I 215 14.52 16.34 -56.51
CA ALA I 215 15.85 16.82 -56.84
C ALA I 215 15.86 18.31 -56.56
N SER I 216 16.89 18.77 -55.86
CA SER I 216 16.97 20.19 -55.53
C SER I 216 18.36 20.80 -55.70
N LEU I 217 18.41 21.98 -56.33
CA LEU I 217 19.66 22.71 -56.52
C LEU I 217 19.47 23.89 -55.57
N HIS I 218 20.48 24.19 -54.76
CA HIS I 218 20.30 25.26 -53.79
C HIS I 218 21.61 25.70 -53.15
N GLY I 219 21.57 26.83 -52.47
CA GLY I 219 22.75 27.33 -51.80
C GLY I 219 23.15 26.33 -50.74
N ASP I 220 24.45 26.08 -50.61
CA ASP I 220 25.00 25.15 -49.63
C ASP I 220 24.43 25.47 -48.24
N PRO I 221 23.71 24.52 -47.64
CA PRO I 221 23.13 24.70 -46.31
C PRO I 221 24.09 25.12 -45.21
N ALA I 222 25.38 24.87 -45.43
CA ALA I 222 26.39 25.25 -44.44
C ALA I 222 26.40 26.77 -44.27
N GLU I 223 25.90 27.50 -45.27
CA GLU I 223 25.87 28.95 -45.17
C GLU I 223 24.65 29.62 -45.78
N ALA I 224 23.59 28.84 -45.98
CA ALA I 224 22.35 29.33 -46.53
C ALA I 224 21.14 28.69 -45.83
N PHE I 225 20.06 29.46 -45.67
CA PHE I 225 18.81 29.00 -45.05
C PHE I 225 18.32 27.81 -45.90
N PRO I 226 17.66 26.81 -45.30
CA PRO I 226 17.32 26.62 -43.87
C PRO I 226 18.43 26.11 -42.95
N HIS I 227 19.64 25.94 -43.51
CA HIS I 227 20.79 25.50 -42.73
C HIS I 227 20.82 24.08 -42.18
N PHE I 228 19.69 23.39 -42.13
CA PHE I 228 19.73 22.06 -41.55
C PHE I 228 19.23 20.91 -42.40
N LEU I 229 19.36 21.05 -43.71
CA LEU I 229 18.95 20.01 -44.64
C LEU I 229 19.36 20.48 -46.03
N GLY I 230 19.69 19.54 -46.91
CA GLY I 230 20.10 19.90 -48.25
C GLY I 230 21.51 19.44 -48.62
N TYR I 231 22.06 18.56 -47.82
CA TYR I 231 23.40 18.04 -48.08
C TYR I 231 23.30 16.85 -49.03
N ALA I 232 24.31 16.75 -49.91
CA ALA I 232 24.39 15.69 -50.91
C ALA I 232 24.23 14.28 -50.36
N GLU I 233 24.65 14.10 -49.11
CA GLU I 233 24.59 12.79 -48.47
C GLU I 233 23.16 12.31 -48.24
N GLU I 234 22.20 13.23 -48.18
CA GLU I 234 20.79 12.90 -47.96
C GLU I 234 20.16 12.40 -49.26
N THR I 235 20.13 11.09 -49.41
CA THR I 235 19.61 10.47 -50.63
C THR I 235 18.29 9.72 -50.46
N GLY I 236 17.71 9.77 -49.26
CA GLY I 236 16.46 9.05 -49.06
C GLY I 236 16.52 8.09 -47.90
N LYS I 237 15.40 7.45 -47.60
CA LYS I 237 15.33 6.53 -46.48
C LYS I 237 14.24 5.47 -46.61
N GLY I 238 14.55 4.26 -46.16
CA GLY I 238 13.58 3.17 -46.21
C GLY I 238 12.90 2.96 -47.56
N ALA I 239 11.58 3.01 -47.56
CA ALA I 239 10.79 2.81 -48.77
C ALA I 239 11.12 3.81 -49.87
N GLY I 240 11.76 4.92 -49.50
CA GLY I 240 12.11 5.94 -50.46
C GLY I 240 13.61 6.14 -50.66
N ALA I 241 14.40 5.18 -50.21
CA ALA I 241 15.85 5.29 -50.36
C ALA I 241 16.22 5.50 -51.82
N GLY I 242 17.16 6.40 -52.07
CA GLY I 242 17.59 6.69 -53.42
C GLY I 242 16.69 7.58 -54.24
N THR I 243 15.68 8.19 -53.62
CA THR I 243 14.78 9.06 -54.36
C THR I 243 14.97 10.56 -54.08
N THR I 244 16.03 10.90 -53.37
CA THR I 244 16.34 12.29 -53.08
C THR I 244 17.73 12.63 -53.62
N ALA I 245 17.86 13.77 -54.31
CA ALA I 245 19.14 14.17 -54.86
C ALA I 245 19.39 15.67 -54.65
N ASN I 246 20.26 16.00 -53.70
CA ASN I 246 20.58 17.39 -53.39
C ASN I 246 21.86 17.90 -54.05
N TYR I 247 21.79 19.09 -54.60
CA TYR I 247 22.96 19.70 -55.23
C TYR I 247 23.27 21.04 -54.60
N PRO I 248 23.98 21.04 -53.45
CA PRO I 248 24.34 22.29 -52.76
C PRO I 248 25.50 23.00 -53.48
N MET I 249 25.38 24.31 -53.67
CA MET I 249 26.44 25.06 -54.32
C MET I 249 26.84 26.31 -53.52
N GLY I 250 28.12 26.69 -53.65
CA GLY I 250 28.67 27.82 -52.90
C GLY I 250 28.26 29.23 -53.32
N ARG I 251 28.81 30.22 -52.62
CA ARG I 251 28.47 31.61 -52.89
C ARG I 251 28.97 32.08 -54.26
N GLY I 252 28.14 32.88 -54.92
CA GLY I 252 28.51 33.41 -56.23
C GLY I 252 28.39 32.45 -57.40
N THR I 253 27.75 31.31 -57.21
CA THR I 253 27.59 30.35 -58.29
C THR I 253 26.87 30.93 -59.51
N PRO I 254 27.51 30.88 -60.68
CA PRO I 254 26.99 31.37 -61.96
C PRO I 254 26.31 30.22 -62.70
N TYR I 255 25.56 30.53 -63.75
CA TYR I 255 24.87 29.47 -64.49
C TYR I 255 25.86 28.45 -65.08
N SER I 256 27.11 28.87 -65.22
CA SER I 256 28.15 27.97 -65.77
C SER I 256 28.25 26.73 -64.91
N VAL I 257 28.16 26.93 -63.60
CA VAL I 257 28.27 25.82 -62.67
C VAL I 257 26.89 25.23 -62.38
N TRP I 258 25.92 26.11 -62.16
CA TRP I 258 24.54 25.74 -61.87
C TRP I 258 23.97 24.86 -62.97
N GLY I 259 24.33 25.17 -64.21
CA GLY I 259 23.84 24.43 -65.35
C GLY I 259 24.21 22.96 -65.28
N GLU I 260 25.43 22.66 -64.85
CA GLU I 260 25.85 21.27 -64.75
C GLU I 260 24.98 20.50 -63.76
N ALA I 261 24.70 21.09 -62.60
CA ALA I 261 23.87 20.40 -61.61
C ALA I 261 22.47 20.14 -62.18
N LEU I 262 21.92 21.11 -62.91
CA LEU I 262 20.59 20.95 -63.51
C LEU I 262 20.57 19.72 -64.42
N THR I 263 21.58 19.64 -65.28
CA THR I 263 21.72 18.53 -66.21
C THR I 263 21.77 17.18 -65.49
N ASP I 264 22.62 17.05 -64.48
CA ASP I 264 22.73 15.79 -63.74
C ASP I 264 21.42 15.45 -63.05
N SER I 265 20.76 16.45 -62.48
CA SER I 265 19.51 16.20 -61.79
C SER I 265 18.41 15.71 -62.73
N LEU I 266 18.40 16.24 -63.95
CA LEU I 266 17.40 15.83 -64.94
C LEU I 266 17.72 14.40 -65.38
N LYS I 267 19.00 14.04 -65.35
CA LYS I 267 19.40 12.69 -65.74
C LYS I 267 18.89 11.68 -64.74
N ARG I 268 18.96 12.03 -63.46
CA ARG I 268 18.48 11.13 -62.41
C ARG I 268 16.97 11.01 -62.46
N ILE I 269 16.30 12.12 -62.80
CA ILE I 269 14.84 12.14 -62.90
C ILE I 269 14.38 11.21 -64.01
N ALA I 270 15.08 11.25 -65.14
CA ALA I 270 14.74 10.40 -66.27
C ALA I 270 15.01 8.95 -65.91
N ALA I 271 16.11 8.70 -65.22
CA ALA I 271 16.48 7.33 -64.82
C ALA I 271 15.46 6.78 -63.82
N PHE I 272 14.78 7.69 -63.12
CA PHE I 272 13.77 7.33 -62.13
C PHE I 272 12.49 6.92 -62.88
N GLY I 273 12.31 7.49 -64.07
CA GLY I 273 11.15 7.18 -64.87
C GLY I 273 9.95 8.05 -64.53
N ALA I 274 10.19 9.34 -64.28
CA ALA I 274 9.11 10.24 -63.93
C ALA I 274 8.17 10.44 -65.14
N GLU I 275 6.86 10.39 -64.89
CA GLU I 275 5.86 10.58 -65.95
C GLU I 275 5.59 12.06 -66.15
N ALA I 276 5.89 12.85 -65.12
CA ALA I 276 5.69 14.29 -65.14
C ALA I 276 6.62 14.90 -64.12
N ILE I 277 6.90 16.20 -64.27
CA ILE I 277 7.78 16.86 -63.32
C ILE I 277 7.14 18.14 -62.80
N VAL I 278 7.06 18.25 -61.48
CA VAL I 278 6.53 19.46 -60.88
C VAL I 278 7.80 20.28 -60.66
N VAL I 279 7.79 21.52 -61.11
CA VAL I 279 8.97 22.36 -60.98
C VAL I 279 8.75 23.46 -59.97
N SER I 280 9.45 23.39 -58.84
CA SER I 280 9.30 24.45 -57.85
C SER I 280 10.22 25.56 -58.32
N LEU I 281 9.62 26.57 -58.93
CA LEU I 281 10.39 27.69 -59.44
C LEU I 281 10.52 28.87 -58.50
N GLY I 282 11.76 29.12 -58.09
CA GLY I 282 12.03 30.24 -57.23
C GLY I 282 13.05 30.99 -58.05
N VAL I 283 12.88 32.30 -58.23
CA VAL I 283 13.85 33.05 -59.01
C VAL I 283 14.81 33.81 -58.10
N ASP I 284 14.84 33.43 -56.83
CA ASP I 284 15.74 34.06 -55.87
C ASP I 284 17.20 33.72 -56.21
N THR I 285 17.40 32.89 -57.22
CA THR I 285 18.75 32.50 -57.67
C THR I 285 19.37 33.63 -58.51
N PHE I 286 18.59 34.69 -58.72
CA PHE I 286 19.01 35.86 -59.50
C PHE I 286 20.15 36.62 -58.84
N GLU I 287 21.10 37.06 -59.66
CA GLU I 287 22.26 37.80 -59.16
C GLU I 287 21.90 39.03 -58.33
N GLN I 288 20.68 39.55 -58.49
CA GLN I 288 20.26 40.72 -57.73
C GLN I 288 19.33 40.42 -56.57
N ASP I 289 19.10 39.15 -56.27
CA ASP I 289 18.20 38.82 -55.16
C ASP I 289 18.78 39.31 -53.83
N PRO I 290 17.97 40.04 -53.05
CA PRO I 290 18.38 40.57 -51.75
C PRO I 290 18.78 39.59 -50.65
N ILE I 291 18.37 38.33 -50.75
CA ILE I 291 18.70 37.38 -49.70
C ILE I 291 19.33 36.07 -50.18
N SER I 292 19.84 36.07 -51.40
CA SER I 292 20.45 34.87 -51.96
C SER I 292 21.82 35.20 -52.53
N PHE I 293 22.70 34.20 -52.64
CA PHE I 293 24.03 34.44 -53.14
C PHE I 293 24.43 33.77 -54.47
N PHE I 294 23.45 33.50 -55.34
CA PHE I 294 23.77 32.91 -56.65
C PHE I 294 23.85 34.05 -57.65
N LYS I 295 24.45 33.76 -58.81
CA LYS I 295 24.62 34.79 -59.81
C LYS I 295 23.99 34.51 -61.18
N LEU I 296 22.72 34.11 -61.20
CA LEU I 296 22.06 33.86 -62.48
C LEU I 296 21.60 35.18 -63.12
N THR I 297 21.71 35.25 -64.45
CA THR I 297 21.30 36.43 -65.22
C THR I 297 19.87 36.17 -65.73
N SER I 298 19.14 37.20 -66.11
CA SER I 298 17.77 37.00 -66.60
C SER I 298 17.68 36.06 -67.80
N PRO I 299 18.63 36.13 -68.75
CA PRO I 299 18.57 35.23 -69.90
C PRO I 299 18.76 33.76 -69.53
N ASP I 300 19.50 33.52 -68.45
CA ASP I 300 19.75 32.15 -68.00
C ASP I 300 18.45 31.40 -67.70
N TYR I 301 17.42 32.13 -67.29
CA TYR I 301 16.12 31.53 -66.99
C TYR I 301 15.47 30.99 -68.25
N ILE I 302 15.84 31.54 -69.40
CA ILE I 302 15.26 31.04 -70.65
C ILE I 302 15.90 29.70 -70.96
N THR I 303 17.22 29.64 -70.76
CA THR I 303 17.98 28.42 -70.99
C THR I 303 17.50 27.33 -70.02
N MET I 304 17.31 27.73 -68.76
CA MET I 304 16.86 26.79 -67.75
C MET I 304 15.52 26.18 -68.11
N GLY I 305 14.55 27.02 -68.47
CA GLY I 305 13.22 26.53 -68.81
C GLY I 305 13.26 25.55 -69.97
N ARG I 306 14.06 25.87 -70.99
CA ARG I 306 14.21 25.04 -72.18
C ARG I 306 14.85 23.71 -71.86
N THR I 307 15.87 23.73 -71.00
CA THR I 307 16.57 22.51 -70.63
C THR I 307 15.67 21.56 -69.89
N ILE I 308 14.79 22.11 -69.06
CA ILE I 308 13.88 21.28 -68.29
C ILE I 308 12.77 20.71 -69.18
N ALA I 309 12.22 21.53 -70.07
CA ALA I 309 11.17 21.03 -70.94
C ALA I 309 11.76 19.96 -71.87
N ALA I 310 13.05 20.03 -72.12
CA ALA I 310 13.71 19.06 -72.99
C ALA I 310 13.65 17.66 -72.38
N SER I 311 13.16 17.56 -71.15
CA SER I 311 13.03 16.28 -70.47
C SER I 311 12.06 15.42 -71.28
N GLY I 312 11.08 16.05 -71.89
CA GLY I 312 10.13 15.32 -72.70
C GLY I 312 8.87 14.85 -71.98
N VAL I 313 8.70 15.29 -70.74
CA VAL I 313 7.51 14.90 -69.99
C VAL I 313 6.78 16.18 -69.55
N PRO I 314 5.47 16.07 -69.27
CA PRO I 314 4.66 17.20 -68.84
C PRO I 314 5.29 17.95 -67.67
N LEU I 315 5.16 19.27 -67.66
CA LEU I 315 5.72 20.08 -66.58
C LEU I 315 4.71 21.01 -65.94
N LEU I 316 4.68 20.99 -64.61
CA LEU I 316 3.81 21.87 -63.84
C LEU I 316 4.77 22.80 -63.11
N VAL I 317 4.73 24.08 -63.45
CA VAL I 317 5.60 25.05 -62.79
C VAL I 317 4.84 25.68 -61.63
N VAL I 318 5.44 25.62 -60.44
CA VAL I 318 4.85 26.16 -59.21
C VAL I 318 5.73 27.26 -58.63
N MET I 319 5.17 28.45 -58.47
CA MET I 319 5.93 29.58 -57.95
C MET I 319 6.37 29.39 -56.51
N GLU I 320 7.60 29.86 -56.22
CA GLU I 320 8.21 29.78 -54.89
C GLU I 320 8.88 31.14 -54.57
N GLY I 321 10.20 31.14 -54.40
CA GLY I 321 10.93 32.37 -54.08
C GLY I 321 11.23 33.36 -55.20
N GLY I 322 11.99 34.40 -54.86
CA GLY I 322 12.34 35.47 -55.79
C GLY I 322 11.88 36.75 -55.10
N TYR I 323 12.80 37.61 -54.70
CA TYR I 323 12.43 38.83 -53.97
C TYR I 323 13.10 40.12 -54.40
N GLY I 324 12.72 41.21 -53.72
CA GLY I 324 13.29 42.53 -53.95
C GLY I 324 13.08 43.31 -55.22
N VAL I 325 13.81 42.94 -56.25
CA VAL I 325 13.76 43.59 -57.54
C VAL I 325 12.52 43.22 -58.32
N PRO I 326 12.01 44.14 -59.15
CA PRO I 326 10.81 43.84 -59.94
C PRO I 326 11.12 42.87 -61.06
N GLU I 327 12.42 42.64 -61.32
CA GLU I 327 12.82 41.72 -62.37
C GLU I 327 12.36 40.29 -62.06
N ILE I 328 11.84 40.05 -60.86
CA ILE I 328 11.38 38.72 -60.52
C ILE I 328 10.35 38.22 -61.53
N GLY I 329 9.52 39.13 -62.01
CA GLY I 329 8.49 38.77 -62.98
C GLY I 329 9.08 38.42 -64.33
N LEU I 330 10.10 39.17 -64.72
CA LEU I 330 10.79 38.95 -65.99
C LEU I 330 11.46 37.57 -65.97
N ASN I 331 12.15 37.30 -64.87
CA ASN I 331 12.84 36.02 -64.75
C ASN I 331 11.86 34.86 -64.77
N VAL I 332 10.75 34.99 -64.06
CA VAL I 332 9.76 33.92 -64.07
C VAL I 332 9.22 33.74 -65.48
N ALA I 333 8.90 34.85 -66.14
CA ALA I 333 8.36 34.80 -67.50
C ALA I 333 9.35 34.19 -68.48
N ASN I 334 10.65 34.42 -68.26
CA ASN I 334 11.67 33.85 -69.15
C ASN I 334 11.71 32.32 -69.06
N VAL I 335 11.36 31.78 -67.90
CA VAL I 335 11.36 30.32 -67.73
C VAL I 335 10.17 29.73 -68.48
N LEU I 336 9.01 30.38 -68.38
CA LEU I 336 7.82 29.92 -69.05
C LEU I 336 8.03 30.02 -70.56
N LYS I 337 8.83 31.01 -70.95
CA LYS I 337 9.18 31.26 -72.34
C LYS I 337 10.11 30.14 -72.85
N GLY I 338 11.02 29.70 -71.99
CA GLY I 338 11.94 28.65 -72.37
C GLY I 338 11.22 27.33 -72.44
N VAL I 339 10.29 27.14 -71.51
CA VAL I 339 9.51 25.92 -71.46
C VAL I 339 8.56 25.85 -72.66
N ALA I 340 7.88 26.95 -72.96
CA ALA I 340 6.93 26.99 -74.07
C ALA I 340 7.62 26.73 -75.42
N GLY I 341 8.84 27.20 -75.56
CA GLY I 341 9.55 27.02 -76.80
C GLY I 341 8.99 27.92 -77.89
N MET J 1 63.92 21.82 -38.20
CA MET J 1 62.75 22.18 -37.35
C MET J 1 63.11 22.06 -35.88
N ARG J 2 62.25 22.60 -35.02
CA ARG J 2 62.47 22.54 -33.59
C ARG J 2 61.93 21.22 -33.01
N VAL J 3 62.53 20.80 -31.90
CA VAL J 3 62.14 19.55 -31.25
C VAL J 3 61.67 19.82 -29.82
N ILE J 4 60.40 19.57 -29.54
CA ILE J 4 59.87 19.77 -28.19
C ILE J 4 60.03 18.46 -27.44
N PHE J 5 60.70 18.50 -26.30
CA PHE J 5 60.93 17.27 -25.53
C PHE J 5 60.94 17.53 -24.03
N SER J 6 60.31 16.64 -23.28
CA SER J 6 60.27 16.76 -21.83
C SER J 6 60.97 15.60 -21.15
N GLU J 7 61.84 15.92 -20.19
CA GLU J 7 62.56 14.87 -19.47
C GLU J 7 61.60 14.10 -18.56
N ASP J 8 60.42 14.65 -18.29
CA ASP J 8 59.44 14.00 -17.42
C ASP J 8 58.76 12.76 -18.00
N HIS J 9 59.07 12.43 -19.24
CA HIS J 9 58.50 11.27 -19.88
C HIS J 9 58.94 10.04 -19.07
N LYS J 10 60.11 10.14 -18.44
CA LYS J 10 60.63 9.02 -17.64
C LYS J 10 59.80 8.72 -16.41
N LEU J 11 58.92 9.66 -16.03
CA LEU J 11 58.04 9.44 -14.88
C LEU J 11 57.18 8.22 -15.19
N ARG J 12 56.97 7.99 -16.49
CA ARG J 12 56.21 6.85 -16.97
C ARG J 12 57.18 5.70 -17.17
N ASN J 13 57.26 4.79 -16.20
CA ASN J 13 58.17 3.66 -16.31
C ASN J 13 57.55 2.38 -15.74
N ALA J 14 56.51 1.88 -16.42
CA ALA J 14 55.82 0.66 -16.01
C ALA J 14 56.80 -0.50 -16.03
N LYS J 15 56.67 -1.43 -15.10
CA LYS J 15 57.58 -2.57 -15.08
C LYS J 15 56.95 -3.82 -15.66
N THR J 16 55.65 -3.77 -15.97
CA THR J 16 54.97 -4.93 -16.52
C THR J 16 54.04 -4.62 -17.69
N GLU J 17 53.82 -5.62 -18.54
CA GLU J 17 52.95 -5.51 -19.70
C GLU J 17 52.41 -6.91 -20.01
N LEU J 18 51.09 -7.07 -19.99
CA LEU J 18 50.50 -8.37 -20.26
C LEU J 18 50.69 -8.71 -21.75
N TYR J 19 51.67 -9.56 -22.03
CA TYR J 19 51.98 -9.97 -23.40
C TYR J 19 52.20 -11.47 -23.49
N GLY J 20 51.51 -12.12 -24.43
CA GLY J 20 51.65 -13.54 -24.61
C GLY J 20 51.28 -14.36 -23.38
N GLY J 21 50.41 -13.84 -22.54
CA GLY J 21 50.01 -14.57 -21.35
C GLY J 21 50.95 -14.41 -20.18
N GLU J 22 51.90 -13.49 -20.29
CA GLU J 22 52.84 -13.25 -19.21
C GLU J 22 52.97 -11.75 -18.97
N LEU J 23 53.64 -11.41 -17.89
CA LEU J 23 53.87 -10.02 -17.56
C LEU J 23 55.35 -9.77 -17.75
N VAL J 24 55.70 -9.29 -18.94
CA VAL J 24 57.08 -9.02 -19.31
C VAL J 24 57.35 -7.52 -19.25
N PRO J 25 58.61 -7.12 -19.47
CA PRO J 25 58.94 -5.69 -19.44
C PRO J 25 58.26 -5.00 -20.62
N PRO J 26 57.67 -3.82 -20.40
CA PRO J 26 56.98 -3.06 -21.44
C PRO J 26 57.82 -2.75 -22.67
N PHE J 27 57.24 -2.97 -23.84
CA PHE J 27 57.91 -2.69 -25.11
C PHE J 27 58.14 -1.18 -25.21
N GLU J 28 57.21 -0.41 -24.66
CA GLU J 28 57.33 1.04 -24.68
C GLU J 28 58.04 1.49 -23.42
N ALA J 29 59.37 1.51 -23.47
CA ALA J 29 60.17 1.91 -22.31
C ALA J 29 60.90 3.24 -22.54
N PRO J 30 61.37 3.87 -21.45
CA PRO J 30 62.07 5.15 -21.54
C PRO J 30 63.24 5.23 -22.51
N PHE J 31 63.91 4.10 -22.78
CA PHE J 31 65.05 4.13 -23.70
C PHE J 31 64.66 4.60 -25.10
N ARG J 32 63.41 4.37 -25.47
CA ARG J 32 62.92 4.79 -26.79
C ARG J 32 63.14 6.27 -27.04
N ALA J 33 62.75 7.09 -26.07
CA ALA J 33 62.87 8.54 -26.15
C ALA J 33 64.34 8.92 -26.22
N GLU J 34 65.14 8.19 -25.45
CA GLU J 34 66.59 8.39 -25.39
C GLU J 34 67.24 8.13 -26.74
N TRP J 35 66.86 7.02 -27.37
CA TRP J 35 67.41 6.66 -28.67
C TRP J 35 66.94 7.59 -29.77
N ILE J 36 65.65 7.93 -29.75
CA ILE J 36 65.07 8.82 -30.74
C ILE J 36 65.67 10.22 -30.67
N LEU J 37 65.86 10.72 -29.45
CA LEU J 37 66.42 12.05 -29.29
C LEU J 37 67.88 12.08 -29.76
N ALA J 38 68.62 11.03 -29.43
CA ALA J 38 70.02 10.96 -29.83
C ALA J 38 70.15 10.99 -31.35
N ALA J 39 69.33 10.18 -32.03
CA ALA J 39 69.37 10.11 -33.49
C ALA J 39 69.01 11.43 -34.18
N VAL J 40 68.00 12.11 -33.68
CA VAL J 40 67.58 13.36 -34.29
C VAL J 40 68.54 14.52 -34.04
N LYS J 41 69.19 14.52 -32.87
CA LYS J 41 70.14 15.58 -32.55
C LYS J 41 71.38 15.44 -33.42
N GLU J 42 71.77 14.20 -33.67
CA GLU J 42 72.93 13.91 -34.50
C GLU J 42 72.63 14.19 -35.96
N ALA J 43 71.36 14.07 -36.34
CA ALA J 43 70.97 14.31 -37.72
C ALA J 43 70.89 15.81 -38.01
N GLY J 44 71.19 16.62 -37.01
CA GLY J 44 71.15 18.06 -37.21
C GLY J 44 70.06 18.77 -36.42
N PHE J 45 69.02 18.03 -36.07
CA PHE J 45 67.91 18.61 -35.32
C PHE J 45 68.29 18.65 -33.85
N ASP J 46 69.16 19.59 -33.49
CA ASP J 46 69.64 19.71 -32.13
C ASP J 46 68.97 20.83 -31.32
N ASP J 47 68.07 21.59 -31.94
CA ASP J 47 67.39 22.66 -31.23
C ASP J 47 66.26 22.12 -30.35
N VAL J 48 66.61 21.24 -29.42
CA VAL J 48 65.64 20.64 -28.54
C VAL J 48 65.27 21.59 -27.40
N VAL J 49 63.97 21.85 -27.25
CA VAL J 49 63.49 22.74 -26.20
C VAL J 49 62.50 22.00 -25.30
N ALA J 50 62.45 22.39 -24.04
CA ALA J 50 61.54 21.75 -23.09
C ALA J 50 60.15 22.35 -23.24
N PRO J 51 59.10 21.56 -22.94
CA PRO J 51 57.70 21.99 -23.03
C PRO J 51 57.35 22.98 -21.94
N ALA J 52 56.41 23.87 -22.23
CA ALA J 52 55.97 24.86 -21.25
C ALA J 52 54.88 24.22 -20.41
N ARG J 53 54.51 24.87 -19.32
CA ARG J 53 53.47 24.39 -18.43
C ARG J 53 52.11 24.74 -19.03
N HIS J 54 51.27 23.72 -19.26
CA HIS J 54 49.94 23.93 -19.84
C HIS J 54 48.83 23.31 -19.02
N GLY J 55 47.69 24.01 -18.95
CA GLY J 55 46.53 23.53 -18.21
C GLY J 55 45.75 22.44 -18.94
N LEU J 56 44.54 22.16 -18.47
CA LEU J 56 43.70 21.11 -19.07
C LEU J 56 42.62 21.60 -20.03
N GLU J 57 42.57 22.90 -20.30
CA GLU J 57 41.56 23.46 -21.21
C GLU J 57 41.53 22.77 -22.58
N THR J 58 42.69 22.52 -23.19
CA THR J 58 42.73 21.89 -24.50
C THR J 58 42.32 20.42 -24.47
N VAL J 59 42.92 19.66 -23.56
CA VAL J 59 42.66 18.23 -23.42
C VAL J 59 41.20 17.94 -23.06
N LEU J 60 40.56 18.88 -22.37
CA LEU J 60 39.15 18.70 -21.99
C LEU J 60 38.21 18.89 -23.17
N LYS J 61 38.75 19.29 -24.31
CA LYS J 61 37.92 19.47 -25.49
C LYS J 61 37.98 18.23 -26.38
N VAL J 62 38.87 17.31 -26.04
CA VAL J 62 38.99 16.06 -26.80
C VAL J 62 38.69 14.83 -25.94
N HIS J 63 39.13 14.84 -24.69
CA HIS J 63 38.88 13.71 -23.80
C HIS J 63 37.73 13.95 -22.84
N ASP J 64 37.16 12.86 -22.34
CA ASP J 64 36.07 12.93 -21.39
C ASP J 64 36.61 13.38 -20.03
N ALA J 65 35.85 14.22 -19.33
CA ALA J 65 36.24 14.74 -18.02
C ALA J 65 36.36 13.63 -16.99
N GLY J 66 35.40 12.71 -17.01
CA GLY J 66 35.42 11.60 -16.07
C GLY J 66 36.64 10.71 -16.27
N TYR J 67 36.99 10.49 -17.54
CA TYR J 67 38.15 9.67 -17.88
C TYR J 67 39.41 10.33 -17.32
N LEU J 68 39.55 11.63 -17.54
CA LEU J 68 40.73 12.34 -17.04
C LEU J 68 40.81 12.31 -15.52
N ASN J 69 39.71 12.62 -14.86
CA ASN J 69 39.70 12.59 -13.39
C ASN J 69 40.17 11.21 -12.93
N PHE J 70 39.73 10.17 -13.63
CA PHE J 70 40.10 8.79 -13.29
C PHE J 70 41.62 8.54 -13.39
N LEU J 71 42.23 9.04 -14.46
CA LEU J 71 43.66 8.83 -14.67
C LEU J 71 44.51 9.47 -13.58
N GLU J 72 44.11 10.67 -13.15
CA GLU J 72 44.85 11.39 -12.16
C GLU J 72 44.98 10.65 -10.82
N THR J 73 43.97 9.86 -10.46
CA THR J 73 43.99 9.17 -9.18
C THR J 73 44.04 7.65 -9.27
N ALA J 74 43.95 7.14 -10.49
CA ALA J 74 43.97 5.71 -10.74
C ALA J 74 44.98 4.97 -9.87
N TRP J 75 46.26 5.30 -10.01
CA TRP J 75 47.28 4.60 -9.25
C TRP J 75 47.12 4.70 -7.73
N ASP J 76 46.80 5.88 -7.21
CA ASP J 76 46.62 6.02 -5.77
C ASP J 76 45.57 5.08 -5.23
N ARG J 77 44.41 5.05 -5.90
CA ARG J 77 43.29 4.21 -5.50
C ARG J 77 43.65 2.73 -5.62
N TRP J 78 44.38 2.39 -6.67
CA TRP J 78 44.77 1.01 -6.89
C TRP J 78 45.65 0.49 -5.77
N LYS J 79 46.68 1.26 -5.44
CA LYS J 79 47.60 0.90 -4.38
C LYS J 79 46.85 0.90 -3.05
N ALA J 80 46.00 1.92 -2.86
CA ALA J 80 45.23 2.04 -1.64
C ALA J 80 44.23 0.90 -1.49
N ALA J 81 43.91 0.23 -2.58
CA ALA J 81 42.96 -0.88 -2.52
C ALA J 81 43.67 -2.14 -2.00
N GLY J 82 45.00 -2.08 -1.94
CA GLY J 82 45.77 -3.21 -1.44
C GLY J 82 46.33 -4.16 -2.48
N TYR J 83 46.39 -3.71 -3.73
CA TYR J 83 46.91 -4.56 -4.79
C TYR J 83 48.42 -4.50 -4.86
N LYS J 84 49.04 -5.65 -5.09
CA LYS J 84 50.48 -5.75 -5.14
C LYS J 84 51.08 -5.33 -6.49
N GLY J 85 50.41 -5.71 -7.58
CA GLY J 85 50.92 -5.36 -8.90
C GLY J 85 50.52 -3.97 -9.36
N GLU J 86 50.80 -3.66 -10.62
CA GLU J 86 50.45 -2.36 -11.18
C GLU J 86 48.97 -2.42 -11.59
N ALA J 87 48.35 -1.27 -11.84
CA ALA J 87 46.94 -1.23 -12.21
C ALA J 87 46.62 -1.79 -13.59
N ILE J 88 45.97 -2.94 -13.62
CA ILE J 88 45.60 -3.60 -14.87
C ILE J 88 44.13 -4.03 -14.83
N ALA J 89 43.37 -3.61 -15.85
CA ALA J 89 41.95 -3.94 -15.95
C ALA J 89 41.72 -5.44 -16.20
N THR J 90 40.65 -5.99 -15.63
CA THR J 90 40.35 -7.41 -15.81
C THR J 90 39.00 -7.65 -16.51
N SER J 91 37.98 -6.88 -16.14
CA SER J 91 36.67 -7.03 -16.78
C SER J 91 36.44 -5.81 -17.66
N PHE J 92 35.74 -6.02 -18.77
CA PHE J 92 35.49 -4.92 -19.69
C PHE J 92 34.06 -4.88 -20.16
N PRO J 93 33.55 -3.68 -20.47
CA PRO J 93 32.17 -3.53 -20.94
C PRO J 93 32.08 -3.94 -22.42
N VAL J 94 32.00 -5.24 -22.66
CA VAL J 94 31.92 -5.77 -24.01
C VAL J 94 30.50 -5.80 -24.56
N ARG J 95 30.25 -6.68 -25.52
CA ARG J 95 28.93 -6.78 -26.13
C ARG J 95 27.76 -6.92 -25.16
N ARG J 96 26.69 -6.20 -25.50
CA ARG J 96 25.46 -6.22 -24.74
C ARG J 96 25.62 -5.98 -23.23
N THR J 97 26.50 -5.05 -22.85
CA THR J 97 26.67 -4.76 -21.43
C THR J 97 26.04 -3.41 -21.07
N SER J 98 25.87 -3.21 -19.77
CA SER J 98 25.32 -1.98 -19.23
C SER J 98 26.26 -0.81 -19.57
N PRO J 99 25.70 0.40 -19.78
CA PRO J 99 26.47 1.60 -20.10
C PRO J 99 26.96 2.30 -18.82
N ARG J 100 26.45 1.85 -17.68
CA ARG J 100 26.80 2.43 -16.40
C ARG J 100 28.27 2.30 -16.01
N ILE J 101 28.73 3.28 -15.25
CA ILE J 101 30.10 3.35 -14.78
C ILE J 101 30.18 2.88 -13.32
N PRO J 102 31.04 1.89 -13.03
CA PRO J 102 31.19 1.39 -11.66
C PRO J 102 31.75 2.50 -10.78
N THR J 103 31.78 2.27 -9.48
CA THR J 103 32.29 3.27 -8.57
C THR J 103 33.61 2.87 -7.92
N ASP J 104 33.87 1.56 -7.81
CA ASP J 104 35.13 1.11 -7.20
C ASP J 104 36.25 1.11 -8.23
N ILE J 105 37.48 1.23 -7.77
CA ILE J 105 38.64 1.28 -8.64
C ILE J 105 38.76 0.10 -9.61
N GLU J 106 38.46 -1.11 -9.13
CA GLU J 106 38.55 -2.30 -9.97
C GLU J 106 37.62 -2.23 -11.17
N GLY J 107 36.44 -1.64 -10.98
CA GLY J 107 35.47 -1.55 -12.06
C GLY J 107 35.74 -0.38 -12.99
N GLN J 108 36.11 0.75 -12.42
CA GLN J 108 36.38 1.92 -13.24
C GLN J 108 37.55 1.70 -14.17
N ILE J 109 38.58 1.01 -13.71
CA ILE J 109 39.73 0.79 -14.56
C ILE J 109 39.34 -0.02 -15.80
N GLY J 110 38.41 -0.96 -15.64
CA GLY J 110 37.96 -1.73 -16.78
C GLY J 110 37.09 -0.86 -17.66
N TYR J 111 36.22 -0.07 -17.04
CA TYR J 111 35.33 0.83 -17.79
C TYR J 111 36.10 1.80 -18.69
N TYR J 112 37.22 2.30 -18.18
CA TYR J 112 38.04 3.27 -18.90
C TYR J 112 39.22 2.70 -19.73
N CYS J 113 39.23 1.39 -19.91
CA CYS J 113 40.30 0.72 -20.61
C CYS J 113 39.84 -0.11 -21.81
N ASN J 114 40.61 -0.08 -22.91
CA ASN J 114 40.24 -0.87 -24.08
C ASN J 114 41.23 -2.00 -24.35
N ALA J 115 42.34 -2.03 -23.60
CA ALA J 115 43.34 -3.08 -23.78
C ALA J 115 44.08 -3.36 -22.47
N ALA J 116 44.01 -4.60 -22.00
CA ALA J 116 44.64 -4.97 -20.73
C ALA J 116 46.16 -5.11 -20.79
N GLU J 117 46.75 -4.87 -21.96
CA GLU J 117 48.20 -4.98 -22.10
C GLU J 117 48.88 -3.69 -21.66
N THR J 118 48.09 -2.73 -21.20
CA THR J 118 48.62 -1.46 -20.73
C THR J 118 48.28 -1.30 -19.25
N ALA J 119 49.33 -1.22 -18.42
CA ALA J 119 49.14 -1.06 -16.98
C ALA J 119 49.44 0.36 -16.54
N ILE J 120 48.71 0.83 -15.55
CA ILE J 120 48.92 2.18 -15.00
C ILE J 120 49.87 2.07 -13.83
N SER J 121 50.88 2.92 -13.81
CA SER J 121 51.88 2.89 -12.76
C SER J 121 52.19 4.29 -12.24
N PRO J 122 52.96 4.37 -11.14
CA PRO J 122 53.32 5.65 -10.53
C PRO J 122 53.96 6.57 -11.55
N GLY J 123 53.50 7.82 -11.58
CA GLY J 123 54.07 8.78 -12.51
C GLY J 123 53.46 8.78 -13.90
N THR J 124 52.53 7.87 -14.17
CA THR J 124 51.90 7.82 -15.50
C THR J 124 51.14 9.11 -15.79
N TRP J 125 50.27 9.52 -14.88
CA TRP J 125 49.52 10.75 -15.09
C TRP J 125 50.49 11.91 -15.38
N GLU J 126 51.44 12.12 -14.48
CA GLU J 126 52.43 13.19 -14.66
C GLU J 126 53.17 13.10 -15.99
N ALA J 127 53.55 11.88 -16.36
CA ALA J 127 54.27 11.68 -17.62
C ALA J 127 53.38 11.99 -18.82
N ALA J 128 52.11 11.60 -18.74
CA ALA J 128 51.19 11.86 -19.83
C ALA J 128 51.00 13.35 -20.00
N LEU J 129 50.88 14.07 -18.89
CA LEU J 129 50.71 15.52 -18.94
C LEU J 129 51.91 16.20 -19.60
N SER J 130 53.11 15.64 -19.39
CA SER J 130 54.29 16.26 -19.99
C SER J 130 54.31 15.99 -21.49
N SER J 131 53.90 14.80 -21.88
CA SER J 131 53.85 14.44 -23.28
C SER J 131 52.82 15.35 -23.99
N MET J 132 51.67 15.56 -23.34
CA MET J 132 50.59 16.42 -23.86
C MET J 132 51.11 17.85 -24.04
N ALA J 133 51.92 18.29 -23.08
CA ALA J 133 52.51 19.62 -23.11
C ALA J 133 53.38 19.80 -24.36
N SER J 134 54.14 18.76 -24.70
CA SER J 134 55.01 18.81 -25.88
C SER J 134 54.21 18.98 -27.17
N ALA J 135 53.04 18.33 -27.23
CA ALA J 135 52.19 18.40 -28.42
C ALA J 135 51.62 19.80 -28.58
N ILE J 136 51.25 20.43 -27.48
CA ILE J 136 50.69 21.77 -27.52
C ILE J 136 51.73 22.79 -28.01
N ASP J 137 52.93 22.76 -27.42
CA ASP J 137 53.99 23.68 -27.81
C ASP J 137 54.35 23.48 -29.27
N GLY J 138 54.31 22.23 -29.72
CA GLY J 138 54.62 21.94 -31.10
C GLY J 138 53.55 22.55 -31.99
N ALA J 139 52.31 22.56 -31.51
CA ALA J 139 51.20 23.13 -32.27
C ALA J 139 51.29 24.64 -32.32
N ASP J 140 51.75 25.23 -31.22
CA ASP J 140 51.90 26.67 -31.09
C ASP J 140 52.93 27.21 -32.06
N LEU J 141 53.96 26.41 -32.35
CA LEU J 141 54.98 26.82 -33.29
C LEU J 141 54.36 26.88 -34.68
N ILE J 142 53.55 25.86 -34.99
CA ILE J 142 52.86 25.78 -36.27
C ILE J 142 51.93 26.98 -36.39
N ALA J 143 51.20 27.27 -35.31
CA ALA J 143 50.27 28.39 -35.29
C ALA J 143 51.04 29.70 -35.29
N ALA J 144 52.34 29.61 -35.03
CA ALA J 144 53.20 30.79 -34.99
C ALA J 144 53.87 31.00 -36.35
N GLY J 145 53.70 30.05 -37.27
CA GLY J 145 54.30 30.21 -38.57
C GLY J 145 55.32 29.14 -38.96
N HIS J 146 55.82 28.38 -37.99
CA HIS J 146 56.81 27.34 -38.30
C HIS J 146 56.24 26.36 -39.30
N LYS J 147 57.01 26.07 -40.34
CA LYS J 147 56.60 25.16 -41.40
C LYS J 147 56.61 23.70 -40.93
N ALA J 148 57.25 23.45 -39.80
CA ALA J 148 57.33 22.10 -39.25
C ALA J 148 57.90 22.12 -37.84
N ALA J 149 57.71 21.04 -37.11
CA ALA J 149 58.20 20.91 -35.74
C ALA J 149 58.02 19.46 -35.33
N PHE J 150 58.87 18.99 -34.41
CA PHE J 150 58.78 17.62 -33.94
C PHE J 150 58.52 17.57 -32.44
N SER J 151 57.38 16.99 -32.07
CA SER J 151 57.02 16.85 -30.66
C SER J 151 57.37 15.44 -30.24
N LEU J 152 58.51 15.29 -29.57
CA LEU J 152 58.96 13.97 -29.14
C LEU J 152 58.07 13.57 -27.96
N CYS J 153 56.93 12.97 -28.27
CA CYS J 153 55.98 12.53 -27.25
C CYS J 153 56.26 11.15 -26.70
N ARG J 154 55.98 10.99 -25.42
CA ARG J 154 56.13 9.73 -24.70
C ARG J 154 55.66 9.96 -23.28
N PRO J 155 54.69 9.16 -22.83
CA PRO J 155 54.06 8.07 -23.58
C PRO J 155 53.29 8.56 -24.80
N PRO J 156 53.07 7.66 -25.77
CA PRO J 156 52.35 7.98 -27.01
C PRO J 156 50.85 8.13 -26.68
N GLY J 157 50.02 8.35 -27.69
CA GLY J 157 48.61 8.50 -27.38
C GLY J 157 47.56 8.26 -28.44
N HIS J 158 47.94 7.82 -29.63
CA HIS J 158 46.93 7.62 -30.65
C HIS J 158 45.95 6.48 -30.33
N ALA J 159 46.27 5.65 -29.34
CA ALA J 159 45.36 4.56 -28.99
C ALA J 159 44.42 4.97 -27.85
N ALA J 160 44.57 6.20 -27.37
CA ALA J 160 43.73 6.70 -26.28
C ALA J 160 42.46 7.36 -26.83
N GLY J 161 41.31 6.76 -26.57
CA GLY J 161 40.05 7.28 -27.07
C GLY J 161 39.42 8.36 -26.20
N ILE J 162 38.19 8.74 -26.53
CA ILE J 162 37.53 9.79 -25.76
C ILE J 162 37.53 9.50 -24.26
N ASP J 163 37.16 8.28 -23.86
CA ASP J 163 37.13 7.93 -22.44
C ASP J 163 37.73 6.58 -22.13
N MET J 164 38.83 6.26 -22.81
CA MET J 164 39.53 5.00 -22.59
C MET J 164 41.01 5.06 -22.92
N PHE J 165 41.80 4.40 -22.09
CA PHE J 165 43.23 4.34 -22.28
C PHE J 165 43.55 2.92 -22.72
N GLY J 166 44.71 2.75 -23.35
CA GLY J 166 45.12 1.44 -23.80
C GLY J 166 46.18 1.57 -24.89
N GLY J 167 46.82 0.45 -25.22
CA GLY J 167 47.83 0.46 -26.26
C GLY J 167 48.98 1.41 -25.97
N TYR J 168 49.43 1.42 -24.71
CA TYR J 168 50.53 2.27 -24.26
C TYR J 168 50.19 3.74 -24.27
N CYS J 169 48.90 4.05 -24.38
CA CYS J 169 48.44 5.44 -24.44
C CYS J 169 47.46 5.86 -23.34
N PHE J 170 47.52 7.13 -22.95
CA PHE J 170 46.63 7.66 -21.92
C PHE J 170 45.96 8.96 -22.33
N ILE J 171 46.75 9.85 -22.92
CA ILE J 171 46.23 11.12 -23.40
C ILE J 171 46.64 11.22 -24.86
N ASN J 172 45.67 11.46 -25.73
CA ASN J 172 45.93 11.53 -27.16
C ASN J 172 46.60 12.84 -27.58
N ASN J 173 47.92 12.82 -27.50
CA ASN J 173 48.76 13.96 -27.84
C ASN J 173 48.43 14.54 -29.21
N ALA J 174 48.20 13.69 -30.21
CA ALA J 174 47.88 14.19 -31.55
C ALA J 174 46.53 14.91 -31.57
N ALA J 175 45.55 14.35 -30.85
CA ALA J 175 44.22 14.97 -30.79
C ALA J 175 44.30 16.32 -30.11
N VAL J 176 45.15 16.39 -29.08
CA VAL J 176 45.35 17.62 -28.33
C VAL J 176 46.05 18.68 -29.20
N ALA J 177 47.00 18.23 -30.03
CA ALA J 177 47.71 19.14 -30.91
C ALA J 177 46.75 19.71 -31.95
N ALA J 178 45.90 18.84 -32.51
CA ALA J 178 44.93 19.27 -33.51
C ALA J 178 43.96 20.28 -32.92
N GLN J 179 43.46 19.98 -31.72
CA GLN J 179 42.50 20.86 -31.09
C GLN J 179 43.18 22.19 -30.79
N ARG J 180 44.45 22.13 -30.39
CA ARG J 180 45.19 23.34 -30.09
C ARG J 180 45.25 24.24 -31.33
N LEU J 181 45.54 23.64 -32.48
CA LEU J 181 45.62 24.39 -33.73
C LEU J 181 44.28 25.06 -34.03
N LEU J 182 43.18 24.34 -33.80
CA LEU J 182 41.86 24.92 -34.04
C LEU J 182 41.60 26.08 -33.07
N ASP J 183 42.09 25.94 -31.82
CA ASP J 183 41.91 26.99 -30.84
C ASP J 183 42.73 28.22 -31.25
N LYS J 184 43.86 28.00 -31.92
CA LYS J 184 44.70 29.09 -32.35
C LYS J 184 44.18 29.81 -33.60
N GLY J 185 43.03 29.41 -34.11
CA GLY J 185 42.49 30.09 -35.26
C GLY J 185 42.20 29.25 -36.50
N ALA J 186 42.73 28.03 -36.53
CA ALA J 186 42.51 27.13 -37.66
C ALA J 186 41.05 26.71 -37.68
N LYS J 187 40.54 26.43 -38.88
CA LYS J 187 39.16 25.99 -39.05
C LYS J 187 39.11 24.52 -39.48
N LYS J 188 40.11 24.09 -40.23
CA LYS J 188 40.20 22.72 -40.70
C LYS J 188 41.59 22.12 -40.50
N ILE J 189 41.65 21.05 -39.71
CA ILE J 189 42.89 20.39 -39.40
C ILE J 189 42.79 18.91 -39.78
N ALA J 190 43.91 18.32 -40.15
CA ALA J 190 43.89 16.90 -40.50
C ALA J 190 45.00 16.21 -39.73
N ILE J 191 44.75 14.97 -39.37
CA ILE J 191 45.72 14.18 -38.64
C ILE J 191 46.03 12.97 -39.51
N LEU J 192 47.32 12.72 -39.77
CA LEU J 192 47.73 11.57 -40.58
C LEU J 192 48.50 10.62 -39.69
N ASP J 193 47.95 9.41 -39.53
CA ASP J 193 48.57 8.42 -38.67
C ASP J 193 49.34 7.37 -39.49
N VAL J 194 50.67 7.49 -39.53
CA VAL J 194 51.51 6.57 -40.29
C VAL J 194 52.04 5.39 -39.45
N ASP J 195 51.76 5.44 -38.16
CA ASP J 195 52.14 4.40 -37.20
C ASP J 195 51.56 3.06 -37.70
N PHE J 196 52.23 1.96 -37.39
CA PHE J 196 51.78 0.65 -37.83
C PHE J 196 50.37 0.26 -37.39
N HIS J 197 50.03 0.60 -36.15
CA HIS J 197 48.73 0.28 -35.58
C HIS J 197 47.72 1.39 -35.89
N HIS J 198 46.45 1.03 -36.00
CA HIS J 198 45.40 2.01 -36.28
C HIS J 198 45.36 3.03 -35.15
N GLY J 199 44.97 4.26 -35.48
CA GLY J 199 44.88 5.29 -34.46
C GLY J 199 43.43 5.26 -33.99
N ASN J 200 43.06 4.17 -33.33
CA ASN J 200 41.70 3.97 -32.85
C ASN J 200 41.21 5.05 -31.90
N GLY J 201 42.08 5.49 -30.99
CA GLY J 201 41.71 6.53 -30.06
C GLY J 201 41.46 7.83 -30.80
N THR J 202 42.34 8.16 -31.74
CA THR J 202 42.19 9.39 -32.51
C THR J 202 40.93 9.32 -33.35
N GLN J 203 40.68 8.17 -33.99
CA GLN J 203 39.48 8.04 -34.79
C GLN J 203 38.24 8.31 -33.94
N ASP J 204 38.18 7.65 -32.79
CA ASP J 204 37.07 7.79 -31.86
C ASP J 204 36.85 9.28 -31.52
N ILE J 205 37.90 9.98 -31.10
CA ILE J 205 37.77 11.38 -30.75
C ILE J 205 37.13 12.29 -31.81
N PHE J 206 37.51 12.14 -33.07
CA PHE J 206 36.94 12.99 -34.13
C PHE J 206 35.96 12.33 -35.09
N TYR J 207 35.50 11.12 -34.76
CA TYR J 207 34.57 10.40 -35.65
C TYR J 207 33.35 11.24 -36.03
N GLU J 208 32.84 12.03 -35.08
CA GLU J 208 31.68 12.86 -35.33
C GLU J 208 31.95 14.36 -35.37
N ARG J 209 33.12 14.75 -35.85
CA ARG J 209 33.46 16.17 -35.96
C ARG J 209 33.87 16.48 -37.38
N GLY J 210 33.23 17.49 -37.97
CA GLY J 210 33.55 17.84 -39.34
C GLY J 210 34.75 18.76 -39.46
N ASP J 211 35.27 19.23 -38.34
CA ASP J 211 36.41 20.15 -38.36
C ASP J 211 37.78 19.48 -38.29
N VAL J 212 37.79 18.16 -38.26
CA VAL J 212 39.03 17.39 -38.22
C VAL J 212 38.89 16.14 -39.07
N PHE J 213 39.84 15.96 -39.99
CA PHE J 213 39.85 14.80 -40.88
C PHE J 213 40.90 13.85 -40.30
N PHE J 214 40.61 12.56 -40.28
CA PHE J 214 41.56 11.58 -39.75
C PHE J 214 41.90 10.52 -40.78
N ALA J 215 43.18 10.35 -41.10
CA ALA J 215 43.58 9.34 -42.08
C ALA J 215 44.53 8.40 -41.34
N SER J 216 44.52 7.13 -41.68
CA SER J 216 45.42 6.20 -40.99
C SER J 216 45.79 5.01 -41.87
N LEU J 217 47.07 4.70 -41.94
CA LEU J 217 47.54 3.53 -42.70
C LEU J 217 47.98 2.59 -41.58
N HIS J 218 47.56 1.34 -41.65
CA HIS J 218 47.91 0.41 -40.58
C HIS J 218 47.71 -1.03 -41.03
N GLY J 219 48.21 -1.96 -40.23
CA GLY J 219 48.05 -3.36 -40.56
C GLY J 219 46.60 -3.74 -40.35
N ASP J 220 46.03 -4.51 -41.27
CA ASP J 220 44.64 -4.93 -41.17
C ASP J 220 44.27 -5.38 -39.76
N PRO J 221 43.28 -4.70 -39.15
CA PRO J 221 42.83 -5.03 -37.80
C PRO J 221 42.34 -6.46 -37.62
N ALA J 222 42.00 -7.12 -38.73
CA ALA J 222 41.52 -8.50 -38.66
C ALA J 222 42.61 -9.40 -38.09
N GLU J 223 43.86 -8.93 -38.14
CA GLU J 223 44.96 -9.72 -37.60
C GLU J 223 46.04 -8.86 -36.97
N ALA J 224 45.64 -7.68 -36.50
CA ALA J 224 46.56 -6.74 -35.86
C ALA J 224 45.86 -5.84 -34.84
N PHE J 225 46.54 -5.59 -33.72
CA PHE J 225 46.04 -4.73 -32.66
C PHE J 225 45.72 -3.38 -33.30
N PRO J 226 44.67 -2.66 -32.83
CA PRO J 226 43.75 -2.93 -31.71
C PRO J 226 42.67 -3.97 -32.01
N HIS J 227 42.69 -4.51 -33.23
CA HIS J 227 41.74 -5.57 -33.63
C HIS J 227 40.27 -5.18 -33.79
N PHE J 228 39.82 -4.12 -33.14
CA PHE J 228 38.40 -3.79 -33.24
C PHE J 228 38.02 -2.45 -33.86
N LEU J 229 38.91 -1.91 -34.68
CA LEU J 229 38.65 -0.65 -35.37
C LEU J 229 39.72 -0.54 -36.45
N GLY J 230 39.48 0.28 -37.46
CA GLY J 230 40.47 0.44 -38.51
C GLY J 230 40.07 -0.11 -39.87
N TYR J 231 38.84 -0.61 -39.98
CA TYR J 231 38.35 -1.15 -41.23
C TYR J 231 37.99 -0.02 -42.18
N ALA J 232 38.23 -0.24 -43.47
CA ALA J 232 37.96 0.75 -44.49
C ALA J 232 36.54 1.30 -44.51
N GLU J 233 35.56 0.49 -44.11
CA GLU J 233 34.17 0.92 -44.11
C GLU J 233 33.87 2.05 -43.13
N GLU J 234 34.79 2.32 -42.21
CA GLU J 234 34.61 3.35 -41.20
C GLU J 234 34.97 4.73 -41.74
N THR J 235 33.95 5.48 -42.18
CA THR J 235 34.22 6.79 -42.75
C THR J 235 33.73 7.97 -41.93
N GLY J 236 33.00 7.71 -40.85
CA GLY J 236 32.53 8.81 -40.05
C GLY J 236 31.10 8.62 -39.61
N LYS J 237 30.57 9.62 -38.92
CA LYS J 237 29.22 9.54 -38.41
C LYS J 237 28.63 10.91 -38.02
N GLY J 238 27.36 11.10 -38.33
CA GLY J 238 26.68 12.34 -38.00
C GLY J 238 27.33 13.58 -38.56
N ALA J 239 27.63 14.53 -37.68
CA ALA J 239 28.25 15.80 -38.04
C ALA J 239 29.63 15.61 -38.64
N GLY J 240 30.25 14.47 -38.34
CA GLY J 240 31.57 14.20 -38.85
C GLY J 240 31.58 13.18 -39.97
N ALA J 241 30.42 12.93 -40.58
CA ALA J 241 30.38 11.96 -41.66
C ALA J 241 31.36 12.33 -42.75
N GLY J 242 32.04 11.31 -43.27
CA GLY J 242 33.01 11.51 -44.33
C GLY J 242 34.35 12.07 -43.88
N THR J 243 34.61 12.18 -42.58
CA THR J 243 35.89 12.73 -42.16
C THR J 243 36.93 11.72 -41.66
N THR J 244 36.71 10.43 -41.91
CA THR J 244 37.68 9.41 -41.52
C THR J 244 38.05 8.58 -42.74
N ALA J 245 39.32 8.20 -42.86
CA ALA J 245 39.77 7.39 -43.98
C ALA J 245 40.82 6.40 -43.50
N ASN J 246 40.48 5.12 -43.50
CA ASN J 246 41.39 4.08 -43.06
C ASN J 246 41.94 3.27 -44.22
N TYR J 247 43.18 2.81 -44.08
CA TYR J 247 43.80 2.01 -45.11
C TYR J 247 44.49 0.80 -44.50
N PRO J 248 43.71 -0.20 -44.10
CA PRO J 248 44.30 -1.41 -43.51
C PRO J 248 45.06 -2.17 -44.61
N MET J 249 46.20 -2.77 -44.25
CA MET J 249 47.02 -3.52 -45.21
C MET J 249 47.58 -4.82 -44.60
N GLY J 250 47.71 -5.85 -45.44
CA GLY J 250 48.19 -7.15 -44.99
C GLY J 250 49.63 -7.26 -44.53
N ARG J 251 50.00 -8.47 -44.09
CA ARG J 251 51.36 -8.72 -43.61
C ARG J 251 52.36 -8.64 -44.75
N GLY J 252 53.59 -8.25 -44.42
CA GLY J 252 54.63 -8.13 -45.43
C GLY J 252 54.47 -6.98 -46.40
N THR J 253 53.73 -5.95 -46.03
CA THR J 253 53.54 -4.82 -46.94
C THR J 253 54.79 -3.92 -47.05
N PRO J 254 55.32 -3.80 -48.28
CA PRO J 254 56.50 -2.98 -48.57
C PRO J 254 56.07 -1.57 -48.95
N TYR J 255 57.01 -0.63 -48.93
CA TYR J 255 56.69 0.75 -49.26
C TYR J 255 56.05 0.90 -50.64
N SER J 256 56.28 -0.06 -51.53
CA SER J 256 55.68 0.02 -52.87
C SER J 256 54.16 0.00 -52.78
N VAL J 257 53.62 -0.52 -51.69
CA VAL J 257 52.18 -0.59 -51.49
C VAL J 257 51.73 0.46 -50.46
N TRP J 258 52.51 0.57 -49.39
CA TRP J 258 52.23 1.51 -48.34
C TRP J 258 52.23 2.93 -48.90
N GLY J 259 53.18 3.19 -49.79
CA GLY J 259 53.27 4.51 -50.41
C GLY J 259 52.03 4.89 -51.19
N GLU J 260 51.39 3.91 -51.83
CA GLU J 260 50.19 4.18 -52.62
C GLU J 260 49.07 4.67 -51.72
N ALA J 261 48.99 4.10 -50.52
CA ALA J 261 47.96 4.51 -49.57
C ALA J 261 48.24 5.93 -49.09
N LEU J 262 49.51 6.22 -48.83
CA LEU J 262 49.91 7.55 -48.36
C LEU J 262 49.49 8.62 -49.37
N THR J 263 49.65 8.31 -50.65
CA THR J 263 49.30 9.25 -51.70
C THR J 263 47.81 9.53 -51.70
N ASP J 264 47.00 8.48 -51.60
CA ASP J 264 45.55 8.63 -51.59
C ASP J 264 45.09 9.35 -50.32
N SER J 265 45.73 9.06 -49.19
CA SER J 265 45.33 9.69 -47.94
C SER J 265 45.63 11.18 -48.03
N LEU J 266 46.78 11.54 -48.55
CA LEU J 266 47.16 12.94 -48.69
C LEU J 266 46.20 13.62 -49.66
N LYS J 267 45.71 12.86 -50.62
CA LYS J 267 44.78 13.40 -51.60
C LYS J 267 43.48 13.81 -50.90
N ARG J 268 42.96 12.92 -50.06
CA ARG J 268 41.73 13.21 -49.33
C ARG J 268 41.95 14.38 -48.37
N ILE J 269 43.11 14.40 -47.71
CA ILE J 269 43.44 15.45 -46.77
C ILE J 269 43.38 16.82 -47.46
N ALA J 270 43.80 16.82 -48.72
CA ALA J 270 43.80 18.02 -49.54
C ALA J 270 42.36 18.36 -49.91
N ALA J 271 41.60 17.36 -50.35
CA ALA J 271 40.21 17.58 -50.73
C ALA J 271 39.38 18.08 -49.54
N PHE J 272 39.81 17.73 -48.34
CA PHE J 272 39.12 18.14 -47.12
C PHE J 272 39.40 19.62 -46.87
N GLY J 273 40.58 20.06 -47.26
CA GLY J 273 40.97 21.45 -47.10
C GLY J 273 41.69 21.69 -45.79
N ALA J 274 42.64 20.83 -45.45
CA ALA J 274 43.37 20.99 -44.20
C ALA J 274 44.33 22.17 -44.27
N GLU J 275 44.32 22.99 -43.21
CA GLU J 275 45.20 24.13 -43.14
C GLU J 275 46.54 23.70 -42.59
N ALA J 276 46.56 22.55 -41.93
CA ALA J 276 47.77 21.99 -41.34
C ALA J 276 47.58 20.48 -41.17
N ILE J 277 48.68 19.76 -41.00
CA ILE J 277 48.60 18.34 -40.80
C ILE J 277 49.39 17.89 -39.59
N VAL J 278 48.71 17.21 -38.67
CA VAL J 278 49.38 16.68 -37.49
C VAL J 278 49.72 15.25 -37.89
N VAL J 279 50.99 14.91 -37.81
CA VAL J 279 51.44 13.58 -38.18
C VAL J 279 51.73 12.70 -36.98
N SER J 280 50.97 11.62 -36.85
CA SER J 280 51.18 10.67 -35.77
C SER J 280 52.22 9.73 -36.32
N LEU J 281 53.49 10.05 -36.07
CA LEU J 281 54.59 9.26 -36.57
C LEU J 281 54.95 8.07 -35.70
N GLY J 282 54.81 6.89 -36.28
CA GLY J 282 55.17 5.66 -35.60
C GLY J 282 56.15 4.96 -36.53
N VAL J 283 57.24 4.42 -35.98
CA VAL J 283 58.21 3.73 -36.82
C VAL J 283 58.11 2.21 -36.68
N ASP J 284 56.99 1.71 -36.14
CA ASP J 284 56.83 0.27 -36.00
C ASP J 284 56.57 -0.38 -37.34
N THR J 285 56.47 0.45 -38.38
CA THR J 285 56.23 -0.05 -39.74
C THR J 285 57.51 -0.65 -40.34
N PHE J 286 58.63 -0.48 -39.63
CA PHE J 286 59.94 -0.97 -40.04
C PHE J 286 59.99 -2.50 -40.11
N GLU J 287 60.70 -3.04 -41.09
CA GLU J 287 60.81 -4.48 -41.26
C GLU J 287 61.40 -5.21 -40.05
N GLN J 288 62.11 -4.49 -39.18
CA GLN J 288 62.71 -5.11 -37.99
C GLN J 288 61.90 -4.94 -36.71
N ASP J 289 60.71 -4.36 -36.80
CA ASP J 289 59.91 -4.15 -35.60
C ASP J 289 59.40 -5.46 -35.01
N PRO J 290 59.59 -5.65 -33.69
CA PRO J 290 59.19 -6.85 -32.92
C PRO J 290 57.69 -7.16 -32.82
N ILE J 291 56.82 -6.19 -33.06
CA ILE J 291 55.39 -6.46 -32.96
C ILE J 291 54.58 -6.02 -34.16
N SER J 292 55.25 -5.81 -35.29
CA SER J 292 54.56 -5.36 -36.50
C SER J 292 54.95 -6.20 -37.72
N PHE J 293 54.10 -6.23 -38.73
CA PHE J 293 54.39 -7.02 -39.93
C PHE J 293 54.52 -6.28 -41.25
N PHE J 294 54.91 -5.01 -41.21
CA PHE J 294 55.12 -4.26 -42.45
C PHE J 294 56.62 -4.36 -42.74
N LYS J 295 56.98 -4.25 -44.02
CA LYS J 295 58.38 -4.37 -44.40
C LYS J 295 59.00 -3.10 -44.96
N LEU J 296 58.88 -1.99 -44.24
CA LEU J 296 59.47 -0.73 -44.69
C LEU J 296 60.96 -0.71 -44.39
N THR J 297 61.72 0.00 -45.22
CA THR J 297 63.17 0.10 -45.04
C THR J 297 63.55 1.50 -44.56
N SER J 298 64.65 1.60 -43.83
CA SER J 298 65.11 2.88 -43.29
C SER J 298 65.07 4.04 -44.28
N PRO J 299 65.49 3.81 -45.54
CA PRO J 299 65.46 4.89 -46.53
C PRO J 299 64.05 5.39 -46.85
N ASP J 300 63.07 4.49 -46.77
CA ASP J 300 61.70 4.85 -47.06
C ASP J 300 61.16 6.00 -46.21
N TYR J 301 61.56 6.05 -44.95
CA TYR J 301 61.12 7.09 -44.04
C TYR J 301 61.45 8.48 -44.57
N ILE J 302 62.51 8.56 -45.38
CA ILE J 302 62.91 9.83 -45.97
C ILE J 302 61.90 10.18 -47.06
N THR J 303 61.46 9.18 -47.79
CA THR J 303 60.49 9.37 -48.87
C THR J 303 59.15 9.78 -48.28
N MET J 304 58.83 9.18 -47.14
CA MET J 304 57.59 9.45 -46.45
C MET J 304 57.53 10.93 -46.06
N GLY J 305 58.51 11.38 -45.29
CA GLY J 305 58.55 12.76 -44.85
C GLY J 305 58.45 13.74 -46.00
N ARG J 306 59.14 13.42 -47.09
CA ARG J 306 59.15 14.27 -48.28
C ARG J 306 57.77 14.32 -48.92
N THR J 307 57.14 13.17 -49.07
CA THR J 307 55.81 13.07 -49.68
C THR J 307 54.75 13.82 -48.88
N ILE J 308 54.85 13.74 -47.56
CA ILE J 308 53.92 14.39 -46.65
C ILE J 308 54.13 15.90 -46.65
N ALA J 309 55.39 16.32 -46.64
CA ALA J 309 55.68 17.74 -46.64
C ALA J 309 55.33 18.33 -48.01
N ALA J 310 55.11 17.47 -49.00
CA ALA J 310 54.76 17.92 -50.34
C ALA J 310 53.31 18.35 -50.37
N SER J 311 52.65 18.28 -49.22
CA SER J 311 51.27 18.67 -49.11
C SER J 311 51.14 20.18 -49.20
N GLY J 312 52.25 20.88 -48.96
CA GLY J 312 52.24 22.33 -49.02
C GLY J 312 51.72 23.03 -47.78
N VAL J 313 51.38 22.27 -46.75
CA VAL J 313 50.88 22.89 -45.52
C VAL J 313 51.79 22.55 -44.33
N PRO J 314 51.75 23.37 -43.28
CA PRO J 314 52.57 23.14 -42.08
C PRO J 314 52.38 21.72 -41.54
N LEU J 315 53.41 21.18 -40.88
CA LEU J 315 53.33 19.85 -40.33
C LEU J 315 53.86 19.77 -38.90
N LEU J 316 53.11 19.10 -38.04
CA LEU J 316 53.52 18.90 -36.66
C LEU J 316 53.68 17.39 -36.50
N VAL J 317 54.91 16.93 -36.36
CA VAL J 317 55.17 15.51 -36.20
C VAL J 317 55.10 15.18 -34.72
N VAL J 318 54.22 14.25 -34.39
CA VAL J 318 54.00 13.81 -33.02
C VAL J 318 54.42 12.33 -32.91
N MET J 319 55.37 12.07 -32.03
CA MET J 319 55.90 10.73 -31.81
C MET J 319 54.85 9.75 -31.30
N GLU J 320 54.86 8.55 -31.89
CA GLU J 320 53.93 7.49 -31.50
C GLU J 320 54.71 6.19 -31.28
N GLY J 321 54.51 5.20 -32.15
CA GLY J 321 55.16 3.91 -32.03
C GLY J 321 56.61 3.77 -32.48
N GLY J 322 57.10 2.53 -32.47
CA GLY J 322 58.48 2.25 -32.86
C GLY J 322 59.15 1.55 -31.70
N TYR J 323 59.45 0.27 -31.84
CA TYR J 323 60.06 -0.52 -30.76
C TYR J 323 61.24 -1.38 -31.16
N GLY J 324 61.73 -2.13 -30.17
CA GLY J 324 62.83 -3.05 -30.38
C GLY J 324 64.17 -2.50 -30.85
N VAL J 325 64.48 -2.71 -32.13
CA VAL J 325 65.73 -2.28 -32.72
C VAL J 325 66.03 -0.80 -32.52
N PRO J 326 67.31 -0.45 -32.34
CA PRO J 326 67.72 0.94 -32.14
C PRO J 326 67.59 1.79 -33.41
N GLU J 327 67.17 1.16 -34.50
CA GLU J 327 67.01 1.88 -35.75
C GLU J 327 65.79 2.81 -35.72
N ILE J 328 64.99 2.72 -34.65
CA ILE J 328 63.83 3.57 -34.55
C ILE J 328 64.25 5.03 -34.56
N GLY J 329 65.42 5.31 -33.98
CA GLY J 329 65.91 6.68 -33.95
C GLY J 329 66.24 7.13 -35.35
N LEU J 330 67.01 6.31 -36.07
CA LEU J 330 67.40 6.64 -37.43
C LEU J 330 66.18 6.87 -38.30
N ASN J 331 65.20 5.98 -38.17
CA ASN J 331 63.97 6.08 -38.94
C ASN J 331 63.20 7.36 -38.60
N VAL J 332 63.10 7.69 -37.32
CA VAL J 332 62.40 8.90 -36.91
C VAL J 332 63.12 10.11 -37.49
N ALA J 333 64.45 10.06 -37.44
CA ALA J 333 65.29 11.13 -37.95
C ALA J 333 65.20 11.22 -39.48
N ASN J 334 65.03 10.08 -40.15
CA ASN J 334 64.91 10.08 -41.60
C ASN J 334 63.62 10.76 -42.06
N VAL J 335 62.58 10.67 -41.25
CA VAL J 335 61.30 11.30 -41.62
C VAL J 335 61.43 12.81 -41.49
N LEU J 336 62.12 13.25 -40.44
CA LEU J 336 62.33 14.67 -40.18
C LEU J 336 63.22 15.28 -41.27
N LYS J 337 64.10 14.48 -41.85
CA LYS J 337 64.98 14.95 -42.92
C LYS J 337 64.18 15.16 -44.19
N GLY J 338 63.33 14.18 -44.51
CA GLY J 338 62.51 14.27 -45.71
C GLY J 338 61.60 15.48 -45.68
N VAL J 339 61.03 15.74 -44.49
CA VAL J 339 60.13 16.88 -44.29
C VAL J 339 60.88 18.21 -44.41
N ALA J 340 62.04 18.30 -43.76
CA ALA J 340 62.86 19.51 -43.79
C ALA J 340 63.36 19.79 -45.20
N GLY J 341 63.30 18.76 -46.05
CA GLY J 341 63.74 18.89 -47.42
C GLY J 341 65.22 19.18 -47.55
N MET K 1 5.58 -6.35 77.30
CA MET K 1 5.68 -6.93 75.93
C MET K 1 6.96 -6.49 75.26
N ARG K 2 7.46 -7.31 74.35
CA ARG K 2 8.68 -6.97 73.63
C ARG K 2 8.37 -5.81 72.70
N VAL K 3 9.35 -4.93 72.50
CA VAL K 3 9.22 -3.78 71.62
C VAL K 3 10.28 -3.92 70.53
N ILE K 4 9.86 -4.01 69.27
CA ILE K 4 10.79 -4.14 68.14
C ILE K 4 11.06 -2.73 67.63
N PHE K 5 12.33 -2.36 67.52
CA PHE K 5 12.67 -1.00 67.08
C PHE K 5 14.01 -0.91 66.35
N SER K 6 14.05 -0.13 65.28
CA SER K 6 15.28 0.05 64.52
C SER K 6 15.73 1.51 64.50
N GLU K 7 17.01 1.72 64.81
CA GLU K 7 17.54 3.06 64.80
C GLU K 7 17.69 3.54 63.36
N ASP K 8 17.51 2.64 62.40
CA ASP K 8 17.63 3.05 60.99
C ASP K 8 16.46 3.91 60.51
N HIS K 9 15.48 4.12 61.39
CA HIS K 9 14.34 4.95 61.03
C HIS K 9 14.84 6.37 60.77
N LYS K 10 15.94 6.76 61.42
CA LYS K 10 16.48 8.10 61.25
C LYS K 10 16.99 8.34 59.83
N LEU K 11 17.04 7.28 59.03
CA LEU K 11 17.49 7.40 57.64
C LEU K 11 16.46 8.22 56.88
N ARG K 12 15.21 8.17 57.36
CA ARG K 12 14.13 8.94 56.77
C ARG K 12 14.11 10.25 57.55
N ASN K 13 14.66 11.31 56.96
CA ASN K 13 14.69 12.63 57.61
C ASN K 13 14.49 13.71 56.55
N ALA K 14 13.35 13.64 55.86
CA ALA K 14 13.01 14.60 54.82
C ALA K 14 13.11 16.02 55.36
N LYS K 15 13.51 16.96 54.52
CA LYS K 15 13.63 18.33 54.97
C LYS K 15 12.36 19.11 54.71
N THR K 16 11.59 18.68 53.72
CA THR K 16 10.37 19.40 53.35
C THR K 16 9.09 18.59 53.26
N GLU K 17 7.98 19.30 53.41
CA GLU K 17 6.65 18.71 53.31
C GLU K 17 5.74 19.80 52.74
N LEU K 18 4.91 19.46 51.75
CA LEU K 18 3.99 20.44 51.17
C LEU K 18 2.77 20.53 52.08
N TYR K 19 2.65 21.64 52.79
CA TYR K 19 1.54 21.86 53.73
C TYR K 19 1.08 23.31 53.67
N GLY K 20 -0.20 23.53 53.45
CA GLY K 20 -0.70 24.89 53.37
C GLY K 20 -0.04 25.69 52.27
N GLY K 21 0.33 25.02 51.18
CA GLY K 21 0.94 25.71 50.07
C GLY K 21 2.37 26.18 50.31
N GLU K 22 3.05 25.56 51.26
CA GLU K 22 4.45 25.89 51.58
C GLU K 22 5.22 24.62 51.80
N LEU K 23 6.53 24.70 51.66
CA LEU K 23 7.39 23.54 51.90
C LEU K 23 7.92 23.78 53.31
N VAL K 24 7.36 23.07 54.28
CA VAL K 24 7.80 23.23 55.67
C VAL K 24 8.39 21.94 56.24
N PRO K 25 8.97 22.01 57.46
CA PRO K 25 9.56 20.82 58.10
C PRO K 25 8.47 19.78 58.26
N PRO K 26 8.75 18.54 57.85
CA PRO K 26 7.76 17.45 57.96
C PRO K 26 7.22 17.21 59.36
N PHE K 27 5.94 16.86 59.43
CA PHE K 27 5.30 16.54 60.70
C PHE K 27 5.82 15.19 61.18
N GLU K 28 5.99 14.27 60.23
CA GLU K 28 6.48 12.94 60.55
C GLU K 28 8.01 12.96 60.55
N ALA K 29 8.59 13.43 61.66
CA ALA K 29 10.04 13.53 61.77
C ALA K 29 10.63 12.59 62.83
N PRO K 30 11.94 12.27 62.71
CA PRO K 30 12.69 11.38 63.62
C PRO K 30 12.37 11.54 65.11
N PHE K 31 12.15 12.76 65.57
CA PHE K 31 11.88 13.01 66.97
C PHE K 31 10.65 12.27 67.51
N ARG K 32 9.74 11.89 66.61
CA ARG K 32 8.53 11.19 67.04
C ARG K 32 8.89 9.83 67.66
N ALA K 33 9.81 9.13 67.01
CA ALA K 33 10.26 7.82 67.46
C ALA K 33 11.02 7.94 68.77
N GLU K 34 11.87 8.96 68.86
CA GLU K 34 12.65 9.18 70.06
C GLU K 34 11.72 9.41 71.25
N TRP K 35 10.69 10.23 71.04
CA TRP K 35 9.74 10.52 72.10
C TRP K 35 8.93 9.30 72.54
N ILE K 36 8.42 8.56 71.55
CA ILE K 36 7.62 7.37 71.84
C ILE K 36 8.42 6.31 72.58
N LEU K 37 9.60 5.98 72.06
CA LEU K 37 10.45 4.98 72.68
C LEU K 37 10.79 5.37 74.12
N ALA K 38 11.07 6.64 74.35
CA ALA K 38 11.41 7.10 75.69
C ALA K 38 10.22 6.89 76.64
N ALA K 39 9.02 7.26 76.21
CA ALA K 39 7.84 7.12 77.04
C ALA K 39 7.44 5.67 77.32
N VAL K 40 7.57 4.78 76.33
CA VAL K 40 7.21 3.39 76.53
C VAL K 40 8.17 2.70 77.50
N LYS K 41 9.45 3.07 77.45
CA LYS K 41 10.45 2.51 78.36
C LYS K 41 10.11 2.99 79.76
N GLU K 42 9.71 4.25 79.86
CA GLU K 42 9.36 4.81 81.15
C GLU K 42 8.08 4.20 81.69
N ALA K 43 7.36 3.45 80.86
CA ALA K 43 6.13 2.80 81.29
C ALA K 43 6.38 1.32 81.61
N GLY K 44 7.66 0.95 81.67
CA GLY K 44 8.02 -0.42 81.98
C GLY K 44 8.30 -1.27 80.76
N PHE K 45 8.01 -0.73 79.58
CA PHE K 45 8.23 -1.44 78.34
C PHE K 45 9.64 -1.14 77.85
N ASP K 46 10.64 -1.74 78.49
CA ASP K 46 12.03 -1.51 78.10
C ASP K 46 12.77 -2.69 77.49
N ASP K 47 12.03 -3.73 77.12
CA ASP K 47 12.62 -4.92 76.48
C ASP K 47 12.61 -4.59 74.99
N VAL K 48 13.41 -3.59 74.62
CA VAL K 48 13.51 -3.13 73.24
C VAL K 48 14.55 -3.95 72.48
N VAL K 49 14.18 -4.43 71.30
CA VAL K 49 15.11 -5.21 70.49
C VAL K 49 15.07 -4.70 69.05
N ALA K 50 16.20 -4.78 68.37
CA ALA K 50 16.30 -4.33 66.99
C ALA K 50 15.81 -5.45 66.07
N PRO K 51 15.16 -5.09 64.95
CA PRO K 51 14.65 -6.09 64.02
C PRO K 51 15.74 -6.93 63.35
N ALA K 52 15.38 -8.16 63.02
CA ALA K 52 16.29 -9.06 62.34
C ALA K 52 16.28 -8.70 60.86
N ARG K 53 17.09 -9.44 60.10
CA ARG K 53 17.21 -9.26 58.66
C ARG K 53 16.05 -9.95 57.95
N HIS K 54 15.44 -9.28 56.98
CA HIS K 54 14.33 -9.87 56.24
C HIS K 54 14.34 -9.51 54.77
N GLY K 55 14.04 -10.50 53.93
CA GLY K 55 14.00 -10.29 52.50
C GLY K 55 12.69 -9.64 52.09
N LEU K 56 12.40 -9.62 50.79
CA LEU K 56 11.18 -8.98 50.27
C LEU K 56 10.05 -9.96 49.95
N GLU K 57 10.22 -11.24 50.31
CA GLU K 57 9.19 -12.22 50.04
C GLU K 57 7.84 -11.76 50.60
N THR K 58 7.81 -11.41 51.89
CA THR K 58 6.57 -10.97 52.50
C THR K 58 5.99 -9.72 51.85
N VAL K 59 6.78 -8.67 51.71
CA VAL K 59 6.26 -7.43 51.12
C VAL K 59 5.80 -7.61 49.66
N LEU K 60 6.40 -8.55 48.95
CA LEU K 60 6.01 -8.81 47.57
C LEU K 60 4.64 -9.45 47.46
N LYS K 61 4.01 -9.72 48.61
CA LYS K 61 2.68 -10.33 48.57
C LYS K 61 1.58 -9.32 48.87
N VAL K 62 1.97 -8.08 49.19
CA VAL K 62 0.98 -7.06 49.49
C VAL K 62 1.19 -5.81 48.62
N HIS K 63 2.42 -5.57 48.19
CA HIS K 63 2.73 -4.42 47.34
C HIS K 63 3.16 -4.84 45.93
N ASP K 64 2.81 -4.03 44.93
CA ASP K 64 3.15 -4.27 43.52
C ASP K 64 4.68 -4.24 43.40
N ALA K 65 5.25 -5.15 42.61
CA ALA K 65 6.70 -5.22 42.44
C ALA K 65 7.28 -4.03 41.70
N GLY K 66 6.50 -3.47 40.77
CA GLY K 66 6.96 -2.33 39.99
C GLY K 66 7.02 -1.11 40.90
N TYR K 67 6.12 -1.10 41.89
CA TYR K 67 6.06 0.01 42.83
C TYR K 67 7.28 -0.03 43.74
N LEU K 68 7.59 -1.21 44.28
CA LEU K 68 8.75 -1.38 45.16
C LEU K 68 10.06 -1.08 44.44
N ASN K 69 10.12 -1.46 43.16
CA ASN K 69 11.31 -1.21 42.36
C ASN K 69 11.44 0.31 42.21
N PHE K 70 10.32 0.99 41.96
CA PHE K 70 10.35 2.45 41.82
C PHE K 70 10.91 3.12 43.09
N LEU K 71 10.49 2.65 44.26
CA LEU K 71 10.94 3.25 45.51
C LEU K 71 12.44 3.11 45.73
N GLU K 72 12.97 1.95 45.39
CA GLU K 72 14.39 1.70 45.59
C GLU K 72 15.29 2.68 44.84
N THR K 73 14.88 3.13 43.66
CA THR K 73 15.74 4.05 42.93
C THR K 73 15.17 5.41 42.67
N ALA K 74 14.07 5.73 43.35
CA ALA K 74 13.40 7.03 43.15
C ALA K 74 14.29 8.24 43.42
N TRP K 75 14.97 8.27 44.56
CA TRP K 75 15.81 9.43 44.86
C TRP K 75 16.97 9.58 43.88
N ASP K 76 17.67 8.49 43.60
CA ASP K 76 18.79 8.56 42.68
C ASP K 76 18.39 9.10 41.32
N ARG K 77 17.32 8.57 40.75
CA ARG K 77 16.86 9.02 39.46
C ARG K 77 16.46 10.48 39.52
N TRP K 78 15.78 10.85 40.60
CA TRP K 78 15.33 12.22 40.78
C TRP K 78 16.52 13.19 40.80
N LYS K 79 17.56 12.85 41.55
CA LYS K 79 18.73 13.71 41.64
C LYS K 79 19.48 13.73 40.30
N ALA K 80 19.52 12.59 39.62
CA ALA K 80 20.20 12.49 38.34
C ALA K 80 19.46 13.28 37.28
N ALA K 81 18.15 13.48 37.47
CA ALA K 81 17.35 14.23 36.52
C ALA K 81 17.70 15.71 36.62
N GLY K 82 18.46 16.08 37.64
CA GLY K 82 18.87 17.46 37.80
C GLY K 82 18.02 18.34 38.68
N TYR K 83 16.99 17.78 39.30
CA TYR K 83 16.11 18.55 40.18
C TYR K 83 16.83 18.96 41.47
N LYS K 84 16.52 20.17 41.93
CA LYS K 84 17.15 20.71 43.12
C LYS K 84 16.52 20.38 44.47
N GLY K 85 15.19 20.25 44.49
CA GLY K 85 14.51 19.94 45.73
C GLY K 85 14.39 18.45 45.97
N GLU K 86 13.57 18.06 46.93
CA GLU K 86 13.35 16.65 47.23
C GLU K 86 12.30 16.14 46.24
N ALA K 87 12.26 14.84 46.02
CA ALA K 87 11.33 14.25 45.06
C ALA K 87 9.87 14.39 45.48
N ILE K 88 9.15 15.28 44.81
CA ILE K 88 7.74 15.50 45.08
C ILE K 88 6.94 15.41 43.77
N ALA K 89 5.87 14.62 43.79
CA ALA K 89 5.03 14.43 42.62
C ALA K 89 4.19 15.66 42.30
N THR K 90 3.94 15.89 41.02
CA THR K 90 3.17 17.05 40.60
C THR K 90 1.98 16.69 39.71
N SER K 91 2.14 15.70 38.85
CA SER K 91 1.05 15.27 37.98
C SER K 91 0.50 13.92 38.47
N PHE K 92 -0.83 13.77 38.46
CA PHE K 92 -1.41 12.51 38.93
C PHE K 92 -2.47 11.91 38.00
N PRO K 93 -2.56 10.57 37.96
CA PRO K 93 -3.53 9.85 37.14
C PRO K 93 -4.90 9.88 37.80
N VAL K 94 -5.59 11.02 37.67
CA VAL K 94 -6.91 11.17 38.29
C VAL K 94 -8.04 10.68 37.38
N ARG K 95 -9.18 11.36 37.41
CA ARG K 95 -10.33 10.93 36.61
C ARG K 95 -10.12 10.85 35.10
N ARG K 96 -10.61 9.77 34.50
CA ARG K 96 -10.56 9.59 33.06
C ARG K 96 -9.16 9.69 32.45
N THR K 97 -8.17 9.12 33.13
CA THR K 97 -6.79 9.14 32.63
C THR K 97 -6.38 7.77 32.15
N SER K 98 -5.28 7.71 31.41
CA SER K 98 -4.76 6.45 30.90
C SER K 98 -4.19 5.64 32.06
N PRO K 99 -4.27 4.30 31.98
CA PRO K 99 -3.75 3.39 33.01
C PRO K 99 -2.28 3.08 32.78
N ARG K 100 -1.71 3.64 31.72
CA ARG K 100 -0.31 3.39 31.39
C ARG K 100 0.69 3.99 32.38
N ILE K 101 1.84 3.35 32.49
CA ILE K 101 2.89 3.84 33.39
C ILE K 101 3.94 4.64 32.63
N PRO K 102 4.18 5.89 33.04
CA PRO K 102 5.19 6.69 32.35
C PRO K 102 6.58 6.04 32.49
N THR K 103 7.55 6.54 31.73
CA THR K 103 8.90 5.99 31.83
C THR K 103 9.82 6.95 32.58
N ASP K 104 9.59 8.25 32.43
CA ASP K 104 10.41 9.26 33.10
C ASP K 104 10.13 9.35 34.61
N ILE K 105 11.16 9.72 35.38
CA ILE K 105 11.04 9.85 36.82
C ILE K 105 9.93 10.81 37.22
N GLU K 106 9.83 11.93 36.49
CA GLU K 106 8.80 12.93 36.80
C GLU K 106 7.40 12.36 36.60
N GLY K 107 7.27 11.42 35.67
CA GLY K 107 5.98 10.81 35.40
C GLY K 107 5.69 9.63 36.33
N GLN K 108 6.72 8.87 36.66
CA GLN K 108 6.55 7.72 37.52
C GLN K 108 6.29 8.10 38.97
N ILE K 109 6.88 9.19 39.45
CA ILE K 109 6.63 9.54 40.83
C ILE K 109 5.17 9.91 41.03
N GLY K 110 4.55 10.47 40.01
CA GLY K 110 3.14 10.83 40.11
C GLY K 110 2.26 9.59 40.00
N TYR K 111 2.67 8.68 39.12
CA TYR K 111 1.91 7.45 38.91
C TYR K 111 1.83 6.59 40.18
N TYR K 112 2.92 6.59 40.94
CA TYR K 112 3.03 5.80 42.14
C TYR K 112 2.76 6.55 43.44
N CYS K 113 2.12 7.72 43.32
CA CYS K 113 1.83 8.57 44.46
C CYS K 113 0.34 8.93 44.61
N ASN K 114 -0.15 9.05 45.86
CA ASN K 114 -1.55 9.43 46.09
C ASN K 114 -1.66 10.77 46.80
N ALA K 115 -0.55 11.31 47.28
CA ALA K 115 -0.58 12.60 47.97
C ALA K 115 0.77 13.32 47.82
N ALA K 116 0.73 14.54 47.30
CA ALA K 116 1.95 15.30 47.08
C ALA K 116 2.60 15.89 48.33
N GLU K 117 1.98 15.72 49.49
CA GLU K 117 2.56 16.26 50.70
C GLU K 117 3.72 15.41 51.21
N THR K 118 3.91 14.23 50.60
CA THR K 118 5.00 13.35 51.00
C THR K 118 6.13 13.38 49.97
N ALA K 119 7.34 13.71 50.43
CA ALA K 119 8.51 13.80 49.56
C ALA K 119 9.45 12.61 49.76
N ILE K 120 10.11 12.19 48.69
CA ILE K 120 11.08 11.10 48.82
C ILE K 120 12.42 11.81 48.98
N SER K 121 13.19 11.36 49.97
CA SER K 121 14.47 11.95 50.28
C SER K 121 15.52 10.86 50.42
N PRO K 122 16.81 11.24 50.51
CA PRO K 122 17.87 10.24 50.65
C PRO K 122 17.65 9.38 51.91
N GLY K 123 17.71 8.06 51.75
CA GLY K 123 17.53 7.19 52.89
C GLY K 123 16.11 6.72 53.15
N THR K 124 15.16 7.30 52.41
CA THR K 124 13.76 6.92 52.58
C THR K 124 13.57 5.42 52.36
N TRP K 125 14.12 4.90 51.26
CA TRP K 125 14.00 3.48 50.96
C TRP K 125 14.52 2.60 52.10
N GLU K 126 15.76 2.80 52.52
CA GLU K 126 16.37 2.00 53.60
C GLU K 126 15.59 2.11 54.92
N ALA K 127 15.09 3.31 55.20
CA ALA K 127 14.32 3.55 56.42
C ALA K 127 13.04 2.72 56.38
N ALA K 128 12.39 2.70 55.23
CA ALA K 128 11.15 1.93 55.07
C ALA K 128 11.40 0.44 55.27
N LEU K 129 12.52 -0.04 54.72
CA LEU K 129 12.85 -1.46 54.84
C LEU K 129 13.08 -1.86 56.31
N SER K 130 13.72 -0.99 57.09
CA SER K 130 13.97 -1.28 58.50
C SER K 130 12.64 -1.32 59.24
N SER K 131 11.80 -0.31 58.97
CA SER K 131 10.50 -0.21 59.59
C SER K 131 9.68 -1.47 59.28
N MET K 132 9.76 -1.93 58.04
CA MET K 132 9.05 -3.13 57.59
C MET K 132 9.58 -4.34 58.39
N ALA K 133 10.89 -4.35 58.63
CA ALA K 133 11.55 -5.42 59.38
C ALA K 133 11.02 -5.47 60.80
N SER K 134 10.79 -4.30 61.40
CA SER K 134 10.26 -4.22 62.75
C SER K 134 8.89 -4.89 62.81
N ALA K 135 8.06 -4.66 61.80
CA ALA K 135 6.72 -5.23 61.75
C ALA K 135 6.76 -6.75 61.60
N ILE K 136 7.64 -7.25 60.75
CA ILE K 136 7.76 -8.67 60.54
C ILE K 136 8.22 -9.36 61.85
N ASP K 137 9.21 -8.78 62.51
CA ASP K 137 9.70 -9.33 63.75
C ASP K 137 8.62 -9.38 64.83
N GLY K 138 7.82 -8.32 64.91
CA GLY K 138 6.76 -8.29 65.90
C GLY K 138 5.71 -9.35 65.59
N ALA K 139 5.46 -9.55 64.30
CA ALA K 139 4.48 -10.54 63.86
C ALA K 139 4.99 -11.93 64.21
N ASP K 140 6.29 -12.14 64.05
CA ASP K 140 6.91 -13.43 64.35
C ASP K 140 6.80 -13.76 65.85
N LEU K 141 6.67 -12.74 66.69
CA LEU K 141 6.52 -12.96 68.13
C LEU K 141 5.11 -13.44 68.45
N ILE K 142 4.14 -12.93 67.69
CA ILE K 142 2.73 -13.30 67.84
C ILE K 142 2.56 -14.73 67.30
N ALA K 143 3.29 -15.04 66.23
CA ALA K 143 3.23 -16.35 65.63
C ALA K 143 3.93 -17.35 66.53
N ALA K 144 4.83 -16.86 67.37
CA ALA K 144 5.57 -17.73 68.27
C ALA K 144 4.83 -17.92 69.60
N GLY K 145 3.73 -17.21 69.79
CA GLY K 145 2.99 -17.39 71.01
C GLY K 145 2.82 -16.20 71.93
N HIS K 146 3.44 -15.07 71.59
CA HIS K 146 3.29 -13.89 72.42
C HIS K 146 1.88 -13.35 72.28
N LYS K 147 1.29 -12.96 73.41
CA LYS K 147 -0.07 -12.45 73.42
C LYS K 147 -0.11 -11.01 72.90
N ALA K 148 1.01 -10.30 73.03
CA ALA K 148 1.11 -8.92 72.58
C ALA K 148 2.54 -8.62 72.18
N ALA K 149 2.71 -7.50 71.49
CA ALA K 149 4.01 -7.05 71.04
C ALA K 149 3.84 -5.69 70.36
N PHE K 150 4.86 -4.85 70.46
CA PHE K 150 4.82 -3.52 69.85
C PHE K 150 5.97 -3.29 68.89
N SER K 151 5.61 -3.00 67.63
CA SER K 151 6.57 -2.71 66.59
C SER K 151 6.57 -1.19 66.38
N LEU K 152 7.60 -0.54 66.90
CA LEU K 152 7.71 0.91 66.77
C LEU K 152 8.20 1.24 65.36
N CYS K 153 7.27 1.24 64.41
CA CYS K 153 7.55 1.52 63.02
C CYS K 153 7.60 3.00 62.71
N ARG K 154 8.59 3.37 61.90
CA ARG K 154 8.77 4.72 61.40
C ARG K 154 9.72 4.52 60.23
N PRO K 155 9.33 5.01 59.03
CA PRO K 155 8.08 5.72 58.78
C PRO K 155 6.83 4.85 58.90
N PRO K 156 5.65 5.48 59.07
CA PRO K 156 4.41 4.72 59.19
C PRO K 156 4.06 4.09 57.85
N GLY K 157 2.99 3.28 57.80
CA GLY K 157 2.66 2.63 56.55
C GLY K 157 1.23 2.48 56.07
N HIS K 158 0.24 2.82 56.89
CA HIS K 158 -1.14 2.59 56.46
C HIS K 158 -1.67 3.39 55.25
N ALA K 159 -0.98 4.46 54.84
CA ALA K 159 -1.45 5.21 53.68
C ALA K 159 -0.85 4.66 52.38
N ALA K 160 0.14 3.78 52.50
CA ALA K 160 0.77 3.17 51.32
C ALA K 160 -0.11 2.03 50.78
N GLY K 161 -0.61 2.19 49.57
CA GLY K 161 -1.47 1.19 48.96
C GLY K 161 -0.70 0.15 48.16
N ILE K 162 -1.41 -0.63 47.36
CA ILE K 162 -0.77 -1.66 46.55
C ILE K 162 0.37 -1.11 45.72
N ASP K 163 0.13 -0.04 44.98
CA ASP K 163 1.19 0.53 44.16
C ASP K 163 1.33 2.05 44.25
N MET K 164 1.19 2.58 45.46
CA MET K 164 1.30 4.02 45.66
C MET K 164 1.71 4.41 47.08
N PHE K 165 2.50 5.48 47.19
CA PHE K 165 2.94 5.99 48.48
C PHE K 165 2.24 7.30 48.71
N GLY K 166 2.28 7.75 49.96
CA GLY K 166 1.67 9.00 50.35
C GLY K 166 1.37 9.04 51.84
N GLY K 167 0.89 10.18 52.32
CA GLY K 167 0.56 10.31 53.73
C GLY K 167 1.69 9.85 54.63
N TYR K 168 2.92 10.21 54.27
CA TYR K 168 4.14 9.87 55.01
C TYR K 168 4.43 8.37 55.04
N CYS K 169 3.81 7.63 54.14
CA CYS K 169 3.95 6.17 54.07
C CYS K 169 4.48 5.64 52.72
N PHE K 170 5.29 4.59 52.78
CA PHE K 170 5.89 3.98 51.58
C PHE K 170 5.67 2.46 51.54
N ILE K 171 5.91 1.79 52.66
CA ILE K 171 5.68 0.35 52.73
C ILE K 171 4.66 0.14 53.82
N ASN K 172 3.59 -0.57 53.50
CA ASN K 172 2.55 -0.78 54.50
C ASN K 172 2.95 -1.82 55.56
N ASN K 173 3.59 -1.34 56.60
CA ASN K 173 4.06 -2.18 57.70
C ASN K 173 2.99 -3.09 58.30
N ALA K 174 1.79 -2.58 58.51
CA ALA K 174 0.74 -3.41 59.10
C ALA K 174 0.24 -4.49 58.13
N ALA K 175 0.20 -4.16 56.84
CA ALA K 175 -0.23 -5.10 55.83
C ALA K 175 0.80 -6.23 55.78
N VAL K 176 2.06 -5.84 55.85
CA VAL K 176 3.17 -6.79 55.83
C VAL K 176 3.13 -7.72 57.03
N ALA K 177 2.77 -7.20 58.19
CA ALA K 177 2.68 -8.00 59.41
C ALA K 177 1.53 -8.99 59.28
N ALA K 178 0.39 -8.52 58.81
CA ALA K 178 -0.79 -9.37 58.66
C ALA K 178 -0.46 -10.53 57.73
N GLN K 179 0.25 -10.24 56.65
CA GLN K 179 0.66 -11.23 55.66
C GLN K 179 1.60 -12.24 56.31
N ARG K 180 2.51 -11.72 57.13
CA ARG K 180 3.48 -12.56 57.81
C ARG K 180 2.78 -13.60 58.68
N LEU K 181 1.76 -13.15 59.41
CA LEU K 181 0.99 -14.03 60.29
C LEU K 181 0.28 -15.09 59.45
N LEU K 182 -0.11 -14.74 58.24
CA LEU K 182 -0.77 -15.71 57.37
C LEU K 182 0.25 -16.75 56.94
N ASP K 183 1.41 -16.31 56.49
CA ASP K 183 2.46 -17.24 56.05
C ASP K 183 2.95 -18.12 57.20
N LYS K 184 2.80 -17.64 58.43
CA LYS K 184 3.23 -18.39 59.59
C LYS K 184 2.25 -19.49 59.98
N GLY K 185 1.08 -19.49 59.34
CA GLY K 185 0.10 -20.52 59.65
C GLY K 185 -1.33 -20.07 59.85
N ALA K 186 -1.57 -18.77 60.00
CA ALA K 186 -2.94 -18.30 60.19
C ALA K 186 -3.73 -18.34 58.89
N LYS K 187 -5.05 -18.39 59.03
CA LYS K 187 -5.96 -18.44 57.90
C LYS K 187 -6.84 -17.20 57.88
N LYS K 188 -7.07 -16.61 59.05
CA LYS K 188 -7.90 -15.41 59.18
C LYS K 188 -7.19 -14.37 60.04
N ILE K 189 -6.94 -13.20 59.48
CA ILE K 189 -6.28 -12.12 60.21
C ILE K 189 -7.06 -10.84 60.01
N ALA K 190 -7.11 -10.02 61.04
CA ALA K 190 -7.80 -8.76 60.97
C ALA K 190 -6.85 -7.65 61.34
N ILE K 191 -7.07 -6.49 60.73
CA ILE K 191 -6.28 -5.30 61.00
C ILE K 191 -7.28 -4.25 61.47
N LEU K 192 -6.97 -3.64 62.61
CA LEU K 192 -7.81 -2.61 63.19
C LEU K 192 -6.98 -1.33 63.19
N ASP K 193 -7.48 -0.34 62.48
CA ASP K 193 -6.77 0.91 62.33
C ASP K 193 -7.42 2.00 63.19
N VAL K 194 -6.79 2.36 64.30
CA VAL K 194 -7.32 3.36 65.22
C VAL K 194 -6.73 4.74 65.02
N ASP K 195 -5.75 4.78 64.12
CA ASP K 195 -5.07 6.02 63.75
C ASP K 195 -6.18 7.00 63.30
N PHE K 196 -5.98 8.29 63.51
CA PHE K 196 -7.01 9.30 63.15
C PHE K 196 -7.44 9.26 61.69
N HIS K 197 -6.47 9.08 60.79
CA HIS K 197 -6.74 9.03 59.36
C HIS K 197 -7.10 7.61 58.94
N HIS K 198 -7.91 7.53 57.90
CA HIS K 198 -8.34 6.26 57.35
C HIS K 198 -7.12 5.54 56.80
N GLY K 199 -7.09 4.21 56.96
CA GLY K 199 -5.97 3.43 56.44
C GLY K 199 -6.28 3.10 54.99
N ASN K 200 -6.23 4.10 54.13
CA ASN K 200 -6.55 3.92 52.72
C ASN K 200 -5.65 2.92 52.00
N GLY K 201 -4.36 2.89 52.38
CA GLY K 201 -3.43 1.96 51.76
C GLY K 201 -3.75 0.55 52.18
N THR K 202 -4.01 0.37 53.47
CA THR K 202 -4.33 -0.94 54.02
C THR K 202 -5.61 -1.49 53.39
N GLN K 203 -6.62 -0.63 53.26
CA GLN K 203 -7.88 -1.06 52.66
C GLN K 203 -7.68 -1.47 51.20
N ASP K 204 -6.92 -0.68 50.46
CA ASP K 204 -6.67 -0.99 49.06
C ASP K 204 -6.01 -2.36 48.95
N ILE K 205 -5.04 -2.64 49.82
CA ILE K 205 -4.34 -3.92 49.76
C ILE K 205 -5.21 -5.17 49.99
N PHE K 206 -6.09 -5.12 50.98
CA PHE K 206 -6.92 -6.29 51.28
C PHE K 206 -8.37 -6.23 50.77
N TYR K 207 -8.73 -5.13 50.09
CA TYR K 207 -10.09 -4.97 49.59
C TYR K 207 -10.67 -6.23 48.92
N GLU K 208 -9.88 -6.89 48.08
CA GLU K 208 -10.32 -8.09 47.39
C GLU K 208 -9.78 -9.41 47.93
N ARG K 209 -9.42 -9.43 49.21
CA ARG K 209 -8.92 -10.63 49.86
C ARG K 209 -9.83 -11.07 51.01
N GLY K 210 -10.24 -12.33 50.97
CA GLY K 210 -11.12 -12.85 52.00
C GLY K 210 -10.41 -13.30 53.26
N ASP K 211 -9.11 -13.55 53.18
CA ASP K 211 -8.36 -14.02 54.35
C ASP K 211 -7.99 -12.90 55.32
N VAL K 212 -8.34 -11.67 54.97
CA VAL K 212 -8.02 -10.55 55.84
C VAL K 212 -9.21 -9.59 55.99
N PHE K 213 -9.46 -9.17 57.21
CA PHE K 213 -10.56 -8.25 57.49
C PHE K 213 -9.95 -6.93 57.93
N PHE K 214 -10.47 -5.81 57.43
CA PHE K 214 -9.91 -4.52 57.79
C PHE K 214 -10.97 -3.57 58.36
N ALA K 215 -10.77 -3.16 59.60
CA ALA K 215 -11.70 -2.25 60.25
C ALA K 215 -10.96 -0.96 60.54
N SER K 216 -11.59 0.17 60.29
CA SER K 216 -10.94 1.45 60.55
C SER K 216 -11.85 2.54 61.10
N LEU K 217 -11.33 3.27 62.09
CA LEU K 217 -12.04 4.39 62.70
C LEU K 217 -11.20 5.57 62.29
N HIS K 218 -11.84 6.67 61.88
CA HIS K 218 -11.10 7.83 61.42
C HIS K 218 -11.98 9.05 61.17
N GLY K 219 -11.34 10.20 60.95
CA GLY K 219 -12.08 11.40 60.66
C GLY K 219 -12.78 11.22 59.32
N ASP K 220 -14.00 11.74 59.22
CA ASP K 220 -14.79 11.64 58.01
C ASP K 220 -13.99 12.10 56.80
N PRO K 221 -13.84 11.23 55.79
CA PRO K 221 -13.09 11.61 54.59
C PRO K 221 -13.62 12.88 53.93
N ALA K 222 -14.91 13.16 54.12
CA ALA K 222 -15.50 14.35 53.53
C ALA K 222 -14.72 15.61 53.94
N GLU K 223 -14.06 15.57 55.09
CA GLU K 223 -13.29 16.72 55.53
C GLU K 223 -11.97 16.38 56.21
N ALA K 224 -11.43 15.21 55.90
CA ALA K 224 -10.15 14.77 56.46
C ALA K 224 -9.37 13.93 55.46
N PHE K 225 -8.05 14.08 55.48
CA PHE K 225 -7.12 13.34 54.61
C PHE K 225 -7.35 11.86 54.95
N PRO K 226 -7.27 10.95 53.96
CA PRO K 226 -6.98 11.16 52.53
C PRO K 226 -8.10 11.76 51.66
N HIS K 227 -9.26 12.00 52.25
CA HIS K 227 -10.38 12.60 51.52
C HIS K 227 -11.04 11.74 50.44
N PHE K 228 -10.35 10.75 49.90
CA PHE K 228 -10.95 9.95 48.83
C PHE K 228 -11.16 8.46 49.09
N LEU K 229 -11.30 8.08 50.36
CA LEU K 229 -11.55 6.69 50.71
C LEU K 229 -11.86 6.68 52.20
N GLY K 230 -12.67 5.72 52.65
CA GLY K 230 -12.99 5.65 54.08
C GLY K 230 -14.46 5.85 54.41
N TYR K 231 -15.30 5.80 53.38
CA TYR K 231 -16.74 5.96 53.56
C TYR K 231 -17.33 4.64 53.96
N ALA K 232 -18.34 4.71 54.81
CA ALA K 232 -19.03 3.52 55.33
C ALA K 232 -19.50 2.52 54.27
N GLU K 233 -19.90 3.02 53.10
CA GLU K 233 -20.39 2.15 52.04
C GLU K 233 -19.34 1.18 51.49
N GLU K 234 -18.07 1.42 51.76
CA GLU K 234 -17.01 0.55 51.25
C GLU K 234 -16.83 -0.69 52.11
N THR K 235 -17.42 -1.79 51.67
CA THR K 235 -17.39 -3.02 52.42
C THR K 235 -16.53 -4.14 51.84
N GLY K 236 -16.01 -3.95 50.63
CA GLY K 236 -15.19 -4.97 50.03
C GLY K 236 -15.55 -5.22 48.58
N LYS K 237 -14.79 -6.05 47.90
CA LYS K 237 -15.05 -6.30 46.49
C LYS K 237 -14.71 -7.74 46.08
N GLY K 238 -15.53 -8.32 45.21
CA GLY K 238 -15.31 -9.67 44.74
C GLY K 238 -14.93 -10.67 45.80
N ALA K 239 -13.78 -11.33 45.63
CA ALA K 239 -13.33 -12.34 46.59
C ALA K 239 -13.19 -11.82 48.01
N GLY K 240 -13.04 -10.51 48.17
CA GLY K 240 -12.91 -9.95 49.50
C GLY K 240 -14.13 -9.20 49.95
N ALA K 241 -15.23 -9.36 49.21
CA ALA K 241 -16.45 -8.64 49.60
C ALA K 241 -16.84 -8.91 51.04
N GLY K 242 -17.21 -7.85 51.74
CA GLY K 242 -17.62 -7.97 53.13
C GLY K 242 -16.50 -8.04 54.16
N THR K 243 -15.27 -7.73 53.78
CA THR K 243 -14.19 -7.79 54.74
C THR K 243 -13.65 -6.41 55.14
N THR K 244 -14.39 -5.36 54.78
CA THR K 244 -13.99 -3.99 55.13
C THR K 244 -15.09 -3.29 55.94
N ALA K 245 -14.69 -2.58 56.98
CA ALA K 245 -15.65 -1.87 57.82
C ALA K 245 -15.09 -0.54 58.26
N ASN K 246 -15.57 0.51 57.62
CA ASN K 246 -15.14 1.88 57.91
C ASN K 246 -16.09 2.59 58.87
N TYR K 247 -15.50 3.31 59.82
CA TYR K 247 -16.27 4.06 60.80
C TYR K 247 -15.83 5.51 60.80
N PRO K 248 -16.28 6.27 59.80
CA PRO K 248 -15.91 7.69 59.71
C PRO K 248 -16.68 8.51 60.74
N MET K 249 -16.00 9.43 61.44
CA MET K 249 -16.68 10.26 62.43
C MET K 249 -16.33 11.74 62.25
N GLY K 250 -17.18 12.62 62.77
CA GLY K 250 -16.98 14.07 62.61
C GLY K 250 -16.00 14.82 63.47
N ARG K 251 -15.97 16.15 63.29
CA ARG K 251 -15.06 16.99 64.06
C ARG K 251 -15.44 17.04 65.52
N GLY K 252 -14.42 17.06 66.37
CA GLY K 252 -14.62 17.12 67.81
C GLY K 252 -15.10 15.83 68.46
N THR K 253 -15.09 14.73 67.72
CA THR K 253 -15.52 13.45 68.28
C THR K 253 -14.72 13.05 69.51
N PRO K 254 -15.41 12.85 70.64
CA PRO K 254 -14.83 12.45 71.93
C PRO K 254 -14.81 10.92 72.04
N TYR K 255 -14.14 10.40 73.06
CA TYR K 255 -14.05 8.96 73.26
C TYR K 255 -15.42 8.33 73.49
N SER K 256 -16.34 9.10 74.07
CA SER K 256 -17.69 8.60 74.34
C SER K 256 -18.40 8.20 73.04
N VAL K 257 -17.98 8.78 71.93
CA VAL K 257 -18.56 8.48 70.61
C VAL K 257 -17.64 7.49 69.88
N TRP K 258 -16.34 7.82 69.87
CA TRP K 258 -15.31 7.00 69.25
C TRP K 258 -15.34 5.58 69.81
N GLY K 259 -15.51 5.49 71.13
CA GLY K 259 -15.56 4.20 71.79
C GLY K 259 -16.67 3.29 71.31
N GLU K 260 -17.78 3.87 70.89
CA GLU K 260 -18.89 3.08 70.39
C GLU K 260 -18.47 2.40 69.11
N ALA K 261 -17.83 3.16 68.23
CA ALA K 261 -17.34 2.65 66.96
C ALA K 261 -16.33 1.53 67.21
N LEU K 262 -15.44 1.72 68.18
CA LEU K 262 -14.42 0.72 68.51
C LEU K 262 -15.07 -0.61 68.88
N THR K 263 -16.08 -0.54 69.74
CA THR K 263 -16.81 -1.71 70.17
C THR K 263 -17.44 -2.43 68.99
N ASP K 264 -18.17 -1.70 68.15
CA ASP K 264 -18.82 -2.33 67.02
C ASP K 264 -17.83 -3.00 66.06
N SER K 265 -16.69 -2.34 65.80
CA SER K 265 -15.71 -2.92 64.89
C SER K 265 -15.10 -4.20 65.47
N LEU K 266 -14.92 -4.25 66.78
CA LEU K 266 -14.36 -5.45 67.41
C LEU K 266 -15.37 -6.58 67.29
N LYS K 267 -16.65 -6.21 67.23
CA LYS K 267 -17.74 -7.17 67.10
C LYS K 267 -17.66 -7.84 65.73
N ARG K 268 -17.37 -7.06 64.70
CA ARG K 268 -17.26 -7.60 63.35
C ARG K 268 -16.01 -8.44 63.22
N ILE K 269 -14.95 -8.00 63.88
CA ILE K 269 -13.67 -8.72 63.87
C ILE K 269 -13.88 -10.12 64.43
N ALA K 270 -14.57 -10.21 65.57
CA ALA K 270 -14.85 -11.49 66.20
C ALA K 270 -15.72 -12.34 65.27
N ALA K 271 -16.72 -11.71 64.66
CA ALA K 271 -17.61 -12.40 63.74
C ALA K 271 -16.83 -12.94 62.55
N PHE K 272 -15.80 -12.21 62.15
CA PHE K 272 -14.94 -12.62 61.03
C PHE K 272 -14.20 -13.88 61.46
N GLY K 273 -13.88 -13.95 62.74
CA GLY K 273 -13.16 -15.08 63.28
C GLY K 273 -11.67 -14.91 63.11
N ALA K 274 -11.17 -13.72 63.38
CA ALA K 274 -9.74 -13.47 63.24
C ALA K 274 -8.98 -14.21 64.33
N GLU K 275 -7.84 -14.78 63.97
CA GLU K 275 -6.99 -15.52 64.88
C GLU K 275 -6.06 -14.56 65.61
N ALA K 276 -5.76 -13.44 64.96
CA ALA K 276 -4.91 -12.40 65.53
C ALA K 276 -5.36 -11.05 65.00
N ILE K 277 -5.03 -10.00 65.75
CA ILE K 277 -5.40 -8.67 65.33
C ILE K 277 -4.17 -7.78 65.24
N VAL K 278 -3.89 -7.29 64.04
CA VAL K 278 -2.78 -6.38 63.85
C VAL K 278 -3.42 -5.01 64.08
N VAL K 279 -2.91 -4.26 65.05
CA VAL K 279 -3.48 -2.94 65.36
C VAL K 279 -2.63 -1.77 64.88
N SER K 280 -3.16 -1.03 63.91
CA SER K 280 -2.49 0.14 63.39
C SER K 280 -2.75 1.27 64.38
N LEU K 281 -1.78 1.53 65.23
CA LEU K 281 -1.94 2.55 66.26
C LEU K 281 -1.39 3.93 65.89
N GLY K 282 -2.30 4.89 65.80
CA GLY K 282 -1.92 6.26 65.52
C GLY K 282 -2.50 7.02 66.70
N VAL K 283 -1.72 7.88 67.34
CA VAL K 283 -2.24 8.64 68.48
C VAL K 283 -2.62 10.05 68.07
N ASP K 284 -2.76 10.29 66.77
CA ASP K 284 -3.15 11.60 66.28
C ASP K 284 -4.62 11.88 66.52
N THR K 285 -5.27 10.98 67.25
CA THR K 285 -6.68 11.15 67.58
C THR K 285 -6.74 11.95 68.88
N PHE K 286 -5.56 12.30 69.41
CA PHE K 286 -5.45 13.06 70.65
C PHE K 286 -5.99 14.47 70.53
N GLU K 287 -6.74 14.89 71.54
CA GLU K 287 -7.33 16.22 71.58
C GLU K 287 -6.35 17.36 71.26
N GLN K 288 -5.04 17.11 71.34
CA GLN K 288 -4.06 18.18 71.07
C GLN K 288 -3.25 18.01 69.79
N ASP K 289 -3.62 17.06 68.96
CA ASP K 289 -2.87 16.85 67.73
C ASP K 289 -3.01 18.04 66.80
N PRO K 290 -1.91 18.46 66.18
CA PRO K 290 -1.86 19.60 65.25
C PRO K 290 -2.55 19.47 63.89
N ILE K 291 -2.85 18.25 63.45
CA ILE K 291 -3.48 18.09 62.14
C ILE K 291 -4.70 17.19 62.12
N SER K 292 -5.29 16.96 63.29
CA SER K 292 -6.47 16.11 63.40
C SER K 292 -7.54 16.78 64.23
N PHE K 293 -8.77 16.30 64.11
CA PHE K 293 -9.86 16.92 64.87
C PHE K 293 -10.71 16.07 65.83
N PHE K 294 -10.13 15.01 66.41
CA PHE K 294 -10.86 14.20 67.38
C PHE K 294 -10.47 14.72 68.77
N LYS K 295 -11.23 14.34 69.79
CA LYS K 295 -10.95 14.85 71.13
C LYS K 295 -10.64 13.82 72.22
N LEU K 296 -9.85 12.81 71.88
CA LEU K 296 -9.48 11.80 72.87
C LEU K 296 -8.52 12.37 73.91
N THR K 297 -8.66 11.90 75.14
CA THR K 297 -7.80 12.35 76.24
C THR K 297 -6.78 11.24 76.49
N SER K 298 -5.67 11.59 77.15
CA SER K 298 -4.62 10.62 77.44
C SER K 298 -5.12 9.36 78.13
N PRO K 299 -6.04 9.51 79.12
CA PRO K 299 -6.56 8.33 79.82
C PRO K 299 -7.40 7.40 78.93
N ASP K 300 -7.99 7.94 77.87
CA ASP K 300 -8.80 7.14 76.96
C ASP K 300 -7.97 6.04 76.27
N TYR K 301 -6.70 6.31 76.03
CA TYR K 301 -5.84 5.33 75.35
C TYR K 301 -5.67 4.06 76.18
N ILE K 302 -5.78 4.19 77.50
CA ILE K 302 -5.69 3.04 78.37
C ILE K 302 -6.96 2.22 78.16
N THR K 303 -8.10 2.92 78.14
CA THR K 303 -9.38 2.26 77.94
C THR K 303 -9.40 1.55 76.59
N MET K 304 -8.85 2.20 75.58
CA MET K 304 -8.78 1.64 74.24
C MET K 304 -7.97 0.35 74.20
N GLY K 305 -6.78 0.40 74.77
CA GLY K 305 -5.90 -0.76 74.80
C GLY K 305 -6.54 -1.97 75.41
N ARG K 306 -7.14 -1.78 76.58
CA ARG K 306 -7.83 -2.84 77.33
C ARG K 306 -8.98 -3.40 76.49
N THR K 307 -9.82 -2.51 75.97
CA THR K 307 -10.96 -2.93 75.17
C THR K 307 -10.56 -3.86 74.03
N ILE K 308 -9.52 -3.46 73.29
CA ILE K 308 -9.02 -4.26 72.18
C ILE K 308 -8.40 -5.56 72.68
N ALA K 309 -7.62 -5.47 73.76
CA ALA K 309 -7.01 -6.66 74.32
C ALA K 309 -8.10 -7.65 74.73
N ALA K 310 -9.25 -7.12 75.15
CA ALA K 310 -10.36 -7.97 75.57
C ALA K 310 -10.95 -8.79 74.43
N SER K 311 -10.39 -8.64 73.23
CA SER K 311 -10.88 -9.41 72.08
C SER K 311 -10.54 -10.87 72.32
N GLY K 312 -9.57 -11.10 73.22
CA GLY K 312 -9.19 -12.46 73.53
C GLY K 312 -8.22 -13.11 72.56
N VAL K 313 -7.77 -12.38 71.55
CA VAL K 313 -6.81 -12.94 70.60
C VAL K 313 -5.52 -12.14 70.63
N PRO K 314 -4.41 -12.75 70.22
CA PRO K 314 -3.10 -12.06 70.21
C PRO K 314 -3.15 -10.72 69.46
N LEU K 315 -2.37 -9.75 69.94
CA LEU K 315 -2.34 -8.44 69.31
C LEU K 315 -0.94 -8.00 68.91
N LEU K 316 -0.84 -7.39 67.74
CA LEU K 316 0.44 -6.86 67.29
C LEU K 316 0.17 -5.38 67.05
N VAL K 317 0.79 -4.54 67.86
CA VAL K 317 0.61 -3.09 67.73
C VAL K 317 1.71 -2.50 66.84
N VAL K 318 1.27 -1.85 65.76
CA VAL K 318 2.18 -1.24 64.78
C VAL K 318 1.99 0.28 64.82
N MET K 319 3.07 1.00 65.12
CA MET K 319 3.04 2.46 65.19
C MET K 319 2.68 3.10 63.86
N GLU K 320 1.83 4.12 63.92
CA GLU K 320 1.39 4.88 62.75
C GLU K 320 1.59 6.38 63.02
N GLY K 321 0.49 7.15 63.06
CA GLY K 321 0.56 8.58 63.30
C GLY K 321 0.62 9.07 64.74
N GLY K 322 0.68 10.39 64.90
CA GLY K 322 0.77 11.03 66.21
C GLY K 322 1.83 12.10 66.10
N TYR K 323 1.43 13.38 66.10
CA TYR K 323 2.37 14.49 65.91
C TYR K 323 2.36 15.65 66.90
N GLY K 324 3.36 16.53 66.73
CA GLY K 324 3.50 17.74 67.51
C GLY K 324 3.87 17.75 68.98
N VAL K 325 3.00 17.20 69.82
CA VAL K 325 3.24 17.20 71.24
C VAL K 325 3.96 15.99 71.76
N PRO K 326 4.81 16.19 72.76
CA PRO K 326 5.56 15.07 73.33
C PRO K 326 4.64 14.01 73.95
N GLU K 327 3.39 14.41 74.23
CA GLU K 327 2.41 13.48 74.79
C GLU K 327 2.15 12.29 73.87
N ILE K 328 2.64 12.34 72.64
CA ILE K 328 2.44 11.23 71.73
C ILE K 328 3.01 9.98 72.39
N GLY K 329 4.14 10.14 73.09
CA GLY K 329 4.74 9.01 73.76
C GLY K 329 3.85 8.48 74.87
N LEU K 330 3.40 9.38 75.73
CA LEU K 330 2.52 9.04 76.84
C LEU K 330 1.28 8.28 76.37
N ASN K 331 0.70 8.73 75.26
CA ASN K 331 -0.50 8.11 74.73
C ASN K 331 -0.24 6.71 74.20
N VAL K 332 0.86 6.55 73.48
CA VAL K 332 1.21 5.25 72.94
C VAL K 332 1.45 4.32 74.13
N ALA K 333 2.13 4.81 75.16
CA ALA K 333 2.40 4.00 76.34
C ALA K 333 1.11 3.57 77.03
N ASN K 334 0.14 4.48 77.06
CA ASN K 334 -1.15 4.20 77.68
C ASN K 334 -1.88 3.06 76.99
N VAL K 335 -1.82 3.01 75.66
CA VAL K 335 -2.47 1.94 74.92
C VAL K 335 -1.83 0.63 75.33
N LEU K 336 -0.50 0.62 75.36
CA LEU K 336 0.26 -0.57 75.73
C LEU K 336 -0.01 -0.98 77.17
N LYS K 337 -0.26 -0.01 78.07
CA LYS K 337 -0.58 -0.34 79.45
C LYS K 337 -1.93 -1.05 79.48
N GLY K 338 -2.88 -0.54 78.71
CA GLY K 338 -4.20 -1.13 78.66
C GLY K 338 -4.19 -2.53 78.08
N VAL K 339 -3.36 -2.75 77.07
CA VAL K 339 -3.24 -4.04 76.45
C VAL K 339 -2.56 -5.05 77.37
N ALA K 340 -1.45 -4.62 77.97
CA ALA K 340 -0.67 -5.48 78.87
C ALA K 340 -1.49 -6.03 80.03
N GLY K 341 -2.40 -5.21 80.55
CA GLY K 341 -3.23 -5.62 81.66
C GLY K 341 -2.57 -5.42 83.01
N MET L 1 -50.38 -39.15 44.44
CA MET L 1 -49.97 -38.28 43.32
C MET L 1 -49.38 -39.10 42.19
N ARG L 2 -49.67 -38.69 40.97
CA ARG L 2 -49.17 -39.40 39.81
C ARG L 2 -47.64 -39.33 39.76
N VAL L 3 -47.03 -40.41 39.27
CA VAL L 3 -45.58 -40.50 39.16
C VAL L 3 -45.24 -40.58 37.67
N ILE L 4 -44.47 -39.62 37.15
CA ILE L 4 -44.08 -39.64 35.75
C ILE L 4 -42.69 -40.23 35.70
N PHE L 5 -42.54 -41.36 34.98
CA PHE L 5 -41.25 -42.03 34.88
C PHE L 5 -41.01 -42.65 33.50
N SER L 6 -39.86 -42.36 32.92
CA SER L 6 -39.53 -42.94 31.62
C SER L 6 -38.42 -43.97 31.73
N GLU L 7 -38.54 -45.05 30.97
CA GLU L 7 -37.51 -46.07 31.02
C GLU L 7 -36.33 -45.77 30.14
N ASP L 8 -36.42 -44.70 29.34
CA ASP L 8 -35.29 -44.35 28.50
C ASP L 8 -34.21 -43.68 29.33
N HIS L 9 -34.40 -43.62 30.65
CA HIS L 9 -33.41 -43.02 31.52
C HIS L 9 -32.18 -43.92 31.50
N LYS L 10 -32.39 -45.22 31.29
CA LYS L 10 -31.28 -46.18 31.25
C LYS L 10 -30.37 -45.97 30.02
N LEU L 11 -30.78 -45.13 29.08
CA LEU L 11 -29.95 -44.87 27.90
C LEU L 11 -28.72 -44.12 28.36
N ARG L 12 -28.83 -43.51 29.53
CA ARG L 12 -27.73 -42.80 30.13
C ARG L 12 -27.06 -43.88 30.99
N ASN L 13 -25.98 -44.45 30.45
CA ASN L 13 -25.22 -45.49 31.17
C ASN L 13 -23.73 -45.27 30.95
N ALA L 14 -23.24 -44.12 31.40
CA ALA L 14 -21.84 -43.76 31.30
C ALA L 14 -21.05 -44.79 32.09
N LYS L 15 -19.93 -45.25 31.53
CA LYS L 15 -19.13 -46.25 32.25
C LYS L 15 -18.04 -45.66 33.14
N THR L 16 -17.69 -44.39 32.90
CA THR L 16 -16.64 -43.74 33.70
C THR L 16 -17.00 -42.38 34.29
N GLU L 17 -16.35 -42.07 35.41
CA GLU L 17 -16.52 -40.80 36.10
C GLU L 17 -15.18 -40.47 36.76
N LEU L 18 -14.74 -39.22 36.61
CA LEU L 18 -13.49 -38.79 37.19
C LEU L 18 -13.72 -38.40 38.65
N TYR L 19 -13.25 -39.26 39.56
CA TYR L 19 -13.38 -39.05 41.00
C TYR L 19 -12.09 -39.42 41.73
N GLY L 20 -11.63 -38.52 42.60
CA GLY L 20 -10.42 -38.77 43.36
C GLY L 20 -9.24 -39.11 42.47
N GLY L 21 -9.22 -38.56 41.27
CA GLY L 21 -8.12 -38.81 40.36
C GLY L 21 -8.19 -40.12 39.60
N GLU L 22 -9.35 -40.79 39.64
CA GLU L 22 -9.53 -42.06 38.95
C GLU L 22 -10.81 -42.10 38.11
N LEU L 23 -10.86 -43.02 37.17
CA LEU L 23 -12.03 -43.20 36.32
C LEU L 23 -12.81 -44.39 36.84
N VAL L 24 -13.86 -44.13 37.61
CA VAL L 24 -14.69 -45.18 38.20
C VAL L 24 -16.12 -45.10 37.70
N PRO L 25 -16.91 -46.18 37.90
CA PRO L 25 -18.31 -46.18 37.46
C PRO L 25 -19.12 -45.03 38.09
N PRO L 26 -19.85 -44.28 37.26
CA PRO L 26 -20.66 -43.14 37.74
C PRO L 26 -21.50 -43.46 38.97
N PHE L 27 -21.47 -42.57 39.95
CA PHE L 27 -22.25 -42.78 41.15
C PHE L 27 -23.72 -42.53 40.81
N GLU L 28 -23.94 -41.80 39.71
CA GLU L 28 -25.31 -41.53 39.26
C GLU L 28 -25.63 -42.64 38.24
N ALA L 29 -25.87 -43.84 38.75
CA ALA L 29 -26.16 -45.01 37.93
C ALA L 29 -27.65 -45.32 37.73
N PRO L 30 -27.99 -46.05 36.65
CA PRO L 30 -29.38 -46.39 36.35
C PRO L 30 -30.14 -46.99 37.54
N PHE L 31 -29.47 -47.80 38.34
CA PHE L 31 -30.14 -48.43 39.46
C PHE L 31 -30.79 -47.43 40.44
N ARG L 32 -30.33 -46.18 40.46
CA ARG L 32 -30.91 -45.18 41.36
C ARG L 32 -32.41 -45.00 41.06
N ALA L 33 -32.73 -44.73 39.80
CA ALA L 33 -34.10 -44.53 39.38
C ALA L 33 -34.96 -45.73 39.78
N GLU L 34 -34.40 -46.93 39.63
CA GLU L 34 -35.12 -48.16 39.96
C GLU L 34 -35.38 -48.35 41.45
N TRP L 35 -34.39 -48.03 42.29
CA TRP L 35 -34.56 -48.16 43.71
C TRP L 35 -35.59 -47.15 44.20
N ILE L 36 -35.59 -45.97 43.57
CA ILE L 36 -36.54 -44.94 43.96
C ILE L 36 -37.94 -45.31 43.52
N LEU L 37 -38.06 -45.79 42.29
CA LEU L 37 -39.37 -46.18 41.77
C LEU L 37 -40.01 -47.28 42.62
N ALA L 38 -39.20 -48.24 43.05
CA ALA L 38 -39.70 -49.34 43.86
C ALA L 38 -40.21 -48.83 45.20
N ALA L 39 -39.49 -47.87 45.77
CA ALA L 39 -39.84 -47.30 47.05
C ALA L 39 -41.12 -46.47 46.99
N VAL L 40 -41.29 -45.67 45.94
CA VAL L 40 -42.48 -44.86 45.84
C VAL L 40 -43.71 -45.77 45.75
N LYS L 41 -43.69 -46.73 44.82
CA LYS L 41 -44.81 -47.66 44.68
C LYS L 41 -45.12 -48.29 46.04
N GLU L 42 -44.09 -48.84 46.67
CA GLU L 42 -44.23 -49.45 47.98
C GLU L 42 -44.86 -48.48 48.97
N ALA L 43 -44.59 -47.20 48.79
CA ALA L 43 -45.13 -46.19 49.70
C ALA L 43 -46.60 -45.92 49.41
N GLY L 44 -47.09 -46.39 48.27
CA GLY L 44 -48.48 -46.18 47.92
C GLY L 44 -48.70 -45.39 46.65
N PHE L 45 -47.61 -45.06 45.98
CA PHE L 45 -47.66 -44.29 44.74
C PHE L 45 -47.38 -45.20 43.56
N ASP L 46 -48.38 -45.97 43.16
CA ASP L 46 -48.23 -46.90 42.05
C ASP L 46 -48.81 -46.42 40.73
N ASP L 47 -49.29 -45.19 40.68
CA ASP L 47 -49.84 -44.70 39.42
C ASP L 47 -48.70 -44.14 38.58
N VAL L 48 -47.82 -45.04 38.13
CA VAL L 48 -46.68 -44.65 37.33
C VAL L 48 -47.06 -44.60 35.85
N VAL L 49 -46.84 -43.46 35.22
CA VAL L 49 -47.17 -43.31 33.80
C VAL L 49 -45.93 -42.83 33.06
N ALA L 50 -45.79 -43.22 31.80
CA ALA L 50 -44.65 -42.80 31.00
C ALA L 50 -44.96 -41.46 30.36
N PRO L 51 -43.95 -40.58 30.23
CA PRO L 51 -44.20 -39.27 29.62
C PRO L 51 -44.40 -39.35 28.11
N ALA L 52 -45.07 -38.35 27.56
CA ALA L 52 -45.30 -38.28 26.13
C ALA L 52 -44.05 -37.72 25.48
N ARG L 53 -43.98 -37.74 24.15
CA ARG L 53 -42.81 -37.22 23.45
C ARG L 53 -43.01 -35.70 23.31
N HIS L 54 -41.99 -34.93 23.69
CA HIS L 54 -42.07 -33.49 23.61
C HIS L 54 -41.00 -32.89 22.71
N GLY L 55 -41.33 -31.76 22.10
CA GLY L 55 -40.39 -31.07 21.24
C GLY L 55 -39.38 -30.29 22.05
N LEU L 56 -38.62 -29.43 21.37
CA LEU L 56 -37.60 -28.64 22.05
C LEU L 56 -38.05 -27.23 22.39
N GLU L 57 -39.28 -26.87 22.03
CA GLU L 57 -39.76 -25.53 22.30
C GLU L 57 -39.61 -25.08 23.76
N THR L 58 -40.04 -25.91 24.70
CA THR L 58 -39.91 -25.52 26.10
C THR L 58 -38.44 -25.37 26.55
N VAL L 59 -37.62 -26.40 26.31
CA VAL L 59 -36.21 -26.36 26.70
C VAL L 59 -35.44 -25.19 26.04
N LEU L 60 -35.87 -24.82 24.83
CA LEU L 60 -35.25 -23.74 24.09
C LEU L 60 -35.49 -22.37 24.72
N LYS L 61 -36.34 -22.29 25.74
CA LYS L 61 -36.61 -21.02 26.38
C LYS L 61 -35.71 -20.85 27.61
N VAL L 62 -35.07 -21.94 28.04
CA VAL L 62 -34.18 -21.88 29.21
C VAL L 62 -32.72 -22.20 28.89
N HIS L 63 -32.48 -23.03 27.89
CA HIS L 63 -31.12 -23.38 27.50
C HIS L 63 -30.72 -22.71 26.20
N ASP L 64 -29.42 -22.46 26.05
CA ASP L 64 -28.86 -21.85 24.86
C ASP L 64 -28.97 -22.87 23.72
N ALA L 65 -29.42 -22.44 22.55
CA ALA L 65 -29.57 -23.33 21.39
C ALA L 65 -28.26 -24.00 20.99
N GLY L 66 -27.16 -23.24 21.00
CA GLY L 66 -25.88 -23.81 20.62
C GLY L 66 -25.48 -24.94 21.56
N TYR L 67 -25.84 -24.80 22.83
CA TYR L 67 -25.55 -25.81 23.84
C TYR L 67 -26.33 -27.07 23.53
N LEU L 68 -27.62 -26.92 23.23
CA LEU L 68 -28.45 -28.08 22.91
C LEU L 68 -27.93 -28.74 21.64
N ASN L 69 -27.56 -27.93 20.65
CA ASN L 69 -27.04 -28.50 19.42
C ASN L 69 -25.78 -29.33 19.72
N PHE L 70 -24.92 -28.81 20.60
CA PHE L 70 -23.69 -29.52 20.99
C PHE L 70 -23.94 -30.89 21.61
N LEU L 71 -24.84 -30.92 22.59
CA LEU L 71 -25.17 -32.16 23.28
C LEU L 71 -25.68 -33.24 22.35
N GLU L 72 -26.49 -32.85 21.38
CA GLU L 72 -27.06 -33.82 20.46
C GLU L 72 -26.02 -34.57 19.62
N THR L 73 -24.90 -33.94 19.32
CA THR L 73 -23.89 -34.61 18.52
C THR L 73 -22.54 -34.82 19.22
N ALA L 74 -22.42 -34.41 20.47
CA ALA L 74 -21.16 -34.55 21.21
C ALA L 74 -20.55 -35.93 21.06
N TRP L 75 -21.28 -36.98 21.45
CA TRP L 75 -20.75 -38.32 21.35
C TRP L 75 -20.26 -38.71 19.96
N ASP L 76 -21.11 -38.57 18.96
CA ASP L 76 -20.68 -38.93 17.60
C ASP L 76 -19.38 -38.23 17.23
N ARG L 77 -19.34 -36.91 17.36
CA ARG L 77 -18.14 -36.14 17.03
C ARG L 77 -16.92 -36.61 17.83
N TRP L 78 -17.14 -36.98 19.09
CA TRP L 78 -16.06 -37.44 19.94
C TRP L 78 -15.49 -38.76 19.41
N LYS L 79 -16.37 -39.67 18.97
CA LYS L 79 -15.90 -40.94 18.42
C LYS L 79 -15.22 -40.69 17.08
N ALA L 80 -15.86 -39.87 16.25
CA ALA L 80 -15.32 -39.55 14.94
C ALA L 80 -13.92 -38.94 15.12
N ALA L 81 -13.72 -38.26 16.26
CA ALA L 81 -12.44 -37.65 16.55
C ALA L 81 -11.39 -38.76 16.75
N GLY L 82 -11.84 -39.94 17.13
CA GLY L 82 -10.93 -41.05 17.31
C GLY L 82 -10.52 -41.31 18.75
N TYR L 83 -11.19 -40.66 19.70
CA TYR L 83 -10.86 -40.88 21.10
C TYR L 83 -11.37 -42.23 21.55
N LYS L 84 -10.57 -42.89 22.37
CA LYS L 84 -10.88 -44.22 22.88
C LYS L 84 -11.82 -44.21 24.07
N GLY L 85 -11.69 -43.19 24.93
CA GLY L 85 -12.54 -43.12 26.10
C GLY L 85 -13.83 -42.37 25.87
N GLU L 86 -14.52 -42.05 26.96
CA GLU L 86 -15.78 -41.31 26.87
C GLU L 86 -15.49 -39.83 26.72
N ALA L 87 -16.49 -39.08 26.29
CA ALA L 87 -16.32 -37.65 26.11
C ALA L 87 -16.20 -36.95 27.45
N ILE L 88 -14.98 -36.52 27.77
CA ILE L 88 -14.70 -35.81 29.01
C ILE L 88 -13.84 -34.59 28.71
N ALA L 89 -14.25 -33.44 29.22
CA ALA L 89 -13.54 -32.20 28.98
C ALA L 89 -12.30 -32.08 29.87
N THR L 90 -11.26 -31.47 29.32
CA THR L 90 -10.02 -31.28 30.04
C THR L 90 -9.69 -29.79 30.11
N SER L 91 -9.98 -29.06 29.04
CA SER L 91 -9.70 -27.63 29.02
C SER L 91 -10.95 -26.82 29.34
N PHE L 92 -10.80 -25.78 30.16
CA PHE L 92 -11.94 -24.96 30.53
C PHE L 92 -11.68 -23.45 30.45
N PRO L 93 -12.73 -22.69 30.10
CA PRO L 93 -12.65 -21.22 29.99
C PRO L 93 -12.72 -20.54 31.36
N VAL L 94 -11.62 -20.61 32.11
CA VAL L 94 -11.58 -20.01 33.43
C VAL L 94 -11.27 -18.52 33.42
N ARG L 95 -10.65 -18.02 34.49
CA ARG L 95 -10.34 -16.61 34.61
C ARG L 95 -9.57 -15.97 33.46
N ARG L 96 -10.04 -14.80 33.05
CA ARG L 96 -9.39 -14.04 32.00
C ARG L 96 -9.17 -14.83 30.71
N THR L 97 -10.18 -15.59 30.28
CA THR L 97 -10.07 -16.35 29.04
C THR L 97 -10.94 -15.70 27.98
N SER L 98 -10.72 -16.08 26.73
CA SER L 98 -11.48 -15.55 25.61
C SER L 98 -12.91 -16.10 25.63
N PRO L 99 -13.89 -15.30 25.19
CA PRO L 99 -15.29 -15.77 25.18
C PRO L 99 -15.63 -16.53 23.90
N ARG L 100 -14.68 -16.67 23.00
CA ARG L 100 -14.94 -17.38 21.76
C ARG L 100 -15.22 -18.88 21.99
N ILE L 101 -15.97 -19.47 21.07
CA ILE L 101 -16.32 -20.89 21.14
C ILE L 101 -15.44 -21.65 20.15
N PRO L 102 -14.67 -22.65 20.62
CA PRO L 102 -13.82 -23.42 19.71
C PRO L 102 -14.65 -24.13 18.65
N THR L 103 -14.02 -24.55 17.57
CA THR L 103 -14.71 -25.28 16.53
C THR L 103 -14.53 -26.78 16.71
N ASP L 104 -13.38 -27.19 17.26
CA ASP L 104 -13.08 -28.62 17.49
C ASP L 104 -13.87 -29.20 18.68
N ILE L 105 -14.25 -30.47 18.54
CA ILE L 105 -15.01 -31.16 19.57
C ILE L 105 -14.30 -31.17 20.93
N GLU L 106 -12.99 -31.35 20.94
CA GLU L 106 -12.28 -31.38 22.21
C GLU L 106 -12.37 -30.02 22.90
N GLY L 107 -12.47 -28.97 22.10
CA GLY L 107 -12.58 -27.63 22.64
C GLY L 107 -14.00 -27.25 23.02
N GLN L 108 -14.96 -27.66 22.21
CA GLN L 108 -16.34 -27.35 22.50
C GLN L 108 -16.82 -28.05 23.76
N ILE L 109 -16.36 -29.28 24.01
CA ILE L 109 -16.80 -29.97 25.20
C ILE L 109 -16.39 -29.20 26.45
N GLY L 110 -15.24 -28.52 26.38
CA GLY L 110 -14.75 -27.74 27.51
C GLY L 110 -15.52 -26.44 27.62
N TYR L 111 -15.88 -25.87 26.48
CA TYR L 111 -16.64 -24.63 26.47
C TYR L 111 -17.98 -24.83 27.15
N TYR L 112 -18.63 -25.94 26.85
CA TYR L 112 -19.94 -26.26 27.39
C TYR L 112 -20.00 -27.10 28.67
N CYS L 113 -18.90 -27.14 29.42
CA CYS L 113 -18.81 -27.94 30.62
C CYS L 113 -18.37 -27.13 31.85
N ASN L 114 -18.93 -27.43 33.02
CA ASN L 114 -18.53 -26.72 34.23
C ASN L 114 -17.92 -27.70 35.23
N ALA L 115 -17.84 -28.97 34.84
CA ALA L 115 -17.28 -30.00 35.71
C ALA L 115 -16.82 -31.22 34.92
N ALA L 116 -15.52 -31.52 34.98
CA ALA L 116 -14.94 -32.64 34.27
C ALA L 116 -15.28 -34.02 34.87
N GLU L 117 -16.11 -34.04 35.91
CA GLU L 117 -16.49 -35.31 36.54
C GLU L 117 -17.62 -36.00 35.78
N THR L 118 -18.26 -35.27 34.88
CA THR L 118 -19.36 -35.82 34.12
C THR L 118 -18.89 -36.11 32.70
N ALA L 119 -19.12 -37.34 32.23
CA ALA L 119 -18.71 -37.71 30.89
C ALA L 119 -19.93 -37.95 30.01
N ILE L 120 -19.85 -37.52 28.76
CA ILE L 120 -20.95 -37.74 27.83
C ILE L 120 -20.70 -39.12 27.23
N SER L 121 -21.75 -39.92 27.15
CA SER L 121 -21.69 -41.28 26.62
C SER L 121 -22.87 -41.54 25.69
N PRO L 122 -22.86 -42.67 24.97
CA PRO L 122 -23.94 -43.05 24.05
C PRO L 122 -25.31 -43.04 24.75
N GLY L 123 -26.32 -42.50 24.09
CA GLY L 123 -27.64 -42.46 24.70
C GLY L 123 -27.84 -41.38 25.75
N THR L 124 -26.83 -40.55 26.00
CA THR L 124 -26.99 -39.50 26.99
C THR L 124 -28.03 -38.47 26.53
N TRP L 125 -27.93 -38.07 25.26
CA TRP L 125 -28.87 -37.11 24.72
C TRP L 125 -30.30 -37.60 24.76
N GLU L 126 -30.55 -38.82 24.28
CA GLU L 126 -31.89 -39.37 24.28
C GLU L 126 -32.40 -39.51 25.74
N ALA L 127 -31.54 -39.98 26.63
CA ALA L 127 -31.89 -40.13 28.03
C ALA L 127 -32.28 -38.78 28.62
N ALA L 128 -31.51 -37.75 28.26
CA ALA L 128 -31.77 -36.39 28.73
C ALA L 128 -33.15 -35.90 28.26
N LEU L 129 -33.51 -36.22 27.02
CA LEU L 129 -34.80 -35.80 26.50
C LEU L 129 -35.96 -36.51 27.20
N SER L 130 -35.77 -37.79 27.56
CA SER L 130 -36.84 -38.52 28.23
C SER L 130 -37.04 -37.98 29.65
N SER L 131 -35.96 -37.57 30.28
CA SER L 131 -36.03 -37.03 31.63
C SER L 131 -36.75 -35.67 31.58
N MET L 132 -36.47 -34.90 30.53
CA MET L 132 -37.08 -33.58 30.33
C MET L 132 -38.58 -33.77 30.07
N ALA L 133 -38.91 -34.79 29.30
CA ALA L 133 -40.30 -35.08 28.98
C ALA L 133 -41.08 -35.39 30.25
N SER L 134 -40.47 -36.11 31.19
CA SER L 134 -41.12 -36.45 32.44
C SER L 134 -41.38 -35.19 33.25
N ALA L 135 -40.49 -34.21 33.12
CA ALA L 135 -40.64 -32.96 33.85
C ALA L 135 -41.77 -32.15 33.25
N ILE L 136 -41.88 -32.19 31.92
CA ILE L 136 -42.93 -31.45 31.23
C ILE L 136 -44.31 -32.01 31.55
N ASP L 137 -44.45 -33.33 31.51
CA ASP L 137 -45.72 -33.97 31.81
C ASP L 137 -46.05 -33.77 33.29
N GLY L 138 -45.03 -33.64 34.12
CA GLY L 138 -45.27 -33.42 35.53
C GLY L 138 -45.89 -32.07 35.74
N ALA L 139 -45.41 -31.09 34.97
CA ALA L 139 -45.92 -29.72 35.08
C ALA L 139 -47.34 -29.62 34.53
N ASP L 140 -47.59 -30.32 33.43
CA ASP L 140 -48.92 -30.31 32.82
C ASP L 140 -50.00 -30.80 33.79
N LEU L 141 -49.65 -31.74 34.65
CA LEU L 141 -50.61 -32.24 35.63
C LEU L 141 -50.93 -31.12 36.62
N ILE L 142 -49.90 -30.33 36.96
CA ILE L 142 -50.05 -29.21 37.88
C ILE L 142 -50.85 -28.11 37.19
N ALA L 143 -50.63 -27.93 35.88
CA ALA L 143 -51.37 -26.91 35.16
C ALA L 143 -52.81 -27.38 34.96
N ALA L 144 -53.04 -28.69 35.05
CA ALA L 144 -54.37 -29.24 34.87
C ALA L 144 -55.18 -29.17 36.15
N GLY L 145 -54.50 -28.97 37.28
CA GLY L 145 -55.23 -28.88 38.54
C GLY L 145 -54.68 -29.74 39.65
N HIS L 146 -53.84 -30.72 39.31
CA HIS L 146 -53.27 -31.60 40.33
C HIS L 146 -52.53 -30.77 41.39
N LYS L 147 -52.73 -31.11 42.65
CA LYS L 147 -52.08 -30.37 43.73
C LYS L 147 -50.64 -30.84 43.96
N ALA L 148 -50.31 -32.03 43.47
CA ALA L 148 -48.97 -32.55 43.62
C ALA L 148 -48.73 -33.61 42.56
N ALA L 149 -47.46 -33.83 42.23
CA ALA L 149 -47.08 -34.82 41.23
C ALA L 149 -45.60 -35.05 41.37
N PHE L 150 -45.14 -36.25 41.06
CA PHE L 150 -43.73 -36.56 41.16
C PHE L 150 -43.13 -36.90 39.82
N SER L 151 -42.08 -36.18 39.45
CA SER L 151 -41.38 -36.42 38.19
C SER L 151 -40.05 -37.09 38.52
N LEU L 152 -40.00 -38.41 38.36
CA LEU L 152 -38.79 -39.16 38.65
C LEU L 152 -37.83 -38.96 37.48
N CYS L 153 -37.07 -37.87 37.54
CA CYS L 153 -36.11 -37.52 36.50
C CYS L 153 -34.74 -38.15 36.67
N ARG L 154 -34.18 -38.57 35.54
CA ARG L 154 -32.85 -39.15 35.48
C ARG L 154 -32.42 -39.12 34.02
N PRO L 155 -31.27 -38.51 33.72
CA PRO L 155 -30.37 -37.88 34.69
C PRO L 155 -30.96 -36.59 35.25
N PRO L 156 -30.48 -36.18 36.44
CA PRO L 156 -30.96 -34.96 37.10
C PRO L 156 -30.57 -33.73 36.28
N GLY L 157 -31.00 -32.55 36.71
CA GLY L 157 -30.67 -31.37 35.93
C GLY L 157 -30.29 -30.07 36.62
N HIS L 158 -30.37 -30.00 37.94
CA HIS L 158 -30.08 -28.74 38.60
C HIS L 158 -28.67 -28.16 38.44
N ALA L 159 -27.69 -28.95 38.01
CA ALA L 159 -26.34 -28.42 37.84
C ALA L 159 -26.09 -27.96 36.41
N ALA L 160 -27.09 -28.12 35.54
CA ALA L 160 -26.95 -27.70 34.14
C ALA L 160 -27.45 -26.25 33.92
N GLY L 161 -26.50 -25.36 33.66
CA GLY L 161 -26.82 -23.96 33.43
C GLY L 161 -27.32 -23.62 32.04
N ILE L 162 -27.37 -22.34 31.72
CA ILE L 162 -27.85 -21.90 30.41
C ILE L 162 -27.12 -22.60 29.27
N ASP L 163 -25.79 -22.61 29.31
CA ASP L 163 -25.03 -23.27 28.25
C ASP L 163 -23.88 -24.18 28.71
N MET L 164 -24.14 -24.96 29.77
CA MET L 164 -23.12 -25.88 30.28
C MET L 164 -23.67 -27.09 31.05
N PHE L 165 -23.02 -28.24 30.86
CA PHE L 165 -23.38 -29.47 31.54
C PHE L 165 -22.33 -29.72 32.62
N GLY L 166 -22.64 -30.63 33.54
CA GLY L 166 -21.73 -30.96 34.62
C GLY L 166 -22.54 -31.42 35.82
N GLY L 167 -21.88 -32.07 36.78
CA GLY L 167 -22.59 -32.53 37.96
C GLY L 167 -23.64 -33.58 37.65
N TYR L 168 -23.39 -34.37 36.62
CA TYR L 168 -24.29 -35.45 36.17
C TYR L 168 -25.53 -34.92 35.47
N CYS L 169 -25.57 -33.61 35.23
CA CYS L 169 -26.72 -32.96 34.59
C CYS L 169 -26.44 -32.45 33.18
N PHE L 170 -27.46 -32.47 32.32
CA PHE L 170 -27.34 -32.01 30.93
C PHE L 170 -28.47 -31.07 30.53
N ILE L 171 -29.67 -31.36 31.00
CA ILE L 171 -30.85 -30.55 30.73
C ILE L 171 -31.55 -30.31 32.06
N ASN L 172 -31.63 -29.04 32.45
CA ASN L 172 -32.24 -28.67 33.73
C ASN L 172 -33.74 -28.92 33.73
N ASN L 173 -34.11 -30.09 34.22
CA ASN L 173 -35.51 -30.51 34.26
C ASN L 173 -36.41 -29.59 35.05
N ALA L 174 -35.96 -29.20 36.23
CA ALA L 174 -36.72 -28.30 37.07
C ALA L 174 -36.96 -26.98 36.33
N ALA L 175 -35.98 -26.52 35.59
CA ALA L 175 -36.12 -25.27 34.87
C ALA L 175 -37.16 -25.39 33.75
N VAL L 176 -37.15 -26.53 33.08
CA VAL L 176 -38.08 -26.80 32.00
C VAL L 176 -39.50 -26.86 32.56
N ALA L 177 -39.65 -27.49 33.72
CA ALA L 177 -40.95 -27.60 34.38
C ALA L 177 -41.51 -26.21 34.66
N ALA L 178 -40.69 -25.38 35.28
CA ALA L 178 -41.07 -24.00 35.61
C ALA L 178 -41.46 -23.27 34.34
N GLN L 179 -40.67 -23.41 33.30
CA GLN L 179 -40.95 -22.75 32.03
C GLN L 179 -42.28 -23.27 31.49
N ARG L 180 -42.48 -24.58 31.57
CA ARG L 180 -43.73 -25.18 31.09
C ARG L 180 -44.95 -24.57 31.80
N LEU L 181 -44.84 -24.40 33.11
CA LEU L 181 -45.93 -23.83 33.90
C LEU L 181 -46.23 -22.39 33.46
N LEU L 182 -45.19 -21.61 33.24
CA LEU L 182 -45.39 -20.23 32.81
C LEU L 182 -46.12 -20.22 31.46
N ASP L 183 -45.72 -21.11 30.55
CA ASP L 183 -46.35 -21.19 29.25
C ASP L 183 -47.80 -21.60 29.38
N LYS L 184 -48.07 -22.49 30.34
CA LYS L 184 -49.41 -22.96 30.57
C LYS L 184 -50.35 -21.88 31.15
N GLY L 185 -49.80 -20.74 31.55
CA GLY L 185 -50.65 -19.69 32.08
C GLY L 185 -50.21 -18.99 33.35
N ALA L 186 -49.23 -19.55 34.03
CA ALA L 186 -48.72 -18.96 35.27
C ALA L 186 -47.89 -17.73 34.94
N LYS L 187 -47.89 -16.76 35.85
CA LYS L 187 -47.14 -15.52 35.66
C LYS L 187 -45.91 -15.52 36.57
N LYS L 188 -46.01 -16.20 37.71
CA LYS L 188 -44.92 -16.29 38.68
C LYS L 188 -44.75 -17.70 39.22
N ILE L 189 -43.54 -18.24 39.06
CA ILE L 189 -43.20 -19.60 39.50
C ILE L 189 -41.90 -19.60 40.32
N ALA L 190 -41.83 -20.44 41.35
CA ALA L 190 -40.64 -20.53 42.18
C ALA L 190 -40.07 -21.95 42.19
N ILE L 191 -38.75 -22.07 42.31
CA ILE L 191 -38.09 -23.36 42.37
C ILE L 191 -37.36 -23.44 43.71
N LEU L 192 -37.55 -24.55 44.41
CA LEU L 192 -36.93 -24.76 45.72
C LEU L 192 -36.01 -25.97 45.65
N ASP L 193 -34.71 -25.73 45.66
CA ASP L 193 -33.74 -26.82 45.56
C ASP L 193 -33.33 -27.28 46.97
N VAL L 194 -33.75 -28.48 47.34
CA VAL L 194 -33.43 -29.02 48.66
C VAL L 194 -32.29 -30.05 48.60
N ASP L 195 -31.85 -30.31 47.38
CA ASP L 195 -30.75 -31.21 47.07
C ASP L 195 -29.56 -30.74 47.91
N PHE L 196 -28.63 -31.63 48.25
CA PHE L 196 -27.49 -31.21 49.08
C PHE L 196 -26.59 -30.17 48.41
N HIS L 197 -26.44 -30.30 47.09
CA HIS L 197 -25.62 -29.39 46.31
C HIS L 197 -26.43 -28.20 45.81
N HIS L 198 -25.76 -27.07 45.64
CA HIS L 198 -26.38 -25.87 45.13
C HIS L 198 -26.84 -26.12 43.69
N GLY L 199 -27.98 -25.54 43.31
CA GLY L 199 -28.48 -25.71 41.96
C GLY L 199 -27.88 -24.63 41.10
N ASN L 200 -26.57 -24.71 40.89
CA ASN L 200 -25.85 -23.73 40.10
C ASN L 200 -26.42 -23.52 38.71
N GLY L 201 -26.87 -24.61 38.09
CA GLY L 201 -27.45 -24.51 36.77
C GLY L 201 -28.77 -23.73 36.79
N THR L 202 -29.68 -24.13 37.66
CA THR L 202 -30.98 -23.48 37.78
C THR L 202 -30.81 -22.00 38.12
N GLN L 203 -29.93 -21.70 39.07
CA GLN L 203 -29.69 -20.30 39.44
C GLN L 203 -29.26 -19.50 38.22
N ASP L 204 -28.32 -20.06 37.46
CA ASP L 204 -27.81 -19.44 36.25
C ASP L 204 -28.95 -19.15 35.26
N ILE L 205 -29.78 -20.15 35.03
CA ILE L 205 -30.89 -19.99 34.10
C ILE L 205 -31.85 -18.85 34.43
N PHE L 206 -32.20 -18.71 35.70
CA PHE L 206 -33.16 -17.67 36.07
C PHE L 206 -32.56 -16.46 36.80
N TYR L 207 -31.24 -16.40 36.92
CA TYR L 207 -30.59 -15.28 37.61
C TYR L 207 -31.08 -13.90 37.12
N GLU L 208 -31.29 -13.74 35.82
CA GLU L 208 -31.76 -12.46 35.29
C GLU L 208 -33.22 -12.44 34.86
N ARG L 209 -34.02 -13.32 35.46
CA ARG L 209 -35.45 -13.42 35.15
C ARG L 209 -36.29 -13.14 36.39
N GLY L 210 -37.18 -12.16 36.29
CA GLY L 210 -38.01 -11.81 37.44
C GLY L 210 -39.31 -12.56 37.61
N ASP L 211 -39.61 -13.44 36.66
CA ASP L 211 -40.84 -14.22 36.70
C ASP L 211 -40.65 -15.56 37.40
N VAL L 212 -39.41 -15.89 37.70
CA VAL L 212 -39.10 -17.15 38.37
C VAL L 212 -38.26 -16.85 39.59
N PHE L 213 -38.60 -17.44 40.72
CA PHE L 213 -37.85 -17.25 41.95
C PHE L 213 -37.09 -18.52 42.25
N PHE L 214 -35.83 -18.39 42.67
CA PHE L 214 -35.04 -19.57 42.98
C PHE L 214 -34.50 -19.60 44.39
N ALA L 215 -34.83 -20.65 45.14
CA ALA L 215 -34.36 -20.79 46.51
C ALA L 215 -33.64 -22.12 46.68
N SER L 216 -32.48 -22.08 47.31
CA SER L 216 -31.68 -23.28 47.50
C SER L 216 -31.04 -23.42 48.88
N LEU L 217 -31.07 -24.64 49.40
CA LEU L 217 -30.44 -24.97 50.67
C LEU L 217 -29.38 -25.98 50.26
N HIS L 218 -28.13 -25.73 50.63
CA HIS L 218 -27.07 -26.62 50.19
C HIS L 218 -25.84 -26.47 51.06
N GLY L 219 -24.87 -27.35 50.86
CA GLY L 219 -23.64 -27.26 51.64
C GLY L 219 -22.85 -26.05 51.18
N ASP L 220 -22.19 -25.38 52.13
CA ASP L 220 -21.40 -24.20 51.84
C ASP L 220 -20.48 -24.42 50.63
N PRO L 221 -20.67 -23.64 49.57
CA PRO L 221 -19.82 -23.80 48.38
C PRO L 221 -18.33 -23.70 48.66
N ALA L 222 -17.98 -23.03 49.75
CA ALA L 222 -16.58 -22.87 50.10
C ALA L 222 -15.95 -24.23 50.36
N GLU L 223 -16.77 -25.22 50.64
CA GLU L 223 -16.24 -26.55 50.88
C GLU L 223 -17.16 -27.66 50.42
N ALA L 224 -17.91 -27.40 49.36
CA ALA L 224 -18.83 -28.38 48.77
C ALA L 224 -19.08 -28.07 47.30
N PHE L 225 -19.20 -29.10 46.48
CA PHE L 225 -19.48 -28.96 45.06
C PHE L 225 -20.82 -28.20 44.97
N PRO L 226 -21.02 -27.33 43.94
CA PRO L 226 -20.13 -27.04 42.81
C PRO L 226 -18.93 -26.11 43.07
N HIS L 227 -18.83 -25.62 44.31
CA HIS L 227 -17.71 -24.74 44.71
C HIS L 227 -17.68 -23.28 44.27
N PHE L 228 -18.27 -22.96 43.12
CA PHE L 228 -18.22 -21.58 42.62
C PHE L 228 -19.52 -20.80 42.48
N LEU L 229 -20.51 -21.19 43.27
CA LEU L 229 -21.79 -20.53 43.27
C LEU L 229 -22.58 -21.05 44.46
N GLY L 230 -23.52 -20.24 44.97
CA GLY L 230 -24.30 -20.68 46.12
C GLY L 230 -24.10 -19.85 47.37
N TYR L 231 -23.38 -18.74 47.24
CA TYR L 231 -23.12 -17.83 48.37
C TYR L 231 -24.33 -16.93 48.58
N ALA L 232 -24.56 -16.57 49.84
CA ALA L 232 -25.67 -15.72 50.23
C ALA L 232 -25.72 -14.38 49.49
N GLU L 233 -24.55 -13.85 49.14
CA GLU L 233 -24.50 -12.57 48.44
C GLU L 233 -25.18 -12.61 47.07
N GLU L 234 -25.31 -13.79 46.47
CA GLU L 234 -25.93 -13.93 45.15
C GLU L 234 -27.44 -13.80 45.19
N THR L 235 -27.96 -12.62 44.86
CA THR L 235 -29.41 -12.43 44.89
C THR L 235 -30.09 -12.15 43.57
N GLY L 236 -29.36 -12.17 42.48
CA GLY L 236 -29.99 -11.89 41.20
C GLY L 236 -29.33 -10.71 40.52
N LYS L 237 -29.67 -10.52 39.26
CA LYS L 237 -29.09 -9.44 38.46
C LYS L 237 -30.09 -8.90 37.41
N GLY L 238 -30.01 -7.60 37.15
CA GLY L 238 -30.87 -6.97 36.17
C GLY L 238 -32.36 -7.21 36.38
N ALA L 239 -33.03 -7.71 35.32
CA ALA L 239 -34.47 -7.96 35.38
C ALA L 239 -34.83 -9.02 36.43
N GLY L 240 -33.84 -9.81 36.86
CA GLY L 240 -34.10 -10.83 37.85
C GLY L 240 -33.55 -10.48 39.23
N ALA L 241 -33.01 -9.28 39.36
CA ALA L 241 -32.44 -8.84 40.64
C ALA L 241 -33.41 -9.15 41.78
N GLY L 242 -32.88 -9.63 42.89
CA GLY L 242 -33.72 -9.95 44.03
C GLY L 242 -34.56 -11.22 43.93
N THR L 243 -34.36 -12.04 42.90
CA THR L 243 -35.14 -13.25 42.77
C THR L 243 -34.34 -14.52 43.02
N THR L 244 -33.28 -14.42 43.80
CA THR L 244 -32.47 -15.58 44.13
C THR L 244 -32.12 -15.60 45.61
N ALA L 245 -32.39 -16.71 46.27
CA ALA L 245 -32.08 -16.80 47.68
C ALA L 245 -31.33 -18.09 47.98
N ASN L 246 -30.07 -17.94 48.40
CA ASN L 246 -29.22 -19.09 48.74
C ASN L 246 -29.04 -19.23 50.23
N TYR L 247 -29.07 -20.46 50.72
CA TYR L 247 -28.88 -20.72 52.13
C TYR L 247 -27.81 -21.78 52.35
N PRO L 248 -26.53 -21.40 52.18
CA PRO L 248 -25.43 -22.34 52.36
C PRO L 248 -25.27 -22.69 53.84
N MET L 249 -24.94 -23.94 54.13
CA MET L 249 -24.79 -24.37 55.52
C MET L 249 -23.58 -25.27 55.71
N GLY L 250 -22.96 -25.16 56.89
CA GLY L 250 -21.77 -25.93 57.20
C GLY L 250 -21.93 -27.43 57.37
N ARG L 251 -20.81 -28.09 57.64
CA ARG L 251 -20.80 -29.54 57.82
C ARG L 251 -21.52 -29.93 59.12
N GLY L 252 -22.18 -31.10 59.09
CA GLY L 252 -22.87 -31.61 60.26
C GLY L 252 -24.13 -30.87 60.65
N THR L 253 -24.78 -30.22 59.69
CA THR L 253 -26.01 -29.48 59.96
C THR L 253 -27.20 -30.41 60.13
N PRO L 254 -27.90 -30.31 61.27
CA PRO L 254 -29.07 -31.14 61.57
C PRO L 254 -30.32 -30.47 60.99
N TYR L 255 -31.45 -31.18 61.01
CA TYR L 255 -32.70 -30.63 60.49
C TYR L 255 -33.16 -29.42 61.31
N SER L 256 -32.76 -29.36 62.59
CA SER L 256 -33.15 -28.24 63.44
C SER L 256 -32.66 -26.93 62.84
N VAL L 257 -31.52 -26.97 62.14
CA VAL L 257 -30.98 -25.76 61.51
C VAL L 257 -31.44 -25.69 60.05
N TRP L 258 -31.34 -26.82 59.35
CA TRP L 258 -31.76 -26.91 57.95
C TRP L 258 -33.22 -26.45 57.82
N GLY L 259 -34.05 -26.89 58.76
CA GLY L 259 -35.45 -26.52 58.75
C GLY L 259 -35.66 -25.02 58.83
N GLU L 260 -34.85 -24.33 59.62
CA GLU L 260 -35.00 -22.88 59.74
C GLU L 260 -34.72 -22.22 58.40
N ALA L 261 -33.80 -22.79 57.63
CA ALA L 261 -33.48 -22.21 56.32
C ALA L 261 -34.69 -22.44 55.40
N LEU L 262 -35.25 -23.65 55.46
CA LEU L 262 -36.41 -23.99 54.64
C LEU L 262 -37.60 -23.07 54.93
N THR L 263 -37.87 -22.85 56.21
CA THR L 263 -38.98 -21.98 56.62
C THR L 263 -38.78 -20.57 56.05
N ASP L 264 -37.54 -20.09 56.09
CA ASP L 264 -37.24 -18.77 55.56
C ASP L 264 -37.44 -18.76 54.04
N SER L 265 -36.88 -19.74 53.34
CA SER L 265 -37.03 -19.76 51.89
C SER L 265 -38.49 -19.75 51.48
N LEU L 266 -39.33 -20.48 52.22
CA LEU L 266 -40.76 -20.53 51.93
C LEU L 266 -41.41 -19.17 52.12
N LYS L 267 -40.96 -18.45 53.13
CA LYS L 267 -41.49 -17.13 53.42
C LYS L 267 -41.24 -16.19 52.24
N ARG L 268 -40.02 -16.23 51.69
CA ARG L 268 -39.66 -15.38 50.55
C ARG L 268 -40.43 -15.80 49.30
N ILE L 269 -40.58 -17.11 49.14
CA ILE L 269 -41.29 -17.66 47.99
C ILE L 269 -42.73 -17.13 48.01
N ALA L 270 -43.28 -17.06 49.22
CA ALA L 270 -44.63 -16.57 49.44
C ALA L 270 -44.72 -15.07 49.13
N ALA L 271 -43.69 -14.33 49.52
CA ALA L 271 -43.62 -12.88 49.31
C ALA L 271 -43.47 -12.58 47.82
N PHE L 272 -42.85 -13.52 47.11
CA PHE L 272 -42.64 -13.40 45.67
C PHE L 272 -43.99 -13.58 44.97
N GLY L 273 -44.86 -14.35 45.61
CA GLY L 273 -46.18 -14.63 45.06
C GLY L 273 -46.18 -15.72 44.01
N ALA L 274 -45.52 -16.84 44.31
CA ALA L 274 -45.44 -17.95 43.37
C ALA L 274 -46.77 -18.71 43.30
N GLU L 275 -47.20 -19.05 42.09
CA GLU L 275 -48.44 -19.76 41.89
C GLU L 275 -48.27 -21.28 42.05
N ALA L 276 -47.02 -21.72 41.97
CA ALA L 276 -46.68 -23.12 42.11
C ALA L 276 -45.20 -23.22 42.40
N ILE L 277 -44.81 -24.22 43.16
CA ILE L 277 -43.40 -24.40 43.50
C ILE L 277 -42.83 -25.68 42.90
N VAL L 278 -41.76 -25.54 42.11
CA VAL L 278 -41.11 -26.72 41.54
C VAL L 278 -40.05 -27.06 42.55
N VAL L 279 -40.06 -28.30 43.04
CA VAL L 279 -39.11 -28.75 44.06
C VAL L 279 -38.02 -29.68 43.54
N SER L 280 -36.79 -29.18 43.44
CA SER L 280 -35.68 -30.02 43.00
C SER L 280 -35.35 -30.86 44.22
N LEU L 281 -35.76 -32.13 44.18
CA LEU L 281 -35.52 -33.00 45.31
C LEU L 281 -34.26 -33.83 45.22
N GLY L 282 -33.39 -33.66 46.21
CA GLY L 282 -32.17 -34.41 46.29
C GLY L 282 -32.25 -35.01 47.68
N VAL L 283 -31.88 -36.28 47.81
CA VAL L 283 -31.91 -36.89 49.14
C VAL L 283 -30.48 -37.04 49.65
N ASP L 284 -29.52 -36.48 48.91
CA ASP L 284 -28.12 -36.53 49.30
C ASP L 284 -27.80 -35.70 50.55
N THR L 285 -28.84 -35.24 51.25
CA THR L 285 -28.67 -34.47 52.48
C THR L 285 -28.77 -35.47 53.64
N PHE L 286 -28.93 -36.74 53.29
CA PHE L 286 -29.07 -37.81 54.26
C PHE L 286 -27.75 -38.08 54.99
N GLU L 287 -27.82 -38.25 56.30
CA GLU L 287 -26.66 -38.49 57.13
C GLU L 287 -25.71 -39.57 56.59
N GLN L 288 -26.28 -40.68 56.14
CA GLN L 288 -25.45 -41.77 55.62
C GLN L 288 -25.05 -41.64 54.14
N ASP L 289 -25.44 -40.55 53.49
CA ASP L 289 -25.08 -40.37 52.09
C ASP L 289 -23.57 -40.10 52.01
N PRO L 290 -22.86 -40.82 51.14
CA PRO L 290 -21.42 -40.70 50.94
C PRO L 290 -20.87 -39.29 50.73
N ILE L 291 -21.03 -38.76 49.52
CA ILE L 291 -20.54 -37.43 49.20
C ILE L 291 -21.47 -36.30 49.68
N SER L 292 -21.54 -36.12 50.99
CA SER L 292 -22.36 -35.08 51.59
C SER L 292 -22.11 -34.97 53.10
N PHE L 293 -22.31 -33.78 53.66
CA PHE L 293 -22.06 -33.60 55.09
C PHE L 293 -23.16 -33.05 55.98
N PHE L 294 -24.41 -33.31 55.61
CA PHE L 294 -25.55 -32.86 56.43
C PHE L 294 -26.00 -34.05 57.25
N LYS L 295 -26.65 -33.80 58.37
CA LYS L 295 -27.10 -34.89 59.22
C LYS L 295 -28.62 -35.04 59.32
N LEU L 296 -29.27 -35.24 58.17
CA LEU L 296 -30.72 -35.42 58.13
C LEU L 296 -31.05 -36.92 58.20
N THR L 297 -32.15 -37.26 58.87
CA THR L 297 -32.57 -38.66 58.99
C THR L 297 -33.81 -38.91 58.16
N SER L 298 -34.11 -40.17 57.88
CA SER L 298 -35.28 -40.50 57.07
C SER L 298 -36.56 -39.81 57.51
N PRO L 299 -36.86 -39.82 58.81
CA PRO L 299 -38.08 -39.17 59.33
C PRO L 299 -38.22 -37.69 58.98
N ASP L 300 -37.08 -37.00 58.84
CA ASP L 300 -37.10 -35.58 58.51
C ASP L 300 -37.69 -35.30 57.14
N TYR L 301 -37.49 -36.23 56.21
CA TYR L 301 -37.98 -36.08 54.85
C TYR L 301 -39.50 -35.99 54.83
N ILE L 302 -40.13 -36.53 55.87
CA ILE L 302 -41.58 -36.48 55.99
C ILE L 302 -41.92 -35.05 56.44
N THR L 303 -41.19 -34.57 57.43
CA THR L 303 -41.38 -33.21 57.94
C THR L 303 -41.19 -32.24 56.78
N MET L 304 -40.17 -32.50 55.98
CA MET L 304 -39.85 -31.66 54.83
C MET L 304 -41.00 -31.55 53.84
N GLY L 305 -41.54 -32.68 53.41
CA GLY L 305 -42.63 -32.67 52.46
C GLY L 305 -43.84 -31.94 53.00
N ARG L 306 -44.13 -32.17 54.28
CA ARG L 306 -45.27 -31.56 54.94
C ARG L 306 -45.12 -30.03 54.99
N THR L 307 -43.93 -29.56 55.37
CA THR L 307 -43.68 -28.13 55.48
C THR L 307 -43.78 -27.40 54.16
N ILE L 308 -43.32 -28.06 53.09
CA ILE L 308 -43.37 -27.46 51.78
C ILE L 308 -44.81 -27.42 51.31
N ALA L 309 -45.52 -28.55 51.41
CA ALA L 309 -46.92 -28.60 50.99
C ALA L 309 -47.73 -27.54 51.73
N ALA L 310 -47.34 -27.24 52.97
CA ALA L 310 -48.04 -26.25 53.77
C ALA L 310 -48.04 -24.87 53.12
N SER L 311 -47.25 -24.72 52.06
CA SER L 311 -47.16 -23.45 51.33
C SER L 311 -48.53 -23.11 50.75
N GLY L 312 -49.35 -24.14 50.55
CA GLY L 312 -50.68 -23.93 50.00
C GLY L 312 -50.76 -23.97 48.48
N VAL L 313 -49.63 -23.78 47.80
CA VAL L 313 -49.66 -23.82 46.33
C VAL L 313 -49.28 -25.21 45.82
N PRO L 314 -49.64 -25.50 44.56
CA PRO L 314 -49.33 -26.79 43.94
C PRO L 314 -47.82 -27.06 44.00
N LEU L 315 -47.42 -28.33 43.94
CA LEU L 315 -46.01 -28.69 43.97
C LEU L 315 -45.66 -29.74 42.92
N LEU L 316 -44.54 -29.54 42.22
CA LEU L 316 -44.07 -30.53 41.27
C LEU L 316 -42.70 -30.92 41.81
N VAL L 317 -42.60 -32.16 42.28
CA VAL L 317 -41.34 -32.67 42.82
C VAL L 317 -40.60 -33.29 41.66
N VAL L 318 -39.37 -32.81 41.43
CA VAL L 318 -38.51 -33.29 40.34
C VAL L 318 -37.26 -33.91 40.98
N MET L 319 -36.99 -35.16 40.63
CA MET L 319 -35.86 -35.88 41.17
C MET L 319 -34.52 -35.27 40.80
N GLU L 320 -33.64 -35.15 41.79
CA GLU L 320 -32.31 -34.61 41.55
C GLU L 320 -31.25 -35.60 42.03
N GLY L 321 -30.57 -35.28 43.13
CA GLY L 321 -29.52 -36.15 43.65
C GLY L 321 -29.90 -37.17 44.72
N GLY L 322 -28.91 -37.93 45.16
CA GLY L 322 -29.12 -38.97 46.15
C GLY L 322 -28.32 -40.14 45.63
N TYR L 323 -27.24 -40.47 46.32
CA TYR L 323 -26.38 -41.55 45.84
C TYR L 323 -26.01 -42.56 46.91
N GLY L 324 -25.53 -43.71 46.46
CA GLY L 324 -25.08 -44.74 47.38
C GLY L 324 -26.13 -45.51 48.16
N VAL L 325 -26.15 -45.29 49.46
CA VAL L 325 -27.06 -45.96 50.39
C VAL L 325 -28.41 -46.42 49.82
N PRO L 326 -28.92 -47.55 50.32
CA PRO L 326 -30.20 -48.10 49.87
C PRO L 326 -31.40 -47.34 50.43
N GLU L 327 -31.15 -46.44 51.37
CA GLU L 327 -32.21 -45.65 51.97
C GLU L 327 -32.68 -44.53 51.04
N ILE L 328 -32.12 -44.44 49.84
CA ILE L 328 -32.51 -43.38 48.92
C ILE L 328 -34.00 -43.39 48.62
N GLY L 329 -34.52 -44.56 48.25
CA GLY L 329 -35.92 -44.69 47.92
C GLY L 329 -36.81 -44.37 49.09
N LEU L 330 -36.42 -44.83 50.27
CA LEU L 330 -37.21 -44.56 51.48
C LEU L 330 -37.27 -43.06 51.73
N ASN L 331 -36.14 -42.39 51.54
CA ASN L 331 -36.09 -40.96 51.77
C ASN L 331 -36.92 -40.15 50.77
N VAL L 332 -36.90 -40.56 49.50
CA VAL L 332 -37.69 -39.88 48.47
C VAL L 332 -39.18 -40.08 48.71
N ALA L 333 -39.58 -41.32 48.94
CA ALA L 333 -40.99 -41.62 49.17
C ALA L 333 -41.49 -40.90 50.41
N ASN L 334 -40.61 -40.76 51.39
CA ASN L 334 -41.00 -40.07 52.63
C ASN L 334 -41.38 -38.64 52.36
N VAL L 335 -40.68 -38.01 51.43
CA VAL L 335 -41.00 -36.63 51.11
C VAL L 335 -42.38 -36.60 50.44
N LEU L 336 -42.65 -37.59 49.60
CA LEU L 336 -43.94 -37.65 48.92
C LEU L 336 -45.09 -37.88 49.92
N LYS L 337 -44.82 -38.63 50.98
CA LYS L 337 -45.81 -38.89 52.01
C LYS L 337 -46.11 -37.58 52.73
N GLY L 338 -45.06 -36.84 53.06
CA GLY L 338 -45.25 -35.58 53.74
C GLY L 338 -46.02 -34.61 52.85
N VAL L 339 -45.72 -34.63 51.56
CA VAL L 339 -46.40 -33.75 50.63
C VAL L 339 -47.86 -34.17 50.49
N ALA L 340 -48.09 -35.45 50.23
CA ALA L 340 -49.45 -35.97 50.06
C ALA L 340 -50.27 -35.86 51.36
N GLY L 341 -49.59 -35.97 52.49
CA GLY L 341 -50.28 -35.89 53.75
C GLY L 341 -51.25 -37.05 53.93
N Q9C M . 5.08 33.44 -22.69
C Q9C M . 14.60 31.57 -16.71
O Q9C M . 13.81 31.42 -15.75
N01 Q9C M . 9.89 32.81 -22.22
N02 Q9C M . 14.06 31.89 -17.89
C01 Q9C M . 8.82 33.81 -22.07
C02 Q9C M . 6.29 33.46 -21.86
C03 Q9C M . 10.28 32.17 -20.94
C04 Q9C M . 12.72 32.09 -18.29
C05 Q9C M . 7.54 33.29 -22.75
C06 Q9C M . 11.73 32.53 -20.63
C07 Q9C M . 12.46 31.53 -19.71
C08 Q9C M . 16.01 31.41 -16.40
K K N . 12.19 24.03 -12.10
ZN ZN O . 12.06 30.84 -14.69
NA NA P . 22.16 12.26 -14.04
N Q9C Q . -38.98 9.15 7.17
C Q9C Q . -38.15 -1.99 6.24
O Q9C Q . -37.53 -1.77 5.18
N01 Q9C Q . -39.69 4.59 8.65
N02 Q9C Q . -38.54 -0.94 6.95
C01 Q9C Q . -39.88 5.65 7.66
C02 Q9C Q . -38.50 7.80 7.47
C03 Q9C Q . -38.60 3.66 8.32
C04 Q9C Q . -38.38 0.46 6.75
C05 Q9C Q . -39.55 7.02 8.28
C06 Q9C Q . -39.08 2.21 8.51
C07 Q9C Q . -38.04 1.15 8.08
C08 Q9C Q . -38.38 -3.39 6.56
K K R . -29.11 -3.10 4.51
ZN ZN S . -35.92 -1.22 4.05
NA NA T . -22.02 -13.05 14.06
N Q9C U . 9.40 19.76 34.37
C Q9C U . 0.61 24.72 29.31
O Q9C U . 1.34 24.65 28.30
N01 Q9C U . 4.83 21.45 34.17
N02 Q9C U . 1.09 24.18 30.41
C01 Q9C U . 6.29 21.63 34.25
C02 Q9C U . 8.31 20.23 33.50
C03 Q9C U . 4.28 21.61 32.81
C04 Q9C U . 2.31 23.51 30.67
C05 Q9C U . 6.98 20.25 34.28
C06 Q9C U . 2.99 22.42 32.87
C07 Q9C U . 2.12 22.31 31.60
C08 Q9C U . -0.66 25.40 29.13
K K V . -0.52 19.66 21.87
ZN ZN W . 2.53 23.96 26.74
NA NA X . -15.03 14.47 19.95
N Q9C Y . 38.31 -9.06 -6.65
C Q9C Y . 32.31 -17.37 -10.48
O Q9C Y . 31.79 -17.20 -9.36
N01 Q9C Y . 37.21 -12.02 -10.39
N02 Q9C Y . 33.33 -16.56 -10.78
C01 Q9C Y . 38.18 -11.84 -9.28
C02 Q9C Y . 37.84 -10.34 -7.21
C03 Q9C Y . 35.95 -12.68 -9.98
C04 Q9C Y . 33.92 -15.51 -10.05
C05 Q9C Y . 38.10 -10.40 -8.73
C06 Q9C Y . 35.58 -13.80 -10.98
C07 Q9C Y . 34.11 -14.25 -10.90
C08 Q9C Y . 31.76 -18.44 -11.30
K K Z . 23.97 -14.35 -8.65
ZN ZN AA . 30.96 -16.27 -7.77
NA NA BA . 14.26 -14.78 -20.48
N Q9C CA . -8.73 -19.94 -35.27
C Q9C CA . -13.23 -9.33 -35.50
O Q9C CA . -13.80 -9.53 -34.40
N01 Q9C CA . -10.00 -15.61 -37.17
N02 Q9C CA . -12.45 -10.29 -35.96
C01 Q9C CA . -10.29 -16.80 -36.33
C02 Q9C CA . -9.06 -18.55 -34.94
C03 Q9C CA . -9.62 -14.41 -36.39
C04 Q9C CA . -12.11 -11.55 -35.42
C05 Q9C CA . -9.02 -17.66 -36.20
C06 Q9C CA . -10.88 -13.72 -35.86
C07 Q9C CA . -10.92 -12.21 -36.14
C08 Q9C CA . -13.53 -8.07 -36.14
K K DA . -10.68 -5.94 -27.27
ZN ZN EA . -13.71 -10.01 -32.35
NA NA FA . -2.94 7.50 -28.13
N Q9C GA . -51.23 5.05 27.86
C Q9C GA . -46.72 14.35 33.92
O Q9C GA . -47.25 13.98 34.97
N01 Q9C GA . -49.18 9.34 28.95
N02 Q9C GA . -47.03 13.65 32.82
C01 Q9C GA . -49.93 8.12 29.29
C02 Q9C GA . -50.11 5.65 28.60
C03 Q9C GA . -48.09 9.67 29.92
C04 Q9C GA . -47.86 12.51 32.64
C05 Q9C GA . -49.85 7.10 28.13
C06 Q9C GA . -48.58 10.73 30.93
C07 Q9C GA . -47.47 11.71 31.38
C08 Q9C GA . -45.85 15.51 34.00
K K HA . -43.98 10.86 41.92
ZN ZN IA . -48.18 12.92 36.43
NA NA JA . -28.79 12.85 44.38
N Q9C KA . -5.58 -33.79 22.25
C Q9C KA . 3.11 -27.90 26.90
O Q9C KA . 3.67 -28.26 25.85
N01 Q9C KA . -3.20 -31.52 25.90
N02 Q9C KA . 1.84 -28.30 27.07
C01 Q9C KA . -3.34 -32.65 24.97
C02 Q9C KA . -4.43 -32.97 22.67
C03 Q9C KA . -2.13 -30.56 25.52
C04 Q9C KA . 0.99 -29.08 26.25
C05 Q9C KA . -4.62 -32.48 24.12
C06 Q9C KA . -1.26 -30.22 26.74
C07 Q9C KA . -0.50 -28.88 26.62
C08 Q9C KA . 3.89 -27.10 27.80
K K LA . 3.49 -20.77 21.09
ZN ZN MA . 3.49 -27.51 23.63
NA NA NA . 3.02 -6.96 28.05
N Q9C OA . 2.07 -17.00 -57.82
C Q9C OA . 11.35 -22.36 -54.20
O Q9C OA . 11.82 -22.19 -55.32
N01 Q9C OA . 4.70 -19.20 -54.50
N02 Q9C OA . 10.19 -21.75 -53.95
C01 Q9C OA . 4.31 -18.87 -55.87
C02 Q9C OA . 3.46 -16.98 -57.34
C03 Q9C OA . 6.13 -18.94 -54.20
C04 Q9C OA . 9.39 -20.92 -54.75
C05 Q9C OA . 3.53 -17.54 -55.90
C06 Q9C OA . 7.02 -20.03 -54.78
C07 Q9C OA . 8.27 -20.26 -53.94
C08 Q9C OA . 12.11 -23.20 -53.30
K K PA . 17.96 -16.71 -56.80
ZN ZN QA . 12.29 -21.01 -57.13
NA NA RA . 27.64 -12.90 -45.25
N Q9C SA . 18.78 36.24 -43.40
C Q9C SA . 11.10 30.79 -49.93
O Q9C SA . 11.70 31.33 -50.89
N01 Q9C SA . 14.88 33.90 -44.39
N02 Q9C SA . 11.58 31.06 -48.71
C01 Q9C SA . 15.96 34.81 -44.82
C02 Q9C SA . 18.44 35.38 -44.54
C03 Q9C SA . 14.77 32.67 -45.22
C04 Q9C SA . 12.68 31.86 -48.35
C05 Q9C SA . 17.29 34.41 -44.16
C06 Q9C SA . 13.92 32.96 -46.46
C07 Q9C SA . 12.97 31.82 -46.83
C08 Q9C SA . 9.96 29.96 -50.27
K K TA . 16.09 24.39 -54.34
ZN ZN UA . 13.63 30.71 -51.89
NA NA VA . 10.88 10.05 -52.59
N Q9C WA . 51.48 -8.62 -29.87
C Q9C WA . 51.48 2.35 -29.70
O Q9C WA . 52.40 2.26 -30.55
N01 Q9C WA . 50.00 -4.46 -27.92
N02 Q9C WA . 50.90 1.20 -29.33
C01 Q9C WA . 50.78 -5.70 -27.79
C02 Q9C WA . 51.36 -7.16 -29.82
C03 Q9C WA . 50.67 -3.39 -28.71
C04 Q9C WA . 51.13 -0.13 -29.71
C05 Q9C WA . 50.27 -6.75 -28.80
C06 Q9C WA . 50.18 -2.02 -28.25
C07 Q9C WA . 49.92 -1.02 -29.40
C08 Q9C WA . 51.16 3.68 -29.24
K K XA . 48.29 4.21 -38.36
ZN ZN YA . 52.16 1.59 -32.85
NA NA ZA . 36.09 14.11 -38.16
N Q9C AB . -4.15 19.52 56.62
C Q9C AB . -0.16 9.18 58.96
O Q9C AB . -0.68 9.42 60.05
N01 Q9C AB . -1.61 15.43 55.62
N02 Q9C AB . -0.23 10.15 58.03
C01 Q9C AB . -1.62 16.81 56.15
C02 Q9C AB . -3.58 18.23 57.02
C03 Q9C AB . -1.61 14.39 56.68
C04 Q9C AB . -0.82 11.42 58.09
C05 Q9C AB . -2.97 17.48 55.80
C06 Q9C AB . -0.93 13.10 56.17
C07 Q9C AB . -1.50 11.80 56.77
C08 Q9C AB . 0.47 7.88 58.82
K K BB . -7.94 4.75 60.96
ZN ZN CB . -2.56 9.52 60.94
NA NA DB . -10.19 -8.22 52.98
N Q9C EB . -15.14 -34.96 45.28
C Q9C EB . -26.08 -33.83 41.44
O Q9C EB . -26.50 -33.90 42.61
N01 Q9C EB . -18.82 -34.90 42.25
N02 Q9C EB . -24.76 -33.78 41.27
C01 Q9C EB . -18.03 -35.08 43.50
C02 Q9C EB . -15.73 -34.13 44.20
C03 Q9C EB . -19.89 -33.88 42.34
C04 Q9C EB . -23.70 -33.77 42.21
C05 Q9C EB . -16.50 -35.02 43.20
C06 Q9C EB . -21.26 -34.55 42.42
C07 Q9C EB . -22.33 -33.88 41.52
C08 Q9C EB . -27.09 -33.82 40.41
K K FB . -29.88 -27.25 46.92
ZN ZN GB . -26.91 -33.61 44.53
NA NA HB . -35.17 -15.15 38.86
#